data_9HCI
#
_entry.id   9HCI
#
_cell.length_a   145.710
_cell.length_b   165.300
_cell.length_c   244.890
_cell.angle_alpha   90.00
_cell.angle_beta   90.00
_cell.angle_gamma   90.00
#
_symmetry.space_group_name_H-M   'P 21 21 21'
#
loop_
_entity.id
_entity.type
_entity.pdbx_description
1 polymer 'Multidrug efflux pump subunit AcrB'
2 polymer DARPIN
3 non-polymer DODECYL-BETA-D-MALTOSIDE
4 non-polymer DECANE
5 non-polymer GLYCEROL
6 non-polymer DODECANE
7 non-polymer HEXANE
8 non-polymer TETRADECANE
9 non-polymer N-OCTANE
10 non-polymer nonane
11 non-polymer 'SULFATE ION'
12 water water
#
loop_
_entity_poly.entity_id
_entity_poly.type
_entity_poly.pdbx_seq_one_letter_code
_entity_poly.pdbx_strand_id
1 'polypeptide(L)'
;MPNFFIDRPIFAWVIAIIIMLAGGLAILKLPVAQYPTIAPPAVTISASYPGADAKTVQDTVTQVIEQNMNGIDNLMYMSS
NSDSTGTVQITLTFESGTDADIAQVQVQNKLQLAMPLLPQEVQQQGVSVEKSSSSFLMVVGVINTDGTMTQEDISDYVAA
NMKDAISRTSGVGDVQLFGSQYAMRIWMNPNELNKFQLTPVDVITAIKAQNAQVAAGQLGGTPPVKGQQLNASIIAQTRL
TSTEEFGKILLKVNQDGSRVLLRDVAKIELGGENYDIIAEFNGQPASGLGIKLATGANALDTAAAIRAELAKMEPFFPSG
LKIVYPYDTTPFVKISIHEVVKTLVEAIILVFLVMYLFLQNFRATLIPTIAVPVVLLGTFAVLAAFGFSINTLTMFGMVL
AIGLLVDDAIVVVENVERVMAEEGLPPKEATRKSMGQIQGALVGIAMVLSAVFVPMAFFGGSTGAIYRQFSITIVSAMAL
SVLVALILTPALCATMLKPIAKGDHGEGKKGFFGWFNRMFEKSTHHYTDSVGGILRSTGRYLVLYLIIVVGMAYLFVRLP
SCFLPDEDQGVFMTMVQLPAGATQERTQKVLNEVTHYYLTKEKNNVESVFAVNGFGFAGRGQNTGIAFVSLKDWADRPGE
ENKVEAITMRATRAFSQIKDAMVFAFNLPAIVELGTATGFDFELIDQAGLGHEKLTQARNQLLAEAAKHPDMLTSVRPNG
LEDTPQFKIDIDQEKAQALGVSINDINTTLGAAWGGSYVNDFIDRGRVKKVYVMSEAKYRMLPDDIGDWYVRAADGQMVP
FSAFSSSRWEYGSPRLERYNGLPSMEILGQAAPGKSCGEAMELMEQLASKLPTGVGYDWTGMSYQERLSGNQAPSLYAIS
LIVVFLCLAALYESWSIPFSVMLVVPLGVIGALLAATFRGLTNDVYFQVGLLTTIGLSAKNAILIVEFAKDLMDKEGKGL
IEATLDAVRMRLRPILMTSLAFILGVMPLVISTGAGSGAQNAVGTGVMGGMVTATVLAIFFVPVFFVVVRRRFSRKNEDI
EHSHTVDHHLEHHHHHH
;
A,B,C
2 'polypeptide(L)'
;MRGSHHHHHHGSDLGKKLLEAARAGRDDEVRILMANGADVNAADVVGWTPLHLAAYWGHLEIVEVLLKNGADVNAYDTLG
STPLHLAAHFGHLEIVEVLLKNGADVNAKDDNGITPLHLAANRGHLEIVEVLLKYGADVNAQDKFGKTAFDISINNGNED
LAEILQKLN
;
D,E
#
# COMPACT_ATOMS: atom_id res chain seq x y z
N MET A 1 31.64 16.73 31.87
CA MET A 1 31.68 15.33 31.45
C MET A 1 33.09 14.75 31.59
N PRO A 2 34.15 15.37 31.02
CA PRO A 2 35.46 14.75 31.06
C PRO A 2 35.92 14.40 32.48
N ASN A 3 35.76 15.35 33.42
CA ASN A 3 36.16 15.11 34.80
C ASN A 3 35.37 13.97 35.44
N PHE A 4 34.06 13.92 35.16
CA PHE A 4 33.23 12.81 35.60
C PHE A 4 33.84 11.47 35.20
N PHE A 5 34.19 11.34 33.91
CA PHE A 5 34.58 10.06 33.36
C PHE A 5 36.07 9.76 33.57
N ILE A 6 36.89 10.80 33.82
CA ILE A 6 38.29 10.59 34.17
C ILE A 6 38.38 9.75 35.45
N ASP A 7 37.46 10.02 36.39
CA ASP A 7 37.38 9.28 37.64
C ASP A 7 36.52 8.03 37.54
N ARG A 8 35.86 7.84 36.39
CA ARG A 8 34.97 6.71 36.19
C ARG A 8 35.28 6.02 34.88
N PRO A 9 36.50 5.47 34.70
CA PRO A 9 36.89 4.86 33.43
C PRO A 9 35.99 3.70 33.01
N ILE A 10 35.44 2.97 33.99
CA ILE A 10 34.60 1.83 33.67
C ILE A 10 33.30 2.33 33.06
N PHE A 11 32.68 3.32 33.70
CA PHE A 11 31.45 3.90 33.16
C PHE A 11 31.67 4.33 31.71
N ALA A 12 32.79 5.03 31.49
CA ALA A 12 33.21 5.45 30.15
C ALA A 12 33.27 4.27 29.18
N TRP A 13 34.01 3.23 29.56
CA TRP A 13 34.04 2.00 28.79
C TRP A 13 32.66 1.41 28.55
N VAL A 14 31.80 1.44 29.57
CA VAL A 14 30.48 0.86 29.47
C VAL A 14 29.70 1.61 28.38
N ILE A 15 29.80 2.93 28.35
CA ILE A 15 29.10 3.72 27.35
C ILE A 15 29.62 3.38 25.96
N ALA A 16 30.95 3.28 25.83
CA ALA A 16 31.57 2.92 24.57
C ALA A 16 31.08 1.55 24.11
N ILE A 17 31.02 0.57 25.01
CA ILE A 17 30.58 -0.77 24.65
C ILE A 17 29.12 -0.81 24.21
N ILE A 18 28.23 -0.17 24.97
CA ILE A 18 26.83 -0.10 24.60
C ILE A 18 26.69 0.46 23.19
N ILE A 19 27.43 1.52 22.89
CA ILE A 19 27.40 2.11 21.56
C ILE A 19 27.84 1.08 20.52
N MET A 20 28.93 0.36 20.80
CA MET A 20 29.44 -0.65 19.88
C MET A 20 28.47 -1.80 19.69
N LEU A 21 27.83 -2.28 20.75
CA LEU A 21 26.79 -3.29 20.65
C LEU A 21 25.65 -2.80 19.78
N ALA A 22 25.12 -1.61 20.06
CA ALA A 22 24.05 -1.04 19.23
C ALA A 22 24.46 -1.01 17.76
N GLY A 23 25.68 -0.55 17.49
CA GLY A 23 26.22 -0.52 16.15
C GLY A 23 26.34 -1.91 15.50
N GLY A 24 26.89 -2.86 16.25
CA GLY A 24 27.01 -4.24 15.79
C GLY A 24 25.65 -4.79 15.40
N LEU A 25 24.64 -4.59 16.25
CA LEU A 25 23.31 -5.10 16.01
C LEU A 25 22.72 -4.44 14.76
N ALA A 26 22.97 -3.14 14.59
CA ALA A 26 22.55 -2.42 13.41
C ALA A 26 23.20 -3.01 12.15
N ILE A 27 24.50 -3.35 12.21
CA ILE A 27 25.15 -3.91 11.05
C ILE A 27 24.48 -5.22 10.62
N LEU A 28 24.02 -6.01 11.61
CA LEU A 28 23.41 -7.29 11.33
C LEU A 28 22.06 -7.16 10.62
N LYS A 29 21.31 -6.10 10.95
CA LYS A 29 19.95 -5.95 10.49
C LYS A 29 19.73 -4.93 9.38
N LEU A 30 20.69 -4.03 9.17
CA LEU A 30 20.51 -2.96 8.19
C LEU A 30 20.51 -3.53 6.77
N PRO A 31 19.64 -3.01 5.87
CA PRO A 31 19.70 -3.36 4.48
C PRO A 31 21.01 -2.89 3.84
N VAL A 32 21.46 -3.66 2.85
CA VAL A 32 22.65 -3.32 2.10
C VAL A 32 22.19 -3.10 0.65
N ALA A 33 22.78 -2.10 0.00
CA ALA A 33 22.40 -1.74 -1.35
C ALA A 33 23.53 -0.90 -1.93
N GLN A 34 23.55 -0.76 -3.25
CA GLN A 34 24.59 0.04 -3.88
C GLN A 34 24.37 1.51 -3.56
N TYR A 35 23.15 1.95 -3.80
CA TYR A 35 22.77 3.34 -3.67
C TYR A 35 21.46 3.37 -2.89
N PRO A 36 21.06 4.54 -2.36
CA PRO A 36 19.68 4.73 -1.93
C PRO A 36 18.76 4.68 -3.14
N THR A 37 17.46 4.46 -2.88
CA THR A 37 16.54 4.17 -3.96
C THR A 37 16.28 5.51 -4.64
N ILE A 38 16.58 5.57 -5.95
CA ILE A 38 16.44 6.80 -6.69
C ILE A 38 15.61 6.67 -7.96
N ALA A 39 15.50 5.45 -8.50
CA ALA A 39 14.60 5.19 -9.60
C ALA A 39 13.14 5.45 -9.20
N PRO A 40 12.35 6.13 -10.06
CA PRO A 40 10.96 6.35 -9.76
C PRO A 40 10.16 5.06 -9.78
N PRO A 41 9.14 4.86 -8.94
CA PRO A 41 8.29 3.70 -9.07
C PRO A 41 7.57 3.63 -10.41
N ALA A 42 7.51 2.43 -10.99
CA ALA A 42 6.85 2.22 -12.26
C ALA A 42 5.92 1.01 -12.14
N VAL A 43 4.72 1.17 -12.71
CA VAL A 43 3.73 0.11 -12.77
C VAL A 43 3.54 -0.25 -14.24
N THR A 44 3.48 -1.54 -14.53
CA THR A 44 3.41 -1.99 -15.90
C THR A 44 2.15 -2.81 -16.15
N ILE A 45 1.43 -2.51 -17.24
CA ILE A 45 0.29 -3.29 -17.66
C ILE A 45 0.76 -4.07 -18.88
N SER A 46 0.62 -5.40 -18.85
CA SER A 46 1.00 -6.26 -19.97
C SER A 46 -0.19 -7.05 -20.46
N ALA A 47 -0.33 -7.16 -21.79
CA ALA A 47 -1.40 -7.94 -22.38
C ALA A 47 -0.89 -8.64 -23.63
N SER A 48 -1.66 -9.63 -24.07
CA SER A 48 -1.29 -10.47 -25.20
C SER A 48 -2.54 -10.79 -26.04
N TYR A 49 -2.44 -10.60 -27.35
CA TYR A 49 -3.51 -10.86 -28.29
C TYR A 49 -2.89 -11.81 -29.30
N PRO A 50 -3.01 -13.15 -29.09
CA PRO A 50 -2.38 -14.12 -29.97
C PRO A 50 -2.79 -13.91 -31.43
N GLY A 51 -1.79 -13.79 -32.30
CA GLY A 51 -1.99 -13.67 -33.74
C GLY A 51 -2.29 -12.26 -34.26
N ALA A 52 -2.23 -11.26 -33.38
CA ALA A 52 -2.57 -9.90 -33.75
C ALA A 52 -1.35 -9.14 -34.25
N ASP A 53 -1.58 -8.30 -35.25
CA ASP A 53 -0.57 -7.32 -35.64
C ASP A 53 -0.57 -6.16 -34.67
N ALA A 54 0.47 -5.33 -34.78
CA ALA A 54 0.68 -4.22 -33.86
C ALA A 54 -0.46 -3.20 -33.89
N LYS A 55 -1.01 -2.94 -35.07
CA LYS A 55 -2.05 -1.93 -35.18
C LYS A 55 -3.31 -2.46 -34.50
N THR A 56 -3.59 -3.75 -34.70
CA THR A 56 -4.73 -4.39 -34.08
C THR A 56 -4.61 -4.32 -32.56
N VAL A 57 -3.42 -4.61 -32.03
CA VAL A 57 -3.17 -4.55 -30.61
C VAL A 57 -3.41 -3.13 -30.10
N GLN A 58 -2.86 -2.15 -30.81
CA GLN A 58 -2.96 -0.78 -30.39
C GLN A 58 -4.42 -0.33 -30.33
N ASP A 59 -5.18 -0.65 -31.38
CA ASP A 59 -6.47 -0.03 -31.61
C ASP A 59 -7.59 -0.76 -30.89
N THR A 60 -7.34 -2.00 -30.43
CA THR A 60 -8.31 -2.73 -29.63
C THR A 60 -7.93 -2.96 -28.18
N VAL A 61 -6.67 -2.71 -27.82
CA VAL A 61 -6.21 -2.88 -26.44
C VAL A 61 -5.56 -1.63 -25.85
N THR A 62 -4.43 -1.23 -26.47
CA THR A 62 -3.59 -0.19 -25.91
C THR A 62 -4.38 1.12 -25.73
N GLN A 63 -5.05 1.54 -26.80
CA GLN A 63 -5.79 2.80 -26.74
C GLN A 63 -6.89 2.74 -25.69
N VAL A 64 -7.54 1.58 -25.59
CA VAL A 64 -8.65 1.37 -24.68
C VAL A 64 -8.15 1.49 -23.24
N ILE A 65 -7.02 0.84 -22.94
CA ILE A 65 -6.45 0.95 -21.62
C ILE A 65 -5.97 2.37 -21.33
N GLU A 66 -5.21 2.97 -22.24
CA GLU A 66 -4.67 4.30 -22.03
C GLU A 66 -5.76 5.33 -21.73
N GLN A 67 -6.90 5.20 -22.40
CA GLN A 67 -7.97 6.17 -22.24
C GLN A 67 -8.66 6.05 -20.88
N ASN A 68 -8.49 4.89 -20.24
CA ASN A 68 -8.97 4.66 -18.89
C ASN A 68 -7.99 5.02 -17.78
N MET A 69 -6.79 5.47 -18.14
CA MET A 69 -5.76 5.79 -17.15
C MET A 69 -5.86 7.28 -16.78
N ASN A 70 -6.88 7.64 -16.02
CA ASN A 70 -7.01 9.01 -15.52
C ASN A 70 -7.18 8.97 -14.01
N GLY A 71 -7.00 10.12 -13.34
CA GLY A 71 -7.30 10.20 -11.90
C GLY A 71 -6.44 9.25 -11.07
N ILE A 72 -5.17 9.14 -11.49
CA ILE A 72 -4.16 8.33 -10.84
C ILE A 72 -3.18 9.33 -10.24
N ASP A 73 -2.89 9.19 -8.95
CA ASP A 73 -2.07 10.17 -8.28
C ASP A 73 -0.59 10.04 -8.62
N ASN A 74 0.09 11.19 -8.66
CA ASN A 74 1.53 11.26 -8.75
C ASN A 74 2.13 10.65 -10.01
N LEU A 75 1.34 10.60 -11.08
CA LEU A 75 1.81 10.09 -12.35
C LEU A 75 2.67 11.12 -13.07
N MET A 76 3.91 10.74 -13.44
CA MET A 76 4.80 11.64 -14.15
C MET A 76 4.61 11.50 -15.65
N TYR A 77 4.61 10.27 -16.14
CA TYR A 77 4.44 10.00 -17.56
C TYR A 77 4.04 8.55 -17.76
N MET A 78 3.53 8.27 -18.96
CA MET A 78 3.00 6.97 -19.32
C MET A 78 3.55 6.68 -20.71
N SER A 79 4.10 5.49 -20.92
CA SER A 79 4.53 5.13 -22.26
C SER A 79 3.99 3.74 -22.57
N SER A 80 3.89 3.44 -23.87
CA SER A 80 3.45 2.13 -24.28
C SER A 80 4.01 1.69 -25.65
N ASN A 81 4.03 0.38 -25.86
CA ASN A 81 4.30 -0.18 -27.17
C ASN A 81 3.40 -1.38 -27.46
N SER A 82 3.13 -1.55 -28.74
CA SER A 82 2.16 -2.52 -29.22
C SER A 82 2.89 -3.16 -30.38
N ASP A 83 3.02 -4.49 -30.38
CA ASP A 83 3.86 -5.09 -31.38
C ASP A 83 3.22 -6.28 -32.10
N SER A 84 3.92 -6.70 -33.17
CA SER A 84 3.38 -7.70 -34.08
C SER A 84 3.50 -9.13 -33.57
N THR A 85 4.03 -9.30 -32.35
CA THR A 85 3.89 -10.55 -31.66
C THR A 85 2.57 -10.63 -30.91
N GLY A 86 1.78 -9.55 -30.93
CA GLY A 86 0.54 -9.50 -30.19
C GLY A 86 0.65 -8.93 -28.77
N THR A 87 1.78 -8.30 -28.44
CA THR A 87 2.04 -7.88 -27.08
C THR A 87 1.82 -6.39 -26.88
N VAL A 88 1.33 -6.03 -25.69
CA VAL A 88 1.25 -4.65 -25.25
C VAL A 88 1.98 -4.52 -23.92
N GLN A 89 2.73 -3.43 -23.74
CA GLN A 89 3.22 -3.07 -22.44
C GLN A 89 2.96 -1.58 -22.25
N ILE A 90 2.20 -1.24 -21.21
CA ILE A 90 1.99 0.15 -20.82
C ILE A 90 2.70 0.33 -19.49
N THR A 91 3.59 1.33 -19.44
CA THR A 91 4.33 1.62 -18.24
C THR A 91 3.90 2.99 -17.72
N LEU A 92 3.49 3.03 -16.47
CA LEU A 92 3.22 4.30 -15.82
C LEU A 92 4.29 4.55 -14.77
N THR A 93 4.97 5.70 -14.87
CA THR A 93 6.02 6.07 -13.95
C THR A 93 5.52 7.16 -12.99
N PHE A 94 5.82 7.02 -11.70
CA PHE A 94 5.31 7.93 -10.68
C PHE A 94 6.39 8.77 -10.00
N GLU A 95 5.99 9.87 -9.37
CA GLU A 95 6.93 10.70 -8.63
C GLU A 95 7.65 9.88 -7.56
N SER A 96 8.95 10.13 -7.43
CA SER A 96 9.75 9.61 -6.34
C SER A 96 9.02 9.88 -5.05
N GLY A 97 9.03 8.89 -4.16
CA GLY A 97 8.25 8.98 -2.94
C GLY A 97 6.91 8.26 -3.02
N THR A 98 6.37 8.03 -4.21
CA THR A 98 5.07 7.40 -4.33
C THR A 98 5.11 5.98 -3.76
N ASP A 99 4.07 5.65 -3.00
CA ASP A 99 3.91 4.31 -2.47
C ASP A 99 3.49 3.43 -3.64
N ALA A 100 4.37 2.49 -4.04
CA ALA A 100 4.13 1.68 -5.20
C ALA A 100 2.92 0.77 -5.07
N ASP A 101 2.59 0.34 -3.84
CA ASP A 101 1.42 -0.49 -3.62
C ASP A 101 0.13 0.26 -3.97
N ILE A 102 0.07 1.52 -3.54
CA ILE A 102 -1.05 2.37 -3.87
C ILE A 102 -1.09 2.67 -5.36
N ALA A 103 0.07 2.93 -5.96
CA ALA A 103 0.13 3.19 -7.40
C ALA A 103 -0.44 1.99 -8.15
N GLN A 104 -0.03 0.78 -7.75
CA GLN A 104 -0.53 -0.43 -8.38
C GLN A 104 -2.05 -0.53 -8.27
N VAL A 105 -2.58 -0.32 -7.05
CA VAL A 105 -4.01 -0.42 -6.81
C VAL A 105 -4.78 0.58 -7.67
N GLN A 106 -4.32 1.82 -7.70
CA GLN A 106 -4.99 2.86 -8.47
C GLN A 106 -5.01 2.52 -9.96
N VAL A 107 -3.90 1.97 -10.46
CA VAL A 107 -3.80 1.62 -11.87
C VAL A 107 -4.78 0.49 -12.12
N GLN A 108 -4.76 -0.51 -11.25
CA GLN A 108 -5.60 -1.65 -11.47
C GLN A 108 -7.10 -1.31 -11.40
N ASN A 109 -7.46 -0.37 -10.55
CA ASN A 109 -8.85 0.01 -10.46
C ASN A 109 -9.35 0.64 -11.77
N LYS A 110 -8.48 1.43 -12.44
CA LYS A 110 -8.86 2.01 -13.71
C LYS A 110 -8.83 0.96 -14.80
N LEU A 111 -7.89 0.03 -14.70
CA LEU A 111 -7.79 -1.04 -15.67
C LEU A 111 -9.04 -1.90 -15.67
N GLN A 112 -9.63 -2.14 -14.48
CA GLN A 112 -10.75 -3.06 -14.39
C GLN A 112 -11.99 -2.48 -15.09
N LEU A 113 -12.07 -1.16 -15.25
CA LEU A 113 -13.08 -0.56 -16.09
C LEU A 113 -12.87 -0.81 -17.59
N ALA A 114 -11.62 -0.99 -17.99
CA ALA A 114 -11.32 -1.24 -19.40
C ALA A 114 -11.42 -2.72 -19.73
N MET A 115 -11.26 -3.59 -18.73
CA MET A 115 -11.15 -5.02 -18.98
C MET A 115 -12.31 -5.56 -19.82
N PRO A 116 -13.57 -5.24 -19.48
CA PRO A 116 -14.71 -5.74 -20.25
C PRO A 116 -14.76 -5.28 -21.69
N LEU A 117 -14.05 -4.20 -22.01
CA LEU A 117 -14.03 -3.64 -23.36
C LEU A 117 -12.94 -4.23 -24.24
N LEU A 118 -12.14 -5.12 -23.67
CA LEU A 118 -11.00 -5.69 -24.37
C LEU A 118 -11.51 -6.95 -25.05
N PRO A 119 -10.88 -7.38 -26.16
CA PRO A 119 -11.26 -8.65 -26.78
C PRO A 119 -11.21 -9.81 -25.80
N GLN A 120 -12.14 -10.75 -25.96
CA GLN A 120 -12.15 -11.97 -25.18
C GLN A 120 -10.78 -12.64 -25.18
N GLU A 121 -10.15 -12.70 -26.34
CA GLU A 121 -8.90 -13.46 -26.48
C GLU A 121 -7.80 -12.83 -25.65
N VAL A 122 -7.89 -11.51 -25.45
CA VAL A 122 -6.91 -10.79 -24.64
C VAL A 122 -7.18 -11.06 -23.16
N GLN A 123 -8.46 -11.01 -22.79
CA GLN A 123 -8.83 -11.25 -21.41
C GLN A 123 -8.42 -12.67 -21.01
N GLN A 124 -8.58 -13.61 -21.93
CA GLN A 124 -8.29 -15.00 -21.66
C GLN A 124 -6.79 -15.30 -21.57
N GLN A 125 -5.92 -14.53 -22.22
CA GLN A 125 -4.50 -14.69 -21.99
C GLN A 125 -4.05 -14.16 -20.63
N GLY A 126 -4.92 -13.44 -19.91
CA GLY A 126 -4.53 -12.86 -18.65
C GLY A 126 -3.78 -11.55 -18.82
N VAL A 127 -4.29 -10.49 -18.18
CA VAL A 127 -3.68 -9.17 -18.23
C VAL A 127 -2.96 -8.99 -16.90
N SER A 128 -1.73 -8.49 -16.93
CA SER A 128 -0.95 -8.39 -15.70
C SER A 128 -0.65 -6.94 -15.35
N VAL A 129 -0.64 -6.66 -14.04
CA VAL A 129 -0.25 -5.39 -13.48
C VAL A 129 0.84 -5.67 -12.47
N GLU A 130 2.04 -5.16 -12.75
CA GLU A 130 3.22 -5.37 -11.96
C GLU A 130 3.92 -4.06 -11.58
N LYS A 131 4.60 -4.09 -10.44
CA LYS A 131 5.32 -2.91 -9.99
C LYS A 131 6.73 -3.41 -9.87
N SER A 132 7.58 -3.05 -10.82
CA SER A 132 8.93 -3.56 -10.85
C SER A 132 9.84 -2.74 -11.74
N SER A 133 11.14 -2.93 -11.57
CA SER A 133 12.09 -2.46 -12.55
C SER A 133 11.80 -3.11 -13.90
N SER A 134 12.22 -2.38 -14.93
CA SER A 134 12.09 -2.77 -16.31
C SER A 134 13.21 -3.73 -16.71
N SER A 135 14.37 -3.58 -16.05
CA SER A 135 15.56 -4.38 -16.29
C SER A 135 15.67 -5.59 -15.34
N PHE A 136 16.58 -6.51 -15.64
CA PHE A 136 16.66 -7.76 -14.91
C PHE A 136 17.60 -7.62 -13.74
N LEU A 137 17.12 -8.04 -12.56
CA LEU A 137 17.96 -8.23 -11.39
C LEU A 137 18.96 -9.36 -11.65
N MET A 138 18.44 -10.50 -12.12
CA MET A 138 19.27 -11.61 -12.50
C MET A 138 18.55 -12.43 -13.55
N VAL A 139 19.31 -13.34 -14.18
CA VAL A 139 18.76 -14.42 -14.98
C VAL A 139 19.22 -15.72 -14.33
N VAL A 140 18.27 -16.61 -14.04
CA VAL A 140 18.58 -17.93 -13.53
C VAL A 140 18.49 -18.89 -14.72
N GLY A 141 19.62 -19.55 -15.03
CA GLY A 141 19.68 -20.41 -16.19
C GLY A 141 19.46 -21.85 -15.74
N VAL A 142 18.96 -22.68 -16.64
CA VAL A 142 18.75 -24.09 -16.38
C VAL A 142 19.20 -24.84 -17.63
N ILE A 143 20.09 -25.84 -17.41
CA ILE A 143 20.56 -26.69 -18.48
C ILE A 143 20.42 -28.15 -18.09
N ASN A 144 20.66 -29.03 -19.07
CA ASN A 144 20.85 -30.44 -18.78
C ASN A 144 22.26 -30.85 -19.20
N THR A 145 23.04 -31.32 -18.24
CA THR A 145 24.44 -31.67 -18.41
C THR A 145 24.70 -33.10 -18.92
N ASP A 146 23.63 -33.89 -19.02
CA ASP A 146 23.68 -35.18 -19.67
C ASP A 146 23.13 -35.15 -21.09
N GLY A 147 22.68 -33.98 -21.57
CA GLY A 147 22.05 -33.86 -22.89
C GLY A 147 20.80 -34.73 -23.15
N THR A 148 20.11 -35.08 -22.06
CA THR A 148 18.94 -35.94 -22.11
C THR A 148 17.61 -35.18 -22.11
N MET A 149 17.68 -33.84 -22.08
CA MET A 149 16.52 -32.97 -22.21
C MET A 149 16.77 -31.87 -23.25
N THR A 150 15.81 -31.70 -24.18
CA THR A 150 15.93 -30.62 -25.15
C THR A 150 15.57 -29.29 -24.50
N GLN A 151 15.81 -28.20 -25.24
CA GLN A 151 15.45 -26.86 -24.81
C GLN A 151 13.98 -26.78 -24.43
N GLU A 152 13.13 -27.42 -25.25
CA GLU A 152 11.69 -27.41 -25.04
C GLU A 152 11.37 -28.14 -23.74
N ASP A 153 12.01 -29.30 -23.54
CA ASP A 153 11.85 -30.04 -22.30
C ASP A 153 12.21 -29.23 -21.07
N ILE A 154 13.38 -28.57 -21.12
CA ILE A 154 13.85 -27.80 -19.98
C ILE A 154 12.88 -26.68 -19.67
N SER A 155 12.41 -26.02 -20.73
CA SER A 155 11.58 -24.84 -20.57
C SER A 155 10.28 -25.25 -19.92
N ASP A 156 9.73 -26.39 -20.33
CA ASP A 156 8.53 -26.91 -19.72
C ASP A 156 8.79 -27.22 -18.26
N TYR A 157 9.93 -27.87 -17.96
CA TYR A 157 10.21 -28.21 -16.58
C TYR A 157 10.21 -26.93 -15.73
N VAL A 158 10.86 -25.88 -16.23
CA VAL A 158 10.96 -24.64 -15.49
C VAL A 158 9.60 -23.98 -15.30
N ALA A 159 8.84 -23.90 -16.39
CA ALA A 159 7.51 -23.30 -16.33
C ALA A 159 6.63 -24.03 -15.32
N ALA A 160 6.73 -25.35 -15.28
CA ALA A 160 5.77 -26.17 -14.57
C ALA A 160 6.18 -26.49 -13.14
N ASN A 161 7.46 -26.31 -12.81
CA ASN A 161 7.94 -26.73 -11.50
C ASN A 161 8.75 -25.72 -10.71
N MET A 162 9.08 -24.57 -11.32
CA MET A 162 9.96 -23.58 -10.72
C MET A 162 9.39 -22.16 -10.73
N LYS A 163 8.88 -21.77 -11.89
CA LYS A 163 8.51 -20.38 -12.14
C LYS A 163 7.55 -19.83 -11.10
N ASP A 164 6.46 -20.56 -10.83
CA ASP A 164 5.42 -20.06 -9.96
C ASP A 164 5.91 -19.71 -8.56
N ALA A 165 6.78 -20.55 -8.00
CA ALA A 165 7.28 -20.30 -6.65
C ALA A 165 8.21 -19.09 -6.62
N ILE A 166 9.03 -18.94 -7.66
CA ILE A 166 9.86 -17.74 -7.80
C ILE A 166 8.95 -16.52 -7.92
N SER A 167 7.91 -16.62 -8.75
CA SER A 167 6.98 -15.52 -8.96
C SER A 167 6.29 -15.02 -7.67
N ARG A 168 6.12 -15.94 -6.70
CA ARG A 168 5.48 -15.60 -5.46
C ARG A 168 6.45 -15.16 -4.38
N THR A 169 7.76 -15.31 -4.63
CA THR A 169 8.78 -14.91 -3.69
C THR A 169 8.78 -13.39 -3.51
N SER A 170 8.93 -12.92 -2.25
CA SER A 170 8.71 -11.51 -1.97
C SER A 170 9.87 -10.73 -2.58
N GLY A 171 9.55 -9.63 -3.25
CA GLY A 171 10.56 -8.78 -3.85
C GLY A 171 10.76 -9.13 -5.31
N VAL A 172 10.10 -10.20 -5.79
CA VAL A 172 10.16 -10.55 -7.19
C VAL A 172 8.99 -9.82 -7.86
N GLY A 173 9.33 -8.82 -8.69
CA GLY A 173 8.34 -7.96 -9.29
C GLY A 173 7.69 -8.59 -10.53
N ASP A 174 8.49 -9.36 -11.27
CA ASP A 174 8.07 -9.96 -12.51
C ASP A 174 9.05 -11.08 -12.86
N VAL A 175 8.53 -12.09 -13.55
CA VAL A 175 9.37 -13.18 -14.03
C VAL A 175 9.08 -13.49 -15.48
N GLN A 176 10.13 -13.42 -16.31
CA GLN A 176 10.05 -13.79 -17.72
C GLN A 176 10.60 -15.21 -17.90
N LEU A 177 9.82 -16.08 -18.51
CA LEU A 177 10.34 -17.38 -18.91
C LEU A 177 11.09 -17.26 -20.22
N PHE A 178 12.35 -17.71 -20.26
CA PHE A 178 13.10 -17.70 -21.51
C PHE A 178 12.90 -19.02 -22.23
N GLY A 179 11.73 -19.14 -22.85
CA GLY A 179 11.23 -20.41 -23.36
C GLY A 179 9.72 -20.43 -23.18
N SER A 180 9.11 -21.61 -23.29
CA SER A 180 7.66 -21.69 -23.22
C SER A 180 7.24 -22.92 -22.43
N GLN A 181 6.14 -22.81 -21.68
CA GLN A 181 5.51 -23.98 -21.08
C GLN A 181 4.94 -24.85 -22.20
N TYR A 182 4.87 -26.16 -21.98
CA TYR A 182 4.14 -27.01 -22.92
C TYR A 182 2.66 -26.66 -23.01
N ALA A 183 2.09 -26.87 -24.19
CA ALA A 183 0.66 -26.86 -24.41
C ALA A 183 0.33 -28.05 -25.29
N MET A 184 -0.95 -28.42 -25.32
CA MET A 184 -1.40 -29.48 -26.22
C MET A 184 -1.55 -28.79 -27.57
N ARG A 185 -0.76 -29.23 -28.55
CA ARG A 185 -0.76 -28.62 -29.86
C ARG A 185 -1.52 -29.48 -30.86
N ILE A 186 -2.62 -28.95 -31.39
CA ILE A 186 -3.33 -29.54 -32.52
C ILE A 186 -2.85 -28.80 -33.77
N TRP A 187 -2.08 -29.51 -34.62
CA TRP A 187 -1.52 -28.94 -35.84
C TRP A 187 -2.37 -29.39 -37.03
N MET A 188 -3.19 -28.46 -37.53
CA MET A 188 -4.26 -28.81 -38.45
C MET A 188 -3.69 -28.96 -39.86
N ASN A 189 -4.34 -29.83 -40.65
CA ASN A 189 -3.99 -30.09 -42.03
C ASN A 189 -5.19 -29.70 -42.86
N PRO A 190 -5.09 -28.66 -43.72
CA PRO A 190 -6.24 -28.17 -44.47
C PRO A 190 -6.71 -29.13 -45.55
N ASN A 191 -5.80 -29.94 -46.09
CA ASN A 191 -6.17 -30.96 -47.07
C ASN A 191 -7.12 -31.96 -46.43
N GLU A 192 -6.73 -32.47 -45.24
CA GLU A 192 -7.52 -33.47 -44.54
C GLU A 192 -8.85 -32.88 -44.08
N LEU A 193 -8.81 -31.64 -43.58
CA LEU A 193 -10.02 -30.96 -43.16
C LEU A 193 -11.01 -30.87 -44.32
N ASN A 194 -10.54 -30.49 -45.50
CA ASN A 194 -11.42 -30.33 -46.64
C ASN A 194 -11.97 -31.66 -47.14
N LYS A 195 -11.11 -32.69 -47.15
CA LYS A 195 -11.53 -34.05 -47.47
C LYS A 195 -12.76 -34.51 -46.68
N PHE A 196 -12.90 -34.10 -45.42
CA PHE A 196 -14.04 -34.47 -44.61
C PHE A 196 -15.06 -33.34 -44.40
N GLN A 197 -14.90 -32.25 -45.15
CA GLN A 197 -15.83 -31.13 -45.11
C GLN A 197 -15.92 -30.50 -43.73
N LEU A 198 -14.73 -30.26 -43.15
CA LEU A 198 -14.57 -29.70 -41.82
C LEU A 198 -13.65 -28.47 -41.86
N THR A 199 -13.76 -27.62 -40.83
CA THR A 199 -12.97 -26.42 -40.71
C THR A 199 -12.39 -26.32 -39.31
N PRO A 200 -11.44 -25.40 -39.06
CA PRO A 200 -10.98 -25.14 -37.70
C PRO A 200 -12.11 -24.87 -36.71
N VAL A 201 -13.25 -24.35 -37.21
CA VAL A 201 -14.37 -24.09 -36.32
C VAL A 201 -14.92 -25.39 -35.75
N ASP A 202 -15.05 -26.41 -36.61
CA ASP A 202 -15.48 -27.72 -36.16
C ASP A 202 -14.48 -28.32 -35.17
N VAL A 203 -13.19 -28.08 -35.40
CA VAL A 203 -12.18 -28.61 -34.52
C VAL A 203 -12.32 -27.99 -33.13
N ILE A 204 -12.44 -26.67 -33.08
CA ILE A 204 -12.55 -25.97 -31.82
C ILE A 204 -13.79 -26.40 -31.03
N THR A 205 -14.92 -26.54 -31.73
CA THR A 205 -16.16 -26.96 -31.09
C THR A 205 -15.98 -28.33 -30.46
N ALA A 206 -15.41 -29.26 -31.22
CA ALA A 206 -15.18 -30.62 -30.76
C ALA A 206 -14.29 -30.69 -29.52
N ILE A 207 -13.23 -29.88 -29.51
CA ILE A 207 -12.32 -29.86 -28.37
C ILE A 207 -13.03 -29.30 -27.13
N LYS A 208 -13.80 -28.22 -27.28
CA LYS A 208 -14.54 -27.69 -26.14
C LYS A 208 -15.54 -28.72 -25.60
N ALA A 209 -16.11 -29.50 -26.51
CA ALA A 209 -17.08 -30.50 -26.11
C ALA A 209 -16.45 -31.71 -25.44
N GLN A 210 -15.30 -32.17 -25.95
CA GLN A 210 -14.76 -33.47 -25.57
C GLN A 210 -13.51 -33.38 -24.70
N ASN A 211 -13.01 -32.16 -24.49
CA ASN A 211 -11.99 -31.91 -23.48
C ASN A 211 -12.61 -30.95 -22.46
N ALA A 212 -13.45 -31.53 -21.60
CA ALA A 212 -14.37 -30.80 -20.75
C ALA A 212 -14.35 -31.37 -19.33
N GLN A 213 -14.71 -30.54 -18.35
CA GLN A 213 -14.65 -30.94 -16.96
C GLN A 213 -16.01 -30.57 -16.39
N VAL A 214 -16.88 -31.60 -16.26
CA VAL A 214 -18.30 -31.43 -16.02
C VAL A 214 -18.69 -31.62 -14.55
N ALA A 215 -19.36 -30.60 -13.99
CA ALA A 215 -19.99 -30.74 -12.70
C ALA A 215 -21.25 -31.53 -12.90
N ALA A 216 -21.33 -32.70 -12.26
CA ALA A 216 -22.40 -33.64 -12.54
C ALA A 216 -23.25 -33.95 -11.32
N GLY A 217 -22.90 -33.39 -10.17
CA GLY A 217 -23.72 -33.56 -8.98
C GLY A 217 -23.36 -34.84 -8.22
N GLN A 218 -24.37 -35.35 -7.51
CA GLN A 218 -24.23 -36.45 -6.57
C GLN A 218 -25.44 -37.38 -6.64
N LEU A 219 -25.20 -38.65 -6.28
CA LEU A 219 -26.25 -39.58 -5.94
C LEU A 219 -26.53 -39.34 -4.46
N GLY A 220 -27.80 -39.26 -4.11
CA GLY A 220 -28.18 -39.05 -2.71
C GLY A 220 -27.72 -37.71 -2.16
N GLY A 221 -27.62 -36.72 -3.06
CA GLY A 221 -27.27 -35.38 -2.66
C GLY A 221 -28.38 -34.65 -1.90
N THR A 222 -27.97 -33.64 -1.13
CA THR A 222 -28.90 -32.83 -0.36
C THR A 222 -29.73 -31.94 -1.28
N PRO A 223 -31.03 -31.71 -1.00
CA PRO A 223 -31.75 -32.41 0.05
C PRO A 223 -32.18 -33.81 -0.38
N PRO A 224 -31.97 -34.85 0.46
CA PRO A 224 -32.27 -36.21 0.06
C PRO A 224 -33.67 -36.65 0.41
N VAL A 225 -34.10 -37.77 -0.16
CA VAL A 225 -35.30 -38.44 0.35
C VAL A 225 -35.01 -39.11 1.70
N LYS A 226 -36.04 -39.21 2.54
CA LYS A 226 -35.93 -40.02 3.74
C LYS A 226 -35.56 -41.45 3.34
N GLY A 227 -34.67 -42.05 4.16
CA GLY A 227 -34.22 -43.42 3.98
C GLY A 227 -32.94 -43.60 3.17
N GLN A 228 -32.42 -42.53 2.58
CA GLN A 228 -31.28 -42.65 1.67
C GLN A 228 -30.06 -43.25 2.36
N GLN A 229 -29.47 -44.27 1.74
CA GLN A 229 -28.31 -44.94 2.33
C GLN A 229 -27.01 -44.51 1.65
N LEU A 230 -27.09 -44.14 0.38
CA LEU A 230 -25.91 -43.86 -0.41
C LEU A 230 -25.75 -42.38 -0.74
N ASN A 231 -24.52 -41.88 -0.54
CA ASN A 231 -24.12 -40.59 -1.04
C ASN A 231 -22.79 -40.75 -1.76
N ALA A 232 -22.72 -40.33 -3.04
CA ALA A 232 -21.48 -40.40 -3.80
C ALA A 232 -21.49 -39.35 -4.92
N SER A 233 -20.30 -38.80 -5.21
CA SER A 233 -20.13 -37.89 -6.33
C SER A 233 -20.33 -38.60 -7.65
N ILE A 234 -20.94 -37.89 -8.62
CA ILE A 234 -21.02 -38.36 -9.98
C ILE A 234 -19.86 -37.74 -10.74
N ILE A 235 -19.02 -38.59 -11.34
CA ILE A 235 -17.91 -38.16 -12.16
C ILE A 235 -18.26 -38.40 -13.63
N ALA A 236 -18.26 -37.31 -14.42
CA ALA A 236 -18.55 -37.41 -15.84
C ALA A 236 -17.25 -37.09 -16.59
N GLN A 237 -17.31 -36.31 -17.68
CA GLN A 237 -16.10 -35.96 -18.39
C GLN A 237 -15.08 -35.23 -17.53
N THR A 238 -13.82 -35.60 -17.71
CA THR A 238 -12.69 -34.88 -17.11
C THR A 238 -11.76 -34.37 -18.22
N ARG A 239 -10.92 -33.40 -17.88
CA ARG A 239 -9.98 -32.87 -18.84
C ARG A 239 -9.12 -34.02 -19.37
N LEU A 240 -8.81 -33.96 -20.67
CA LEU A 240 -7.95 -34.93 -21.29
C LEU A 240 -6.51 -34.65 -20.84
N THR A 241 -5.65 -35.67 -20.91
CA THR A 241 -4.35 -35.62 -20.26
C THR A 241 -3.16 -36.00 -21.15
N SER A 242 -3.44 -36.36 -22.39
CA SER A 242 -2.46 -36.96 -23.26
C SER A 242 -2.75 -36.69 -24.72
N THR A 243 -1.72 -36.81 -25.57
CA THR A 243 -1.91 -36.70 -27.00
C THR A 243 -2.86 -37.79 -27.52
N GLU A 244 -2.79 -38.99 -26.94
CA GLU A 244 -3.62 -40.09 -27.37
C GLU A 244 -5.10 -39.74 -27.22
N GLU A 245 -5.46 -39.15 -26.07
CA GLU A 245 -6.84 -38.78 -25.81
C GLU A 245 -7.33 -37.69 -26.76
N PHE A 246 -6.48 -36.68 -27.01
CA PHE A 246 -6.83 -35.63 -27.97
C PHE A 246 -6.99 -36.20 -29.37
N GLY A 247 -6.13 -37.16 -29.73
CA GLY A 247 -6.15 -37.82 -31.02
C GLY A 247 -7.46 -38.52 -31.35
N LYS A 248 -8.11 -39.10 -30.33
CA LYS A 248 -9.35 -39.82 -30.54
C LYS A 248 -10.61 -38.99 -30.32
N ILE A 249 -10.46 -37.67 -30.14
CA ILE A 249 -11.63 -36.79 -30.17
C ILE A 249 -12.39 -37.08 -31.47
N LEU A 250 -13.71 -37.30 -31.35
CA LEU A 250 -14.51 -37.71 -32.49
C LEU A 250 -15.07 -36.46 -33.14
N LEU A 251 -14.62 -36.15 -34.36
CA LEU A 251 -15.08 -34.97 -35.07
C LEU A 251 -16.40 -35.26 -35.77
N LYS A 252 -16.50 -36.42 -36.42
CA LYS A 252 -17.77 -36.81 -36.97
C LYS A 252 -17.81 -38.27 -37.39
N VAL A 253 -19.05 -38.74 -37.61
CA VAL A 253 -19.30 -40.03 -38.21
C VAL A 253 -19.85 -39.80 -39.62
N ASN A 254 -19.21 -40.42 -40.61
CA ASN A 254 -19.62 -40.29 -42.00
C ASN A 254 -20.88 -41.12 -42.22
N GLN A 255 -21.56 -40.87 -43.35
CA GLN A 255 -22.79 -41.56 -43.69
C GLN A 255 -22.60 -43.07 -43.67
N ASP A 256 -21.48 -43.55 -44.22
CA ASP A 256 -21.19 -44.97 -44.23
C ASP A 256 -20.74 -45.54 -42.88
N GLY A 257 -20.89 -44.75 -41.80
CA GLY A 257 -20.59 -45.22 -40.46
C GLY A 257 -19.13 -45.11 -40.00
N SER A 258 -18.21 -44.74 -40.90
CA SER A 258 -16.82 -44.54 -40.53
C SER A 258 -16.66 -43.27 -39.68
N ARG A 259 -15.61 -43.28 -38.86
CA ARG A 259 -15.35 -42.24 -37.88
C ARG A 259 -14.21 -41.33 -38.33
N VAL A 260 -14.42 -40.01 -38.19
CA VAL A 260 -13.37 -39.05 -38.41
C VAL A 260 -12.89 -38.59 -37.04
N LEU A 261 -11.64 -38.93 -36.71
CA LEU A 261 -11.03 -38.55 -35.45
C LEU A 261 -10.14 -37.33 -35.67
N LEU A 262 -9.82 -36.63 -34.58
CA LEU A 262 -9.00 -35.44 -34.66
C LEU A 262 -7.63 -35.76 -35.25
N ARG A 263 -7.09 -36.93 -34.93
CA ARG A 263 -5.78 -37.33 -35.44
C ARG A 263 -5.79 -37.58 -36.94
N ASP A 264 -6.99 -37.75 -37.51
CA ASP A 264 -7.14 -37.87 -38.95
C ASP A 264 -7.10 -36.55 -39.72
N VAL A 265 -7.16 -35.42 -39.01
CA VAL A 265 -7.05 -34.11 -39.63
C VAL A 265 -5.97 -33.24 -39.01
N ALA A 266 -5.19 -33.77 -38.07
CA ALA A 266 -4.16 -32.99 -37.43
C ALA A 266 -3.08 -33.84 -36.78
N LYS A 267 -1.88 -33.27 -36.61
CA LYS A 267 -0.82 -33.87 -35.82
C LYS A 267 -0.97 -33.36 -34.39
N ILE A 268 -0.74 -34.25 -33.43
CA ILE A 268 -1.01 -33.95 -32.04
C ILE A 268 0.26 -34.09 -31.23
N GLU A 269 0.69 -33.02 -30.55
CA GLU A 269 1.88 -33.12 -29.73
C GLU A 269 1.93 -32.11 -28.59
N LEU A 270 2.62 -32.52 -27.50
CA LEU A 270 3.02 -31.58 -26.49
C LEU A 270 4.07 -30.65 -27.09
N GLY A 271 3.78 -29.37 -27.16
CA GLY A 271 4.73 -28.40 -27.66
C GLY A 271 4.50 -27.07 -26.97
N GLY A 272 5.28 -26.06 -27.31
CA GLY A 272 5.18 -24.80 -26.60
C GLY A 272 3.86 -24.05 -26.81
N GLU A 273 3.49 -23.23 -25.81
CA GLU A 273 2.42 -22.26 -25.98
C GLU A 273 2.83 -21.31 -27.09
N ASN A 274 4.11 -20.96 -27.11
CA ASN A 274 4.66 -20.22 -28.24
C ASN A 274 6.07 -20.74 -28.52
N TYR A 275 6.57 -20.42 -29.71
CA TYR A 275 7.87 -20.90 -30.17
C TYR A 275 8.80 -19.75 -30.51
N ASP A 276 8.59 -18.60 -29.89
CA ASP A 276 9.36 -17.39 -30.19
C ASP A 276 10.68 -17.31 -29.43
N ILE A 277 10.76 -17.85 -28.22
CA ILE A 277 11.88 -17.52 -27.35
C ILE A 277 12.70 -18.77 -27.12
N ILE A 278 13.96 -18.76 -27.56
CA ILE A 278 14.79 -19.94 -27.55
C ILE A 278 16.13 -19.49 -26.97
N ALA A 279 16.59 -20.16 -25.91
CA ALA A 279 17.77 -19.73 -25.18
C ALA A 279 18.88 -20.76 -25.28
N GLU A 280 20.12 -20.26 -25.21
CA GLU A 280 21.32 -21.07 -25.10
C GLU A 280 22.21 -20.55 -23.98
N PHE A 281 22.92 -21.48 -23.31
CA PHE A 281 23.90 -21.13 -22.31
C PHE A 281 25.26 -21.67 -22.74
N ASN A 282 26.17 -20.76 -23.10
CA ASN A 282 27.48 -21.13 -23.60
C ASN A 282 27.33 -22.14 -24.73
N GLY A 283 26.38 -21.89 -25.62
CA GLY A 283 26.22 -22.69 -26.82
C GLY A 283 25.30 -23.90 -26.67
N GLN A 284 24.94 -24.25 -25.42
CA GLN A 284 24.13 -25.45 -25.20
C GLN A 284 22.68 -25.12 -24.88
N PRO A 285 21.72 -26.00 -25.23
CA PRO A 285 20.32 -25.72 -24.98
C PRO A 285 20.05 -25.36 -23.53
N ALA A 286 19.22 -24.34 -23.33
CA ALA A 286 18.94 -23.85 -22.00
C ALA A 286 17.55 -23.27 -21.92
N SER A 287 17.06 -23.16 -20.67
CA SER A 287 15.97 -22.27 -20.38
C SER A 287 16.42 -21.36 -19.27
N GLY A 288 15.49 -20.53 -18.78
CA GLY A 288 15.80 -19.64 -17.68
C GLY A 288 14.65 -18.74 -17.27
N LEU A 289 14.86 -18.10 -16.11
CA LEU A 289 13.92 -17.11 -15.58
C LEU A 289 14.64 -15.78 -15.51
N GLY A 290 14.06 -14.78 -16.16
CA GLY A 290 14.51 -13.41 -16.00
C GLY A 290 13.72 -12.75 -14.88
N ILE A 291 14.43 -12.34 -13.83
CA ILE A 291 13.78 -11.84 -12.65
C ILE A 291 13.99 -10.34 -12.52
N LYS A 292 12.84 -9.64 -12.38
CA LYS A 292 12.84 -8.22 -12.16
C LYS A 292 12.50 -7.93 -10.71
N LEU A 293 13.20 -6.96 -10.12
CA LEU A 293 13.06 -6.59 -8.72
C LEU A 293 11.85 -5.70 -8.51
N ALA A 294 10.99 -6.09 -7.56
CA ALA A 294 9.84 -5.30 -7.19
C ALA A 294 10.23 -3.91 -6.73
N THR A 295 9.41 -2.91 -7.11
CA THR A 295 9.65 -1.53 -6.74
C THR A 295 9.98 -1.40 -5.26
N GLY A 296 11.12 -0.77 -4.95
CA GLY A 296 11.54 -0.54 -3.59
C GLY A 296 12.10 -1.72 -2.80
N ALA A 297 12.21 -2.89 -3.40
CA ALA A 297 12.67 -4.06 -2.66
C ALA A 297 14.19 -4.12 -2.61
N ASN A 298 14.70 -4.84 -1.60
CA ASN A 298 16.14 -5.00 -1.45
C ASN A 298 16.67 -6.09 -2.38
N ALA A 299 17.61 -5.70 -3.24
CA ALA A 299 18.14 -6.58 -4.26
C ALA A 299 18.81 -7.80 -3.63
N LEU A 300 19.66 -7.56 -2.63
CA LEU A 300 20.40 -8.65 -2.00
C LEU A 300 19.46 -9.62 -1.28
N ASP A 301 18.47 -9.10 -0.56
CA ASP A 301 17.54 -9.95 0.16
C ASP A 301 16.73 -10.78 -0.83
N THR A 302 16.30 -10.15 -1.94
CA THR A 302 15.51 -10.84 -2.95
C THR A 302 16.33 -11.96 -3.58
N ALA A 303 17.56 -11.63 -4.00
CA ALA A 303 18.45 -12.65 -4.53
C ALA A 303 18.62 -13.82 -3.57
N ALA A 304 18.75 -13.52 -2.28
CA ALA A 304 18.91 -14.55 -1.25
C ALA A 304 17.66 -15.43 -1.15
N ALA A 305 16.49 -14.77 -1.20
CA ALA A 305 15.23 -15.49 -1.16
C ALA A 305 15.04 -16.37 -2.39
N ILE A 306 15.45 -15.83 -3.57
CA ILE A 306 15.40 -16.59 -4.81
C ILE A 306 16.27 -17.84 -4.70
N ARG A 307 17.49 -17.69 -4.20
CA ARG A 307 18.37 -18.84 -3.99
C ARG A 307 17.79 -19.88 -3.03
N ALA A 308 17.18 -19.42 -1.93
CA ALA A 308 16.62 -20.34 -0.95
C ALA A 308 15.51 -21.18 -1.58
N GLU A 309 14.69 -20.53 -2.41
CA GLU A 309 13.59 -21.23 -3.05
C GLU A 309 14.10 -22.24 -4.07
N LEU A 310 15.12 -21.85 -4.84
CA LEU A 310 15.72 -22.75 -5.82
C LEU A 310 16.31 -23.99 -5.13
N ALA A 311 16.92 -23.79 -3.96
CA ALA A 311 17.49 -24.88 -3.18
C ALA A 311 16.44 -25.93 -2.85
N LYS A 312 15.23 -25.49 -2.49
CA LYS A 312 14.14 -26.41 -2.24
C LYS A 312 13.74 -27.23 -3.46
N MET A 313 13.94 -26.70 -4.66
CA MET A 313 13.59 -27.42 -5.89
C MET A 313 14.62 -28.44 -6.37
N GLU A 314 15.90 -28.18 -6.06
CA GLU A 314 17.00 -28.93 -6.66
C GLU A 314 16.91 -30.43 -6.40
N PRO A 315 16.56 -30.87 -5.17
CA PRO A 315 16.53 -32.30 -4.84
C PRO A 315 15.57 -33.13 -5.69
N PHE A 316 14.60 -32.47 -6.35
CA PHE A 316 13.58 -33.19 -7.08
C PHE A 316 13.78 -33.06 -8.59
N PHE A 317 14.90 -32.49 -9.01
CA PHE A 317 15.19 -32.35 -10.42
C PHE A 317 15.30 -33.71 -11.13
N PRO A 318 14.87 -33.81 -12.40
CA PRO A 318 15.21 -34.97 -13.21
C PRO A 318 16.73 -35.06 -13.42
N SER A 319 17.21 -36.24 -13.86
CA SER A 319 18.64 -36.43 -13.98
C SER A 319 19.23 -35.42 -14.96
N GLY A 320 20.40 -34.89 -14.59
CA GLY A 320 21.18 -34.04 -15.47
C GLY A 320 20.81 -32.56 -15.41
N LEU A 321 19.65 -32.23 -14.82
CA LEU A 321 19.21 -30.84 -14.76
C LEU A 321 20.05 -30.08 -13.75
N LYS A 322 20.51 -28.89 -14.15
CA LYS A 322 21.40 -28.12 -13.32
C LYS A 322 21.05 -26.64 -13.44
N ILE A 323 21.08 -25.95 -12.29
CA ILE A 323 20.94 -24.51 -12.28
C ILE A 323 22.31 -23.89 -12.55
N VAL A 324 22.33 -22.88 -13.42
CA VAL A 324 23.51 -22.07 -13.69
C VAL A 324 23.10 -20.62 -13.51
N TYR A 325 24.11 -19.76 -13.32
CA TYR A 325 23.90 -18.40 -12.88
C TYR A 325 24.60 -17.46 -13.88
N PRO A 326 24.01 -17.26 -15.08
CA PRO A 326 24.67 -16.56 -16.16
C PRO A 326 24.75 -15.05 -16.02
N TYR A 327 23.95 -14.45 -15.13
CA TYR A 327 23.81 -13.01 -15.11
C TYR A 327 23.15 -12.55 -13.82
N ASP A 328 23.89 -11.80 -13.00
CA ASP A 328 23.40 -11.37 -11.71
C ASP A 328 24.08 -10.06 -11.33
N THR A 329 23.27 -9.04 -11.06
CA THR A 329 23.78 -7.74 -10.64
C THR A 329 24.10 -7.66 -9.14
N THR A 330 23.61 -8.62 -8.34
CA THR A 330 23.76 -8.50 -6.89
C THR A 330 25.18 -8.79 -6.39
N PRO A 331 25.94 -9.76 -6.95
CA PRO A 331 27.27 -10.04 -6.45
C PRO A 331 28.15 -8.79 -6.40
N PHE A 332 28.07 -7.94 -7.43
CA PHE A 332 28.78 -6.69 -7.46
C PHE A 332 28.43 -5.80 -6.27
N VAL A 333 27.13 -5.67 -5.95
CA VAL A 333 26.74 -4.87 -4.80
C VAL A 333 27.40 -5.41 -3.53
N LYS A 334 27.23 -6.72 -3.31
CA LYS A 334 27.77 -7.36 -2.13
C LYS A 334 29.29 -7.18 -2.07
N ILE A 335 29.97 -7.54 -3.16
CA ILE A 335 31.42 -7.54 -3.20
C ILE A 335 31.96 -6.11 -3.12
N SER A 336 31.33 -5.15 -3.82
CA SER A 336 31.82 -3.78 -3.74
C SER A 336 31.75 -3.21 -2.32
N ILE A 337 30.65 -3.49 -1.60
CA ILE A 337 30.55 -3.10 -0.20
C ILE A 337 31.64 -3.78 0.65
N HIS A 338 31.79 -5.09 0.52
CA HIS A 338 32.83 -5.82 1.24
C HIS A 338 34.23 -5.25 0.98
N GLU A 339 34.50 -4.79 -0.24
CA GLU A 339 35.79 -4.20 -0.56
C GLU A 339 36.04 -2.85 0.12
N VAL A 340 34.97 -2.08 0.35
CA VAL A 340 35.08 -0.84 1.09
C VAL A 340 35.30 -1.12 2.58
N VAL A 341 34.64 -2.15 3.12
CA VAL A 341 34.86 -2.59 4.48
C VAL A 341 36.33 -2.97 4.74
N LYS A 342 36.88 -3.79 3.83
CA LYS A 342 38.28 -4.18 3.88
C LYS A 342 39.19 -2.94 3.89
N THR A 343 38.87 -1.99 3.01
CA THR A 343 39.58 -0.72 2.98
C THR A 343 39.55 0.02 4.32
N LEU A 344 38.37 0.03 4.96
CA LEU A 344 38.17 0.68 6.23
C LEU A 344 39.07 0.07 7.31
N VAL A 345 39.10 -1.26 7.36
CA VAL A 345 39.95 -1.99 8.30
C VAL A 345 41.43 -1.70 8.07
N GLU A 346 41.84 -1.71 6.79
CA GLU A 346 43.20 -1.36 6.43
C GLU A 346 43.55 0.06 6.88
N ALA A 347 42.62 1.00 6.65
CA ALA A 347 42.81 2.37 7.07
C ALA A 347 43.10 2.45 8.58
N ILE A 348 42.32 1.72 9.38
CA ILE A 348 42.52 1.69 10.82
C ILE A 348 43.90 1.13 11.18
N ILE A 349 44.34 0.08 10.48
CA ILE A 349 45.67 -0.49 10.67
C ILE A 349 46.75 0.55 10.34
N LEU A 350 46.58 1.24 9.21
CA LEU A 350 47.55 2.23 8.75
C LEU A 350 47.58 3.44 9.69
N VAL A 351 46.43 3.85 10.21
CA VAL A 351 46.38 4.94 11.18
C VAL A 351 47.09 4.53 12.47
N PHE A 352 46.81 3.32 12.95
CA PHE A 352 47.49 2.75 14.10
C PHE A 352 49.01 2.79 13.97
N LEU A 353 49.53 2.45 12.78
CA LEU A 353 50.97 2.49 12.53
C LEU A 353 51.53 3.91 12.58
N VAL A 354 50.84 4.86 11.95
CA VAL A 354 51.27 6.25 12.01
C VAL A 354 51.23 6.75 13.46
N MET A 355 50.15 6.44 14.17
CA MET A 355 50.02 6.82 15.56
C MET A 355 51.18 6.27 16.38
N TYR A 356 51.55 5.01 16.13
CA TYR A 356 52.64 4.37 16.86
C TYR A 356 53.98 5.06 16.59
N LEU A 357 54.18 5.54 15.36
CA LEU A 357 55.40 6.25 15.02
C LEU A 357 55.59 7.49 15.89
N PHE A 358 54.50 8.22 16.14
CA PHE A 358 54.54 9.46 16.90
C PHE A 358 54.43 9.29 18.41
N LEU A 359 53.50 8.45 18.87
CA LEU A 359 53.27 8.23 20.30
C LEU A 359 54.22 7.22 20.95
N GLN A 360 54.74 6.29 20.15
CA GLN A 360 55.84 5.43 20.54
C GLN A 360 55.64 4.59 21.82
N ASN A 361 54.39 4.34 22.18
CA ASN A 361 54.03 3.37 23.21
C ASN A 361 52.69 2.79 22.79
N PHE A 362 52.45 1.50 23.10
CA PHE A 362 51.28 0.77 22.66
C PHE A 362 50.02 1.29 23.35
N ARG A 363 50.08 1.54 24.66
CA ARG A 363 48.95 2.05 25.42
C ARG A 363 48.44 3.39 24.86
N ALA A 364 49.37 4.29 24.53
CA ALA A 364 49.04 5.60 24.00
C ALA A 364 48.44 5.49 22.59
N THR A 365 49.02 4.59 21.78
CA THR A 365 48.59 4.44 20.39
C THR A 365 47.18 3.86 20.29
N LEU A 366 46.77 3.12 21.34
CA LEU A 366 45.46 2.52 21.37
C LEU A 366 44.35 3.54 21.57
N ILE A 367 44.64 4.70 22.17
CA ILE A 367 43.58 5.64 22.49
C ILE A 367 42.88 6.15 21.23
N PRO A 368 43.61 6.70 20.23
CA PRO A 368 42.99 7.07 18.96
C PRO A 368 42.44 5.88 18.15
N THR A 369 43.09 4.73 18.29
CA THR A 369 42.69 3.54 17.55
C THR A 369 41.34 3.03 18.02
N ILE A 370 41.08 3.18 19.32
CA ILE A 370 39.85 2.70 19.95
C ILE A 370 38.67 3.58 19.58
N ALA A 371 38.92 4.89 19.48
CA ALA A 371 37.85 5.85 19.18
C ALA A 371 37.18 5.60 17.82
N VAL A 372 37.99 5.22 16.84
CA VAL A 372 37.50 5.03 15.48
C VAL A 372 36.38 4.00 15.44
N PRO A 373 36.59 2.72 15.85
CA PRO A 373 35.51 1.74 15.93
C PRO A 373 34.31 2.18 16.77
N VAL A 374 34.56 2.84 17.92
CA VAL A 374 33.47 3.25 18.79
C VAL A 374 32.54 4.21 18.06
N VAL A 375 33.13 5.21 17.38
CA VAL A 375 32.37 6.25 16.72
C VAL A 375 31.67 5.66 15.49
N LEU A 376 32.40 4.84 14.72
CA LEU A 376 31.86 4.29 13.49
C LEU A 376 30.71 3.32 13.75
N LEU A 377 30.87 2.41 14.71
CA LEU A 377 29.80 1.53 15.13
C LEU A 377 28.60 2.33 15.65
N GLY A 378 28.87 3.35 16.45
CA GLY A 378 27.80 4.25 16.85
C GLY A 378 27.06 4.87 15.65
N THR A 379 27.83 5.31 14.65
CA THR A 379 27.26 5.93 13.47
C THR A 379 26.33 4.97 12.75
N PHE A 380 26.67 3.68 12.73
CA PHE A 380 25.77 2.71 12.13
C PHE A 380 24.44 2.65 12.87
N ALA A 381 24.50 2.68 14.21
CA ALA A 381 23.30 2.69 15.01
C ALA A 381 22.45 3.94 14.71
N VAL A 382 23.09 5.09 14.51
CA VAL A 382 22.38 6.31 14.14
C VAL A 382 21.75 6.19 12.76
N LEU A 383 22.45 5.58 11.79
CA LEU A 383 21.87 5.35 10.49
C LEU A 383 20.61 4.49 10.60
N ALA A 384 20.67 3.42 11.40
CA ALA A 384 19.52 2.57 11.61
C ALA A 384 18.35 3.35 12.23
N ALA A 385 18.65 4.23 13.17
CA ALA A 385 17.60 5.02 13.81
C ALA A 385 16.83 5.87 12.82
N PHE A 386 17.55 6.52 11.91
CA PHE A 386 16.98 7.43 10.92
C PHE A 386 16.65 6.74 9.60
N GLY A 387 16.69 5.40 9.58
CA GLY A 387 16.16 4.64 8.47
C GLY A 387 17.06 4.47 7.23
N PHE A 388 18.36 4.76 7.35
CA PHE A 388 19.25 4.66 6.21
C PHE A 388 19.71 3.22 6.00
N SER A 389 20.30 2.94 4.84
CA SER A 389 20.90 1.64 4.57
C SER A 389 22.43 1.73 4.53
N ILE A 390 23.06 0.55 4.59
CA ILE A 390 24.48 0.44 4.32
C ILE A 390 24.59 0.45 2.80
N ASN A 391 25.25 1.47 2.26
CA ASN A 391 25.41 1.60 0.81
C ASN A 391 26.75 2.25 0.51
N THR A 392 27.09 2.36 -0.77
CA THR A 392 28.40 2.85 -1.16
C THR A 392 28.70 4.21 -0.53
N LEU A 393 27.71 5.09 -0.54
CA LEU A 393 27.89 6.45 -0.03
C LEU A 393 28.01 6.45 1.50
N THR A 394 27.16 5.72 2.22
CA THR A 394 27.28 5.67 3.68
C THR A 394 28.61 5.04 4.09
N MET A 395 29.07 4.03 3.34
CA MET A 395 30.32 3.35 3.63
C MET A 395 31.55 4.22 3.38
N PHE A 396 31.49 5.03 2.32
CA PHE A 396 32.56 5.97 2.08
C PHE A 396 32.55 7.06 3.14
N GLY A 397 31.34 7.44 3.55
CA GLY A 397 31.15 8.35 4.67
C GLY A 397 31.94 7.89 5.89
N MET A 398 31.86 6.58 6.19
CA MET A 398 32.56 5.99 7.33
C MET A 398 34.08 6.05 7.16
N VAL A 399 34.54 5.72 5.95
CA VAL A 399 35.97 5.76 5.66
C VAL A 399 36.48 7.20 5.79
N LEU A 400 35.79 8.13 5.17
CA LEU A 400 36.17 9.53 5.26
C LEU A 400 36.09 10.08 6.68
N ALA A 401 35.14 9.56 7.48
CA ALA A 401 34.98 10.00 8.86
C ALA A 401 36.19 9.71 9.76
N ILE A 402 36.94 8.65 9.43
CA ILE A 402 38.14 8.29 10.16
C ILE A 402 39.07 9.48 10.36
N GLY A 403 39.31 10.24 9.29
CA GLY A 403 40.17 11.41 9.36
C GLY A 403 39.73 12.47 10.37
N LEU A 404 38.40 12.57 10.55
CA LEU A 404 37.83 13.49 11.51
C LEU A 404 37.76 12.91 12.92
N LEU A 405 37.43 11.62 13.02
CA LEU A 405 37.44 10.88 14.28
C LEU A 405 38.80 10.82 14.94
N VAL A 406 39.78 10.42 14.11
CA VAL A 406 41.16 10.33 14.55
C VAL A 406 41.67 11.70 14.96
N ASP A 407 41.34 12.75 14.20
CA ASP A 407 41.79 14.08 14.55
C ASP A 407 41.35 14.48 15.97
N ASP A 408 40.06 14.34 16.27
CA ASP A 408 39.53 14.69 17.58
C ASP A 408 40.29 14.01 18.72
N ALA A 409 40.56 12.71 18.55
CA ALA A 409 41.32 11.94 19.52
C ALA A 409 42.79 12.39 19.60
N ILE A 410 43.44 12.56 18.44
CA ILE A 410 44.81 13.04 18.39
C ILE A 410 44.92 14.39 19.08
N VAL A 411 44.01 15.31 18.80
CA VAL A 411 44.06 16.63 19.43
C VAL A 411 44.05 16.48 20.95
N VAL A 412 43.14 15.65 21.47
CA VAL A 412 43.09 15.41 22.90
C VAL A 412 44.36 14.81 23.47
N VAL A 413 44.79 13.67 22.92
CA VAL A 413 45.94 12.93 23.43
C VAL A 413 47.20 13.79 23.31
N GLU A 414 47.43 14.35 22.13
CA GLU A 414 48.63 15.12 21.88
C GLU A 414 48.69 16.30 22.86
N ASN A 415 47.56 16.95 23.12
CA ASN A 415 47.55 18.09 24.01
C ASN A 415 47.88 17.72 25.46
N VAL A 416 47.42 16.53 25.91
CA VAL A 416 47.79 16.03 27.22
C VAL A 416 49.30 15.79 27.29
N GLU A 417 49.84 15.14 26.25
CA GLU A 417 51.28 14.88 26.17
C GLU A 417 52.11 16.17 26.19
N ARG A 418 51.60 17.23 25.57
CA ARG A 418 52.27 18.52 25.60
C ARG A 418 52.25 19.08 27.02
N VAL A 419 51.09 19.06 27.68
CA VAL A 419 50.99 19.54 29.06
C VAL A 419 51.97 18.80 29.97
N MET A 420 52.13 17.49 29.78
CA MET A 420 53.02 16.69 30.60
C MET A 420 54.49 17.06 30.36
N ALA A 421 54.83 17.36 29.11
CA ALA A 421 56.19 17.73 28.77
C ALA A 421 56.55 19.13 29.26
N GLU A 422 55.61 20.07 29.16
CA GLU A 422 55.85 21.46 29.56
C GLU A 422 55.85 21.65 31.07
N GLU A 423 54.90 20.98 31.76
CA GLU A 423 54.63 21.24 33.16
C GLU A 423 55.03 20.10 34.11
N GLY A 424 55.18 18.89 33.56
CA GLY A 424 55.53 17.73 34.35
C GLY A 424 54.38 17.13 35.18
N LEU A 425 53.15 17.56 34.93
CA LEU A 425 52.00 17.05 35.68
C LEU A 425 51.81 15.56 35.38
N PRO A 426 51.30 14.76 36.35
CA PRO A 426 50.96 13.37 36.08
C PRO A 426 49.78 13.20 35.13
N PRO A 427 49.61 12.00 34.51
CA PRO A 427 48.64 11.83 33.42
C PRO A 427 47.24 12.32 33.74
N LYS A 428 46.74 12.01 34.95
CA LYS A 428 45.38 12.32 35.34
C LYS A 428 45.13 13.83 35.46
N GLU A 429 46.09 14.55 36.06
CA GLU A 429 45.98 15.99 36.27
C GLU A 429 46.14 16.73 34.94
N ALA A 430 47.10 16.26 34.14
CA ALA A 430 47.33 16.75 32.79
C ALA A 430 46.06 16.65 31.94
N THR A 431 45.39 15.50 32.04
CA THR A 431 44.16 15.27 31.28
C THR A 431 43.08 16.25 31.71
N ARG A 432 42.89 16.40 33.03
CA ARG A 432 41.89 17.32 33.53
C ARG A 432 42.16 18.73 33.00
N LYS A 433 43.42 19.19 33.15
CA LYS A 433 43.80 20.52 32.71
C LYS A 433 43.64 20.66 31.21
N SER A 434 44.10 19.65 30.46
CA SER A 434 44.08 19.67 29.01
C SER A 434 42.65 19.78 28.47
N MET A 435 41.76 18.97 29.05
CA MET A 435 40.35 18.95 28.66
C MET A 435 39.73 20.31 28.91
N GLY A 436 40.09 20.89 30.06
CA GLY A 436 39.69 22.25 30.38
C GLY A 436 39.97 23.19 29.21
N GLN A 437 41.17 23.05 28.62
CA GLN A 437 41.62 24.00 27.61
C GLN A 437 40.97 23.84 26.24
N ILE A 438 40.50 22.62 25.92
CA ILE A 438 40.11 22.29 24.56
C ILE A 438 38.67 21.85 24.35
N GLN A 439 37.94 21.50 25.42
CA GLN A 439 36.63 20.91 25.25
C GLN A 439 35.66 21.83 24.50
N GLY A 440 35.71 23.13 24.84
CA GLY A 440 34.92 24.12 24.14
C GLY A 440 35.22 24.17 22.64
N ALA A 441 36.51 24.14 22.30
CA ALA A 441 36.95 24.19 20.92
C ALA A 441 36.51 22.94 20.16
N LEU A 442 36.60 21.78 20.81
CA LEU A 442 36.17 20.54 20.17
C LEU A 442 34.71 20.61 19.78
N VAL A 443 33.89 21.18 20.68
CA VAL A 443 32.47 21.32 20.42
C VAL A 443 32.24 22.36 19.33
N GLY A 444 32.87 23.53 19.48
CA GLY A 444 32.79 24.59 18.51
C GLY A 444 33.13 24.15 17.08
N ILE A 445 34.24 23.42 16.96
CA ILE A 445 34.69 22.94 15.67
C ILE A 445 33.63 22.05 15.03
N ALA A 446 33.07 21.12 15.82
CA ALA A 446 32.06 20.22 15.30
C ALA A 446 30.88 20.97 14.70
N MET A 447 30.48 22.07 15.35
CA MET A 447 29.46 22.95 14.82
C MET A 447 29.91 23.65 13.53
N VAL A 448 31.12 24.22 13.52
CA VAL A 448 31.64 24.86 12.32
C VAL A 448 31.70 23.92 11.11
N LEU A 449 32.20 22.71 11.31
CA LEU A 449 32.28 21.72 10.25
C LEU A 449 30.91 21.18 9.81
N SER A 450 29.94 21.13 10.73
CA SER A 450 28.60 20.70 10.37
C SER A 450 27.97 21.64 9.33
N ALA A 451 28.33 22.92 9.38
CA ALA A 451 28.03 23.87 8.32
C ALA A 451 28.57 23.48 6.95
N VAL A 452 29.71 22.78 6.91
CA VAL A 452 30.28 22.34 5.65
C VAL A 452 29.50 21.17 5.04
N PHE A 453 28.97 20.29 5.89
CA PHE A 453 28.41 19.02 5.43
C PHE A 453 26.89 18.93 5.43
N VAL A 454 26.23 19.69 6.32
CA VAL A 454 24.79 19.70 6.40
C VAL A 454 24.12 20.19 5.11
N PRO A 455 24.52 21.35 4.52
CA PRO A 455 23.88 21.87 3.33
C PRO A 455 23.69 20.84 2.22
N MET A 456 24.66 19.95 2.04
CA MET A 456 24.58 18.89 1.04
C MET A 456 23.31 18.04 1.16
N ALA A 457 22.83 17.86 2.40
CA ALA A 457 21.64 17.06 2.66
C ALA A 457 20.39 17.63 2.00
N PHE A 458 20.41 18.94 1.73
CA PHE A 458 19.26 19.67 1.24
C PHE A 458 19.23 19.86 -0.28
N PHE A 459 20.10 19.15 -1.02
CA PHE A 459 19.88 18.96 -2.44
C PHE A 459 18.52 18.34 -2.70
N GLY A 460 18.01 18.49 -3.93
CA GLY A 460 16.75 17.89 -4.32
C GLY A 460 16.93 16.77 -5.34
N GLY A 461 15.86 15.98 -5.50
CA GLY A 461 15.83 14.93 -6.49
C GLY A 461 16.75 13.77 -6.11
N SER A 462 17.15 13.02 -7.13
CA SER A 462 18.06 11.89 -7.00
C SER A 462 19.40 12.27 -6.40
N THR A 463 19.93 13.42 -6.85
CA THR A 463 21.25 13.84 -6.40
C THR A 463 21.22 14.08 -4.89
N GLY A 464 20.17 14.77 -4.42
CA GLY A 464 19.98 14.99 -3.00
C GLY A 464 19.91 13.72 -2.17
N ALA A 465 19.23 12.71 -2.70
CA ALA A 465 19.12 11.42 -2.03
C ALA A 465 20.50 10.82 -1.81
N ILE A 466 21.37 10.96 -2.82
CA ILE A 466 22.72 10.42 -2.76
C ILE A 466 23.55 11.22 -1.77
N TYR A 467 23.63 12.53 -1.99
CA TYR A 467 24.35 13.40 -1.07
C TYR A 467 23.95 13.26 0.39
N ARG A 468 22.66 13.04 0.64
CA ARG A 468 22.13 12.98 2.00
C ARG A 468 22.75 11.80 2.77
N GLN A 469 23.04 10.70 2.06
CA GLN A 469 23.67 9.54 2.66
C GLN A 469 25.03 9.87 3.26
N PHE A 470 25.81 10.64 2.51
CA PHE A 470 27.15 11.04 2.93
C PHE A 470 27.08 12.05 4.07
N SER A 471 26.16 13.00 3.90
CA SER A 471 26.02 14.13 4.81
C SER A 471 25.60 13.70 6.22
N ILE A 472 24.54 12.89 6.31
CA ILE A 472 24.09 12.42 7.61
C ILE A 472 25.12 11.48 8.23
N THR A 473 25.86 10.70 7.44
CA THR A 473 26.86 9.80 8.01
C THR A 473 27.97 10.60 8.68
N ILE A 474 28.54 11.56 7.96
CA ILE A 474 29.61 12.39 8.47
C ILE A 474 29.20 13.24 9.67
N VAL A 475 28.05 13.90 9.59
CA VAL A 475 27.59 14.74 10.68
C VAL A 475 27.36 13.92 11.95
N SER A 476 26.71 12.77 11.80
CA SER A 476 26.52 11.82 12.88
C SER A 476 27.85 11.38 13.50
N ALA A 477 28.78 10.97 12.65
CA ALA A 477 30.10 10.55 13.09
C ALA A 477 30.77 11.67 13.88
N MET A 478 30.67 12.92 13.42
CA MET A 478 31.33 14.04 14.05
C MET A 478 30.76 14.32 15.45
N ALA A 479 29.42 14.26 15.56
CA ALA A 479 28.75 14.39 16.84
C ALA A 479 29.16 13.26 17.79
N LEU A 480 29.18 12.03 17.29
CA LEU A 480 29.61 10.90 18.12
C LEU A 480 31.08 11.04 18.50
N SER A 481 31.89 11.61 17.60
CA SER A 481 33.30 11.82 17.86
C SER A 481 33.56 12.79 19.00
N VAL A 482 32.72 13.84 19.12
CA VAL A 482 32.79 14.77 20.23
C VAL A 482 32.35 14.10 21.53
N LEU A 483 31.25 13.33 21.50
CA LEU A 483 30.82 12.57 22.66
C LEU A 483 31.91 11.64 23.18
N VAL A 484 32.52 10.88 22.27
CA VAL A 484 33.61 9.98 22.61
C VAL A 484 34.78 10.74 23.24
N ALA A 485 35.05 11.94 22.71
CA ALA A 485 36.17 12.77 23.15
C ALA A 485 35.89 13.46 24.48
N LEU A 486 34.62 13.57 24.86
CA LEU A 486 34.23 14.11 26.15
C LEU A 486 34.07 13.02 27.20
N ILE A 487 33.99 11.74 26.78
CA ILE A 487 33.69 10.65 27.69
C ILE A 487 34.80 9.61 27.73
N LEU A 488 35.06 8.96 26.60
CA LEU A 488 35.99 7.85 26.57
C LEU A 488 37.45 8.28 26.55
N THR A 489 37.83 9.10 25.56
CA THR A 489 39.21 9.48 25.35
C THR A 489 39.88 10.10 26.59
N PRO A 490 39.22 11.03 27.34
CA PRO A 490 39.79 11.54 28.58
C PRO A 490 40.07 10.46 29.60
N ALA A 491 39.12 9.54 29.77
CA ALA A 491 39.26 8.41 30.67
C ALA A 491 40.47 7.55 30.29
N LEU A 492 40.61 7.25 28.99
CA LEU A 492 41.73 6.46 28.52
C LEU A 492 43.05 7.20 28.68
N CYS A 493 43.04 8.50 28.39
CA CYS A 493 44.22 9.33 28.58
C CYS A 493 44.74 9.23 30.02
N ALA A 494 43.85 9.48 30.98
CA ALA A 494 44.20 9.52 32.40
C ALA A 494 44.72 8.18 32.94
N THR A 495 44.29 7.08 32.32
CA THR A 495 44.59 5.73 32.78
C THR A 495 45.72 5.07 32.01
N MET A 496 45.88 5.44 30.73
CA MET A 496 46.71 4.68 29.82
C MET A 496 47.99 5.39 29.36
N LEU A 497 48.05 6.72 29.47
CA LEU A 497 49.27 7.43 29.13
C LEU A 497 50.26 7.29 30.28
N LYS A 498 51.53 6.97 29.94
CA LYS A 498 52.57 6.87 30.94
C LYS A 498 53.06 8.29 31.25
N PRO A 499 53.55 8.58 32.48
CA PRO A 499 54.03 9.92 32.79
C PRO A 499 55.19 10.38 31.91
N ILE A 500 55.32 11.70 31.75
CA ILE A 500 56.44 12.29 31.03
C ILE A 500 57.01 13.39 31.92
N ALA A 501 58.32 13.30 32.15
CA ALA A 501 59.01 14.26 33.00
C ALA A 501 59.04 15.64 32.34
N LYS A 502 58.93 16.69 33.14
CA LYS A 502 59.04 18.06 32.62
C LYS A 502 60.29 18.19 31.77
N GLY A 503 60.11 18.65 30.52
CA GLY A 503 61.21 18.88 29.59
C GLY A 503 61.57 17.71 28.66
N ASP A 504 61.17 16.50 29.03
CA ASP A 504 61.49 15.29 28.29
C ASP A 504 60.61 15.20 27.05
N HIS A 505 61.23 15.42 25.88
CA HIS A 505 60.57 15.25 24.59
C HIS A 505 61.08 14.02 23.86
N GLY A 506 61.55 13.01 24.61
CA GLY A 506 61.94 11.74 24.05
C GLY A 506 63.20 11.73 23.20
N GLU A 507 63.98 12.81 23.26
CA GLU A 507 65.24 12.89 22.53
C GLU A 507 66.28 11.94 23.08
N GLY A 508 66.18 11.65 24.39
CA GLY A 508 67.08 10.72 25.06
C GLY A 508 66.68 9.25 24.94
N LYS A 509 65.74 8.93 24.04
CA LYS A 509 65.42 7.54 23.75
C LYS A 509 66.51 6.92 22.88
N LYS A 510 66.53 5.58 22.82
CA LYS A 510 67.53 4.85 22.05
C LYS A 510 66.91 4.32 20.76
N GLY A 511 67.77 4.01 19.79
CA GLY A 511 67.35 3.44 18.53
C GLY A 511 66.55 4.42 17.67
N PHE A 512 65.66 3.88 16.84
CA PHE A 512 64.96 4.64 15.82
C PHE A 512 64.15 5.79 16.40
N PHE A 513 63.34 5.50 17.43
CA PHE A 513 62.52 6.50 18.08
C PHE A 513 63.34 7.68 18.57
N GLY A 514 64.44 7.40 19.27
CA GLY A 514 65.36 8.43 19.72
C GLY A 514 65.79 9.34 18.58
N TRP A 515 66.19 8.73 17.46
CA TRP A 515 66.59 9.46 16.25
C TRP A 515 65.46 10.29 15.66
N PHE A 516 64.28 9.69 15.55
CA PHE A 516 63.09 10.36 15.03
C PHE A 516 62.73 11.59 15.87
N ASN A 517 62.79 11.44 17.20
CA ASN A 517 62.43 12.52 18.10
C ASN A 517 63.42 13.68 17.98
N ARG A 518 64.71 13.35 17.92
CA ARG A 518 65.73 14.37 17.71
C ARG A 518 65.55 15.00 16.33
N MET A 519 65.19 14.20 15.32
CA MET A 519 64.99 14.72 13.98
C MET A 519 63.81 15.70 13.98
N PHE A 520 62.72 15.32 14.66
CA PHE A 520 61.48 16.09 14.64
C PHE A 520 61.54 17.38 15.46
N GLU A 521 62.23 17.34 16.61
CA GLU A 521 62.46 18.54 17.40
C GLU A 521 63.26 19.55 16.60
N LYS A 522 64.28 19.06 15.88
CA LYS A 522 65.11 19.88 15.00
C LYS A 522 64.28 20.45 13.84
N SER A 523 63.42 19.60 13.27
CA SER A 523 62.60 20.01 12.14
C SER A 523 61.58 21.08 12.53
N THR A 524 61.14 21.06 13.79
CA THR A 524 60.21 22.06 14.30
C THR A 524 60.90 23.43 14.37
N HIS A 525 62.12 23.46 14.93
CA HIS A 525 62.93 24.66 14.95
C HIS A 525 63.17 25.23 13.54
N HIS A 526 63.43 24.35 12.57
CA HIS A 526 63.59 24.79 11.19
C HIS A 526 62.29 25.39 10.66
N TYR A 527 61.19 24.67 10.92
CA TYR A 527 59.86 25.13 10.56
C TYR A 527 59.55 26.52 11.11
N THR A 528 59.73 26.69 12.43
CA THR A 528 59.35 27.95 13.09
C THR A 528 60.22 29.11 12.59
N ASP A 529 61.54 28.87 12.46
CA ASP A 529 62.43 29.82 11.80
C ASP A 529 61.85 30.26 10.46
N SER A 530 61.54 29.25 9.63
CA SER A 530 61.05 29.51 8.28
C SER A 530 59.81 30.40 8.30
N VAL A 531 58.85 30.07 9.17
CA VAL A 531 57.59 30.82 9.22
C VAL A 531 57.91 32.26 9.58
N GLY A 532 58.76 32.45 10.59
CA GLY A 532 59.24 33.78 10.97
C GLY A 532 59.69 34.63 9.78
N GLY A 533 60.51 34.03 8.91
CA GLY A 533 61.00 34.71 7.72
C GLY A 533 59.88 34.96 6.70
N ILE A 534 58.94 34.01 6.62
CA ILE A 534 57.76 34.16 5.77
C ILE A 534 56.95 35.37 6.20
N LEU A 535 56.83 35.59 7.52
CA LEU A 535 55.98 36.65 8.04
C LEU A 535 56.62 38.04 7.94
N ARG A 536 57.95 38.11 7.76
CA ARG A 536 58.60 39.36 7.44
C ARG A 536 58.48 39.76 5.98
N SER A 537 57.88 38.88 5.14
CA SER A 537 57.81 39.09 3.71
C SER A 537 56.49 38.54 3.14
N THR A 538 55.39 39.00 3.73
CA THR A 538 54.06 38.50 3.46
C THR A 538 53.55 38.76 2.03
N GLY A 539 54.05 39.84 1.44
CA GLY A 539 53.51 40.36 0.18
C GLY A 539 53.58 39.37 -0.99
N ARG A 540 54.72 38.69 -1.11
CA ARG A 540 54.95 37.80 -2.25
C ARG A 540 54.18 36.49 -2.08
N TYR A 541 53.83 36.15 -0.84
CA TYR A 541 53.06 34.94 -0.62
C TYR A 541 51.58 35.18 -0.93
N LEU A 542 51.11 36.43 -0.82
CA LEU A 542 49.77 36.76 -1.28
C LEU A 542 49.66 36.71 -2.81
N VAL A 543 50.78 36.91 -3.52
CA VAL A 543 50.83 36.67 -4.95
C VAL A 543 50.62 35.19 -5.27
N LEU A 544 51.41 34.35 -4.58
CA LEU A 544 51.34 32.90 -4.75
C LEU A 544 49.95 32.37 -4.42
N TYR A 545 49.29 32.95 -3.40
CA TYR A 545 47.92 32.57 -3.07
C TYR A 545 46.98 32.78 -4.25
N LEU A 546 47.13 33.94 -4.91
CA LEU A 546 46.26 34.32 -6.01
C LEU A 546 46.47 33.38 -7.21
N ILE A 547 47.72 32.99 -7.45
CA ILE A 547 48.03 32.08 -8.56
C ILE A 547 47.36 30.73 -8.31
N ILE A 548 47.43 30.27 -7.06
CA ILE A 548 46.77 29.03 -6.67
C ILE A 548 45.26 29.12 -6.93
N VAL A 549 44.63 30.23 -6.51
CA VAL A 549 43.18 30.40 -6.69
C VAL A 549 42.78 30.40 -8.15
N VAL A 550 43.56 31.11 -8.98
CA VAL A 550 43.31 31.15 -10.41
C VAL A 550 43.52 29.76 -11.02
N GLY A 551 44.67 29.14 -10.70
CA GLY A 551 44.96 27.77 -11.10
C GLY A 551 43.87 26.77 -10.69
N MET A 552 43.32 26.96 -9.48
CA MET A 552 42.24 26.11 -9.00
C MET A 552 41.04 26.29 -9.92
N ALA A 553 40.62 27.55 -10.11
CA ALA A 553 39.51 27.89 -10.99
C ALA A 553 39.68 27.30 -12.39
N TYR A 554 40.88 27.43 -12.96
CA TYR A 554 41.17 26.87 -14.26
C TYR A 554 40.90 25.37 -14.31
N LEU A 555 41.55 24.62 -13.42
CA LEU A 555 41.43 23.17 -13.39
C LEU A 555 39.98 22.71 -13.17
N PHE A 556 39.24 23.47 -12.35
CA PHE A 556 37.87 23.14 -12.02
C PHE A 556 36.97 23.14 -13.26
N VAL A 557 36.98 24.25 -14.01
CA VAL A 557 36.11 24.39 -15.17
C VAL A 557 36.39 23.36 -16.27
N ARG A 558 37.63 22.88 -16.35
CA ARG A 558 38.02 21.90 -17.36
C ARG A 558 37.78 20.44 -16.96
N LEU A 559 37.46 20.20 -15.69
CA LEU A 559 37.10 18.87 -15.24
C LEU A 559 35.70 18.51 -15.76
N PRO A 560 35.56 17.41 -16.55
CA PRO A 560 34.23 16.98 -16.98
C PRO A 560 33.34 16.56 -15.81
N SER A 561 32.05 16.88 -15.92
CA SER A 561 31.11 16.73 -14.82
C SER A 561 29.96 15.81 -15.20
N CYS A 562 29.94 14.59 -14.63
CA CYS A 562 28.72 13.80 -14.52
C CYS A 562 28.64 13.22 -13.11
N PHE A 563 27.45 12.82 -12.67
CA PHE A 563 27.25 12.60 -11.25
C PHE A 563 27.69 11.22 -10.79
N LEU A 564 27.06 10.19 -11.36
CA LEU A 564 27.39 8.83 -11.00
C LEU A 564 28.17 8.17 -12.14
N PRO A 565 29.38 7.64 -11.86
CA PRO A 565 30.09 6.86 -12.87
C PRO A 565 29.33 5.60 -13.24
N ASP A 566 29.58 5.08 -14.44
CA ASP A 566 29.38 3.66 -14.71
C ASP A 566 30.50 2.91 -14.00
N GLU A 567 30.16 1.77 -13.40
CA GLU A 567 31.17 0.88 -12.86
C GLU A 567 31.13 -0.42 -13.68
N ASP A 568 32.24 -1.15 -13.64
CA ASP A 568 32.30 -2.52 -14.09
C ASP A 568 31.61 -3.38 -13.04
N GLN A 569 30.37 -3.77 -13.32
CA GLN A 569 29.60 -4.63 -12.43
C GLN A 569 29.79 -6.13 -12.71
N GLY A 570 30.70 -6.46 -13.63
CA GLY A 570 31.02 -7.84 -13.97
C GLY A 570 30.03 -8.49 -14.93
N VAL A 571 29.08 -7.72 -15.43
CA VAL A 571 28.09 -8.23 -16.36
C VAL A 571 27.71 -7.12 -17.33
N PHE A 572 27.15 -7.51 -18.48
CA PHE A 572 26.63 -6.56 -19.44
C PHE A 572 25.72 -7.30 -20.41
N MET A 573 25.16 -6.55 -21.36
CA MET A 573 24.22 -7.08 -22.33
C MET A 573 24.68 -6.71 -23.74
N THR A 574 24.30 -7.56 -24.69
CA THR A 574 24.49 -7.31 -26.10
C THR A 574 23.10 -7.36 -26.74
N MET A 575 22.75 -6.31 -27.49
CA MET A 575 21.45 -6.25 -28.13
C MET A 575 21.66 -6.64 -29.59
N VAL A 576 20.67 -7.34 -30.13
CA VAL A 576 20.71 -7.77 -31.51
C VAL A 576 19.40 -7.40 -32.19
N GLN A 577 19.50 -6.62 -33.26
CA GLN A 577 18.35 -6.23 -34.03
C GLN A 577 18.64 -6.49 -35.51
N LEU A 578 17.78 -7.29 -36.14
CA LEU A 578 17.96 -7.57 -37.56
C LEU A 578 16.95 -6.75 -38.36
N PRO A 579 17.17 -6.62 -39.68
CA PRO A 579 16.27 -5.84 -40.52
C PRO A 579 14.81 -6.26 -40.43
N ALA A 580 13.99 -5.44 -41.09
CA ALA A 580 12.60 -5.71 -41.32
C ALA A 580 12.40 -7.08 -41.98
N GLY A 581 11.55 -7.91 -41.38
CA GLY A 581 11.11 -9.16 -41.98
C GLY A 581 12.05 -10.36 -41.80
N ALA A 582 13.13 -10.16 -41.03
CA ALA A 582 14.13 -11.20 -40.82
C ALA A 582 13.59 -12.32 -39.95
N THR A 583 14.04 -13.55 -40.24
CA THR A 583 13.52 -14.72 -39.56
C THR A 583 14.28 -15.11 -38.30
N GLN A 584 13.64 -15.99 -37.51
CA GLN A 584 14.25 -16.59 -36.35
C GLN A 584 15.59 -17.25 -36.71
N GLU A 585 15.62 -17.94 -37.86
CA GLU A 585 16.81 -18.66 -38.27
C GLU A 585 17.99 -17.71 -38.48
N ARG A 586 17.73 -16.57 -39.14
CA ARG A 586 18.76 -15.56 -39.38
C ARG A 586 19.22 -14.90 -38.08
N THR A 587 18.28 -14.60 -37.18
CA THR A 587 18.67 -14.02 -35.90
C THR A 587 19.59 -14.98 -35.17
N GLN A 588 19.29 -16.29 -35.23
CA GLN A 588 20.12 -17.31 -34.63
C GLN A 588 21.52 -17.36 -35.23
N LYS A 589 21.62 -17.15 -36.54
CA LYS A 589 22.93 -17.04 -37.16
C LYS A 589 23.73 -15.93 -36.48
N VAL A 590 23.09 -14.79 -36.25
CA VAL A 590 23.79 -13.63 -35.72
C VAL A 590 24.19 -13.89 -34.28
N LEU A 591 23.24 -14.39 -33.49
CA LEU A 591 23.51 -14.78 -32.11
C LEU A 591 24.65 -15.79 -31.96
N ASN A 592 24.76 -16.73 -32.90
CA ASN A 592 25.90 -17.65 -32.93
C ASN A 592 27.21 -16.90 -33.12
N GLU A 593 27.22 -15.95 -34.04
CA GLU A 593 28.40 -15.13 -34.24
C GLU A 593 28.77 -14.34 -32.99
N VAL A 594 27.75 -13.80 -32.30
CA VAL A 594 27.95 -13.04 -31.08
C VAL A 594 28.52 -13.96 -30.01
N THR A 595 27.90 -15.14 -29.85
CA THR A 595 28.34 -16.10 -28.85
C THR A 595 29.76 -16.57 -29.13
N HIS A 596 30.05 -16.80 -30.42
CA HIS A 596 31.36 -17.24 -30.88
C HIS A 596 32.44 -16.26 -30.47
N TYR A 597 32.17 -14.97 -30.70
CA TYR A 597 33.12 -13.91 -30.40
C TYR A 597 33.55 -13.99 -28.94
N TYR A 598 32.56 -14.08 -28.06
CA TYR A 598 32.82 -14.08 -26.63
C TYR A 598 33.53 -15.36 -26.16
N LEU A 599 33.19 -16.50 -26.78
CA LEU A 599 33.77 -17.77 -26.37
C LEU A 599 35.17 -17.98 -26.93
N THR A 600 35.52 -17.30 -28.03
CA THR A 600 36.85 -17.43 -28.61
C THR A 600 37.75 -16.21 -28.36
N LYS A 601 37.33 -15.03 -28.80
CA LYS A 601 38.14 -13.84 -28.65
C LYS A 601 38.18 -13.27 -27.23
N GLU A 602 37.16 -13.50 -26.40
CA GLU A 602 37.19 -12.97 -25.05
C GLU A 602 37.26 -14.05 -23.97
N LYS A 603 38.00 -15.13 -24.28
CA LYS A 603 38.25 -16.24 -23.39
C LYS A 603 38.67 -15.90 -21.96
N ASN A 604 39.57 -14.92 -21.85
CA ASN A 604 40.14 -14.60 -20.54
C ASN A 604 39.24 -13.71 -19.69
N ASN A 605 38.24 -13.08 -20.33
CA ASN A 605 37.39 -12.13 -19.65
C ASN A 605 35.95 -12.60 -19.48
N VAL A 606 35.41 -13.37 -20.45
CA VAL A 606 34.02 -13.77 -20.31
C VAL A 606 33.90 -15.19 -19.75
N GLU A 607 33.07 -15.30 -18.72
CA GLU A 607 32.76 -16.56 -18.06
C GLU A 607 31.63 -17.22 -18.83
N SER A 608 30.53 -16.51 -19.06
CA SER A 608 29.40 -17.12 -19.73
C SER A 608 28.60 -16.15 -20.63
N VAL A 609 27.89 -16.76 -21.59
CA VAL A 609 26.97 -16.06 -22.48
C VAL A 609 25.63 -16.77 -22.38
N PHE A 610 24.58 -16.07 -21.95
CA PHE A 610 23.23 -16.60 -22.02
C PHE A 610 22.51 -15.85 -23.13
N ALA A 611 22.34 -16.52 -24.27
CA ALA A 611 21.79 -15.86 -25.44
C ALA A 611 20.34 -16.25 -25.66
N VAL A 612 19.49 -15.26 -25.94
CA VAL A 612 18.09 -15.51 -26.20
C VAL A 612 17.67 -14.99 -27.56
N ASN A 613 17.12 -15.89 -28.38
CA ASN A 613 16.54 -15.52 -29.66
C ASN A 613 15.07 -15.18 -29.43
N GLY A 614 14.63 -14.04 -29.98
CA GLY A 614 13.21 -13.67 -29.98
C GLY A 614 12.78 -12.67 -28.90
N PHE A 615 13.76 -12.23 -28.10
CA PHE A 615 13.53 -11.33 -26.98
C PHE A 615 14.52 -10.18 -27.04
N GLY A 616 14.05 -8.98 -26.75
CA GLY A 616 14.93 -7.83 -26.65
C GLY A 616 14.23 -6.75 -25.84
N PHE A 617 14.83 -5.57 -25.79
CA PHE A 617 14.22 -4.43 -25.13
C PHE A 617 13.64 -3.42 -26.12
N ALA A 618 14.16 -3.42 -27.36
CA ALA A 618 13.64 -2.59 -28.46
C ALA A 618 12.47 -3.23 -29.20
N GLY A 619 11.83 -4.24 -28.59
CA GLY A 619 10.77 -5.01 -29.21
C GLY A 619 11.01 -6.52 -29.11
N ARG A 620 9.93 -7.30 -29.20
CA ARG A 620 10.00 -8.74 -29.43
C ARG A 620 9.86 -9.03 -30.93
N GLY A 621 9.88 -10.31 -31.30
CA GLY A 621 9.78 -10.72 -32.69
C GLY A 621 10.94 -11.57 -33.19
N GLN A 622 10.75 -12.19 -34.37
CA GLN A 622 11.73 -13.09 -34.95
C GLN A 622 13.09 -12.45 -35.20
N ASN A 623 13.10 -11.12 -35.33
CA ASN A 623 14.28 -10.42 -35.80
C ASN A 623 15.04 -9.72 -34.68
N THR A 624 14.87 -10.21 -33.45
CA THR A 624 15.52 -9.59 -32.31
C THR A 624 16.07 -10.65 -31.38
N GLY A 625 17.11 -10.28 -30.65
CA GLY A 625 17.61 -11.15 -29.61
C GLY A 625 18.54 -10.38 -28.69
N ILE A 626 19.00 -11.08 -27.66
CA ILE A 626 19.84 -10.47 -26.64
C ILE A 626 20.80 -11.52 -26.13
N ALA A 627 22.01 -11.09 -25.75
CA ALA A 627 22.93 -11.92 -25.03
C ALA A 627 23.27 -11.29 -23.68
N PHE A 628 23.09 -12.06 -22.61
CA PHE A 628 23.56 -11.68 -21.28
C PHE A 628 24.96 -12.26 -21.10
N VAL A 629 25.91 -11.38 -20.79
CA VAL A 629 27.30 -11.77 -20.63
C VAL A 629 27.71 -11.59 -19.17
N SER A 630 28.36 -12.61 -18.60
CA SER A 630 28.92 -12.49 -17.28
C SER A 630 30.42 -12.66 -17.36
N LEU A 631 31.17 -11.81 -16.64
CA LEU A 631 32.61 -11.78 -16.78
C LEU A 631 33.27 -12.61 -15.68
N LYS A 632 34.53 -12.96 -15.91
CA LYS A 632 35.35 -13.58 -14.88
C LYS A 632 35.55 -12.53 -13.80
N ASP A 633 36.05 -12.97 -12.65
CA ASP A 633 36.16 -12.09 -11.51
C ASP A 633 37.13 -10.96 -11.85
N TRP A 634 36.78 -9.77 -11.38
CA TRP A 634 37.61 -8.57 -11.47
C TRP A 634 39.10 -8.88 -11.29
N ALA A 635 39.41 -9.75 -10.33
CA ALA A 635 40.78 -10.14 -10.02
C ALA A 635 41.51 -10.73 -11.23
N ASP A 636 40.78 -11.49 -12.04
CA ASP A 636 41.39 -12.15 -13.19
C ASP A 636 41.29 -11.28 -14.43
N ARG A 637 40.89 -10.01 -14.25
CA ARG A 637 40.74 -9.07 -15.35
C ARG A 637 41.54 -7.80 -15.10
N PRO A 638 42.87 -7.89 -14.90
CA PRO A 638 43.68 -6.73 -14.61
C PRO A 638 43.77 -5.76 -15.79
N GLY A 639 43.73 -4.46 -15.51
CA GLY A 639 43.98 -3.44 -16.51
C GLY A 639 42.71 -2.95 -17.20
N GLU A 640 42.77 -1.71 -17.69
CA GLU A 640 41.62 -1.05 -18.27
C GLU A 640 41.06 -1.79 -19.48
N GLU A 641 41.96 -2.42 -20.24
CA GLU A 641 41.59 -3.16 -21.44
C GLU A 641 40.75 -4.41 -21.17
N ASN A 642 40.75 -4.89 -19.92
CA ASN A 642 39.92 -6.02 -19.53
C ASN A 642 38.73 -5.64 -18.66
N LYS A 643 38.32 -4.37 -18.74
CA LYS A 643 37.16 -3.87 -18.02
C LYS A 643 36.00 -3.69 -19.00
N VAL A 644 34.78 -3.66 -18.47
CA VAL A 644 33.59 -3.76 -19.30
C VAL A 644 33.54 -2.70 -20.40
N GLU A 645 34.09 -1.51 -20.13
CA GLU A 645 34.05 -0.44 -21.11
C GLU A 645 34.86 -0.80 -22.35
N ALA A 646 36.11 -1.26 -22.16
CA ALA A 646 36.96 -1.68 -23.27
C ALA A 646 36.37 -2.90 -23.97
N ILE A 647 35.83 -3.83 -23.18
CA ILE A 647 35.31 -5.07 -23.70
C ILE A 647 34.13 -4.81 -24.61
N THR A 648 33.21 -3.97 -24.14
CA THR A 648 32.03 -3.63 -24.92
C THR A 648 32.42 -2.84 -26.16
N MET A 649 33.48 -2.04 -26.06
CA MET A 649 33.95 -1.25 -27.18
C MET A 649 34.50 -2.20 -28.25
N ARG A 650 35.40 -3.11 -27.86
CA ARG A 650 35.94 -4.09 -28.79
C ARG A 650 34.84 -4.99 -29.35
N ALA A 651 33.95 -5.47 -28.49
CA ALA A 651 32.85 -6.28 -28.97
C ALA A 651 32.07 -5.53 -30.04
N THR A 652 31.65 -4.30 -29.75
CA THR A 652 30.82 -3.54 -30.68
C THR A 652 31.55 -3.31 -32.00
N ARG A 653 32.84 -3.00 -31.91
CA ARG A 653 33.66 -2.78 -33.09
C ARG A 653 33.66 -4.04 -33.95
N ALA A 654 34.02 -5.17 -33.34
CA ALA A 654 33.97 -6.47 -34.01
C ALA A 654 32.61 -6.74 -34.65
N PHE A 655 31.51 -6.52 -33.92
CA PHE A 655 30.20 -6.88 -34.41
C PHE A 655 29.69 -6.02 -35.57
N SER A 656 30.38 -4.92 -35.87
CA SER A 656 30.02 -4.12 -37.04
C SER A 656 30.33 -4.89 -38.33
N GLN A 657 31.27 -5.83 -38.26
CA GLN A 657 31.55 -6.72 -39.38
C GLN A 657 30.47 -7.78 -39.59
N ILE A 658 29.47 -7.86 -38.71
CA ILE A 658 28.40 -8.82 -38.90
C ILE A 658 27.42 -8.27 -39.93
N LYS A 659 27.03 -9.14 -40.88
CA LYS A 659 26.27 -8.76 -42.06
C LYS A 659 24.78 -8.56 -41.76
N ASP A 660 24.25 -7.40 -42.17
CA ASP A 660 22.83 -7.08 -42.08
C ASP A 660 22.26 -7.34 -40.69
N ALA A 661 22.83 -6.64 -39.69
CA ALA A 661 22.27 -6.63 -38.34
C ALA A 661 22.89 -5.52 -37.50
N MET A 662 22.10 -4.97 -36.59
CA MET A 662 22.59 -3.96 -35.67
C MET A 662 22.90 -4.67 -34.34
N VAL A 663 24.18 -4.69 -33.96
CA VAL A 663 24.59 -5.43 -32.77
C VAL A 663 25.45 -4.54 -31.88
N PHE A 664 25.02 -4.37 -30.62
CA PHE A 664 25.62 -3.37 -29.76
C PHE A 664 25.80 -3.93 -28.36
N ALA A 665 27.03 -3.87 -27.86
CA ALA A 665 27.29 -4.15 -26.46
C ALA A 665 27.45 -2.81 -25.80
N PHE A 666 26.79 -2.64 -24.66
CA PHE A 666 26.95 -1.46 -23.83
C PHE A 666 27.09 -1.86 -22.37
N ASN A 667 27.79 -1.02 -21.59
CA ASN A 667 27.79 -1.16 -20.14
C ASN A 667 26.39 -0.87 -19.61
N LEU A 668 26.10 -1.37 -18.39
CA LEU A 668 24.88 -1.06 -17.70
C LEU A 668 24.92 0.40 -17.26
N PRO A 669 23.74 1.05 -17.07
CA PRO A 669 23.68 2.30 -16.33
C PRO A 669 24.06 2.15 -14.87
N ALA A 670 24.47 3.27 -14.27
CA ALA A 670 24.79 3.34 -12.86
C ALA A 670 23.62 2.85 -12.01
N ILE A 671 22.38 3.24 -12.39
CA ILE A 671 21.17 2.78 -11.73
C ILE A 671 20.50 1.63 -12.49
N VAL A 672 20.84 0.40 -12.08
CA VAL A 672 20.58 -0.81 -12.84
C VAL A 672 19.09 -1.10 -12.96
N GLU A 673 18.30 -0.59 -12.01
CA GLU A 673 16.85 -0.72 -12.06
C GLU A 673 16.19 0.10 -13.17
N LEU A 674 16.89 1.12 -13.68
CA LEU A 674 16.34 1.99 -14.71
C LEU A 674 17.22 2.05 -15.96
N GLY A 675 16.83 1.27 -16.98
CA GLY A 675 17.51 1.27 -18.26
C GLY A 675 18.27 -0.03 -18.50
N THR A 676 18.85 -0.16 -19.70
CA THR A 676 19.66 -1.32 -20.05
C THR A 676 21.03 -0.95 -20.61
N ALA A 677 21.13 0.25 -21.17
CA ALA A 677 22.40 0.85 -21.58
C ALA A 677 22.68 2.14 -20.84
N THR A 678 23.97 2.48 -20.73
CA THR A 678 24.42 3.80 -20.35
C THR A 678 23.86 4.88 -21.28
N GLY A 679 23.88 6.12 -20.80
CA GLY A 679 23.54 7.26 -21.64
C GLY A 679 22.13 7.79 -21.37
N PHE A 680 21.61 8.54 -22.34
CA PHE A 680 20.39 9.31 -22.19
C PHE A 680 19.21 8.63 -22.89
N ASP A 681 18.00 9.03 -22.51
CA ASP A 681 16.76 8.41 -22.97
C ASP A 681 15.73 9.46 -23.40
N PHE A 682 15.66 9.70 -24.71
CA PHE A 682 14.95 10.82 -25.30
C PHE A 682 13.68 10.30 -25.99
N GLU A 683 12.65 11.15 -26.15
CA GLU A 683 11.40 10.76 -26.78
C GLU A 683 11.01 11.82 -27.79
N LEU A 684 10.66 11.38 -29.00
CA LEU A 684 10.06 12.27 -29.97
C LEU A 684 8.56 12.02 -29.98
N ILE A 685 7.79 13.09 -30.05
CA ILE A 685 6.34 12.96 -30.02
C ILE A 685 5.63 13.66 -31.16
N ASP A 686 4.68 12.94 -31.78
CA ASP A 686 3.77 13.54 -32.74
C ASP A 686 2.65 14.24 -31.99
N GLN A 687 2.70 15.58 -31.95
CA GLN A 687 1.74 16.36 -31.16
C GLN A 687 0.56 16.93 -31.95
N ALA A 688 0.54 16.67 -33.26
CA ALA A 688 -0.31 17.37 -34.20
C ALA A 688 -1.03 16.45 -35.19
N GLY A 689 -1.20 15.17 -34.86
CA GLY A 689 -1.74 14.18 -35.78
C GLY A 689 -1.02 14.12 -37.13
N LEU A 690 0.29 14.43 -37.13
CA LEU A 690 1.12 14.34 -38.31
C LEU A 690 1.11 12.95 -38.98
N GLY A 691 1.13 11.91 -38.14
CA GLY A 691 1.08 10.52 -38.57
C GLY A 691 2.43 9.81 -38.48
N HIS A 692 2.34 8.47 -38.57
CA HIS A 692 3.48 7.58 -38.46
C HIS A 692 4.62 7.86 -39.44
N GLU A 693 4.28 8.10 -40.69
CA GLU A 693 5.27 8.34 -41.74
C GLU A 693 6.06 9.62 -41.44
N LYS A 694 5.33 10.71 -41.16
CA LYS A 694 5.97 12.00 -40.90
C LYS A 694 6.84 11.94 -39.66
N LEU A 695 6.44 11.10 -38.69
CA LEU A 695 7.20 10.99 -37.47
C LEU A 695 8.51 10.22 -37.70
N THR A 696 8.45 9.17 -38.53
CA THR A 696 9.66 8.44 -38.89
C THR A 696 10.69 9.34 -39.60
N GLN A 697 10.20 10.17 -40.55
CA GLN A 697 11.08 11.08 -41.27
C GLN A 697 11.80 12.05 -40.34
N ALA A 698 11.05 12.57 -39.36
CA ALA A 698 11.58 13.52 -38.40
C ALA A 698 12.62 12.83 -37.51
N ARG A 699 12.38 11.56 -37.22
CA ARG A 699 13.34 10.78 -36.44
C ARG A 699 14.66 10.67 -37.21
N ASN A 700 14.55 10.33 -38.49
CA ASN A 700 15.71 10.20 -39.35
C ASN A 700 16.48 11.52 -39.43
N GLN A 701 15.74 12.62 -39.53
CA GLN A 701 16.31 13.95 -39.55
C GLN A 701 17.21 14.19 -38.35
N LEU A 702 16.70 13.84 -37.15
CA LEU A 702 17.42 14.05 -35.91
C LEU A 702 18.61 13.10 -35.78
N LEU A 703 18.43 11.82 -36.16
CA LEU A 703 19.52 10.86 -36.08
C LEU A 703 20.67 11.23 -37.01
N ALA A 704 20.33 11.74 -38.21
CA ALA A 704 21.30 12.20 -39.18
C ALA A 704 22.07 13.43 -38.72
N GLU A 705 21.35 14.37 -38.10
CA GLU A 705 21.98 15.54 -37.50
C GLU A 705 22.84 15.18 -36.28
N ALA A 706 22.43 14.15 -35.53
CA ALA A 706 23.19 13.74 -34.35
C ALA A 706 24.52 13.12 -34.76
N ALA A 707 24.50 12.37 -35.87
CA ALA A 707 25.69 11.71 -36.39
C ALA A 707 26.74 12.70 -36.86
N LYS A 708 26.33 13.93 -37.21
CA LYS A 708 27.25 14.99 -37.60
C LYS A 708 27.97 15.66 -36.41
N HIS A 709 27.68 15.21 -35.18
CA HIS A 709 28.35 15.75 -34.01
C HIS A 709 29.00 14.64 -33.16
N PRO A 710 29.96 13.85 -33.72
CA PRO A 710 30.57 12.75 -32.98
C PRO A 710 31.44 13.18 -31.80
N ASP A 711 31.80 14.47 -31.77
CA ASP A 711 32.53 15.08 -30.68
C ASP A 711 31.70 15.25 -29.40
N MET A 712 30.36 15.22 -29.56
CA MET A 712 29.44 15.43 -28.45
C MET A 712 28.51 14.25 -28.20
N LEU A 713 28.04 13.61 -29.29
CA LEU A 713 27.09 12.51 -29.20
C LEU A 713 27.65 11.23 -29.79
N THR A 714 27.50 10.12 -29.05
CA THR A 714 27.91 8.78 -29.44
C THR A 714 26.70 7.84 -29.47
N SER A 715 26.63 6.97 -30.49
CA SER A 715 25.64 5.91 -30.58
C SER A 715 24.17 6.33 -30.48
N VAL A 716 23.85 7.45 -31.13
CA VAL A 716 22.49 7.96 -31.16
C VAL A 716 21.67 7.08 -32.10
N ARG A 717 20.69 6.36 -31.53
CA ARG A 717 19.99 5.30 -32.24
C ARG A 717 18.54 5.25 -31.82
N PRO A 718 17.61 4.81 -32.71
CA PRO A 718 16.22 4.58 -32.30
C PRO A 718 16.11 3.30 -31.49
N ASN A 719 15.16 3.31 -30.55
CA ASN A 719 14.89 2.13 -29.75
C ASN A 719 13.54 1.61 -30.21
N GLY A 720 13.49 1.24 -31.50
CA GLY A 720 12.24 1.02 -32.22
C GLY A 720 12.50 0.22 -33.49
N LEU A 721 11.44 -0.11 -34.22
CA LEU A 721 11.52 -1.01 -35.36
C LEU A 721 11.03 -0.29 -36.60
N GLU A 722 11.55 -0.71 -37.75
CA GLU A 722 11.22 -0.09 -39.02
C GLU A 722 10.02 -0.78 -39.62
N ASP A 723 9.30 -0.06 -40.49
CA ASP A 723 8.18 -0.62 -41.22
C ASP A 723 8.62 -1.80 -42.08
N THR A 724 7.75 -2.80 -42.21
CA THR A 724 8.03 -4.02 -42.94
C THR A 724 6.85 -4.35 -43.84
N PRO A 725 7.07 -5.13 -44.93
CA PRO A 725 5.99 -5.67 -45.73
C PRO A 725 5.01 -6.51 -44.93
N GLN A 726 3.72 -6.29 -45.21
CA GLN A 726 2.67 -7.11 -44.65
C GLN A 726 1.65 -7.45 -45.72
N PHE A 727 0.92 -8.53 -45.46
CA PHE A 727 0.07 -9.18 -46.44
C PHE A 727 -1.35 -8.79 -46.09
N LYS A 728 -1.89 -7.86 -46.89
CA LYS A 728 -3.25 -7.36 -46.72
C LYS A 728 -4.22 -8.24 -47.48
N ILE A 729 -5.18 -8.85 -46.76
CA ILE A 729 -6.18 -9.68 -47.38
C ILE A 729 -7.54 -9.05 -47.10
N ASP A 730 -8.29 -8.82 -48.19
CA ASP A 730 -9.62 -8.24 -48.14
C ASP A 730 -10.68 -9.33 -48.35
N ILE A 731 -11.54 -9.51 -47.36
CA ILE A 731 -12.68 -10.40 -47.49
C ILE A 731 -13.75 -9.69 -48.29
N ASP A 732 -14.24 -10.34 -49.33
CA ASP A 732 -15.29 -9.73 -50.14
C ASP A 732 -16.63 -10.11 -49.54
N GLN A 733 -17.31 -9.12 -48.95
CA GLN A 733 -18.52 -9.38 -48.19
C GLN A 733 -19.64 -9.90 -49.08
N GLU A 734 -19.79 -9.29 -50.25
CA GLU A 734 -20.84 -9.66 -51.17
C GLU A 734 -20.71 -11.12 -51.61
N LYS A 735 -19.51 -11.52 -52.04
CA LYS A 735 -19.30 -12.89 -52.49
C LYS A 735 -19.53 -13.89 -51.35
N ALA A 736 -19.08 -13.54 -50.15
CA ALA A 736 -19.32 -14.40 -49.00
C ALA A 736 -20.81 -14.64 -48.77
N GLN A 737 -21.59 -13.55 -48.78
CA GLN A 737 -23.03 -13.63 -48.60
C GLN A 737 -23.66 -14.46 -49.73
N ALA A 738 -23.18 -14.25 -50.96
CA ALA A 738 -23.71 -14.98 -52.10
C ALA A 738 -23.45 -16.48 -51.97
N LEU A 739 -22.29 -16.84 -51.40
CA LEU A 739 -21.92 -18.23 -51.26
C LEU A 739 -22.48 -18.86 -50.00
N GLY A 740 -23.03 -18.03 -49.10
CA GLY A 740 -23.53 -18.50 -47.82
C GLY A 740 -22.44 -18.92 -46.83
N VAL A 741 -21.33 -18.16 -46.82
CA VAL A 741 -20.25 -18.42 -45.92
C VAL A 741 -20.20 -17.24 -44.97
N SER A 742 -20.21 -17.57 -43.67
CA SER A 742 -20.26 -16.57 -42.63
C SER A 742 -18.89 -15.97 -42.35
N ILE A 743 -18.90 -14.67 -42.05
CA ILE A 743 -17.68 -13.94 -41.78
C ILE A 743 -16.98 -14.49 -40.54
N ASN A 744 -17.75 -15.00 -39.56
CA ASN A 744 -17.13 -15.54 -38.37
C ASN A 744 -16.32 -16.79 -38.69
N ASP A 745 -16.88 -17.66 -39.52
CA ASP A 745 -16.16 -18.85 -39.96
C ASP A 745 -14.91 -18.49 -40.74
N ILE A 746 -15.00 -17.47 -41.61
CA ILE A 746 -13.87 -17.02 -42.40
C ILE A 746 -12.76 -16.57 -41.45
N ASN A 747 -13.11 -15.65 -40.56
CA ASN A 747 -12.13 -15.08 -39.66
C ASN A 747 -11.55 -16.05 -38.64
N THR A 748 -12.37 -17.00 -38.16
CA THR A 748 -11.87 -18.02 -37.25
C THR A 748 -10.91 -18.92 -38.00
N THR A 749 -11.33 -19.34 -39.19
CA THR A 749 -10.52 -20.23 -40.01
C THR A 749 -9.17 -19.58 -40.32
N LEU A 750 -9.19 -18.30 -40.69
CA LEU A 750 -7.97 -17.61 -41.06
C LEU A 750 -7.11 -17.47 -39.82
N GLY A 751 -7.70 -16.97 -38.73
CA GLY A 751 -6.95 -16.68 -37.53
C GLY A 751 -6.47 -17.94 -36.82
N ALA A 752 -7.33 -18.96 -36.78
CA ALA A 752 -6.96 -20.17 -36.08
C ALA A 752 -5.79 -20.82 -36.81
N ALA A 753 -5.88 -20.90 -38.14
CA ALA A 753 -4.86 -21.58 -38.91
C ALA A 753 -3.55 -20.83 -38.92
N TRP A 754 -3.59 -19.53 -39.20
CA TRP A 754 -2.37 -18.78 -39.43
C TRP A 754 -1.81 -18.12 -38.17
N GLY A 755 -2.67 -17.88 -37.20
CA GLY A 755 -2.30 -17.17 -35.98
C GLY A 755 -2.30 -18.06 -34.75
N GLY A 756 -3.08 -19.14 -34.80
CA GLY A 756 -3.29 -19.99 -33.65
C GLY A 756 -4.42 -19.49 -32.75
N SER A 757 -5.03 -20.43 -32.00
CA SER A 757 -6.16 -20.15 -31.13
C SER A 757 -6.14 -21.01 -29.87
N TYR A 758 -6.24 -20.31 -28.74
CA TYR A 758 -6.29 -20.88 -27.41
C TYR A 758 -7.70 -21.40 -27.21
N VAL A 759 -7.89 -22.72 -27.21
CA VAL A 759 -9.22 -23.28 -27.11
C VAL A 759 -9.70 -23.41 -25.68
N ASN A 760 -8.93 -24.14 -24.86
CA ASN A 760 -9.28 -24.36 -23.46
C ASN A 760 -8.09 -25.03 -22.79
N ASP A 761 -8.29 -25.47 -21.54
CA ASP A 761 -7.20 -26.07 -20.77
C ASP A 761 -7.27 -27.59 -20.70
N PHE A 762 -6.15 -28.23 -20.38
CA PHE A 762 -6.10 -29.66 -20.16
C PHE A 762 -5.13 -29.91 -19.00
N ILE A 763 -4.94 -31.16 -18.62
CA ILE A 763 -4.09 -31.45 -17.47
C ILE A 763 -2.91 -32.32 -17.88
N ASP A 764 -1.73 -31.72 -17.80
CA ASP A 764 -0.49 -32.38 -18.17
C ASP A 764 0.23 -32.72 -16.89
N ARG A 765 0.32 -34.04 -16.61
CA ARG A 765 0.96 -34.56 -15.41
C ARG A 765 0.57 -33.75 -14.17
N GLY A 766 -0.73 -33.52 -14.00
CA GLY A 766 -1.24 -32.87 -12.81
C GLY A 766 -1.36 -31.35 -12.82
N ARG A 767 -0.84 -30.70 -13.85
CA ARG A 767 -0.84 -29.24 -13.91
C ARG A 767 -1.68 -28.76 -15.09
N VAL A 768 -2.57 -27.79 -14.82
CA VAL A 768 -3.39 -27.21 -15.87
C VAL A 768 -2.51 -26.45 -16.83
N LYS A 769 -2.73 -26.71 -18.13
CA LYS A 769 -1.99 -26.07 -19.21
C LYS A 769 -2.93 -25.84 -20.40
N LYS A 770 -2.45 -25.16 -21.43
CA LYS A 770 -3.32 -24.74 -22.51
C LYS A 770 -3.36 -25.69 -23.69
N VAL A 771 -4.46 -25.57 -24.45
CA VAL A 771 -4.67 -26.28 -25.71
C VAL A 771 -4.73 -25.25 -26.84
N TYR A 772 -3.84 -25.40 -27.83
CA TYR A 772 -3.77 -24.54 -28.99
C TYR A 772 -4.06 -25.32 -30.27
N VAL A 773 -4.94 -24.79 -31.10
CA VAL A 773 -5.15 -25.25 -32.47
C VAL A 773 -4.46 -24.25 -33.39
N MET A 774 -3.78 -24.77 -34.41
CA MET A 774 -3.09 -23.94 -35.38
C MET A 774 -2.76 -24.80 -36.59
N SER A 775 -2.55 -24.16 -37.75
CA SER A 775 -2.06 -24.89 -38.90
C SER A 775 -0.69 -25.50 -38.66
N GLU A 776 -0.52 -26.72 -39.16
CA GLU A 776 0.83 -27.27 -39.27
C GLU A 776 1.67 -26.30 -40.10
N ALA A 777 2.95 -26.13 -39.73
CA ALA A 777 3.79 -25.10 -40.33
C ALA A 777 3.75 -25.06 -41.85
N LYS A 778 3.85 -26.24 -42.52
CA LYS A 778 4.02 -26.26 -43.97
C LYS A 778 2.80 -25.70 -44.72
N TYR A 779 1.68 -25.50 -44.01
CA TYR A 779 0.47 -24.99 -44.62
C TYR A 779 0.18 -23.54 -44.31
N ARG A 780 1.17 -22.85 -43.70
CA ARG A 780 1.03 -21.44 -43.33
C ARG A 780 2.34 -20.68 -43.51
N MET A 781 3.07 -21.01 -44.58
CA MET A 781 4.37 -20.45 -44.88
C MET A 781 4.36 -19.50 -46.07
N LEU A 782 3.54 -19.81 -47.08
CA LEU A 782 3.54 -19.08 -48.34
C LEU A 782 2.17 -18.46 -48.67
N PRO A 783 2.15 -17.32 -49.39
CA PRO A 783 0.90 -16.70 -49.82
C PRO A 783 -0.07 -17.63 -50.54
N ASP A 784 0.44 -18.51 -51.40
CA ASP A 784 -0.40 -19.46 -52.10
C ASP A 784 -1.10 -20.46 -51.19
N ASP A 785 -0.67 -20.59 -49.94
CA ASP A 785 -1.28 -21.53 -49.02
C ASP A 785 -2.65 -21.03 -48.59
N ILE A 786 -2.86 -19.70 -48.63
CA ILE A 786 -4.16 -19.12 -48.31
C ILE A 786 -5.30 -19.84 -49.01
N GLY A 787 -5.09 -20.19 -50.28
CA GLY A 787 -6.15 -20.75 -51.10
C GLY A 787 -6.44 -22.22 -50.84
N ASP A 788 -5.56 -22.87 -50.08
CA ASP A 788 -5.76 -24.26 -49.69
C ASP A 788 -6.65 -24.41 -48.46
N TRP A 789 -7.02 -23.30 -47.82
CA TRP A 789 -7.95 -23.34 -46.69
C TRP A 789 -9.41 -23.17 -47.13
N TYR A 790 -10.26 -24.13 -46.72
CA TYR A 790 -11.66 -24.15 -47.13
C TYR A 790 -12.57 -23.82 -45.94
N VAL A 791 -13.69 -23.15 -46.24
CA VAL A 791 -14.70 -22.86 -45.25
C VAL A 791 -16.00 -23.50 -45.73
N ARG A 792 -16.81 -23.99 -44.81
CA ARG A 792 -18.04 -24.68 -45.19
C ARG A 792 -19.16 -23.64 -45.23
N ALA A 793 -19.91 -23.64 -46.34
CA ALA A 793 -21.04 -22.74 -46.50
C ALA A 793 -22.28 -23.33 -45.84
N ALA A 794 -23.32 -22.51 -45.69
CA ALA A 794 -24.58 -22.96 -45.13
C ALA A 794 -25.16 -24.17 -45.87
N ASP A 795 -24.96 -24.22 -47.18
CA ASP A 795 -25.46 -25.31 -47.98
C ASP A 795 -24.54 -26.54 -48.00
N GLY A 796 -23.50 -26.54 -47.16
CA GLY A 796 -22.65 -27.72 -47.01
C GLY A 796 -21.46 -27.83 -47.97
N GLN A 797 -21.38 -26.92 -48.95
CA GLN A 797 -20.26 -26.87 -49.88
C GLN A 797 -19.01 -26.26 -49.25
N MET A 798 -17.85 -26.79 -49.64
CA MET A 798 -16.58 -26.29 -49.14
C MET A 798 -16.11 -25.21 -50.10
N VAL A 799 -15.79 -24.04 -49.58
CA VAL A 799 -15.42 -22.91 -50.42
C VAL A 799 -13.97 -22.53 -50.09
N PRO A 800 -13.06 -22.46 -51.10
CA PRO A 800 -11.70 -22.01 -50.83
C PRO A 800 -11.64 -20.51 -50.58
N PHE A 801 -10.68 -20.08 -49.74
CA PHE A 801 -10.44 -18.67 -49.48
C PHE A 801 -10.31 -17.81 -50.72
N SER A 802 -9.73 -18.40 -51.77
CA SER A 802 -9.54 -17.73 -53.04
C SER A 802 -10.85 -17.23 -53.66
N ALA A 803 -11.97 -17.89 -53.33
CA ALA A 803 -13.24 -17.52 -53.92
C ALA A 803 -13.84 -16.22 -53.38
N PHE A 804 -13.42 -15.81 -52.18
CA PHE A 804 -14.04 -14.65 -51.57
C PHE A 804 -13.04 -13.67 -50.97
N SER A 805 -11.81 -13.71 -51.47
CA SER A 805 -10.81 -12.80 -50.96
C SER A 805 -9.86 -12.32 -52.06
N SER A 806 -9.12 -11.25 -51.74
CA SER A 806 -8.08 -10.74 -52.62
C SER A 806 -6.99 -10.20 -51.71
N SER A 807 -5.76 -10.17 -52.21
CA SER A 807 -4.62 -9.80 -51.39
C SER A 807 -3.63 -8.90 -52.12
N ARG A 808 -2.82 -8.18 -51.35
CA ARG A 808 -1.81 -7.29 -51.89
C ARG A 808 -0.77 -7.07 -50.79
N TRP A 809 0.46 -6.74 -51.20
CA TRP A 809 1.48 -6.34 -50.25
C TRP A 809 1.33 -4.85 -49.90
N GLU A 810 1.59 -4.51 -48.64
CA GLU A 810 1.64 -3.12 -48.20
C GLU A 810 2.70 -3.03 -47.12
N TYR A 811 3.00 -1.82 -46.65
CA TYR A 811 3.92 -1.64 -45.54
C TYR A 811 3.14 -1.21 -44.29
N GLY A 812 3.57 -1.75 -43.13
CA GLY A 812 3.00 -1.40 -41.83
C GLY A 812 4.07 -1.45 -40.74
N SER A 813 3.76 -0.88 -39.57
CA SER A 813 4.69 -0.91 -38.46
C SER A 813 4.52 -2.20 -37.67
N PRO A 814 5.61 -2.88 -37.30
CA PRO A 814 5.55 -4.00 -36.36
C PRO A 814 5.66 -3.60 -34.90
N ARG A 815 5.90 -2.32 -34.64
CA ARG A 815 5.97 -1.86 -33.27
C ARG A 815 5.63 -0.37 -33.22
N LEU A 816 4.42 -0.10 -32.71
CA LEU A 816 3.88 1.24 -32.55
C LEU A 816 4.11 1.67 -31.10
N GLU A 817 4.72 2.85 -30.92
CA GLU A 817 5.02 3.39 -29.61
C GLU A 817 4.11 4.58 -29.32
N ARG A 818 3.84 4.80 -28.03
CA ARG A 818 3.05 5.94 -27.60
C ARG A 818 3.61 6.51 -26.30
N TYR A 819 3.56 7.83 -26.16
CA TYR A 819 4.04 8.51 -24.98
C TYR A 819 2.99 9.53 -24.57
N ASN A 820 2.58 9.43 -23.30
CA ASN A 820 1.45 10.19 -22.77
C ASN A 820 0.24 10.23 -23.69
N GLY A 821 -0.11 9.06 -24.23
CA GLY A 821 -1.34 8.87 -24.97
C GLY A 821 -1.24 9.20 -26.46
N LEU A 822 -0.08 9.70 -26.91
CA LEU A 822 0.14 10.13 -28.28
C LEU A 822 1.25 9.34 -28.97
N PRO A 823 1.21 9.15 -30.32
CA PRO A 823 2.27 8.46 -31.04
C PRO A 823 3.66 9.03 -30.80
N SER A 824 4.64 8.14 -30.63
CA SER A 824 5.97 8.55 -30.22
C SER A 824 7.06 7.64 -30.80
N MET A 825 8.32 8.13 -30.77
CA MET A 825 9.50 7.32 -31.04
C MET A 825 10.69 7.56 -30.12
N GLU A 826 11.07 6.53 -29.37
CA GLU A 826 12.16 6.63 -28.41
C GLU A 826 13.54 6.58 -29.08
N ILE A 827 14.47 7.39 -28.56
CA ILE A 827 15.83 7.51 -29.07
C ILE A 827 16.86 7.38 -27.94
N LEU A 828 17.84 6.50 -28.10
CA LEU A 828 18.89 6.35 -27.12
C LEU A 828 20.18 6.98 -27.63
N GLY A 829 21.17 7.13 -26.74
CA GLY A 829 22.45 7.75 -27.08
C GLY A 829 23.29 8.03 -25.84
N GLN A 830 24.51 8.54 -26.05
CA GLN A 830 25.49 8.76 -24.99
C GLN A 830 26.29 10.03 -25.23
N ALA A 831 26.84 10.60 -24.15
CA ALA A 831 27.79 11.70 -24.26
C ALA A 831 29.13 11.14 -24.75
N ALA A 832 29.75 11.84 -25.71
CA ALA A 832 31.06 11.45 -26.24
C ALA A 832 32.10 11.44 -25.13
N PRO A 833 33.19 10.63 -25.25
CA PRO A 833 34.22 10.61 -24.22
C PRO A 833 34.75 12.00 -23.89
N GLY A 834 34.77 12.33 -22.59
CA GLY A 834 35.31 13.60 -22.11
C GLY A 834 34.34 14.78 -22.13
N LYS A 835 33.06 14.52 -22.44
CA LYS A 835 32.03 15.54 -22.45
C LYS A 835 31.05 15.27 -21.31
N SER A 836 30.44 16.33 -20.79
CA SER A 836 29.45 16.20 -19.71
C SER A 836 28.08 15.82 -20.27
N CYS A 837 27.35 15.01 -19.49
CA CYS A 837 26.09 14.43 -19.94
C CYS A 837 25.07 15.57 -20.17
N GLY A 838 25.22 16.61 -19.34
CA GLY A 838 24.44 17.84 -19.47
C GLY A 838 24.56 18.46 -20.86
N GLU A 839 25.78 18.67 -21.36
CA GLU A 839 25.96 19.36 -22.62
C GLU A 839 25.50 18.48 -23.78
N ALA A 840 25.64 17.15 -23.67
CA ALA A 840 25.07 16.23 -24.65
C ALA A 840 23.56 16.38 -24.70
N MET A 841 22.93 16.43 -23.52
CA MET A 841 21.49 16.61 -23.44
C MET A 841 21.09 17.96 -24.05
N GLU A 842 21.84 19.01 -23.71
CA GLU A 842 21.62 20.34 -24.25
C GLU A 842 21.65 20.34 -25.78
N LEU A 843 22.61 19.63 -26.37
CA LEU A 843 22.73 19.57 -27.83
C LEU A 843 21.55 18.83 -28.43
N MET A 844 21.20 17.68 -27.84
CA MET A 844 20.05 16.90 -28.33
C MET A 844 18.81 17.80 -28.40
N GLU A 845 18.64 18.65 -27.38
CA GLU A 845 17.53 19.58 -27.31
C GLU A 845 17.54 20.60 -28.45
N GLN A 846 18.73 21.14 -28.75
CA GLN A 846 18.89 22.12 -29.81
C GLN A 846 18.56 21.49 -31.16
N LEU A 847 19.14 20.32 -31.42
CA LEU A 847 18.88 19.57 -32.64
C LEU A 847 17.37 19.33 -32.78
N ALA A 848 16.72 18.95 -31.67
CA ALA A 848 15.31 18.59 -31.71
C ALA A 848 14.43 19.79 -32.01
N SER A 849 14.86 20.97 -31.53
CA SER A 849 14.15 22.22 -31.80
C SER A 849 14.02 22.55 -33.29
N LYS A 850 14.93 22.00 -34.11
CA LYS A 850 14.91 22.24 -35.54
C LYS A 850 14.14 21.19 -36.32
N LEU A 851 13.37 20.35 -35.64
CA LEU A 851 12.53 19.37 -36.30
C LEU A 851 11.23 20.01 -36.78
N PRO A 852 10.48 19.38 -37.71
CA PRO A 852 9.25 19.98 -38.25
C PRO A 852 8.22 20.32 -37.19
N THR A 853 7.40 21.34 -37.47
CA THR A 853 6.40 21.77 -36.51
C THR A 853 5.37 20.65 -36.39
N GLY A 854 4.95 20.39 -35.15
CA GLY A 854 4.07 19.26 -34.83
C GLY A 854 4.77 18.17 -34.03
N VAL A 855 6.11 18.17 -34.12
CA VAL A 855 6.96 17.18 -33.47
C VAL A 855 7.58 17.78 -32.22
N GLY A 856 7.11 17.33 -31.05
CA GLY A 856 7.66 17.72 -29.76
C GLY A 856 8.65 16.68 -29.25
N TYR A 857 9.19 16.90 -28.04
CA TYR A 857 10.09 15.94 -27.43
C TYR A 857 9.99 15.90 -25.91
N ASP A 858 10.66 14.93 -25.29
CA ASP A 858 10.71 14.86 -23.84
C ASP A 858 11.87 13.98 -23.39
N TRP A 859 12.31 14.17 -22.15
CA TRP A 859 13.30 13.26 -21.55
C TRP A 859 12.52 12.24 -20.73
N THR A 860 13.04 11.02 -20.62
CA THR A 860 12.42 10.01 -19.77
C THR A 860 13.48 9.29 -18.96
N GLY A 861 13.02 8.41 -18.07
CA GLY A 861 13.88 7.66 -17.17
C GLY A 861 14.90 8.54 -16.45
N MET A 862 16.15 8.07 -16.45
CA MET A 862 17.17 8.76 -15.68
C MET A 862 17.49 10.14 -16.27
N SER A 863 17.29 10.31 -17.60
CA SER A 863 17.41 11.63 -18.22
C SER A 863 16.44 12.65 -17.64
N TYR A 864 15.20 12.20 -17.40
CA TYR A 864 14.18 13.05 -16.80
C TYR A 864 14.55 13.48 -15.40
N GLN A 865 15.04 12.53 -14.59
CA GLN A 865 15.46 12.80 -13.22
C GLN A 865 16.56 13.84 -13.21
N GLU A 866 17.60 13.60 -14.02
CA GLU A 866 18.73 14.51 -14.13
C GLU A 866 18.29 15.94 -14.46
N ARG A 867 17.36 16.07 -15.41
CA ARG A 867 16.91 17.37 -15.87
C ARG A 867 16.15 18.13 -14.79
N LEU A 868 15.38 17.40 -13.94
CA LEU A 868 14.72 17.99 -12.79
C LEU A 868 15.67 18.61 -11.78
N SER A 869 16.66 17.82 -11.34
CA SER A 869 17.57 18.21 -10.28
C SER A 869 18.28 19.55 -10.52
N GLY A 870 18.69 19.78 -11.78
CA GLY A 870 19.39 21.00 -12.13
C GLY A 870 20.67 21.23 -11.33
N ASN A 871 21.29 22.40 -11.52
CA ASN A 871 22.43 22.78 -10.70
C ASN A 871 21.88 23.57 -9.52
N GLN A 872 21.86 22.91 -8.36
CA GLN A 872 21.59 23.57 -7.09
C GLN A 872 22.89 23.83 -6.33
N ALA A 873 23.98 23.17 -6.78
CA ALA A 873 25.25 23.20 -6.09
C ALA A 873 25.75 24.60 -5.78
N PRO A 874 25.71 25.57 -6.72
CA PRO A 874 26.21 26.91 -6.43
C PRO A 874 25.51 27.56 -5.24
N SER A 875 24.17 27.48 -5.21
CA SER A 875 23.42 28.05 -4.11
C SER A 875 23.83 27.43 -2.77
N LEU A 876 23.95 26.11 -2.77
CA LEU A 876 24.25 25.38 -1.56
C LEU A 876 25.67 25.64 -1.05
N TYR A 877 26.64 25.72 -1.95
CA TYR A 877 28.00 26.04 -1.55
C TYR A 877 28.10 27.48 -1.05
N ALA A 878 27.33 28.40 -1.64
CA ALA A 878 27.26 29.77 -1.16
C ALA A 878 26.70 29.83 0.27
N ILE A 879 25.56 29.18 0.51
CA ILE A 879 25.00 29.08 1.85
C ILE A 879 26.00 28.48 2.82
N SER A 880 26.67 27.41 2.39
CA SER A 880 27.64 26.73 3.21
C SER A 880 28.78 27.65 3.62
N LEU A 881 29.34 28.40 2.67
CA LEU A 881 30.37 29.37 2.97
C LEU A 881 29.89 30.42 3.96
N ILE A 882 28.66 30.90 3.79
CA ILE A 882 28.10 31.92 4.66
C ILE A 882 27.96 31.41 6.10
N VAL A 883 27.43 30.19 6.25
CA VAL A 883 27.22 29.64 7.57
C VAL A 883 28.55 29.35 8.27
N VAL A 884 29.54 28.86 7.53
CA VAL A 884 30.87 28.67 8.07
C VAL A 884 31.45 29.99 8.59
N PHE A 885 31.36 31.05 7.80
CA PHE A 885 31.80 32.38 8.21
C PHE A 885 31.14 32.82 9.51
N LEU A 886 29.82 32.61 9.61
CA LEU A 886 29.05 33.06 10.76
C LEU A 886 29.42 32.27 12.02
N CYS A 887 29.58 30.96 11.88
CA CYS A 887 30.01 30.14 13.00
C CYS A 887 31.41 30.51 13.49
N LEU A 888 32.32 30.81 12.56
CA LEU A 888 33.67 31.22 12.92
C LEU A 888 33.64 32.58 13.59
N ALA A 889 32.77 33.47 13.11
CA ALA A 889 32.58 34.77 13.74
C ALA A 889 32.13 34.59 15.19
N ALA A 890 31.18 33.66 15.42
CA ALA A 890 30.74 33.34 16.77
C ALA A 890 31.88 32.76 17.60
N LEU A 891 32.61 31.82 17.00
CA LEU A 891 33.74 31.17 17.67
C LEU A 891 34.81 32.16 18.12
N TYR A 892 35.21 33.07 17.22
CA TYR A 892 36.29 34.01 17.49
C TYR A 892 35.85 35.39 17.97
N GLU A 893 34.54 35.61 18.05
CA GLU A 893 33.99 36.90 18.44
C GLU A 893 34.56 38.03 17.59
N SER A 894 34.57 37.80 16.27
CA SER A 894 35.12 38.75 15.32
C SER A 894 34.51 38.55 13.94
N TRP A 895 34.35 39.65 13.20
CA TRP A 895 33.91 39.59 11.80
C TRP A 895 35.08 39.43 10.84
N SER A 896 36.30 39.75 11.28
CA SER A 896 37.47 39.71 10.43
C SER A 896 38.25 38.38 10.53
N ILE A 897 38.48 37.90 11.75
CA ILE A 897 39.31 36.71 11.98
C ILE A 897 38.83 35.45 11.23
N PRO A 898 37.52 35.20 11.07
CA PRO A 898 37.05 34.09 10.25
C PRO A 898 37.66 33.99 8.84
N PHE A 899 38.06 35.14 8.28
CA PHE A 899 38.72 35.18 7.00
C PHE A 899 40.06 34.43 7.00
N SER A 900 40.80 34.50 8.11
CA SER A 900 42.05 33.77 8.25
C SER A 900 41.89 32.26 8.17
N VAL A 901 40.74 31.74 8.58
CA VAL A 901 40.48 30.31 8.47
C VAL A 901 40.01 29.99 7.05
N MET A 902 39.03 30.76 6.57
CA MET A 902 38.33 30.45 5.33
C MET A 902 39.21 30.50 4.08
N LEU A 903 40.27 31.31 4.14
CA LEU A 903 41.19 31.40 3.02
C LEU A 903 41.93 30.09 2.76
N VAL A 904 41.89 29.14 3.70
CA VAL A 904 42.56 27.86 3.55
C VAL A 904 41.91 26.94 2.51
N VAL A 905 40.63 27.17 2.18
CA VAL A 905 39.88 26.25 1.34
C VAL A 905 40.61 25.91 0.04
N PRO A 906 41.06 26.91 -0.75
CA PRO A 906 41.76 26.66 -2.00
C PRO A 906 43.03 25.82 -1.89
N LEU A 907 43.68 25.78 -0.72
CA LEU A 907 44.93 25.06 -0.56
C LEU A 907 44.74 23.55 -0.67
N GLY A 908 43.62 23.05 -0.14
CA GLY A 908 43.24 21.66 -0.31
C GLY A 908 42.59 21.36 -1.65
N VAL A 909 41.75 22.29 -2.14
CA VAL A 909 41.03 22.10 -3.38
C VAL A 909 41.97 21.95 -4.58
N ILE A 910 43.06 22.72 -4.60
CA ILE A 910 44.01 22.68 -5.70
C ILE A 910 44.61 21.28 -5.82
N GLY A 911 45.03 20.71 -4.69
CA GLY A 911 45.62 19.37 -4.67
C GLY A 911 44.66 18.30 -5.20
N ALA A 912 43.40 18.37 -4.76
CA ALA A 912 42.39 17.44 -5.22
C ALA A 912 42.20 17.55 -6.74
N LEU A 913 42.18 18.78 -7.25
CA LEU A 913 42.00 18.99 -8.69
C LEU A 913 43.22 18.54 -9.49
N LEU A 914 44.42 18.81 -8.98
CA LEU A 914 45.63 18.33 -9.62
C LEU A 914 45.57 16.81 -9.78
N ALA A 915 45.34 16.12 -8.65
CA ALA A 915 45.31 14.66 -8.66
C ALA A 915 44.25 14.10 -9.61
N ALA A 916 43.07 14.74 -9.61
CA ALA A 916 41.98 14.31 -10.47
C ALA A 916 42.27 14.55 -11.95
N THR A 917 42.81 15.73 -12.27
CA THR A 917 43.13 16.05 -13.66
C THR A 917 44.20 15.12 -14.22
N PHE A 918 45.30 14.95 -13.46
CA PHE A 918 46.41 14.10 -13.85
C PHE A 918 45.98 12.65 -14.07
N ARG A 919 45.11 12.15 -13.20
CA ARG A 919 44.62 10.78 -13.29
C ARG A 919 43.35 10.69 -14.14
N GLY A 920 42.94 11.80 -14.74
CA GLY A 920 41.86 11.80 -15.71
C GLY A 920 40.49 11.37 -15.18
N LEU A 921 40.16 11.83 -13.98
CA LEU A 921 38.87 11.52 -13.37
C LEU A 921 37.80 12.55 -13.73
N THR A 922 36.57 12.26 -13.30
CA THR A 922 35.43 13.12 -13.46
C THR A 922 35.13 13.89 -12.18
N ASN A 923 34.51 15.07 -12.30
CA ASN A 923 33.93 15.72 -11.14
C ASN A 923 32.61 14.98 -10.89
N ASP A 924 32.70 13.86 -10.17
CA ASP A 924 31.54 13.09 -9.78
C ASP A 924 31.36 13.19 -8.25
N VAL A 925 30.25 12.59 -7.79
CA VAL A 925 29.91 12.58 -6.37
C VAL A 925 31.07 12.08 -5.52
N TYR A 926 31.78 11.06 -6.01
CA TYR A 926 32.85 10.44 -5.27
C TYR A 926 34.01 11.41 -5.09
N PHE A 927 34.27 12.25 -6.11
CA PHE A 927 35.29 13.28 -6.02
C PHE A 927 34.87 14.39 -5.05
N GLN A 928 33.60 14.79 -5.15
CA GLN A 928 33.08 15.91 -4.38
C GLN A 928 33.14 15.64 -2.88
N VAL A 929 32.67 14.45 -2.47
CA VAL A 929 32.55 14.15 -1.04
C VAL A 929 33.93 14.16 -0.38
N GLY A 930 34.93 13.67 -1.12
CA GLY A 930 36.31 13.66 -0.64
C GLY A 930 36.93 15.05 -0.48
N LEU A 931 36.59 15.94 -1.44
CA LEU A 931 36.99 17.34 -1.37
C LEU A 931 36.43 18.01 -0.12
N LEU A 932 35.12 17.80 0.11
CA LEU A 932 34.48 18.34 1.29
C LEU A 932 35.15 17.88 2.57
N THR A 933 35.51 16.59 2.64
CA THR A 933 36.22 16.07 3.79
C THR A 933 37.57 16.78 3.96
N THR A 934 38.30 16.94 2.85
CA THR A 934 39.61 17.59 2.87
C THR A 934 39.50 19.06 3.33
N ILE A 935 38.49 19.75 2.79
CA ILE A 935 38.20 21.12 3.19
C ILE A 935 37.96 21.19 4.70
N GLY A 936 37.08 20.31 5.19
CA GLY A 936 36.77 20.23 6.61
C GLY A 936 38.00 20.03 7.49
N LEU A 937 38.82 19.04 7.12
CA LEU A 937 40.00 18.70 7.90
C LEU A 937 41.01 19.85 7.91
N SER A 938 41.23 20.48 6.75
CA SER A 938 42.17 21.58 6.66
C SER A 938 41.65 22.79 7.42
N ALA A 939 40.32 23.03 7.34
CA ALA A 939 39.69 24.09 8.09
C ALA A 939 39.87 23.88 9.60
N LYS A 940 39.76 22.61 10.01
CA LYS A 940 39.92 22.23 11.41
C LYS A 940 41.33 22.57 11.91
N ASN A 941 42.35 22.22 11.12
CA ASN A 941 43.73 22.55 11.46
C ASN A 941 43.95 24.05 11.57
N ALA A 942 43.38 24.80 10.62
CA ALA A 942 43.51 26.24 10.60
C ALA A 942 42.82 26.89 11.81
N ILE A 943 41.60 26.43 12.10
CA ILE A 943 40.84 26.91 13.26
C ILE A 943 41.66 26.81 14.53
N LEU A 944 42.34 25.67 14.73
CA LEU A 944 43.12 25.45 15.94
C LEU A 944 44.42 26.26 15.98
N ILE A 945 45.03 26.54 14.83
CA ILE A 945 46.18 27.42 14.76
C ILE A 945 45.78 28.83 15.19
N VAL A 946 44.66 29.30 14.61
CA VAL A 946 44.15 30.63 14.88
C VAL A 946 43.66 30.77 16.32
N GLU A 947 42.94 29.75 16.82
CA GLU A 947 42.50 29.71 18.20
C GLU A 947 43.66 29.82 19.18
N PHE A 948 44.73 29.04 18.96
CA PHE A 948 45.88 29.06 19.86
C PHE A 948 46.57 30.41 19.85
N ALA A 949 46.72 31.01 18.66
CA ALA A 949 47.41 32.28 18.52
C ALA A 949 46.63 33.41 19.18
N LYS A 950 45.33 33.47 18.89
CA LYS A 950 44.43 34.43 19.51
C LYS A 950 44.43 34.29 21.03
N ASP A 951 44.44 33.05 21.52
CA ASP A 951 44.42 32.78 22.95
C ASP A 951 45.69 33.29 23.63
N LEU A 952 46.84 33.08 22.98
CA LEU A 952 48.10 33.55 23.53
C LEU A 952 48.12 35.08 23.59
N MET A 953 47.52 35.72 22.57
CA MET A 953 47.42 37.18 22.55
C MET A 953 46.51 37.72 23.66
N ASP A 954 45.29 37.16 23.77
CA ASP A 954 44.29 37.63 24.71
C ASP A 954 44.57 37.24 26.16
N LYS A 955 44.93 35.97 26.40
CA LYS A 955 45.00 35.44 27.75
C LYS A 955 46.35 35.67 28.40
N GLU A 956 47.44 35.45 27.64
CA GLU A 956 48.75 35.94 28.01
C GLU A 956 48.96 37.20 27.17
N GLY A 957 50.02 37.96 27.46
CA GLY A 957 50.14 39.29 26.89
C GLY A 957 50.61 39.35 25.43
N LYS A 958 50.89 38.20 24.81
CA LYS A 958 51.90 38.12 23.77
C LYS A 958 51.56 38.90 22.51
N GLY A 959 52.60 39.40 21.83
CA GLY A 959 52.45 40.11 20.57
C GLY A 959 51.98 39.21 19.43
N LEU A 960 51.58 39.84 18.32
CA LEU A 960 50.99 39.15 17.19
C LEU A 960 51.90 38.05 16.62
N ILE A 961 53.12 38.44 16.24
CA ILE A 961 54.04 37.52 15.61
C ILE A 961 54.48 36.44 16.60
N GLU A 962 54.80 36.85 17.84
CA GLU A 962 55.22 35.91 18.87
C GLU A 962 54.19 34.80 19.07
N ALA A 963 52.90 35.18 19.10
CA ALA A 963 51.81 34.23 19.31
C ALA A 963 51.58 33.34 18.08
N THR A 964 51.63 33.93 16.89
CA THR A 964 51.50 33.15 15.65
C THR A 964 52.57 32.06 15.60
N LEU A 965 53.80 32.43 15.97
CA LEU A 965 54.92 31.51 15.88
C LEU A 965 54.82 30.39 16.92
N ASP A 966 54.41 30.75 18.14
CA ASP A 966 54.20 29.77 19.19
C ASP A 966 53.02 28.86 18.85
N ALA A 967 51.96 29.44 18.29
CA ALA A 967 50.82 28.68 17.82
C ALA A 967 51.25 27.57 16.86
N VAL A 968 51.97 27.96 15.80
CA VAL A 968 52.30 27.00 14.75
C VAL A 968 53.28 25.94 15.27
N ARG A 969 54.16 26.34 16.21
CA ARG A 969 55.08 25.40 16.84
C ARG A 969 54.31 24.30 17.56
N MET A 970 53.37 24.71 18.42
CA MET A 970 52.57 23.79 19.20
C MET A 970 51.68 22.87 18.35
N ARG A 971 51.21 23.37 17.19
CA ARG A 971 50.22 22.68 16.38
C ARG A 971 50.81 21.88 15.21
N LEU A 972 52.13 21.99 14.99
CA LEU A 972 52.79 21.29 13.91
C LEU A 972 52.63 19.78 14.06
N ARG A 973 53.02 19.24 15.23
CA ARG A 973 52.98 17.82 15.48
C ARG A 973 51.59 17.22 15.25
N PRO A 974 50.50 17.69 15.92
CA PRO A 974 49.18 17.12 15.70
C PRO A 974 48.71 17.18 14.25
N ILE A 975 49.14 18.20 13.50
CA ILE A 975 48.74 18.34 12.11
C ILE A 975 49.43 17.28 11.24
N LEU A 976 50.74 17.11 11.44
CA LEU A 976 51.48 16.11 10.70
C LEU A 976 50.99 14.71 11.08
N MET A 977 50.61 14.53 12.35
CA MET A 977 50.08 13.27 12.83
C MET A 977 48.80 12.89 12.07
N THR A 978 47.79 13.77 12.14
CA THR A 978 46.50 13.50 11.54
C THR A 978 46.62 13.34 10.02
N SER A 979 47.41 14.22 9.39
CA SER A 979 47.55 14.22 7.94
C SER A 979 48.22 12.95 7.42
N LEU A 980 49.34 12.57 8.05
CA LEU A 980 50.04 11.35 7.68
C LEU A 980 49.19 10.10 7.93
N ALA A 981 48.43 10.11 9.03
CA ALA A 981 47.58 8.98 9.36
C ALA A 981 46.48 8.83 8.31
N PHE A 982 45.90 9.96 7.90
CA PHE A 982 44.80 9.96 6.94
C PHE A 982 45.27 9.63 5.53
N ILE A 983 46.40 10.23 5.11
CA ILE A 983 46.91 10.04 3.76
C ILE A 983 47.23 8.56 3.50
N LEU A 984 47.92 7.93 4.45
CA LEU A 984 48.20 6.50 4.39
C LEU A 984 46.92 5.67 4.50
N GLY A 985 45.98 6.11 5.34
CA GLY A 985 44.72 5.42 5.50
C GLY A 985 43.84 5.35 4.26
N VAL A 986 44.03 6.28 3.32
CA VAL A 986 43.28 6.31 2.06
C VAL A 986 44.06 5.69 0.91
N MET A 987 45.35 5.43 1.11
CA MET A 987 46.16 4.75 0.12
C MET A 987 45.44 3.51 -0.41
N PRO A 988 44.90 2.61 0.46
CA PRO A 988 44.19 1.42 0.00
C PRO A 988 43.10 1.70 -1.04
N LEU A 989 42.36 2.80 -0.84
CA LEU A 989 41.40 3.30 -1.82
C LEU A 989 42.06 3.64 -3.15
N VAL A 990 43.22 4.30 -3.08
CA VAL A 990 43.89 4.78 -4.27
C VAL A 990 44.31 3.61 -5.17
N ILE A 991 44.95 2.59 -4.57
CA ILE A 991 45.48 1.47 -5.31
C ILE A 991 44.49 0.33 -5.53
N SER A 992 43.25 0.49 -5.06
CA SER A 992 42.24 -0.55 -5.16
C SER A 992 41.97 -0.97 -6.61
N THR A 993 41.81 -2.28 -6.85
CA THR A 993 41.50 -2.77 -8.19
C THR A 993 40.31 -3.72 -8.33
N GLY A 994 39.68 -4.10 -7.22
CA GLY A 994 38.57 -5.04 -7.27
C GLY A 994 37.22 -4.37 -7.52
N ALA A 995 36.15 -5.08 -7.14
CA ALA A 995 34.80 -4.61 -7.38
C ALA A 995 34.57 -3.24 -6.75
N GLY A 996 34.05 -2.29 -7.56
CA GLY A 996 33.75 -0.97 -7.09
C GLY A 996 34.96 -0.04 -7.01
N SER A 997 36.09 -0.47 -7.58
CA SER A 997 37.33 0.29 -7.50
C SER A 997 37.29 1.61 -8.29
N GLY A 998 36.33 1.73 -9.23
CA GLY A 998 36.14 3.01 -9.89
C GLY A 998 35.89 4.11 -8.85
N ALA A 999 34.88 3.87 -8.02
CA ALA A 999 34.51 4.77 -6.93
C ALA A 999 35.60 4.91 -5.88
N GLN A 1000 36.15 3.79 -5.40
CA GLN A 1000 37.23 3.80 -4.41
C GLN A 1000 38.37 4.70 -4.85
N ASN A 1001 38.76 4.57 -6.13
CA ASN A 1001 39.86 5.36 -6.67
C ASN A 1001 39.51 6.85 -6.73
N ALA A 1002 38.27 7.16 -7.14
CA ALA A 1002 37.84 8.54 -7.26
C ALA A 1002 37.86 9.26 -5.92
N VAL A 1003 37.34 8.59 -4.88
CA VAL A 1003 37.30 9.14 -3.54
C VAL A 1003 38.71 9.35 -3.01
N GLY A 1004 39.53 8.29 -3.10
CA GLY A 1004 40.84 8.27 -2.47
C GLY A 1004 41.91 9.14 -3.12
N THR A 1005 41.83 9.32 -4.45
CA THR A 1005 42.76 10.15 -5.17
C THR A 1005 42.51 11.62 -4.83
N GLY A 1006 41.25 12.06 -4.92
CA GLY A 1006 40.91 13.44 -4.57
C GLY A 1006 41.36 13.85 -3.17
N VAL A 1007 41.08 12.94 -2.22
CA VAL A 1007 41.42 13.14 -0.82
C VAL A 1007 42.92 13.17 -0.60
N MET A 1008 43.66 12.27 -1.26
CA MET A 1008 45.09 12.17 -1.06
C MET A 1008 45.78 13.42 -1.60
N GLY A 1009 45.43 13.80 -2.84
CA GLY A 1009 45.88 15.05 -3.43
C GLY A 1009 45.54 16.27 -2.59
N GLY A 1010 44.26 16.33 -2.17
CA GLY A 1010 43.80 17.41 -1.31
C GLY A 1010 44.59 17.55 -0.02
N MET A 1011 44.83 16.42 0.65
CA MET A 1011 45.44 16.40 1.97
C MET A 1011 46.92 16.75 1.90
N VAL A 1012 47.59 16.40 0.79
CA VAL A 1012 49.00 16.73 0.63
C VAL A 1012 49.17 18.24 0.56
N THR A 1013 48.39 18.90 -0.32
CA THR A 1013 48.52 20.34 -0.48
C THR A 1013 47.96 21.08 0.73
N ALA A 1014 46.80 20.62 1.24
CA ALA A 1014 46.24 21.22 2.44
C ALA A 1014 47.25 21.21 3.58
N THR A 1015 47.99 20.10 3.72
CA THR A 1015 48.96 19.98 4.81
C THR A 1015 50.20 20.82 4.52
N VAL A 1016 50.82 20.59 3.37
CA VAL A 1016 52.10 21.23 3.07
C VAL A 1016 51.91 22.74 2.91
N LEU A 1017 50.82 23.19 2.27
CA LEU A 1017 50.61 24.61 2.07
C LEU A 1017 50.13 25.30 3.35
N ALA A 1018 49.16 24.70 4.05
CA ALA A 1018 48.51 25.38 5.17
C ALA A 1018 49.43 25.74 6.34
N ILE A 1019 50.44 24.90 6.60
CA ILE A 1019 51.36 25.15 7.70
C ILE A 1019 52.23 26.39 7.46
N PHE A 1020 52.35 26.81 6.19
CA PHE A 1020 53.03 28.05 5.86
C PHE A 1020 52.08 29.22 5.67
N PHE A 1021 50.92 28.95 5.04
CA PHE A 1021 49.99 30.01 4.63
C PHE A 1021 49.03 30.52 5.70
N VAL A 1022 48.56 29.63 6.59
CA VAL A 1022 47.62 30.02 7.62
C VAL A 1022 48.19 31.09 8.56
N PRO A 1023 49.47 31.00 8.99
CA PRO A 1023 50.08 32.09 9.76
C PRO A 1023 50.04 33.42 9.02
N VAL A 1024 50.34 33.37 7.72
CA VAL A 1024 50.23 34.52 6.85
C VAL A 1024 48.81 35.08 6.89
N PHE A 1025 47.81 34.22 6.64
CA PHE A 1025 46.41 34.62 6.71
C PHE A 1025 46.09 35.34 8.01
N PHE A 1026 46.49 34.75 9.14
CA PHE A 1026 46.14 35.31 10.44
C PHE A 1026 46.77 36.69 10.61
N VAL A 1027 48.07 36.81 10.32
CA VAL A 1027 48.79 38.05 10.55
C VAL A 1027 48.35 39.15 9.59
N VAL A 1028 48.09 38.82 8.32
CA VAL A 1028 47.59 39.78 7.35
C VAL A 1028 46.22 40.29 7.77
N VAL A 1029 45.31 39.35 8.01
CA VAL A 1029 43.95 39.68 8.41
C VAL A 1029 43.89 40.52 9.70
N ARG A 1030 44.69 40.15 10.71
CA ARG A 1030 44.73 40.92 11.95
C ARG A 1030 45.28 42.32 11.73
N ARG A 1031 46.33 42.43 10.92
CA ARG A 1031 46.89 43.72 10.58
C ARG A 1031 45.89 44.58 9.81
N ARG A 1032 45.16 43.98 8.87
CA ARG A 1032 44.19 44.73 8.10
C ARG A 1032 43.04 45.25 8.99
N PHE A 1033 42.62 44.46 9.99
CA PHE A 1033 41.48 44.84 10.81
C PHE A 1033 41.86 44.96 12.29
N SER A 1034 42.05 46.20 12.77
CA SER A 1034 42.32 46.48 14.19
C SER A 1034 42.96 47.85 14.38
N ARG A 1035 43.17 48.26 15.64
CA ARG A 1035 44.06 49.36 15.96
C ARG A 1035 44.50 49.30 17.42
N LYS A 1036 45.74 49.75 17.68
CA LYS A 1036 46.35 49.84 18.99
C LYS A 1036 46.69 48.48 19.63
N ASN A 1037 47.96 48.36 20.08
CA ASN A 1037 48.43 47.37 21.04
C ASN A 1037 48.61 45.93 20.55
N GLU A 1038 48.29 45.66 19.28
CA GLU A 1038 48.26 44.28 18.78
C GLU A 1038 49.65 43.67 18.58
N ASP A 1039 50.63 44.53 18.22
CA ASP A 1039 51.94 44.09 17.77
C ASP A 1039 52.98 44.30 18.87
N ILE A 1040 52.55 44.34 20.14
CA ILE A 1040 53.44 44.48 21.28
C ILE A 1040 52.75 43.87 22.51
N GLU A 1041 53.54 43.46 23.51
CA GLU A 1041 53.03 42.74 24.67
C GLU A 1041 52.31 43.67 25.64
N HIS A 1042 51.20 43.19 26.22
CA HIS A 1042 50.53 43.88 27.31
C HIS A 1042 49.91 42.84 28.24
N SER A 1043 50.60 42.58 29.36
CA SER A 1043 50.25 41.51 30.28
C SER A 1043 48.98 41.84 31.06
N HIS A 1044 48.37 40.80 31.66
CA HIS A 1044 47.32 40.99 32.65
C HIS A 1044 47.95 41.40 33.99
N MET B 1 18.28 15.56 40.53
CA MET B 1 16.85 15.61 40.20
C MET B 1 15.96 15.45 41.42
N PRO B 2 16.19 14.46 42.31
CA PRO B 2 15.51 14.45 43.60
C PRO B 2 15.67 15.76 44.37
N ASN B 3 16.90 16.28 44.42
CA ASN B 3 17.16 17.55 45.08
C ASN B 3 16.43 18.73 44.44
N PHE B 4 16.39 18.75 43.11
CA PHE B 4 15.60 19.71 42.37
C PHE B 4 14.16 19.74 42.87
N PHE B 5 13.53 18.57 42.95
CA PHE B 5 12.10 18.48 43.24
C PHE B 5 11.78 18.50 44.73
N ILE B 6 12.78 18.17 45.58
CA ILE B 6 12.59 18.31 47.02
C ILE B 6 12.32 19.78 47.38
N ASP B 7 12.98 20.69 46.68
CA ASP B 7 12.77 22.12 46.84
C ASP B 7 11.63 22.66 45.99
N ARG B 8 11.08 21.81 45.10
CA ARG B 8 10.03 22.22 44.20
C ARG B 8 8.87 21.23 44.22
N PRO B 9 8.22 21.04 45.39
CA PRO B 9 7.13 20.07 45.51
C PRO B 9 5.96 20.35 44.56
N ILE B 10 5.73 21.63 44.25
CA ILE B 10 4.63 22.01 43.40
C ILE B 10 4.92 21.55 41.98
N PHE B 11 6.13 21.83 41.48
CA PHE B 11 6.51 21.35 40.16
C PHE B 11 6.31 19.84 40.06
N ALA B 12 6.78 19.12 41.09
CA ALA B 12 6.59 17.69 41.20
C ALA B 12 5.12 17.32 41.10
N TRP B 13 4.26 17.94 41.90
CA TRP B 13 2.82 17.76 41.78
C TRP B 13 2.29 18.04 40.37
N VAL B 14 2.80 19.10 39.73
CA VAL B 14 2.34 19.46 38.41
C VAL B 14 2.64 18.31 37.44
N ILE B 15 3.84 17.75 37.54
CA ILE B 15 4.24 16.63 36.69
C ILE B 15 3.33 15.44 36.94
N ALA B 16 3.09 15.13 38.22
CA ALA B 16 2.21 14.04 38.59
C ALA B 16 0.81 14.24 38.01
N ILE B 17 0.27 15.46 38.10
CA ILE B 17 -1.07 15.74 37.58
C ILE B 17 -1.17 15.56 36.06
N ILE B 18 -0.19 16.12 35.33
CA ILE B 18 -0.15 15.96 33.89
C ILE B 18 -0.20 14.48 33.52
N ILE B 19 0.59 13.68 34.23
CA ILE B 19 0.65 12.25 33.99
C ILE B 19 -0.74 11.65 34.23
N MET B 20 -1.38 12.03 35.33
CA MET B 20 -2.69 11.50 35.68
C MET B 20 -3.76 11.87 34.67
N LEU B 21 -3.75 13.13 34.21
CA LEU B 21 -4.67 13.56 33.16
C LEU B 21 -4.45 12.75 31.89
N ALA B 22 -3.21 12.66 31.43
CA ALA B 22 -2.90 11.85 30.25
C ALA B 22 -3.42 10.43 30.40
N GLY B 23 -3.15 9.82 31.55
CA GLY B 23 -3.63 8.48 31.84
C GLY B 23 -5.15 8.35 31.86
N GLY B 24 -5.82 9.28 32.54
CA GLY B 24 -7.27 9.30 32.57
C GLY B 24 -7.86 9.33 31.16
N LEU B 25 -7.33 10.24 30.35
CA LEU B 25 -7.81 10.39 28.97
C LEU B 25 -7.59 9.11 28.19
N ALA B 26 -6.41 8.48 28.40
CA ALA B 26 -6.10 7.23 27.74
C ALA B 26 -7.05 6.11 28.15
N ILE B 27 -7.42 6.06 29.43
CA ILE B 27 -8.36 5.04 29.87
C ILE B 27 -9.70 5.18 29.13
N LEU B 28 -10.11 6.42 28.88
CA LEU B 28 -11.37 6.70 28.22
C LEU B 28 -11.39 6.26 26.76
N LYS B 29 -10.24 6.38 26.09
CA LYS B 29 -10.14 6.20 24.65
C LYS B 29 -9.52 4.89 24.19
N LEU B 30 -8.84 4.16 25.08
CA LEU B 30 -8.17 2.92 24.71
C LEU B 30 -9.16 1.87 24.26
N PRO B 31 -8.89 1.10 23.18
CA PRO B 31 -9.72 -0.05 22.85
C PRO B 31 -9.61 -1.13 23.91
N VAL B 32 -10.69 -1.87 24.10
CA VAL B 32 -10.72 -3.01 25.01
C VAL B 32 -11.00 -4.23 24.15
N ALA B 33 -10.29 -5.32 24.43
CA ALA B 33 -10.49 -6.56 23.70
C ALA B 33 -9.86 -7.69 24.51
N GLN B 34 -10.22 -8.93 24.19
CA GLN B 34 -9.74 -10.05 24.98
C GLN B 34 -8.23 -10.20 24.75
N TYR B 35 -7.88 -10.30 23.47
CA TYR B 35 -6.50 -10.53 23.07
C TYR B 35 -6.18 -9.49 22.02
N PRO B 36 -4.91 -9.07 21.88
CA PRO B 36 -4.51 -8.29 20.72
C PRO B 36 -4.48 -9.18 19.49
N THR B 37 -4.14 -8.62 18.33
CA THR B 37 -4.00 -9.47 17.16
C THR B 37 -2.67 -10.21 17.34
N ILE B 38 -2.72 -11.53 17.26
CA ILE B 38 -1.57 -12.38 17.48
C ILE B 38 -1.20 -13.25 16.27
N ALA B 39 -2.24 -13.74 15.60
CA ALA B 39 -2.05 -14.57 14.44
C ALA B 39 -1.49 -13.70 13.31
N PRO B 40 -0.53 -14.21 12.51
CA PRO B 40 -0.09 -13.53 11.30
C PRO B 40 -1.26 -13.30 10.36
N PRO B 41 -1.29 -12.21 9.58
CA PRO B 41 -2.43 -11.96 8.71
C PRO B 41 -2.65 -13.06 7.68
N ALA B 42 -3.92 -13.44 7.50
CA ALA B 42 -4.30 -14.46 6.56
C ALA B 42 -5.48 -13.94 5.75
N VAL B 43 -5.44 -14.19 4.44
CA VAL B 43 -6.53 -13.82 3.55
C VAL B 43 -7.00 -15.11 2.92
N THR B 44 -8.32 -15.31 2.89
CA THR B 44 -8.87 -16.51 2.28
C THR B 44 -9.71 -16.20 1.05
N ILE B 45 -9.45 -16.94 -0.02
CA ILE B 45 -10.24 -16.89 -1.25
C ILE B 45 -11.17 -18.10 -1.21
N SER B 46 -12.46 -17.86 -1.34
CA SER B 46 -13.47 -18.90 -1.28
C SER B 46 -14.29 -18.84 -2.56
N ALA B 47 -14.52 -20.01 -3.17
CA ALA B 47 -15.36 -20.09 -4.34
C ALA B 47 -16.23 -21.33 -4.23
N SER B 48 -17.31 -21.32 -4.99
CA SER B 48 -18.29 -22.39 -5.03
C SER B 48 -18.67 -22.70 -6.47
N TYR B 49 -18.63 -23.99 -6.81
CA TYR B 49 -18.98 -24.48 -8.14
C TYR B 49 -20.08 -25.49 -7.88
N PRO B 50 -21.36 -25.07 -7.92
CA PRO B 50 -22.48 -25.96 -7.65
C PRO B 50 -22.41 -27.24 -8.48
N GLY B 51 -22.45 -28.38 -7.78
CA GLY B 51 -22.51 -29.70 -8.39
C GLY B 51 -21.16 -30.33 -8.72
N ALA B 52 -20.07 -29.61 -8.45
CA ALA B 52 -18.74 -30.05 -8.84
C ALA B 52 -18.09 -30.98 -7.81
N ASP B 53 -17.42 -32.00 -8.33
CA ASP B 53 -16.57 -32.85 -7.51
C ASP B 53 -15.25 -32.11 -7.26
N ALA B 54 -14.48 -32.67 -6.33
CA ALA B 54 -13.25 -32.05 -5.87
C ALA B 54 -12.24 -31.84 -6.98
N LYS B 55 -12.13 -32.83 -7.87
CA LYS B 55 -11.10 -32.77 -8.90
C LYS B 55 -11.48 -31.69 -9.90
N THR B 56 -12.78 -31.61 -10.21
CA THR B 56 -13.28 -30.57 -11.09
C THR B 56 -13.00 -29.18 -10.54
N VAL B 57 -13.26 -29.00 -9.23
CA VAL B 57 -12.99 -27.74 -8.57
C VAL B 57 -11.51 -27.41 -8.68
N GLN B 58 -10.67 -28.39 -8.37
CA GLN B 58 -9.24 -28.16 -8.35
C GLN B 58 -8.72 -27.74 -9.72
N ASP B 59 -9.16 -28.47 -10.75
CA ASP B 59 -8.51 -28.40 -12.04
C ASP B 59 -9.09 -27.28 -12.91
N THR B 60 -10.26 -26.75 -12.54
CA THR B 60 -10.82 -25.59 -13.23
C THR B 60 -10.82 -24.29 -12.43
N VAL B 61 -10.61 -24.38 -11.11
CA VAL B 61 -10.62 -23.18 -10.27
C VAL B 61 -9.33 -23.00 -9.48
N THR B 62 -9.07 -23.97 -8.60
CA THR B 62 -8.02 -23.82 -7.61
C THR B 62 -6.67 -23.63 -8.28
N GLN B 63 -6.35 -24.49 -9.24
CA GLN B 63 -5.06 -24.40 -9.91
C GLN B 63 -4.93 -23.07 -10.66
N VAL B 64 -6.03 -22.64 -11.25
CA VAL B 64 -6.03 -21.43 -12.06
C VAL B 64 -5.78 -20.24 -11.15
N ILE B 65 -6.45 -20.19 -10.00
CA ILE B 65 -6.23 -19.11 -9.06
C ILE B 65 -4.81 -19.15 -8.50
N GLU B 66 -4.36 -20.32 -8.04
CA GLU B 66 -3.03 -20.45 -7.47
C GLU B 66 -1.91 -19.95 -8.39
N GLN B 67 -2.05 -20.25 -9.70
CA GLN B 67 -1.04 -19.90 -10.67
C GLN B 67 -0.99 -18.39 -10.92
N ASN B 68 -2.09 -17.71 -10.61
CA ASN B 68 -2.16 -16.26 -10.69
C ASN B 68 -1.84 -15.51 -9.41
N MET B 69 -1.43 -16.21 -8.34
CA MET B 69 -1.09 -15.56 -7.09
C MET B 69 0.37 -15.07 -6.98
N ASN B 70 0.82 -14.25 -7.92
CA ASN B 70 2.21 -13.81 -7.92
C ASN B 70 2.34 -12.31 -7.68
N GLY B 71 3.54 -11.85 -7.36
CA GLY B 71 3.77 -10.42 -7.22
C GLY B 71 3.01 -9.79 -6.06
N ILE B 72 2.72 -10.59 -5.02
CA ILE B 72 2.05 -10.18 -3.81
C ILE B 72 3.10 -10.16 -2.70
N ASP B 73 3.20 -9.04 -2.01
CA ASP B 73 4.27 -8.84 -1.05
C ASP B 73 4.09 -9.66 0.23
N ASN B 74 5.23 -10.06 0.81
CA ASN B 74 5.29 -10.59 2.17
C ASN B 74 4.51 -11.88 2.43
N LEU B 75 4.33 -12.65 1.35
CA LEU B 75 3.67 -13.94 1.44
C LEU B 75 4.59 -15.00 2.05
N MET B 76 4.13 -15.68 3.11
CA MET B 76 4.91 -16.74 3.71
C MET B 76 4.58 -18.07 3.05
N TYR B 77 3.29 -18.39 2.95
CA TYR B 77 2.87 -19.64 2.36
C TYR B 77 1.41 -19.53 1.98
N MET B 78 0.99 -20.47 1.12
CA MET B 78 -0.34 -20.51 0.55
C MET B 78 -0.79 -21.95 0.62
N SER B 79 -2.01 -22.18 1.09
CA SER B 79 -2.51 -23.54 1.13
C SER B 79 -3.93 -23.51 0.61
N SER B 80 -4.40 -24.66 0.13
CA SER B 80 -5.76 -24.75 -0.37
C SER B 80 -6.35 -26.15 -0.26
N ASN B 81 -7.70 -26.19 -0.26
CA ASN B 81 -8.42 -27.43 -0.43
C ASN B 81 -9.60 -27.26 -1.37
N SER B 82 -9.94 -28.35 -2.05
CA SER B 82 -10.94 -28.35 -3.09
C SER B 82 -11.77 -29.58 -2.80
N ASP B 83 -13.09 -29.42 -2.67
CA ASP B 83 -13.83 -30.53 -2.10
C ASP B 83 -15.11 -30.85 -2.88
N SER B 84 -15.69 -32.00 -2.53
CA SER B 84 -16.78 -32.56 -3.30
C SER B 84 -18.11 -31.91 -3.00
N THR B 85 -18.12 -30.91 -2.11
CA THR B 85 -19.29 -30.04 -1.99
C THR B 85 -19.24 -28.92 -3.02
N GLY B 86 -18.17 -28.85 -3.81
CA GLY B 86 -18.02 -27.81 -4.83
C GLY B 86 -17.28 -26.57 -4.33
N THR B 87 -16.60 -26.68 -3.20
CA THR B 87 -16.01 -25.52 -2.56
C THR B 87 -14.50 -25.51 -2.75
N VAL B 88 -13.94 -24.30 -2.89
CA VAL B 88 -12.50 -24.13 -2.78
C VAL B 88 -12.22 -23.06 -1.72
N GLN B 89 -11.22 -23.31 -0.90
CA GLN B 89 -10.65 -22.25 -0.07
C GLN B 89 -9.14 -22.21 -0.27
N ILE B 90 -8.63 -21.05 -0.65
CA ILE B 90 -7.21 -20.81 -0.73
C ILE B 90 -6.88 -19.79 0.35
N THR B 91 -5.95 -20.14 1.22
CA THR B 91 -5.54 -19.25 2.29
C THR B 91 -4.11 -18.80 2.05
N LEU B 92 -3.91 -17.49 2.07
CA LEU B 92 -2.58 -16.93 1.96
C LEU B 92 -2.24 -16.32 3.31
N THR B 93 -1.08 -16.73 3.85
CA THR B 93 -0.61 -16.25 5.12
C THR B 93 0.59 -15.33 4.89
N PHE B 94 0.59 -14.20 5.60
CA PHE B 94 1.62 -13.18 5.42
C PHE B 94 2.53 -13.02 6.65
N GLU B 95 3.72 -12.45 6.41
CA GLU B 95 4.65 -12.15 7.48
C GLU B 95 3.97 -11.31 8.55
N SER B 96 4.23 -11.65 9.83
CA SER B 96 3.76 -10.87 10.96
C SER B 96 4.18 -9.43 10.69
N GLY B 97 3.29 -8.48 10.99
CA GLY B 97 3.59 -7.10 10.70
C GLY B 97 3.10 -6.60 9.35
N THR B 98 2.70 -7.51 8.44
CA THR B 98 2.15 -7.09 7.17
C THR B 98 0.85 -6.34 7.42
N ASP B 99 0.65 -5.24 6.71
CA ASP B 99 -0.63 -4.55 6.71
C ASP B 99 -1.66 -5.43 6.00
N ALA B 100 -2.62 -5.91 6.77
CA ALA B 100 -3.61 -6.86 6.27
C ALA B 100 -4.50 -6.28 5.18
N ASP B 101 -4.74 -4.97 5.21
CA ASP B 101 -5.56 -4.33 4.18
C ASP B 101 -4.86 -4.38 2.83
N ILE B 102 -3.56 -4.08 2.82
CA ILE B 102 -2.75 -4.19 1.62
C ILE B 102 -2.67 -5.64 1.16
N ALA B 103 -2.50 -6.58 2.10
CA ALA B 103 -2.41 -7.98 1.72
C ALA B 103 -3.70 -8.39 1.01
N GLN B 104 -4.83 -7.99 1.60
CA GLN B 104 -6.11 -8.36 1.04
C GLN B 104 -6.27 -7.78 -0.36
N VAL B 105 -5.93 -6.50 -0.52
CA VAL B 105 -6.17 -5.82 -1.79
C VAL B 105 -5.27 -6.43 -2.85
N GLN B 106 -4.00 -6.73 -2.52
CA GLN B 106 -3.12 -7.36 -3.48
C GLN B 106 -3.64 -8.72 -3.95
N VAL B 107 -4.20 -9.48 -3.01
CA VAL B 107 -4.70 -10.80 -3.32
C VAL B 107 -5.90 -10.65 -4.24
N GLN B 108 -6.78 -9.73 -3.86
CA GLN B 108 -8.02 -9.51 -4.58
C GLN B 108 -7.72 -9.04 -6.01
N ASN B 109 -6.74 -8.18 -6.17
CA ASN B 109 -6.44 -7.66 -7.48
C ASN B 109 -5.87 -8.73 -8.40
N LYS B 110 -5.11 -9.71 -7.87
CA LYS B 110 -4.65 -10.80 -8.72
C LYS B 110 -5.81 -11.74 -9.05
N LEU B 111 -6.70 -11.94 -8.07
CA LEU B 111 -7.86 -12.77 -8.33
C LEU B 111 -8.73 -12.20 -9.46
N GLN B 112 -8.93 -10.87 -9.46
CA GLN B 112 -9.80 -10.17 -10.41
C GLN B 112 -9.31 -10.42 -11.84
N LEU B 113 -7.99 -10.44 -12.00
CA LEU B 113 -7.41 -10.70 -13.29
C LEU B 113 -7.45 -12.17 -13.68
N ALA B 114 -7.64 -13.10 -12.74
CA ALA B 114 -7.80 -14.50 -13.07
C ALA B 114 -9.24 -14.89 -13.36
N MET B 115 -10.19 -14.01 -13.03
CA MET B 115 -11.60 -14.34 -13.14
C MET B 115 -11.99 -14.81 -14.54
N PRO B 116 -11.52 -14.15 -15.63
CA PRO B 116 -11.83 -14.58 -16.99
C PRO B 116 -11.36 -15.98 -17.33
N LEU B 117 -10.45 -16.54 -16.53
CA LEU B 117 -9.90 -17.87 -16.77
C LEU B 117 -10.68 -18.97 -16.06
N LEU B 118 -11.70 -18.58 -15.30
CA LEU B 118 -12.44 -19.51 -14.48
C LEU B 118 -13.68 -19.93 -15.25
N PRO B 119 -14.31 -21.08 -14.93
CA PRO B 119 -15.56 -21.47 -15.56
C PRO B 119 -16.63 -20.39 -15.39
N GLN B 120 -17.49 -20.25 -16.40
CA GLN B 120 -18.64 -19.37 -16.35
C GLN B 120 -19.41 -19.51 -15.04
N GLU B 121 -19.68 -20.76 -14.61
CA GLU B 121 -20.56 -20.96 -13.48
C GLU B 121 -19.91 -20.43 -12.20
N VAL B 122 -18.58 -20.39 -12.17
CA VAL B 122 -17.86 -19.88 -11.02
C VAL B 122 -17.85 -18.36 -11.06
N GLN B 123 -17.68 -17.80 -12.25
CA GLN B 123 -17.75 -16.35 -12.39
C GLN B 123 -19.12 -15.83 -11.96
N GLN B 124 -20.16 -16.60 -12.30
CA GLN B 124 -21.52 -16.24 -11.97
C GLN B 124 -21.80 -16.29 -10.47
N GLN B 125 -21.25 -17.28 -9.76
CA GLN B 125 -21.38 -17.34 -8.31
C GLN B 125 -20.50 -16.31 -7.60
N GLY B 126 -19.41 -15.93 -8.27
CA GLY B 126 -18.43 -15.06 -7.67
C GLY B 126 -17.54 -15.73 -6.63
N VAL B 127 -16.39 -15.08 -6.42
CA VAL B 127 -15.32 -15.55 -5.58
C VAL B 127 -15.11 -14.49 -4.52
N SER B 128 -15.00 -14.91 -3.27
CA SER B 128 -14.86 -14.04 -2.11
C SER B 128 -13.43 -13.99 -1.59
N VAL B 129 -12.99 -12.80 -1.17
CA VAL B 129 -11.71 -12.62 -0.50
C VAL B 129 -12.01 -11.95 0.84
N GLU B 130 -11.66 -12.66 1.92
CA GLU B 130 -11.85 -12.18 3.27
C GLU B 130 -10.57 -12.33 4.08
N LYS B 131 -10.37 -11.44 5.06
CA LYS B 131 -9.43 -11.73 6.12
C LYS B 131 -9.92 -12.94 6.91
N SER B 132 -8.98 -13.84 7.26
CA SER B 132 -9.27 -15.06 8.00
C SER B 132 -9.02 -14.96 9.50
N SER B 133 -10.09 -15.24 10.24
CA SER B 133 -10.14 -14.92 11.65
C SER B 133 -11.27 -15.78 12.23
N SER B 134 -10.90 -16.80 13.02
CA SER B 134 -11.87 -17.47 13.85
C SER B 134 -12.04 -16.71 15.17
N SER B 135 -11.74 -15.39 15.16
CA SER B 135 -12.02 -14.51 16.27
C SER B 135 -13.36 -13.78 16.05
N PHE B 136 -14.41 -14.50 16.45
CA PHE B 136 -15.72 -13.94 16.69
C PHE B 136 -15.74 -13.32 18.08
N LEU B 137 -16.32 -12.11 18.14
CA LEU B 137 -16.68 -11.50 19.41
C LEU B 137 -17.76 -12.34 20.08
N MET B 138 -18.82 -12.65 19.32
CA MET B 138 -19.89 -13.50 19.81
C MET B 138 -20.58 -14.17 18.63
N VAL B 139 -21.40 -15.18 18.94
CA VAL B 139 -22.33 -15.77 17.99
C VAL B 139 -23.72 -15.58 18.56
N VAL B 140 -24.61 -14.98 17.76
CA VAL B 140 -26.00 -14.82 18.13
C VAL B 140 -26.76 -15.92 17.41
N GLY B 141 -27.43 -16.78 18.18
CA GLY B 141 -28.31 -17.80 17.64
C GLY B 141 -29.74 -17.28 17.54
N VAL B 142 -30.45 -17.76 16.52
CA VAL B 142 -31.84 -17.39 16.30
C VAL B 142 -32.60 -18.67 16.00
N ILE B 143 -33.58 -18.99 16.82
CA ILE B 143 -34.28 -20.26 16.69
C ILE B 143 -35.78 -19.99 16.70
N ASN B 144 -36.55 -21.00 16.29
CA ASN B 144 -37.99 -20.97 16.39
C ASN B 144 -38.46 -22.12 17.27
N THR B 145 -39.25 -21.77 18.29
CA THR B 145 -39.63 -22.70 19.34
C THR B 145 -41.00 -23.32 19.12
N ASP B 146 -41.79 -22.78 18.18
CA ASP B 146 -43.15 -23.24 18.02
C ASP B 146 -43.38 -24.01 16.72
N GLY B 147 -42.30 -24.53 16.13
CA GLY B 147 -42.39 -25.44 14.99
C GLY B 147 -42.96 -24.84 13.71
N THR B 148 -43.02 -23.51 13.60
CA THR B 148 -43.64 -22.86 12.46
C THR B 148 -42.64 -22.35 11.42
N MET B 149 -41.35 -22.52 11.68
CA MET B 149 -40.30 -21.97 10.81
C MET B 149 -39.15 -22.96 10.62
N THR B 150 -38.80 -23.26 9.36
CA THR B 150 -37.62 -24.04 9.08
C THR B 150 -36.37 -23.19 9.21
N GLN B 151 -35.20 -23.85 9.15
CA GLN B 151 -33.94 -23.14 9.26
C GLN B 151 -33.79 -22.17 8.09
N GLU B 152 -34.29 -22.53 6.91
CA GLU B 152 -34.25 -21.66 5.75
C GLU B 152 -35.10 -20.42 6.02
N ASP B 153 -36.31 -20.63 6.58
CA ASP B 153 -37.18 -19.53 6.96
C ASP B 153 -36.51 -18.56 7.92
N ILE B 154 -35.87 -19.11 8.96
CA ILE B 154 -35.22 -18.28 9.95
C ILE B 154 -34.09 -17.47 9.32
N SER B 155 -33.30 -18.13 8.49
CA SER B 155 -32.11 -17.52 7.92
C SER B 155 -32.55 -16.36 7.02
N ASP B 156 -33.62 -16.56 6.25
CA ASP B 156 -34.18 -15.48 5.46
C ASP B 156 -34.66 -14.32 6.32
N TYR B 157 -35.37 -14.63 7.41
CA TYR B 157 -35.86 -13.57 8.29
C TYR B 157 -34.67 -12.77 8.81
N VAL B 158 -33.60 -13.45 9.20
CA VAL B 158 -32.43 -12.79 9.76
C VAL B 158 -31.74 -11.93 8.70
N ALA B 159 -31.55 -12.48 7.51
CA ALA B 159 -30.96 -11.72 6.43
C ALA B 159 -31.75 -10.43 6.14
N ALA B 160 -33.08 -10.53 6.17
CA ALA B 160 -33.92 -9.44 5.71
C ALA B 160 -34.27 -8.42 6.80
N ASN B 161 -34.17 -8.80 8.07
CA ASN B 161 -34.69 -7.96 9.14
C ASN B 161 -33.77 -7.69 10.32
N MET B 162 -32.60 -8.35 10.37
CA MET B 162 -31.70 -8.30 11.52
C MET B 162 -30.25 -8.01 11.16
N LYS B 163 -29.73 -8.70 10.14
CA LYS B 163 -28.31 -8.68 9.86
C LYS B 163 -27.79 -7.27 9.62
N ASP B 164 -28.47 -6.52 8.75
CA ASP B 164 -27.96 -5.22 8.32
C ASP B 164 -27.89 -4.24 9.48
N ALA B 165 -28.87 -4.29 10.39
CA ALA B 165 -28.85 -3.42 11.56
C ALA B 165 -27.74 -3.82 12.54
N ILE B 166 -27.50 -5.12 12.70
CA ILE B 166 -26.36 -5.58 13.49
C ILE B 166 -25.07 -5.06 12.86
N SER B 167 -24.95 -5.20 11.53
CA SER B 167 -23.78 -4.71 10.81
C SER B 167 -23.47 -3.24 11.01
N ARG B 168 -24.53 -2.44 11.21
CA ARG B 168 -24.40 -1.01 11.42
C ARG B 168 -24.24 -0.60 12.87
N THR B 169 -24.42 -1.55 13.80
CA THR B 169 -24.23 -1.30 15.21
C THR B 169 -22.78 -0.91 15.53
N SER B 170 -22.62 0.06 16.43
CA SER B 170 -21.33 0.60 16.80
C SER B 170 -20.35 -0.48 17.28
N GLY B 171 -19.17 -0.48 16.68
CA GLY B 171 -18.10 -1.42 17.02
C GLY B 171 -18.16 -2.77 16.31
N VAL B 172 -19.16 -2.96 15.44
CA VAL B 172 -19.30 -4.22 14.75
C VAL B 172 -18.47 -4.19 13.47
N GLY B 173 -17.48 -5.07 13.40
CA GLY B 173 -16.53 -5.08 12.30
C GLY B 173 -17.02 -5.88 11.09
N ASP B 174 -17.64 -7.01 11.37
CA ASP B 174 -18.09 -7.92 10.33
C ASP B 174 -19.19 -8.82 10.89
N VAL B 175 -20.10 -9.27 10.03
CA VAL B 175 -21.17 -10.14 10.44
C VAL B 175 -21.38 -11.26 9.42
N GLN B 176 -21.29 -12.50 9.87
CA GLN B 176 -21.56 -13.65 9.03
C GLN B 176 -22.94 -14.23 9.32
N LEU B 177 -23.78 -14.38 8.29
CA LEU B 177 -24.99 -15.17 8.40
C LEU B 177 -24.68 -16.66 8.36
N PHE B 178 -25.12 -17.39 9.39
CA PHE B 178 -24.96 -18.84 9.42
C PHE B 178 -26.21 -19.49 8.82
N GLY B 179 -26.23 -19.48 7.49
CA GLY B 179 -27.36 -19.91 6.70
C GLY B 179 -27.37 -19.06 5.43
N SER B 180 -28.47 -19.16 4.69
CA SER B 180 -28.68 -18.35 3.52
C SER B 180 -30.09 -17.79 3.54
N GLN B 181 -30.23 -16.65 2.86
CA GLN B 181 -31.54 -16.16 2.48
C GLN B 181 -32.17 -17.12 1.47
N TYR B 182 -33.49 -17.05 1.37
CA TYR B 182 -34.26 -17.79 0.39
C TYR B 182 -33.69 -17.78 -1.02
N ALA B 183 -33.95 -18.87 -1.75
CA ALA B 183 -33.73 -18.93 -3.18
C ALA B 183 -35.02 -19.45 -3.81
N MET B 184 -35.31 -19.05 -5.06
CA MET B 184 -36.45 -19.58 -5.79
C MET B 184 -36.01 -20.96 -6.25
N ARG B 185 -36.71 -21.99 -5.77
CA ARG B 185 -36.38 -23.37 -6.06
C ARG B 185 -37.33 -23.97 -7.06
N ILE B 186 -36.81 -24.32 -8.24
CA ILE B 186 -37.54 -25.10 -9.24
C ILE B 186 -37.07 -26.54 -9.09
N TRP B 187 -37.96 -27.43 -8.63
CA TRP B 187 -37.67 -28.84 -8.43
C TRP B 187 -38.28 -29.62 -9.58
N MET B 188 -37.42 -30.08 -10.50
CA MET B 188 -37.87 -30.63 -11.77
C MET B 188 -38.31 -32.08 -11.62
N ASN B 189 -39.26 -32.48 -12.46
CA ASN B 189 -39.76 -33.84 -12.53
C ASN B 189 -39.45 -34.39 -13.92
N PRO B 190 -38.58 -35.41 -14.05
CA PRO B 190 -38.19 -35.94 -15.35
C PRO B 190 -39.30 -36.65 -16.12
N ASN B 191 -40.26 -37.23 -15.38
CA ASN B 191 -41.41 -37.87 -15.99
C ASN B 191 -42.23 -36.82 -16.74
N GLU B 192 -42.54 -35.72 -16.06
CA GLU B 192 -43.34 -34.66 -16.65
C GLU B 192 -42.58 -34.01 -17.81
N LEU B 193 -41.27 -33.77 -17.62
CA LEU B 193 -40.47 -33.21 -18.69
C LEU B 193 -40.54 -34.07 -19.95
N ASN B 194 -40.42 -35.38 -19.80
CA ASN B 194 -40.40 -36.28 -20.94
C ASN B 194 -41.76 -36.35 -21.62
N LYS B 195 -42.82 -36.37 -20.81
CA LYS B 195 -44.19 -36.31 -21.30
C LYS B 195 -44.43 -35.18 -22.31
N PHE B 196 -43.78 -34.02 -22.10
CA PHE B 196 -43.93 -32.89 -23.01
C PHE B 196 -42.72 -32.65 -23.91
N GLN B 197 -41.81 -33.62 -23.97
CA GLN B 197 -40.61 -33.55 -24.81
C GLN B 197 -39.75 -32.34 -24.52
N LEU B 198 -39.48 -32.13 -23.22
CA LEU B 198 -38.69 -31.03 -22.71
C LEU B 198 -37.55 -31.52 -21.81
N THR B 199 -36.56 -30.66 -21.61
CA THR B 199 -35.41 -30.97 -20.79
C THR B 199 -35.11 -29.80 -19.87
N PRO B 200 -34.24 -29.98 -18.86
CA PRO B 200 -33.76 -28.86 -18.06
C PRO B 200 -33.21 -27.70 -18.91
N VAL B 201 -32.73 -27.99 -20.11
CA VAL B 201 -32.22 -26.94 -20.98
C VAL B 201 -33.36 -25.99 -21.39
N ASP B 202 -34.50 -26.56 -21.75
CA ASP B 202 -35.67 -25.76 -22.05
C ASP B 202 -36.12 -24.95 -20.84
N VAL B 203 -36.03 -25.55 -19.64
CA VAL B 203 -36.43 -24.85 -18.44
C VAL B 203 -35.53 -23.63 -18.21
N ILE B 204 -34.21 -23.84 -18.31
CA ILE B 204 -33.27 -22.77 -18.07
C ILE B 204 -33.45 -21.63 -19.07
N THR B 205 -33.64 -21.99 -20.35
CA THR B 205 -33.82 -20.99 -21.39
C THR B 205 -35.05 -20.13 -21.08
N ALA B 206 -36.16 -20.79 -20.77
CA ALA B 206 -37.40 -20.10 -20.45
C ALA B 206 -37.26 -19.14 -19.26
N ILE B 207 -36.57 -19.59 -18.20
CA ILE B 207 -36.39 -18.75 -17.03
C ILE B 207 -35.54 -17.51 -17.37
N LYS B 208 -34.45 -17.71 -18.12
CA LYS B 208 -33.61 -16.58 -18.52
C LYS B 208 -34.40 -15.59 -19.38
N ALA B 209 -35.32 -16.12 -20.18
CA ALA B 209 -36.11 -15.27 -21.06
C ALA B 209 -37.21 -14.52 -20.30
N GLN B 210 -37.86 -15.20 -19.34
CA GLN B 210 -39.08 -14.67 -18.76
C GLN B 210 -38.88 -14.10 -17.36
N ASN B 211 -37.69 -14.32 -16.78
CA ASN B 211 -37.32 -13.68 -15.53
C ASN B 211 -36.10 -12.83 -15.81
N ALA B 212 -36.31 -11.64 -16.40
CA ALA B 212 -35.20 -10.77 -16.72
C ALA B 212 -35.57 -9.30 -16.61
N GLN B 213 -34.52 -8.48 -16.65
CA GLN B 213 -34.56 -7.03 -16.72
C GLN B 213 -34.02 -6.57 -18.07
N VAL B 214 -34.94 -6.08 -18.91
CA VAL B 214 -34.68 -5.65 -20.27
C VAL B 214 -34.64 -4.14 -20.38
N ALA B 215 -33.54 -3.61 -20.91
CA ALA B 215 -33.42 -2.20 -21.23
C ALA B 215 -34.29 -1.80 -22.43
N ALA B 216 -34.95 -0.63 -22.33
CA ALA B 216 -35.59 -0.03 -23.50
C ALA B 216 -34.93 1.28 -23.91
N GLY B 217 -35.47 2.42 -23.48
CA GLY B 217 -34.95 3.71 -23.90
C GLY B 217 -35.75 4.86 -23.30
N GLN B 218 -35.98 5.93 -24.09
CA GLN B 218 -36.81 7.05 -23.68
C GLN B 218 -37.74 7.51 -24.79
N LEU B 219 -38.87 8.08 -24.39
CA LEU B 219 -39.68 8.93 -25.25
C LEU B 219 -39.04 10.32 -25.15
N GLY B 220 -38.86 10.98 -26.29
CA GLY B 220 -38.41 12.35 -26.30
C GLY B 220 -36.99 12.50 -25.78
N GLY B 221 -36.19 11.44 -25.96
CA GLY B 221 -34.78 11.50 -25.59
C GLY B 221 -33.96 12.35 -26.54
N THR B 222 -32.80 12.82 -26.05
CA THR B 222 -31.88 13.63 -26.83
C THR B 222 -31.19 12.76 -27.88
N PRO B 223 -30.90 13.28 -29.10
CA PRO B 223 -31.42 14.56 -29.57
C PRO B 223 -32.87 14.47 -30.01
N PRO B 224 -33.75 15.43 -29.59
CA PRO B 224 -35.16 15.36 -29.93
C PRO B 224 -35.50 16.06 -31.24
N VAL B 225 -36.72 15.84 -31.74
CA VAL B 225 -37.34 16.84 -32.59
C VAL B 225 -37.71 18.04 -31.71
N LYS B 226 -37.22 19.22 -32.05
CA LYS B 226 -37.59 20.42 -31.31
C LYS B 226 -39.11 20.55 -31.35
N GLY B 227 -39.68 21.06 -30.24
CA GLY B 227 -41.12 21.11 -30.05
C GLY B 227 -41.69 19.96 -29.22
N GLN B 228 -40.88 18.92 -29.01
CA GLN B 228 -41.19 17.84 -28.09
C GLN B 228 -41.55 18.38 -26.70
N GLN B 229 -42.67 17.87 -26.16
CA GLN B 229 -43.15 18.32 -24.87
C GLN B 229 -42.74 17.39 -23.73
N LEU B 230 -42.62 16.10 -24.02
CA LEU B 230 -42.43 15.12 -22.97
C LEU B 230 -41.14 14.35 -23.11
N ASN B 231 -40.42 14.22 -21.99
CA ASN B 231 -39.37 13.22 -21.84
C ASN B 231 -39.69 12.22 -20.72
N ALA B 232 -39.68 10.93 -21.06
CA ALA B 232 -39.96 9.88 -20.09
C ALA B 232 -39.24 8.59 -20.41
N SER B 233 -38.78 7.91 -19.33
CA SER B 233 -38.14 6.61 -19.48
C SER B 233 -39.16 5.56 -19.90
N ILE B 234 -38.75 4.65 -20.77
CA ILE B 234 -39.58 3.53 -21.18
C ILE B 234 -39.13 2.36 -20.33
N ILE B 235 -40.07 1.77 -19.56
CA ILE B 235 -39.81 0.60 -18.77
C ILE B 235 -40.37 -0.65 -19.44
N ALA B 236 -39.51 -1.64 -19.67
CA ALA B 236 -39.91 -2.90 -20.27
C ALA B 236 -39.89 -3.99 -19.20
N GLN B 237 -39.55 -5.23 -19.58
CA GLN B 237 -39.73 -6.36 -18.67
C GLN B 237 -38.84 -6.22 -17.43
N THR B 238 -39.39 -6.54 -16.25
CA THR B 238 -38.65 -6.59 -15.01
C THR B 238 -38.73 -7.98 -14.36
N ARG B 239 -37.86 -8.21 -13.38
CA ARG B 239 -37.73 -9.52 -12.75
C ARG B 239 -39.03 -9.98 -12.12
N LEU B 240 -39.23 -11.30 -12.10
CA LEU B 240 -40.33 -11.91 -11.37
C LEU B 240 -40.08 -11.78 -9.86
N THR B 241 -41.17 -11.85 -9.09
CA THR B 241 -41.12 -11.58 -7.66
C THR B 241 -41.74 -12.64 -6.75
N SER B 242 -42.26 -13.73 -7.33
CA SER B 242 -43.05 -14.68 -6.56
C SER B 242 -43.03 -16.09 -7.14
N THR B 243 -43.38 -17.10 -6.31
CA THR B 243 -43.49 -18.45 -6.82
C THR B 243 -44.59 -18.57 -7.88
N GLU B 244 -45.68 -17.81 -7.69
CA GLU B 244 -46.81 -17.84 -8.62
C GLU B 244 -46.36 -17.44 -10.02
N GLU B 245 -45.55 -16.38 -10.11
CA GLU B 245 -45.07 -15.91 -11.40
C GLU B 245 -44.12 -16.92 -12.04
N PHE B 246 -43.24 -17.56 -11.24
CA PHE B 246 -42.35 -18.58 -11.76
C PHE B 246 -43.15 -19.78 -12.27
N GLY B 247 -44.22 -20.12 -11.56
CA GLY B 247 -45.09 -21.22 -11.93
C GLY B 247 -45.74 -21.08 -13.30
N LYS B 248 -46.07 -19.84 -13.67
CA LYS B 248 -46.71 -19.56 -14.95
C LYS B 248 -45.76 -19.29 -16.12
N ILE B 249 -44.45 -19.42 -15.88
CA ILE B 249 -43.49 -19.34 -16.98
C ILE B 249 -43.93 -20.33 -18.05
N LEU B 250 -43.98 -19.87 -19.30
CA LEU B 250 -44.51 -20.67 -20.39
C LEU B 250 -43.38 -21.45 -21.05
N LEU B 251 -43.41 -22.77 -20.91
CA LEU B 251 -42.41 -23.62 -21.52
C LEU B 251 -42.75 -23.89 -22.98
N LYS B 252 -44.02 -24.18 -23.26
CA LYS B 252 -44.39 -24.65 -24.59
C LYS B 252 -45.90 -24.57 -24.80
N VAL B 253 -46.31 -24.35 -26.06
CA VAL B 253 -47.71 -24.50 -26.46
C VAL B 253 -47.77 -25.71 -27.39
N ASN B 254 -48.63 -26.68 -27.02
CA ASN B 254 -48.75 -27.91 -27.78
C ASN B 254 -49.52 -27.63 -29.06
N GLN B 255 -49.46 -28.57 -30.01
CA GLN B 255 -50.12 -28.43 -31.29
C GLN B 255 -51.60 -28.13 -31.13
N ASP B 256 -52.27 -28.84 -30.20
CA ASP B 256 -53.68 -28.61 -29.93
C ASP B 256 -53.99 -27.34 -29.15
N GLY B 257 -53.00 -26.45 -29.01
CA GLY B 257 -53.20 -25.16 -28.36
C GLY B 257 -53.11 -25.12 -26.83
N SER B 258 -52.97 -26.28 -26.18
CA SER B 258 -52.79 -26.33 -24.74
C SER B 258 -51.39 -25.84 -24.35
N ARG B 259 -51.29 -25.30 -23.13
CA ARG B 259 -50.07 -24.67 -22.65
C ARG B 259 -49.37 -25.53 -21.61
N VAL B 260 -48.04 -25.67 -21.77
CA VAL B 260 -47.21 -26.31 -20.77
C VAL B 260 -46.49 -25.23 -19.97
N LEU B 261 -46.84 -25.12 -18.69
CA LEU B 261 -46.23 -24.14 -17.80
C LEU B 261 -45.16 -24.82 -16.94
N LEU B 262 -44.29 -24.00 -16.35
CA LEU B 262 -43.21 -24.51 -15.53
C LEU B 262 -43.74 -25.32 -14.35
N ARG B 263 -44.87 -24.89 -13.77
CA ARG B 263 -45.45 -25.60 -12.64
C ARG B 263 -46.00 -26.97 -13.02
N ASP B 264 -46.18 -27.20 -14.33
CA ASP B 264 -46.59 -28.50 -14.84
C ASP B 264 -45.47 -29.53 -14.96
N VAL B 265 -44.21 -29.08 -14.81
CA VAL B 265 -43.07 -29.99 -14.84
C VAL B 265 -42.17 -29.85 -13.62
N ALA B 266 -42.59 -29.06 -12.62
CA ALA B 266 -41.75 -28.84 -11.46
C ALA B 266 -42.56 -28.30 -10.29
N LYS B 267 -42.03 -28.53 -9.08
CA LYS B 267 -42.56 -27.94 -7.86
C LYS B 267 -41.78 -26.66 -7.62
N ILE B 268 -42.50 -25.60 -7.20
CA ILE B 268 -41.91 -24.29 -7.09
C ILE B 268 -42.05 -23.80 -5.66
N GLU B 269 -40.94 -23.44 -5.02
CA GLU B 269 -41.00 -22.96 -3.66
C GLU B 269 -39.80 -22.07 -3.32
N LEU B 270 -40.01 -21.18 -2.34
CA LEU B 270 -38.91 -20.48 -1.71
C LEU B 270 -38.22 -21.50 -0.80
N GLY B 271 -36.95 -21.80 -1.09
CA GLY B 271 -36.14 -22.68 -0.27
C GLY B 271 -34.74 -22.09 -0.10
N GLY B 272 -33.80 -22.93 0.36
CA GLY B 272 -32.47 -22.43 0.67
C GLY B 272 -31.58 -22.36 -0.56
N GLU B 273 -30.47 -21.62 -0.44
CA GLU B 273 -29.45 -21.65 -1.48
C GLU B 273 -28.80 -23.03 -1.45
N ASN B 274 -28.69 -23.60 -0.25
CA ASN B 274 -27.92 -24.81 -0.04
C ASN B 274 -28.57 -25.68 1.02
N TYR B 275 -28.46 -27.00 0.89
CA TYR B 275 -29.11 -27.92 1.81
C TYR B 275 -28.14 -28.87 2.52
N ASP B 276 -26.85 -28.48 2.54
CA ASP B 276 -25.81 -29.31 3.13
C ASP B 276 -25.63 -29.17 4.63
N ILE B 277 -26.04 -28.03 5.17
CA ILE B 277 -26.06 -27.82 6.60
C ILE B 277 -27.47 -28.00 7.15
N ILE B 278 -27.57 -28.83 8.19
CA ILE B 278 -28.72 -28.81 9.07
C ILE B 278 -28.24 -28.34 10.44
N ALA B 279 -28.79 -27.21 10.90
CA ALA B 279 -28.37 -26.60 12.13
C ALA B 279 -29.53 -26.67 13.11
N GLU B 280 -29.27 -27.24 14.30
CA GLU B 280 -30.26 -27.27 15.36
C GLU B 280 -29.69 -26.71 16.64
N PHE B 281 -30.52 -25.99 17.40
CA PHE B 281 -30.20 -25.51 18.73
C PHE B 281 -31.11 -26.20 19.74
N ASN B 282 -30.55 -27.10 20.55
CA ASN B 282 -31.32 -27.93 21.46
C ASN B 282 -32.48 -28.58 20.72
N GLY B 283 -32.21 -29.08 19.51
CA GLY B 283 -33.21 -29.82 18.77
C GLY B 283 -34.14 -28.99 17.89
N GLN B 284 -34.10 -27.66 18.04
CA GLN B 284 -34.97 -26.81 17.22
C GLN B 284 -34.23 -26.14 16.07
N PRO B 285 -34.90 -25.84 14.94
CA PRO B 285 -34.24 -25.17 13.82
C PRO B 285 -33.53 -23.88 14.23
N ALA B 286 -32.31 -23.70 13.71
CA ALA B 286 -31.50 -22.56 14.10
C ALA B 286 -30.77 -21.89 12.94
N SER B 287 -30.63 -20.57 13.02
CA SER B 287 -29.71 -19.80 12.20
C SER B 287 -28.87 -18.97 13.17
N GLY B 288 -28.12 -18.00 12.67
CA GLY B 288 -27.40 -17.10 13.55
C GLY B 288 -26.44 -16.15 12.85
N LEU B 289 -25.87 -15.26 13.65
CA LEU B 289 -24.94 -14.23 13.20
C LEU B 289 -23.62 -14.41 13.94
N GLY B 290 -22.52 -14.57 13.19
CA GLY B 290 -21.18 -14.51 13.77
C GLY B 290 -20.64 -13.09 13.71
N ILE B 291 -20.41 -12.49 14.88
CA ILE B 291 -20.06 -11.08 14.92
C ILE B 291 -18.61 -10.89 15.31
N LYS B 292 -17.88 -10.10 14.51
CA LYS B 292 -16.50 -9.74 14.80
C LYS B 292 -16.38 -8.27 15.24
N LEU B 293 -15.40 -7.98 16.09
CA LEU B 293 -15.18 -6.66 16.64
C LEU B 293 -14.37 -5.75 15.70
N ALA B 294 -14.88 -4.55 15.45
CA ALA B 294 -14.13 -3.58 14.65
C ALA B 294 -12.80 -3.20 15.29
N THR B 295 -11.79 -2.99 14.44
CA THR B 295 -10.53 -2.40 14.87
C THR B 295 -10.77 -1.20 15.77
N GLY B 296 -10.09 -1.19 16.91
CA GLY B 296 -10.17 -0.07 17.82
C GLY B 296 -11.39 -0.02 18.74
N ALA B 297 -12.32 -0.98 18.62
CA ALA B 297 -13.57 -0.85 19.35
C ALA B 297 -13.48 -1.42 20.77
N ASN B 298 -14.36 -0.92 21.63
CA ASN B 298 -14.54 -1.48 22.96
C ASN B 298 -15.45 -2.70 22.90
N ALA B 299 -14.91 -3.84 23.30
CA ALA B 299 -15.62 -5.11 23.20
C ALA B 299 -16.89 -5.10 24.04
N LEU B 300 -16.78 -4.60 25.28
CA LEU B 300 -17.91 -4.61 26.19
C LEU B 300 -19.02 -3.70 25.68
N ASP B 301 -18.65 -2.50 25.20
CA ASP B 301 -19.65 -1.58 24.68
C ASP B 301 -20.33 -2.15 23.44
N THR B 302 -19.55 -2.81 22.56
CA THR B 302 -20.09 -3.40 21.36
C THR B 302 -21.10 -4.51 21.72
N ALA B 303 -20.71 -5.42 22.61
CA ALA B 303 -21.63 -6.45 23.06
C ALA B 303 -22.93 -5.86 23.59
N ALA B 304 -22.80 -4.78 24.38
CA ALA B 304 -23.95 -4.11 24.97
C ALA B 304 -24.82 -3.50 23.89
N ALA B 305 -24.18 -2.88 22.90
CA ALA B 305 -24.88 -2.25 21.79
C ALA B 305 -25.60 -3.29 20.96
N ILE B 306 -24.95 -4.45 20.72
CA ILE B 306 -25.57 -5.54 19.98
C ILE B 306 -26.82 -6.02 20.71
N ARG B 307 -26.73 -6.23 22.02
CA ARG B 307 -27.89 -6.59 22.81
C ARG B 307 -29.02 -5.56 22.73
N ALA B 308 -28.68 -4.27 22.82
CA ALA B 308 -29.68 -3.22 22.78
C ALA B 308 -30.41 -3.21 21.44
N GLU B 309 -29.67 -3.46 20.37
CA GLU B 309 -30.27 -3.47 19.05
C GLU B 309 -31.20 -4.67 18.88
N LEU B 310 -30.80 -5.82 19.39
CA LEU B 310 -31.65 -7.00 19.35
C LEU B 310 -32.94 -6.77 20.14
N ALA B 311 -32.83 -6.12 21.30
CA ALA B 311 -33.99 -5.79 22.11
C ALA B 311 -35.00 -4.92 21.34
N LYS B 312 -34.51 -3.96 20.57
CA LYS B 312 -35.39 -3.15 19.72
C LYS B 312 -36.12 -3.96 18.66
N MET B 313 -35.50 -5.06 18.21
CA MET B 313 -36.06 -5.91 17.17
C MET B 313 -37.12 -6.89 17.67
N GLU B 314 -37.04 -7.28 18.95
CA GLU B 314 -37.84 -8.38 19.47
C GLU B 314 -39.35 -8.17 19.27
N PRO B 315 -39.89 -6.96 19.51
CA PRO B 315 -41.30 -6.68 19.32
C PRO B 315 -41.86 -6.92 17.93
N PHE B 316 -41.00 -7.07 16.92
CA PHE B 316 -41.49 -7.30 15.56
C PHE B 316 -41.30 -8.74 15.10
N PHE B 317 -40.77 -9.60 15.99
CA PHE B 317 -40.47 -10.96 15.60
C PHE B 317 -41.73 -11.75 15.27
N PRO B 318 -41.67 -12.69 14.30
CA PRO B 318 -42.75 -13.64 14.16
C PRO B 318 -42.87 -14.54 15.39
N SER B 319 -44.02 -15.23 15.51
CA SER B 319 -44.23 -16.10 16.66
C SER B 319 -43.12 -17.15 16.72
N GLY B 320 -42.67 -17.41 17.95
CA GLY B 320 -41.75 -18.50 18.22
C GLY B 320 -40.27 -18.16 18.05
N LEU B 321 -39.96 -17.02 17.42
CA LEU B 321 -38.58 -16.65 17.16
C LEU B 321 -37.93 -16.20 18.45
N LYS B 322 -36.73 -16.72 18.73
CA LYS B 322 -36.06 -16.39 19.97
C LYS B 322 -34.56 -16.23 19.73
N ILE B 323 -33.99 -15.18 20.32
CA ILE B 323 -32.55 -14.96 20.29
C ILE B 323 -31.93 -15.75 21.43
N VAL B 324 -30.82 -16.45 21.14
CA VAL B 324 -29.97 -17.05 22.15
C VAL B 324 -28.54 -16.63 21.89
N TYR B 325 -27.68 -16.80 22.91
CA TYR B 325 -26.30 -16.33 22.86
C TYR B 325 -25.38 -17.50 23.20
N PRO B 326 -25.18 -18.45 22.28
CA PRO B 326 -24.40 -19.65 22.54
C PRO B 326 -22.89 -19.47 22.70
N TYR B 327 -22.38 -18.29 22.35
CA TYR B 327 -20.96 -18.00 22.49
C TYR B 327 -20.71 -16.49 22.59
N ASP B 328 -20.08 -16.05 23.69
CA ASP B 328 -19.75 -14.66 23.90
C ASP B 328 -18.44 -14.58 24.68
N THR B 329 -17.45 -13.91 24.09
CA THR B 329 -16.14 -13.73 24.71
C THR B 329 -16.09 -12.56 25.68
N THR B 330 -17.12 -11.71 25.73
CA THR B 330 -17.05 -10.51 26.56
C THR B 330 -17.13 -10.77 28.06
N PRO B 331 -17.86 -11.78 28.57
CA PRO B 331 -17.70 -12.18 29.96
C PRO B 331 -16.24 -12.29 30.45
N PHE B 332 -15.37 -12.91 29.67
CA PHE B 332 -13.95 -12.99 30.00
C PHE B 332 -13.32 -11.60 30.13
N VAL B 333 -13.59 -10.75 29.14
CA VAL B 333 -13.05 -9.41 29.14
C VAL B 333 -13.56 -8.68 30.38
N LYS B 334 -14.87 -8.76 30.64
CA LYS B 334 -15.46 -8.10 31.79
C LYS B 334 -14.81 -8.57 33.08
N ILE B 335 -14.76 -9.90 33.27
CA ILE B 335 -14.22 -10.49 34.48
C ILE B 335 -12.73 -10.19 34.62
N SER B 336 -11.96 -10.34 33.54
CA SER B 336 -10.54 -10.01 33.56
C SER B 336 -10.25 -8.60 34.06
N ILE B 337 -10.97 -7.62 33.50
CA ILE B 337 -10.84 -6.22 33.90
C ILE B 337 -11.17 -6.03 35.37
N HIS B 338 -12.35 -6.53 35.79
CA HIS B 338 -12.78 -6.42 37.17
C HIS B 338 -11.72 -6.96 38.13
N GLU B 339 -11.13 -8.11 37.75
CA GLU B 339 -10.16 -8.78 38.58
C GLU B 339 -8.85 -8.01 38.72
N VAL B 340 -8.45 -7.28 37.68
CA VAL B 340 -7.23 -6.50 37.74
C VAL B 340 -7.43 -5.26 38.60
N VAL B 341 -8.61 -4.63 38.48
CA VAL B 341 -8.89 -3.43 39.27
C VAL B 341 -8.92 -3.80 40.74
N LYS B 342 -9.63 -4.90 41.05
CA LYS B 342 -9.70 -5.44 42.40
C LYS B 342 -8.30 -5.70 42.94
N THR B 343 -7.44 -6.33 42.14
CA THR B 343 -6.05 -6.58 42.52
C THR B 343 -5.30 -5.30 42.87
N LEU B 344 -5.48 -4.28 42.03
CA LEU B 344 -4.76 -3.03 42.22
C LEU B 344 -5.18 -2.37 43.54
N VAL B 345 -6.49 -2.33 43.78
CA VAL B 345 -7.03 -1.77 45.01
C VAL B 345 -6.56 -2.55 46.23
N GLU B 346 -6.60 -3.88 46.16
CA GLU B 346 -6.11 -4.71 47.25
C GLU B 346 -4.64 -4.44 47.51
N ALA B 347 -3.84 -4.33 46.44
CA ALA B 347 -2.43 -4.03 46.58
C ALA B 347 -2.22 -2.76 47.39
N ILE B 348 -2.98 -1.71 47.05
CA ILE B 348 -2.88 -0.42 47.74
C ILE B 348 -3.25 -0.56 49.22
N ILE B 349 -4.32 -1.32 49.49
CA ILE B 349 -4.74 -1.59 50.85
C ILE B 349 -3.66 -2.34 51.61
N LEU B 350 -3.11 -3.39 50.99
CA LEU B 350 -2.10 -4.22 51.61
C LEU B 350 -0.82 -3.44 51.85
N VAL B 351 -0.44 -2.58 50.90
CA VAL B 351 0.75 -1.76 51.09
C VAL B 351 0.54 -0.80 52.26
N PHE B 352 -0.63 -0.14 52.28
CA PHE B 352 -1.01 0.73 53.38
C PHE B 352 -0.87 0.05 54.74
N LEU B 353 -1.38 -1.19 54.84
CA LEU B 353 -1.32 -1.94 56.09
C LEU B 353 0.12 -2.29 56.47
N VAL B 354 0.90 -2.77 55.51
CA VAL B 354 2.29 -3.10 55.76
C VAL B 354 3.04 -1.85 56.17
N MET B 355 2.83 -0.75 55.46
CA MET B 355 3.51 0.51 55.77
C MET B 355 3.19 0.91 57.21
N TYR B 356 1.89 0.83 57.56
CA TYR B 356 1.46 1.25 58.88
C TYR B 356 2.03 0.33 59.98
N LEU B 357 2.12 -0.96 59.66
CA LEU B 357 2.62 -1.93 60.62
C LEU B 357 4.05 -1.59 61.03
N PHE B 358 4.89 -1.21 60.05
CA PHE B 358 6.31 -1.01 60.31
C PHE B 358 6.62 0.44 60.70
N LEU B 359 6.08 1.39 59.93
CA LEU B 359 6.45 2.80 60.08
C LEU B 359 5.53 3.52 61.06
N GLN B 360 4.31 2.99 61.25
CA GLN B 360 3.42 3.41 62.32
C GLN B 360 3.05 4.90 62.27
N ASN B 361 2.97 5.44 61.04
CA ASN B 361 2.42 6.77 60.83
C ASN B 361 1.67 6.84 59.50
N PHE B 362 0.56 7.57 59.51
CA PHE B 362 -0.37 7.62 58.40
C PHE B 362 0.17 8.44 57.24
N ARG B 363 0.90 9.53 57.56
CA ARG B 363 1.57 10.34 56.55
C ARG B 363 2.44 9.52 55.60
N ALA B 364 3.19 8.55 56.15
CA ALA B 364 4.04 7.70 55.34
C ALA B 364 3.26 6.76 54.43
N THR B 365 2.13 6.24 54.92
CA THR B 365 1.29 5.34 54.15
C THR B 365 0.66 6.03 52.94
N LEU B 366 0.48 7.36 53.02
CA LEU B 366 -0.11 8.08 51.91
C LEU B 366 0.82 8.23 50.71
N ILE B 367 2.14 8.19 50.95
CA ILE B 367 3.08 8.45 49.87
C ILE B 367 2.98 7.39 48.76
N PRO B 368 3.06 6.07 49.08
CA PRO B 368 2.80 5.03 48.08
C PRO B 368 1.38 5.02 47.51
N THR B 369 0.40 5.42 48.34
CA THR B 369 -0.98 5.44 47.92
C THR B 369 -1.24 6.46 46.82
N ILE B 370 -0.50 7.57 46.83
CA ILE B 370 -0.46 8.47 45.68
C ILE B 370 0.35 7.89 44.52
N ALA B 371 1.55 7.36 44.79
CA ALA B 371 2.56 7.17 43.74
C ALA B 371 2.19 6.04 42.78
N VAL B 372 1.65 4.96 43.36
CA VAL B 372 1.28 3.80 42.57
C VAL B 372 0.24 4.15 41.50
N PRO B 373 -0.92 4.75 41.86
CA PRO B 373 -1.88 5.21 40.84
C PRO B 373 -1.30 6.17 39.82
N VAL B 374 -0.43 7.09 40.25
CA VAL B 374 0.24 7.97 39.29
C VAL B 374 1.01 7.19 38.23
N VAL B 375 1.75 6.17 38.65
CA VAL B 375 2.54 5.37 37.72
C VAL B 375 1.63 4.56 36.79
N LEU B 376 0.61 3.93 37.36
CA LEU B 376 -0.34 3.15 36.59
C LEU B 376 -1.09 3.96 35.52
N LEU B 377 -1.66 5.09 35.93
CA LEU B 377 -2.27 6.01 34.98
C LEU B 377 -1.29 6.43 33.88
N GLY B 378 -0.08 6.80 34.28
CA GLY B 378 0.97 7.10 33.30
C GLY B 378 1.18 5.94 32.31
N THR B 379 1.22 4.71 32.85
CA THR B 379 1.45 3.53 32.03
C THR B 379 0.37 3.39 30.96
N PHE B 380 -0.87 3.70 31.34
CA PHE B 380 -1.94 3.64 30.37
C PHE B 380 -1.71 4.62 29.23
N ALA B 381 -1.25 5.84 29.58
CA ALA B 381 -0.94 6.84 28.57
C ALA B 381 0.13 6.34 27.61
N VAL B 382 1.14 5.65 28.15
CA VAL B 382 2.20 5.10 27.31
C VAL B 382 1.67 3.99 26.40
N LEU B 383 0.80 3.13 26.93
CA LEU B 383 0.15 2.13 26.09
C LEU B 383 -0.59 2.75 24.90
N ALA B 384 -1.37 3.80 25.21
CA ALA B 384 -2.12 4.52 24.20
C ALA B 384 -1.19 5.13 23.15
N ALA B 385 -0.05 5.67 23.58
CA ALA B 385 0.91 6.28 22.67
C ALA B 385 1.40 5.30 21.63
N PHE B 386 1.72 4.08 22.08
CA PHE B 386 2.29 3.06 21.22
C PHE B 386 1.22 2.17 20.58
N GLY B 387 -0.05 2.52 20.76
CA GLY B 387 -1.14 1.86 20.05
C GLY B 387 -1.62 0.54 20.61
N PHE B 388 -1.29 0.24 21.88
CA PHE B 388 -1.75 -1.00 22.48
C PHE B 388 -3.18 -0.83 22.98
N SER B 389 -3.83 -1.97 23.24
CA SER B 389 -5.18 -1.99 23.78
C SER B 389 -5.15 -2.49 25.22
N ILE B 390 -6.26 -2.25 25.93
CA ILE B 390 -6.51 -2.87 27.20
C ILE B 390 -6.99 -4.28 26.85
N ASN B 391 -6.21 -5.29 27.25
CA ASN B 391 -6.55 -6.67 26.97
C ASN B 391 -5.96 -7.56 28.07
N THR B 392 -6.27 -8.86 28.01
CA THR B 392 -5.83 -9.81 29.02
C THR B 392 -4.34 -9.72 29.32
N LEU B 393 -3.55 -9.68 28.25
CA LEU B 393 -2.11 -9.70 28.36
C LEU B 393 -1.57 -8.38 28.93
N THR B 394 -2.05 -7.24 28.43
CA THR B 394 -1.57 -5.96 28.95
C THR B 394 -1.98 -5.79 30.41
N MET B 395 -3.17 -6.30 30.78
N MET B 395 -3.15 -6.31 30.78
CA MET B 395 -3.69 -6.19 32.14
CA MET B 395 -3.64 -6.14 32.14
C MET B 395 -2.92 -7.06 33.13
C MET B 395 -2.93 -7.06 33.13
N PHE B 396 -2.53 -8.26 32.68
CA PHE B 396 -1.70 -9.11 33.52
C PHE B 396 -0.31 -8.51 33.65
N GLY B 397 0.17 -7.86 32.58
CA GLY B 397 1.38 -7.07 32.64
C GLY B 397 1.36 -6.09 33.80
N MET B 398 0.22 -5.40 33.97
CA MET B 398 0.07 -4.44 35.04
C MET B 398 -0.01 -5.10 36.42
N VAL B 399 -0.67 -6.26 36.51
CA VAL B 399 -0.67 -7.03 37.75
C VAL B 399 0.75 -7.45 38.12
N LEU B 400 1.50 -8.02 37.17
CA LEU B 400 2.89 -8.37 37.42
C LEU B 400 3.76 -7.17 37.78
N ALA B 401 3.46 -6.02 37.18
CA ALA B 401 4.22 -4.81 37.44
C ALA B 401 4.09 -4.29 38.88
N ILE B 402 2.96 -4.56 39.53
CA ILE B 402 2.61 -4.00 40.83
C ILE B 402 3.75 -4.05 41.82
N GLY B 403 4.31 -5.25 41.96
CA GLY B 403 5.38 -5.49 42.92
C GLY B 403 6.60 -4.61 42.72
N LEU B 404 6.83 -4.13 41.49
CA LEU B 404 7.94 -3.23 41.20
C LEU B 404 7.62 -1.76 41.52
N LEU B 405 6.38 -1.33 41.21
CA LEU B 405 5.88 -0.01 41.58
C LEU B 405 5.81 0.19 43.10
N VAL B 406 5.24 -0.81 43.76
CA VAL B 406 5.16 -0.84 45.20
C VAL B 406 6.54 -0.74 45.85
N ASP B 407 7.48 -1.52 45.32
CA ASP B 407 8.82 -1.55 45.85
C ASP B 407 9.45 -0.17 45.80
N ASP B 408 9.44 0.49 44.64
CA ASP B 408 10.05 1.79 44.48
C ASP B 408 9.53 2.80 45.50
N ALA B 409 8.20 2.79 45.74
CA ALA B 409 7.58 3.65 46.73
C ALA B 409 7.99 3.29 48.16
N ILE B 410 7.96 1.99 48.49
CA ILE B 410 8.42 1.56 49.80
C ILE B 410 9.89 1.95 50.04
N VAL B 411 10.75 1.66 49.06
CA VAL B 411 12.17 1.86 49.21
C VAL B 411 12.47 3.31 49.56
N VAL B 412 11.85 4.25 48.84
CA VAL B 412 12.14 5.65 49.09
C VAL B 412 11.70 6.09 50.49
N VAL B 413 10.43 5.82 50.81
CA VAL B 413 9.87 6.25 52.07
C VAL B 413 10.60 5.60 53.24
N GLU B 414 10.74 4.27 53.17
CA GLU B 414 11.38 3.51 54.24
C GLU B 414 12.77 4.08 54.50
N ASN B 415 13.50 4.40 53.43
CA ASN B 415 14.88 4.80 53.59
C ASN B 415 15.00 6.15 54.29
N VAL B 416 14.08 7.06 53.97
CA VAL B 416 14.02 8.34 54.67
C VAL B 416 13.73 8.15 56.16
N GLU B 417 12.74 7.31 56.46
CA GLU B 417 12.37 7.02 57.83
C GLU B 417 13.53 6.45 58.65
N ARG B 418 14.34 5.60 57.99
CA ARG B 418 15.49 5.03 58.64
C ARG B 418 16.52 6.11 58.93
N VAL B 419 16.82 6.94 57.92
CA VAL B 419 17.80 8.01 58.09
C VAL B 419 17.41 8.94 59.24
N MET B 420 16.12 9.22 59.39
CA MET B 420 15.64 10.12 60.43
C MET B 420 15.81 9.48 61.81
N ALA B 421 15.57 8.17 61.91
CA ALA B 421 15.68 7.47 63.18
C ALA B 421 17.14 7.31 63.61
N GLU B 422 18.03 7.01 62.66
CA GLU B 422 19.42 6.73 62.97
C GLU B 422 20.22 8.00 63.22
N GLU B 423 19.95 9.05 62.43
CA GLU B 423 20.76 10.26 62.47
C GLU B 423 20.08 11.47 63.08
N GLY B 424 18.74 11.43 63.21
CA GLY B 424 18.00 12.53 63.81
C GLY B 424 17.82 13.75 62.91
N LEU B 425 18.13 13.62 61.62
CA LEU B 425 17.98 14.72 60.68
C LEU B 425 16.50 15.07 60.53
N PRO B 426 16.16 16.36 60.26
CA PRO B 426 14.78 16.71 59.94
C PRO B 426 14.34 16.16 58.57
N PRO B 427 13.02 16.09 58.28
CA PRO B 427 12.52 15.36 57.12
C PRO B 427 13.19 15.72 55.79
N LYS B 428 13.38 17.02 55.56
CA LYS B 428 13.88 17.51 54.29
C LYS B 428 15.35 17.14 54.07
N GLU B 429 16.16 17.26 55.13
CA GLU B 429 17.59 16.96 55.06
C GLU B 429 17.80 15.45 54.96
N ALA B 430 17.00 14.69 55.72
CA ALA B 430 16.97 13.24 55.67
C ALA B 430 16.66 12.75 54.25
N THR B 431 15.67 13.38 53.62
CA THR B 431 15.28 13.03 52.28
C THR B 431 16.42 13.28 51.30
N ARG B 432 17.07 14.45 51.40
CA ARG B 432 18.19 14.75 50.54
C ARG B 432 19.29 13.72 50.70
N LYS B 433 19.66 13.41 51.95
CA LYS B 433 20.70 12.44 52.23
C LYS B 433 20.30 11.05 51.75
N SER B 434 19.05 10.67 52.04
CA SER B 434 18.52 9.36 51.66
C SER B 434 18.54 9.14 50.15
N MET B 435 18.09 10.16 49.42
CA MET B 435 18.07 10.11 47.98
C MET B 435 19.50 10.02 47.45
N GLY B 436 20.44 10.72 48.10
CA GLY B 436 21.85 10.55 47.81
C GLY B 436 22.24 9.08 47.81
N GLN B 437 21.73 8.31 48.78
CA GLN B 437 22.11 6.93 48.95
C GLN B 437 21.55 5.96 47.91
N ILE B 438 20.41 6.32 47.28
CA ILE B 438 19.75 5.40 46.37
C ILE B 438 19.63 5.84 44.90
N GLN B 439 19.81 7.13 44.59
CA GLN B 439 19.36 7.64 43.29
C GLN B 439 20.14 6.99 42.14
N GLY B 440 21.44 6.82 42.32
CA GLY B 440 22.26 6.15 41.34
C GLY B 440 21.82 4.71 41.11
N ALA B 441 21.49 4.00 42.20
CA ALA B 441 21.05 2.63 42.12
C ALA B 441 19.70 2.54 41.42
N LEU B 442 18.80 3.48 41.68
CA LEU B 442 17.50 3.49 41.02
C LEU B 442 17.69 3.61 39.51
N VAL B 443 18.64 4.44 39.09
CA VAL B 443 18.93 4.60 37.68
C VAL B 443 19.56 3.33 37.12
N GLY B 444 20.57 2.79 37.81
CA GLY B 444 21.13 1.50 37.45
C GLY B 444 20.06 0.40 37.29
N ILE B 445 19.14 0.33 38.25
CA ILE B 445 18.06 -0.62 38.25
C ILE B 445 17.21 -0.48 37.00
N ALA B 446 16.87 0.76 36.63
CA ALA B 446 16.08 1.00 35.44
C ALA B 446 16.73 0.40 34.18
N MET B 447 18.05 0.53 34.08
CA MET B 447 18.79 -0.15 33.03
C MET B 447 18.72 -1.68 33.14
N VAL B 448 18.98 -2.23 34.35
CA VAL B 448 18.92 -3.67 34.58
C VAL B 448 17.58 -4.26 34.19
N LEU B 449 16.49 -3.63 34.63
CA LEU B 449 15.15 -4.13 34.37
C LEU B 449 14.73 -3.92 32.91
N SER B 450 15.23 -2.86 32.27
CA SER B 450 15.00 -2.70 30.84
C SER B 450 15.68 -3.83 30.06
N ALA B 451 16.91 -4.13 30.45
CA ALA B 451 17.63 -5.29 29.94
C ALA B 451 16.93 -6.61 30.20
N VAL B 452 16.19 -6.72 31.31
CA VAL B 452 15.47 -7.94 31.61
C VAL B 452 14.20 -8.08 30.77
N PHE B 453 13.51 -6.96 30.50
CA PHE B 453 12.19 -7.05 29.91
C PHE B 453 12.08 -6.69 28.42
N VAL B 454 12.96 -5.81 27.97
CA VAL B 454 12.94 -5.37 26.58
C VAL B 454 13.23 -6.48 25.59
N PRO B 455 14.28 -7.32 25.78
CA PRO B 455 14.62 -8.35 24.81
C PRO B 455 13.44 -9.21 24.37
N MET B 456 12.54 -9.53 25.30
CA MET B 456 11.35 -10.31 25.02
C MET B 456 10.50 -9.73 23.88
N ALA B 457 10.47 -8.40 23.79
CA ALA B 457 9.73 -7.69 22.75
C ALA B 457 10.20 -8.03 21.34
N PHE B 458 11.45 -8.49 21.21
CA PHE B 458 12.09 -8.74 19.93
C PHE B 458 12.01 -10.18 19.44
N PHE B 459 11.25 -11.04 20.13
CA PHE B 459 10.85 -12.31 19.53
C PHE B 459 9.98 -12.03 18.30
N GLY B 460 9.86 -13.01 17.41
CA GLY B 460 9.08 -12.82 16.19
C GLY B 460 7.85 -13.72 16.15
N GLY B 461 7.01 -13.48 15.15
CA GLY B 461 5.83 -14.31 14.93
C GLY B 461 4.78 -14.09 16.02
N SER B 462 3.92 -15.09 16.21
CA SER B 462 2.84 -15.01 17.17
C SER B 462 3.35 -14.92 18.60
N THR B 463 4.43 -15.66 18.90
CA THR B 463 4.97 -15.66 20.25
C THR B 463 5.46 -14.25 20.60
N GLY B 464 6.16 -13.62 19.68
CA GLY B 464 6.60 -12.24 19.86
C GLY B 464 5.46 -11.27 20.10
N ALA B 465 4.34 -11.45 19.38
CA ALA B 465 3.19 -10.58 19.57
C ALA B 465 2.67 -10.69 21.01
N ILE B 466 2.70 -11.91 21.56
CA ILE B 466 2.25 -12.14 22.93
C ILE B 466 3.24 -11.52 23.91
N TYR B 467 4.50 -11.92 23.82
CA TYR B 467 5.55 -11.40 24.69
C TYR B 467 5.61 -9.87 24.68
N ARG B 468 5.36 -9.25 23.53
CA ARG B 468 5.53 -7.82 23.35
C ARG B 468 4.52 -7.07 24.22
N GLN B 469 3.33 -7.65 24.42
CA GLN B 469 2.30 -7.05 25.26
C GLN B 469 2.78 -6.90 26.69
N PHE B 470 3.44 -7.94 27.20
CA PHE B 470 3.94 -7.95 28.57
C PHE B 470 5.12 -7.01 28.70
N SER B 471 6.00 -7.07 27.69
CA SER B 471 7.26 -6.35 27.72
C SER B 471 7.06 -4.84 27.70
N ILE B 472 6.24 -4.34 26.76
CA ILE B 472 5.98 -2.91 26.71
C ILE B 472 5.25 -2.43 27.97
N THR B 473 4.35 -3.24 28.51
CA THR B 473 3.57 -2.79 29.65
C THR B 473 4.48 -2.63 30.87
N ILE B 474 5.24 -3.70 31.15
CA ILE B 474 6.09 -3.75 32.33
C ILE B 474 7.22 -2.73 32.27
N VAL B 475 7.91 -2.64 31.13
CA VAL B 475 9.01 -1.72 30.97
C VAL B 475 8.52 -0.28 31.13
N SER B 476 7.38 0.05 30.50
CA SER B 476 6.77 1.36 30.67
C SER B 476 6.48 1.68 32.12
N ALA B 477 5.78 0.75 32.80
CA ALA B 477 5.45 0.91 34.20
C ALA B 477 6.70 1.18 35.04
N MET B 478 7.74 0.38 34.78
CA MET B 478 8.94 0.39 35.59
C MET B 478 9.70 1.70 35.41
N ALA B 479 9.79 2.16 34.17
CA ALA B 479 10.44 3.43 33.85
C ALA B 479 9.67 4.58 34.51
N LEU B 480 8.34 4.57 34.41
CA LEU B 480 7.56 5.60 35.07
C LEU B 480 7.73 5.55 36.58
N SER B 481 7.85 4.33 37.13
CA SER B 481 8.03 4.15 38.56
C SER B 481 9.34 4.77 39.07
N VAL B 482 10.41 4.65 38.29
CA VAL B 482 11.68 5.26 38.63
C VAL B 482 11.62 6.78 38.52
N LEU B 483 10.99 7.30 37.44
CA LEU B 483 10.79 8.73 37.30
C LEU B 483 10.02 9.29 38.49
N VAL B 484 8.92 8.65 38.87
CA VAL B 484 8.13 9.07 40.01
C VAL B 484 8.97 9.06 41.30
N ALA B 485 9.86 8.07 41.43
CA ALA B 485 10.70 7.90 42.60
C ALA B 485 11.84 8.92 42.66
N LEU B 486 12.18 9.51 41.51
CA LEU B 486 13.18 10.54 41.45
C LEU B 486 12.56 11.94 41.50
N ILE B 487 11.24 12.05 41.35
CA ILE B 487 10.57 13.34 41.20
C ILE B 487 9.52 13.54 42.28
N LEU B 488 8.50 12.70 42.28
CA LEU B 488 7.35 12.91 43.16
C LEU B 488 7.62 12.46 44.60
N THR B 489 7.97 11.18 44.78
CA THR B 489 8.06 10.63 46.13
C THR B 489 9.07 11.34 47.03
N PRO B 490 10.27 11.76 46.56
CA PRO B 490 11.15 12.58 47.39
C PRO B 490 10.51 13.89 47.84
N ALA B 491 9.80 14.56 46.94
CA ALA B 491 9.10 15.79 47.25
C ALA B 491 8.05 15.56 48.33
N LEU B 492 7.27 14.47 48.19
CA LEU B 492 6.25 14.12 49.17
C LEU B 492 6.88 13.75 50.51
N CYS B 493 7.98 13.00 50.45
CA CYS B 493 8.71 12.62 51.65
C CYS B 493 9.10 13.84 52.46
N ALA B 494 9.77 14.80 51.80
CA ALA B 494 10.30 15.98 52.46
C ALA B 494 9.21 16.87 53.08
N THR B 495 8.01 16.84 52.52
CA THR B 495 6.92 17.72 52.94
C THR B 495 5.86 17.03 53.78
N MET B 496 5.79 15.68 53.74
CA MET B 496 4.77 14.96 54.47
C MET B 496 5.20 14.21 55.73
N LEU B 497 6.47 13.82 55.81
CA LEU B 497 6.91 12.92 56.87
C LEU B 497 7.19 13.71 58.13
N LYS B 498 6.74 13.21 59.28
CA LYS B 498 6.97 13.88 60.55
C LYS B 498 8.38 13.56 61.03
N PRO B 499 9.07 14.46 61.77
CA PRO B 499 10.39 14.17 62.31
C PRO B 499 10.42 12.95 63.24
N ILE B 500 11.60 12.33 63.36
CA ILE B 500 11.83 11.23 64.28
C ILE B 500 13.11 11.56 65.05
N ALA B 501 13.07 11.47 66.38
CA ALA B 501 14.23 11.79 67.20
C ALA B 501 15.31 10.72 67.04
N LYS B 502 16.58 11.15 67.04
CA LYS B 502 17.69 10.22 66.90
C LYS B 502 17.55 9.09 67.91
N GLY B 503 17.57 7.85 67.41
CA GLY B 503 17.55 6.68 68.27
C GLY B 503 16.18 6.06 68.48
N ASP B 504 15.11 6.85 68.23
CA ASP B 504 13.76 6.37 68.47
C ASP B 504 13.34 5.36 67.40
N HIS B 505 13.34 4.08 67.78
CA HIS B 505 12.91 2.98 66.95
C HIS B 505 11.60 2.41 67.47
N GLY B 506 10.85 3.23 68.23
CA GLY B 506 9.52 2.86 68.70
C GLY B 506 9.45 1.75 69.75
N GLU B 507 10.59 1.37 70.34
CA GLU B 507 10.59 0.28 71.30
C GLU B 507 9.88 0.67 72.59
N GLY B 508 9.92 1.97 72.92
CA GLY B 508 9.24 2.49 74.10
C GLY B 508 7.76 2.82 73.90
N LYS B 509 7.16 2.35 72.80
CA LYS B 509 5.72 2.47 72.61
C LYS B 509 4.99 1.44 73.46
N LYS B 510 3.68 1.67 73.66
CA LYS B 510 2.84 0.77 74.42
C LYS B 510 2.00 -0.08 73.48
N GLY B 511 1.50 -1.21 74.01
CA GLY B 511 0.58 -2.06 73.29
C GLY B 511 1.25 -2.79 72.14
N PHE B 512 0.46 -3.09 71.09
CA PHE B 512 0.90 -3.95 70.00
C PHE B 512 2.15 -3.44 69.29
N PHE B 513 2.11 -2.17 68.89
CA PHE B 513 3.21 -1.57 68.16
C PHE B 513 4.50 -1.62 68.97
N GLY B 514 4.43 -1.26 70.25
CA GLY B 514 5.55 -1.38 71.16
C GLY B 514 6.19 -2.76 71.11
N TRP B 515 5.33 -3.78 71.21
CA TRP B 515 5.74 -5.18 71.15
C TRP B 515 6.37 -5.56 69.80
N PHE B 516 5.72 -5.13 68.72
CA PHE B 516 6.19 -5.37 67.37
C PHE B 516 7.58 -4.79 67.16
N ASN B 517 7.78 -3.56 67.62
CA ASN B 517 9.04 -2.87 67.41
C ASN B 517 10.17 -3.55 68.19
N ARG B 518 9.87 -3.94 69.44
CA ARG B 518 10.85 -4.66 70.23
C ARG B 518 11.09 -6.04 69.61
N MET B 519 10.04 -6.67 69.08
CA MET B 519 10.18 -7.98 68.47
C MET B 519 11.08 -7.86 67.23
N PHE B 520 10.86 -6.83 66.41
CA PHE B 520 11.56 -6.67 65.14
C PHE B 520 13.01 -6.22 65.28
N GLU B 521 13.29 -5.33 66.25
CA GLU B 521 14.66 -4.95 66.56
C GLU B 521 15.46 -6.17 67.01
N LYS B 522 14.84 -7.02 67.83
CA LYS B 522 15.45 -8.26 68.29
C LYS B 522 15.63 -9.24 67.14
N SER B 523 14.66 -9.31 66.24
CA SER B 523 14.73 -10.22 65.11
C SER B 523 15.82 -9.82 64.11
N THR B 524 16.11 -8.51 64.04
CA THR B 524 17.17 -8.00 63.20
C THR B 524 18.53 -8.43 63.77
N HIS B 525 18.72 -8.28 65.09
CA HIS B 525 19.88 -8.79 65.78
C HIS B 525 20.10 -10.29 65.55
N HIS B 526 19.03 -11.09 65.59
CA HIS B 526 19.14 -12.52 65.32
C HIS B 526 19.58 -12.74 63.87
N TYR B 527 18.94 -12.01 62.95
CA TYR B 527 19.31 -12.04 61.55
C TYR B 527 20.79 -11.71 61.31
N THR B 528 21.25 -10.58 61.86
CA THR B 528 22.62 -10.13 61.62
C THR B 528 23.62 -11.09 62.27
N ASP B 529 23.36 -11.56 63.49
CA ASP B 529 24.12 -12.66 64.07
C ASP B 529 24.25 -13.83 63.11
N SER B 530 23.12 -14.29 62.58
CA SER B 530 23.09 -15.41 61.66
C SER B 530 24.01 -15.19 60.46
N VAL B 531 23.90 -14.00 59.86
CA VAL B 531 24.68 -13.68 58.68
C VAL B 531 26.17 -13.73 59.05
N GLY B 532 26.52 -13.14 60.18
CA GLY B 532 27.87 -13.21 60.72
C GLY B 532 28.44 -14.63 60.76
N GLY B 533 27.63 -15.59 61.24
CA GLY B 533 28.02 -16.99 61.28
C GLY B 533 28.17 -17.59 59.88
N ILE B 534 27.28 -17.16 58.99
CA ILE B 534 27.32 -17.58 57.60
C ILE B 534 28.64 -17.12 56.98
N LEU B 535 29.07 -15.91 57.30
CA LEU B 535 30.24 -15.31 56.66
C LEU B 535 31.57 -15.85 57.20
N ARG B 536 31.55 -16.49 58.37
CA ARG B 536 32.71 -17.22 58.85
C ARG B 536 32.87 -18.60 58.19
N SER B 537 31.90 -19.00 57.36
CA SER B 537 31.86 -20.35 56.80
C SER B 537 31.22 -20.34 55.41
N THR B 538 31.75 -19.49 54.51
CA THR B 538 31.11 -19.28 53.21
C THR B 538 31.20 -20.48 52.27
N GLY B 539 32.18 -21.36 52.50
CA GLY B 539 32.35 -22.57 51.72
C GLY B 539 31.13 -23.48 51.59
N ARG B 540 30.41 -23.72 52.69
CA ARG B 540 29.29 -24.65 52.67
C ARG B 540 28.05 -24.01 52.02
N TYR B 541 28.01 -22.68 52.01
CA TYR B 541 26.91 -22.00 51.36
C TYR B 541 27.10 -21.98 49.85
N LEU B 542 28.35 -22.01 49.38
CA LEU B 542 28.61 -22.15 47.96
C LEU B 542 28.25 -23.54 47.46
N VAL B 543 28.29 -24.54 48.34
CA VAL B 543 27.84 -25.87 47.99
C VAL B 543 26.33 -25.89 47.87
N LEU B 544 25.64 -25.29 48.85
CA LEU B 544 24.19 -25.19 48.84
C LEU B 544 23.70 -24.40 47.63
N TYR B 545 24.45 -23.36 47.23
CA TYR B 545 24.11 -22.60 46.03
C TYR B 545 24.13 -23.49 44.79
N LEU B 546 25.14 -24.36 44.70
CA LEU B 546 25.30 -25.27 43.57
C LEU B 546 24.14 -26.25 43.51
N ILE B 547 23.69 -26.74 44.67
CA ILE B 547 22.58 -27.69 44.74
C ILE B 547 21.33 -26.99 44.23
N ILE B 548 21.12 -25.73 44.62
CA ILE B 548 19.98 -24.96 44.15
C ILE B 548 20.02 -24.82 42.62
N VAL B 549 21.19 -24.47 42.07
CA VAL B 549 21.33 -24.29 40.63
C VAL B 549 21.04 -25.58 39.86
N VAL B 550 21.58 -26.70 40.36
CA VAL B 550 21.34 -28.01 39.77
C VAL B 550 19.86 -28.38 39.90
N GLY B 551 19.33 -28.25 41.11
CA GLY B 551 17.93 -28.47 41.37
C GLY B 551 17.00 -27.62 40.51
N MET B 552 17.41 -26.36 40.26
CA MET B 552 16.66 -25.47 39.39
C MET B 552 16.66 -26.07 37.99
N ALA B 553 17.85 -26.37 37.47
CA ALA B 553 17.99 -26.99 36.15
C ALA B 553 17.14 -28.25 36.00
N TYR B 554 17.19 -29.13 37.01
CA TYR B 554 16.39 -30.34 37.00
C TYR B 554 14.91 -30.04 36.81
N LEU B 555 14.35 -29.24 37.73
CA LEU B 555 12.93 -28.93 37.75
C LEU B 555 12.50 -28.24 36.46
N PHE B 556 13.37 -27.40 35.91
CA PHE B 556 13.07 -26.63 34.73
C PHE B 556 12.81 -27.53 33.52
N VAL B 557 13.74 -28.44 33.22
CA VAL B 557 13.64 -29.30 32.06
C VAL B 557 12.43 -30.24 32.13
N ARG B 558 12.00 -30.61 33.34
CA ARG B 558 10.90 -31.55 33.52
C ARG B 558 9.54 -30.86 33.60
N LEU B 559 9.53 -29.54 33.70
CA LEU B 559 8.29 -28.79 33.73
C LEU B 559 7.73 -28.74 32.32
N PRO B 560 6.51 -29.26 32.08
CA PRO B 560 5.93 -29.22 30.73
C PRO B 560 5.71 -27.80 30.23
N SER B 561 5.95 -27.58 28.93
CA SER B 561 5.88 -26.24 28.36
C SER B 561 4.77 -26.13 27.32
N CYS B 562 3.59 -25.62 27.74
CA CYS B 562 2.58 -25.15 26.80
C CYS B 562 2.71 -23.62 26.77
N PHE B 563 2.21 -22.98 25.71
CA PHE B 563 2.43 -21.55 25.61
C PHE B 563 1.34 -20.74 26.34
N LEU B 564 0.05 -21.01 26.09
CA LEU B 564 -0.98 -20.51 27.00
C LEU B 564 -1.73 -21.64 27.69
N PRO B 565 -2.11 -21.49 28.98
CA PRO B 565 -2.92 -22.49 29.64
C PRO B 565 -4.30 -22.64 29.01
N ASP B 566 -4.88 -23.83 29.13
CA ASP B 566 -6.26 -24.05 28.74
C ASP B 566 -7.15 -23.44 29.81
N GLU B 567 -8.27 -22.88 29.35
CA GLU B 567 -9.25 -22.31 30.23
C GLU B 567 -10.51 -23.14 30.03
N ASP B 568 -11.37 -23.14 31.05
CA ASP B 568 -12.78 -23.46 30.85
C ASP B 568 -13.35 -22.16 30.28
N GLN B 569 -13.58 -22.15 28.95
CA GLN B 569 -14.10 -20.98 28.26
C GLN B 569 -15.62 -20.93 28.21
N GLY B 570 -16.29 -21.84 28.95
CA GLY B 570 -17.73 -21.92 29.00
C GLY B 570 -18.32 -22.63 27.77
N VAL B 571 -17.45 -23.21 26.93
CA VAL B 571 -17.85 -23.78 25.66
C VAL B 571 -16.81 -24.82 25.30
N PHE B 572 -17.23 -25.78 24.46
CA PHE B 572 -16.34 -26.74 23.86
C PHE B 572 -17.06 -27.39 22.68
N MET B 573 -16.37 -28.30 21.99
CA MET B 573 -16.90 -28.89 20.78
C MET B 573 -16.86 -30.41 20.86
N THR B 574 -17.81 -31.05 20.16
CA THR B 574 -17.83 -32.49 19.97
C THR B 574 -17.79 -32.71 18.46
N MET B 575 -16.87 -33.58 18.01
CA MET B 575 -16.74 -33.86 16.59
C MET B 575 -17.47 -35.16 16.31
N VAL B 576 -18.11 -35.21 15.13
CA VAL B 576 -18.79 -36.39 14.67
C VAL B 576 -18.30 -36.73 13.27
N GLN B 577 -17.75 -37.94 13.09
CA GLN B 577 -17.28 -38.40 11.80
C GLN B 577 -17.86 -39.79 11.57
N LEU B 578 -18.58 -39.95 10.47
CA LEU B 578 -19.16 -41.23 10.13
C LEU B 578 -18.37 -41.85 8.99
N PRO B 579 -18.56 -43.16 8.73
CA PRO B 579 -17.85 -43.83 7.63
C PRO B 579 -18.05 -43.17 6.27
N ALA B 580 -17.21 -43.56 5.31
CA ALA B 580 -17.26 -42.98 3.98
C ALA B 580 -18.59 -43.34 3.33
N GLY B 581 -19.28 -42.34 2.76
CA GLY B 581 -20.49 -42.61 2.00
C GLY B 581 -21.78 -42.55 2.82
N ALA B 582 -21.63 -42.33 4.14
CA ALA B 582 -22.77 -42.14 5.03
C ALA B 582 -23.55 -40.86 4.73
N THR B 583 -24.85 -40.93 4.94
CA THR B 583 -25.77 -39.84 4.61
C THR B 583 -25.98 -38.84 5.73
N GLN B 584 -26.56 -37.70 5.34
CA GLN B 584 -27.00 -36.66 6.24
C GLN B 584 -27.93 -37.22 7.31
N GLU B 585 -28.82 -38.12 6.91
CA GLU B 585 -29.82 -38.67 7.82
C GLU B 585 -29.13 -39.42 8.96
N ARG B 586 -28.14 -40.25 8.61
CA ARG B 586 -27.39 -41.02 9.60
C ARG B 586 -26.59 -40.12 10.53
N THR B 587 -25.93 -39.11 9.97
CA THR B 587 -25.16 -38.19 10.78
C THR B 587 -26.07 -37.50 11.80
N GLN B 588 -27.28 -37.14 11.35
CA GLN B 588 -28.28 -36.51 12.20
C GLN B 588 -28.71 -37.42 13.34
N LYS B 589 -28.83 -38.72 13.05
CA LYS B 589 -29.12 -39.67 14.11
C LYS B 589 -28.07 -39.56 15.21
N VAL B 590 -26.80 -39.51 14.81
CA VAL B 590 -25.70 -39.50 15.76
C VAL B 590 -25.71 -38.19 16.55
N LEU B 591 -25.82 -37.07 15.85
CA LEU B 591 -25.90 -35.76 16.48
C LEU B 591 -27.03 -35.64 17.51
N ASN B 592 -28.18 -36.28 17.21
CA ASN B 592 -29.28 -36.34 18.16
C ASN B 592 -28.87 -37.08 19.44
N GLU B 593 -28.18 -38.22 19.27
CA GLU B 593 -27.69 -38.98 20.41
C GLU B 593 -26.73 -38.13 21.24
N VAL B 594 -25.86 -37.37 20.55
CA VAL B 594 -24.87 -36.53 21.23
C VAL B 594 -25.61 -35.45 21.99
N THR B 595 -26.57 -34.78 21.33
CA THR B 595 -27.31 -33.70 21.97
C THR B 595 -28.09 -34.24 23.17
N HIS B 596 -28.66 -35.44 23.03
CA HIS B 596 -29.41 -36.07 24.10
C HIS B 596 -28.58 -36.30 25.35
N TYR B 597 -27.35 -36.80 25.14
CA TYR B 597 -26.41 -37.05 26.22
C TYR B 597 -26.22 -35.77 27.04
N TYR B 598 -25.95 -34.67 26.36
CA TYR B 598 -25.66 -33.41 27.03
C TYR B 598 -26.89 -32.81 27.69
N LEU B 599 -28.08 -33.01 27.12
CA LEU B 599 -29.27 -32.43 27.72
C LEU B 599 -29.82 -33.26 28.88
N THR B 600 -29.46 -34.55 28.95
CA THR B 600 -29.90 -35.42 30.03
C THR B 600 -28.82 -35.71 31.08
N LYS B 601 -27.69 -36.29 30.65
CA LYS B 601 -26.60 -36.59 31.56
C LYS B 601 -25.87 -35.35 32.08
N GLU B 602 -25.81 -34.27 31.31
CA GLU B 602 -25.11 -33.07 31.78
C GLU B 602 -26.03 -31.87 31.96
N LYS B 603 -27.25 -32.14 32.43
CA LYS B 603 -28.26 -31.10 32.56
C LYS B 603 -27.88 -29.95 33.51
N ASN B 604 -27.04 -30.20 34.51
CA ASN B 604 -26.63 -29.17 35.44
C ASN B 604 -25.54 -28.27 34.88
N ASN B 605 -24.85 -28.74 33.85
CA ASN B 605 -23.68 -28.06 33.31
C ASN B 605 -23.87 -27.48 31.91
N VAL B 606 -24.66 -28.17 31.08
CA VAL B 606 -24.88 -27.74 29.72
C VAL B 606 -26.13 -26.87 29.62
N GLU B 607 -25.94 -25.68 29.02
CA GLU B 607 -27.03 -24.76 28.73
C GLU B 607 -27.61 -25.16 27.39
N SER B 608 -26.77 -25.33 26.37
CA SER B 608 -27.25 -25.67 25.05
C SER B 608 -26.28 -26.53 24.22
N VAL B 609 -26.85 -27.22 23.23
CA VAL B 609 -26.07 -27.87 22.17
C VAL B 609 -26.51 -27.30 20.84
N PHE B 610 -25.57 -26.69 20.11
CA PHE B 610 -25.80 -26.24 18.76
C PHE B 610 -25.15 -27.24 17.81
N ALA B 611 -25.96 -28.09 17.18
CA ALA B 611 -25.46 -29.16 16.34
C ALA B 611 -25.55 -28.77 14.86
N VAL B 612 -24.43 -29.00 14.17
CA VAL B 612 -24.29 -28.58 12.79
C VAL B 612 -23.93 -29.83 11.99
N ASN B 613 -24.91 -30.32 11.25
CA ASN B 613 -24.73 -31.48 10.39
C ASN B 613 -24.21 -31.00 9.03
N GLY B 614 -23.16 -31.67 8.54
CA GLY B 614 -22.56 -31.36 7.25
C GLY B 614 -21.28 -30.51 7.32
N PHE B 615 -20.87 -30.16 8.54
CA PHE B 615 -19.69 -29.32 8.74
C PHE B 615 -18.73 -29.97 9.73
N GLY B 616 -17.45 -29.97 9.32
CA GLY B 616 -16.31 -30.23 10.18
C GLY B 616 -15.18 -29.30 9.76
N PHE B 617 -14.00 -29.47 10.37
CA PHE B 617 -12.89 -28.57 10.08
C PHE B 617 -11.86 -29.24 9.16
N ALA B 618 -11.75 -30.58 9.24
CA ALA B 618 -10.88 -31.34 8.37
C ALA B 618 -11.56 -31.76 7.05
N GLY B 619 -12.68 -31.09 6.72
CA GLY B 619 -13.51 -31.48 5.59
C GLY B 619 -14.99 -31.51 5.89
N ARG B 620 -15.80 -31.18 4.88
CA ARG B 620 -17.25 -31.19 4.98
C ARG B 620 -17.80 -32.46 4.36
N GLY B 621 -19.10 -32.46 4.02
CA GLY B 621 -19.79 -33.64 3.51
C GLY B 621 -20.88 -34.18 4.45
N GLN B 622 -21.77 -34.99 3.89
CA GLN B 622 -22.92 -35.51 4.60
C GLN B 622 -22.57 -36.32 5.85
N ASN B 623 -21.33 -36.84 5.92
CA ASN B 623 -20.95 -37.80 6.93
C ASN B 623 -20.14 -37.20 8.08
N THR B 624 -20.28 -35.89 8.27
CA THR B 624 -19.53 -35.19 9.29
C THR B 624 -20.47 -34.19 9.96
N GLY B 625 -20.17 -33.90 11.22
CA GLY B 625 -20.83 -32.79 11.89
C GLY B 625 -20.04 -32.39 13.13
N ILE B 626 -20.51 -31.31 13.74
CA ILE B 626 -19.98 -30.84 15.00
C ILE B 626 -21.17 -30.45 15.89
N ALA B 627 -20.97 -30.62 17.19
CA ALA B 627 -21.85 -30.01 18.18
C ALA B 627 -21.04 -29.02 19.01
N PHE B 628 -21.52 -27.77 19.02
CA PHE B 628 -21.00 -26.76 19.92
C PHE B 628 -21.83 -26.80 21.20
N VAL B 629 -21.12 -26.98 22.31
CA VAL B 629 -21.75 -27.11 23.61
C VAL B 629 -21.42 -25.87 24.43
N SER B 630 -22.47 -25.22 24.94
CA SER B 630 -22.31 -23.99 25.69
C SER B 630 -22.79 -24.28 27.11
N LEU B 631 -21.97 -23.89 28.10
CA LEU B 631 -22.17 -24.32 29.47
C LEU B 631 -22.91 -23.26 30.26
N LYS B 632 -23.49 -23.67 31.39
CA LYS B 632 -24.07 -22.74 32.33
C LYS B 632 -22.93 -21.93 32.91
N ASP B 633 -23.26 -20.85 33.61
CA ASP B 633 -22.24 -19.94 34.11
C ASP B 633 -21.37 -20.70 35.11
N TRP B 634 -20.05 -20.41 35.06
CA TRP B 634 -19.10 -20.96 36.02
C TRP B 634 -19.64 -21.01 37.46
N ALA B 635 -20.39 -19.98 37.87
CA ALA B 635 -20.98 -19.91 39.20
C ALA B 635 -21.88 -21.11 39.51
N ASP B 636 -22.63 -21.57 38.50
CA ASP B 636 -23.54 -22.68 38.70
C ASP B 636 -22.88 -24.02 38.40
N ARG B 637 -21.54 -24.01 38.23
CA ARG B 637 -20.78 -25.21 37.94
C ARG B 637 -19.65 -25.40 38.94
N PRO B 638 -19.95 -25.49 40.26
CA PRO B 638 -18.91 -25.60 41.27
C PRO B 638 -18.14 -26.91 41.18
N GLY B 639 -16.83 -26.84 41.37
CA GLY B 639 -16.00 -28.03 41.51
C GLY B 639 -15.42 -28.52 40.19
N GLU B 640 -14.29 -29.23 40.29
CA GLU B 640 -13.52 -29.66 39.14
C GLU B 640 -14.31 -30.59 38.22
N GLU B 641 -15.20 -31.39 38.82
CA GLU B 641 -16.05 -32.33 38.09
C GLU B 641 -17.04 -31.66 37.14
N ASN B 642 -17.31 -30.37 37.37
CA ASN B 642 -18.22 -29.61 36.52
C ASN B 642 -17.50 -28.61 35.61
N LYS B 643 -16.20 -28.83 35.38
CA LYS B 643 -15.41 -27.98 34.50
C LYS B 643 -15.12 -28.73 33.21
N VAL B 644 -14.73 -27.96 32.17
CA VAL B 644 -14.68 -28.48 30.82
C VAL B 644 -13.81 -29.73 30.70
N GLU B 645 -12.72 -29.81 31.49
CA GLU B 645 -11.81 -30.94 31.41
C GLU B 645 -12.54 -32.24 31.76
N ALA B 646 -13.21 -32.24 32.92
CA ALA B 646 -13.93 -33.41 33.39
C ALA B 646 -15.06 -33.75 32.42
N ILE B 647 -15.77 -32.71 31.98
CA ILE B 647 -16.97 -32.87 31.17
C ILE B 647 -16.59 -33.50 29.83
N THR B 648 -15.53 -32.98 29.21
CA THR B 648 -15.09 -33.50 27.94
C THR B 648 -14.57 -34.94 28.11
N MET B 649 -13.97 -35.23 29.26
CA MET B 649 -13.44 -36.56 29.49
C MET B 649 -14.60 -37.56 29.58
N ARG B 650 -15.60 -37.24 30.43
CA ARG B 650 -16.80 -38.06 30.54
C ARG B 650 -17.54 -38.19 29.21
N ALA B 651 -17.72 -37.05 28.52
CA ALA B 651 -18.39 -37.09 27.22
C ALA B 651 -17.67 -38.04 26.27
N THR B 652 -16.35 -37.88 26.15
CA THR B 652 -15.59 -38.67 25.20
C THR B 652 -15.67 -40.16 25.55
N ARG B 653 -15.57 -40.46 26.85
CA ARG B 653 -15.66 -41.82 27.34
C ARG B 653 -17.00 -42.41 26.91
N ALA B 654 -18.09 -41.73 27.28
CA ALA B 654 -19.42 -42.15 26.88
C ALA B 654 -19.52 -42.41 25.38
N PHE B 655 -19.06 -41.47 24.55
CA PHE B 655 -19.28 -41.55 23.12
C PHE B 655 -18.46 -42.63 22.41
N SER B 656 -17.50 -43.24 23.12
CA SER B 656 -16.78 -44.37 22.56
C SER B 656 -17.69 -45.58 22.38
N GLN B 657 -18.78 -45.63 23.15
CA GLN B 657 -19.80 -46.65 22.97
C GLN B 657 -20.62 -46.49 21.69
N ILE B 658 -20.45 -45.36 20.98
CA ILE B 658 -21.22 -45.12 19.76
C ILE B 658 -20.64 -45.93 18.60
N LYS B 659 -21.53 -46.63 17.91
CA LYS B 659 -21.17 -47.60 16.89
C LYS B 659 -21.30 -47.00 15.49
N ASP B 660 -20.32 -47.33 14.64
CA ASP B 660 -20.21 -46.82 13.28
C ASP B 660 -20.24 -45.30 13.23
N ALA B 661 -19.47 -44.68 14.13
CA ALA B 661 -19.19 -43.26 14.11
C ALA B 661 -18.06 -42.95 15.09
N MET B 662 -17.19 -42.03 14.70
CA MET B 662 -16.13 -41.53 15.56
C MET B 662 -16.65 -40.25 16.21
N VAL B 663 -16.79 -40.26 17.54
CA VAL B 663 -17.37 -39.14 18.25
C VAL B 663 -16.51 -38.79 19.46
N PHE B 664 -16.06 -37.54 19.56
CA PHE B 664 -15.36 -37.13 20.77
C PHE B 664 -15.35 -35.64 21.04
N ALA B 665 -15.22 -35.31 22.32
CA ALA B 665 -15.23 -33.93 22.76
C ALA B 665 -13.79 -33.43 22.95
N PHE B 666 -13.60 -32.12 22.81
CA PHE B 666 -12.30 -31.49 22.96
C PHE B 666 -12.50 -30.01 23.28
N ASN B 667 -11.63 -29.48 24.14
CA ASN B 667 -11.73 -28.09 24.54
C ASN B 667 -11.24 -27.22 23.38
N LEU B 668 -11.60 -25.93 23.43
CA LEU B 668 -11.05 -24.96 22.51
C LEU B 668 -9.59 -24.71 22.89
N PRO B 669 -8.74 -24.26 21.94
CA PRO B 669 -7.47 -23.63 22.30
C PRO B 669 -7.66 -22.29 23.02
N ALA B 670 -6.65 -21.89 23.79
CA ALA B 670 -6.78 -20.69 24.61
C ALA B 670 -7.04 -19.46 23.75
N ILE B 671 -6.26 -19.36 22.66
CA ILE B 671 -6.42 -18.30 21.67
C ILE B 671 -6.97 -19.01 20.44
N VAL B 672 -8.30 -18.86 20.24
CA VAL B 672 -9.02 -19.51 19.16
C VAL B 672 -8.55 -19.01 17.78
N GLU B 673 -8.01 -17.79 17.76
CA GLU B 673 -7.58 -17.13 16.54
C GLU B 673 -6.35 -17.77 15.89
N LEU B 674 -5.53 -18.47 16.69
CA LEU B 674 -4.36 -19.14 16.12
C LEU B 674 -4.49 -20.66 16.22
N GLY B 675 -5.66 -21.15 16.67
CA GLY B 675 -5.95 -22.57 16.66
C GLY B 675 -4.95 -23.34 17.52
N THR B 676 -4.88 -24.66 17.31
CA THR B 676 -4.12 -25.53 18.20
C THR B 676 -2.64 -25.19 18.09
N ALA B 677 -1.98 -25.07 19.24
CA ALA B 677 -0.61 -24.60 19.32
C ALA B 677 0.32 -25.68 19.85
N THR B 678 -0.24 -26.66 20.57
CA THR B 678 0.44 -27.92 20.80
C THR B 678 0.58 -28.65 19.45
N GLY B 679 1.60 -29.51 19.36
CA GLY B 679 1.80 -30.35 18.19
C GLY B 679 2.76 -29.82 17.12
N PHE B 680 2.92 -30.62 16.08
CA PHE B 680 3.55 -30.18 14.85
C PHE B 680 2.51 -30.24 13.74
N ASP B 681 2.81 -29.49 12.66
CA ASP B 681 1.91 -29.32 11.53
C ASP B 681 2.73 -29.46 10.24
N PHE B 682 2.69 -30.68 9.71
CA PHE B 682 3.58 -31.13 8.66
C PHE B 682 2.81 -31.17 7.34
N GLU B 683 3.54 -30.95 6.24
CA GLU B 683 2.93 -30.97 4.92
C GLU B 683 3.76 -31.90 4.05
N LEU B 684 3.09 -32.88 3.44
CA LEU B 684 3.78 -33.81 2.56
C LEU B 684 3.48 -33.38 1.14
N ILE B 685 4.52 -33.34 0.29
CA ILE B 685 4.39 -32.65 -0.97
C ILE B 685 4.84 -33.45 -2.19
N ASP B 686 3.98 -33.41 -3.20
CA ASP B 686 4.26 -34.01 -4.48
C ASP B 686 5.10 -33.03 -5.30
N GLN B 687 6.40 -33.31 -5.43
CA GLN B 687 7.34 -32.40 -6.07
C GLN B 687 7.65 -32.73 -7.54
N ALA B 688 7.04 -33.80 -8.05
CA ALA B 688 7.42 -34.36 -9.35
C ALA B 688 6.24 -34.85 -10.18
N GLY B 689 5.07 -34.25 -10.01
CA GLY B 689 3.87 -34.67 -10.72
C GLY B 689 3.51 -36.14 -10.53
N LEU B 690 3.87 -36.72 -9.36
CA LEU B 690 3.53 -38.10 -9.02
C LEU B 690 2.04 -38.42 -9.07
N GLY B 691 1.21 -37.51 -8.53
CA GLY B 691 -0.24 -37.69 -8.45
C GLY B 691 -0.83 -38.21 -7.14
N HIS B 692 -2.17 -38.16 -7.05
CA HIS B 692 -2.87 -38.40 -5.79
C HIS B 692 -2.62 -39.76 -5.16
N GLU B 693 -2.68 -40.82 -5.98
CA GLU B 693 -2.55 -42.17 -5.44
C GLU B 693 -1.13 -42.39 -4.90
N LYS B 694 -0.11 -41.97 -5.67
CA LYS B 694 1.27 -42.13 -5.27
C LYS B 694 1.57 -41.34 -4.00
N LEU B 695 0.89 -40.20 -3.85
CA LEU B 695 1.12 -39.34 -2.70
C LEU B 695 0.47 -39.96 -1.45
N THR B 696 -0.72 -40.54 -1.61
CA THR B 696 -1.35 -41.27 -0.52
C THR B 696 -0.49 -42.44 -0.05
N GLN B 697 0.09 -43.22 -0.98
CA GLN B 697 0.94 -44.35 -0.61
C GLN B 697 2.13 -43.90 0.22
N ALA B 698 2.74 -42.79 -0.20
CA ALA B 698 3.90 -42.25 0.49
C ALA B 698 3.50 -41.72 1.87
N ARG B 699 2.27 -41.19 1.98
CA ARG B 699 1.74 -40.73 3.25
C ARG B 699 1.63 -41.91 4.19
N ASN B 700 1.06 -43.01 3.69
CA ASN B 700 0.88 -44.20 4.49
C ASN B 700 2.23 -44.75 4.94
N GLN B 701 3.21 -44.71 4.04
CA GLN B 701 4.57 -45.13 4.36
C GLN B 701 5.12 -44.37 5.55
N LEU B 702 4.93 -43.05 5.56
CA LEU B 702 5.43 -42.20 6.62
C LEU B 702 4.63 -42.38 7.93
N LEU B 703 3.31 -42.50 7.82
CA LEU B 703 2.47 -42.72 8.99
C LEU B 703 2.78 -44.08 9.65
N ALA B 704 3.07 -45.10 8.83
CA ALA B 704 3.44 -46.42 9.30
C ALA B 704 4.80 -46.42 10.00
N GLU B 705 5.76 -45.69 9.43
CA GLU B 705 7.06 -45.50 10.06
C GLU B 705 6.96 -44.65 11.32
N ALA B 706 6.01 -43.71 11.37
CA ALA B 706 5.85 -42.86 12.53
C ALA B 706 5.31 -43.68 13.70
N ALA B 707 4.40 -44.61 13.39
CA ALA B 707 3.79 -45.45 14.40
C ALA B 707 4.81 -46.40 15.06
N LYS B 708 5.93 -46.69 14.37
CA LYS B 708 7.00 -47.51 14.92
C LYS B 708 7.90 -46.76 15.91
N HIS B 709 7.63 -45.47 16.13
CA HIS B 709 8.40 -44.70 17.09
C HIS B 709 7.48 -44.01 18.11
N PRO B 710 6.67 -44.75 18.90
CA PRO B 710 5.76 -44.10 19.85
C PRO B 710 6.47 -43.42 21.02
N ASP B 711 7.76 -43.70 21.18
CA ASP B 711 8.62 -43.03 22.16
C ASP B 711 8.98 -41.60 21.78
N MET B 712 8.81 -41.26 20.49
CA MET B 712 9.09 -39.92 19.99
C MET B 712 7.86 -39.21 19.40
N LEU B 713 6.99 -39.96 18.71
CA LEU B 713 5.86 -39.38 18.01
C LEU B 713 4.53 -39.96 18.51
N THR B 714 3.56 -39.08 18.77
CA THR B 714 2.24 -39.45 19.25
C THR B 714 1.17 -38.87 18.32
N SER B 715 0.07 -39.60 18.08
CA SER B 715 -1.11 -39.12 17.37
C SER B 715 -0.84 -38.66 15.94
N VAL B 716 0.11 -39.30 15.25
CA VAL B 716 0.49 -38.88 13.90
C VAL B 716 -0.58 -39.34 12.93
N ARG B 717 -1.29 -38.37 12.32
CA ARG B 717 -2.53 -38.62 11.59
C ARG B 717 -2.70 -37.62 10.46
N PRO B 718 -3.42 -37.98 9.37
CA PRO B 718 -3.82 -37.00 8.37
C PRO B 718 -4.90 -36.04 8.85
N ASN B 719 -4.84 -34.80 8.36
CA ASN B 719 -5.85 -33.79 8.61
C ASN B 719 -6.60 -33.62 7.30
N GLY B 720 -7.25 -34.70 6.88
CA GLY B 720 -7.90 -34.72 5.59
C GLY B 720 -8.96 -35.79 5.53
N LEU B 721 -9.45 -36.08 4.32
CA LEU B 721 -10.46 -37.10 4.12
C LEU B 721 -9.84 -38.19 3.25
N GLU B 722 -10.31 -39.41 3.49
CA GLU B 722 -9.89 -40.56 2.72
C GLU B 722 -10.74 -40.63 1.46
N ASP B 723 -10.17 -41.33 0.47
CA ASP B 723 -10.87 -41.61 -0.77
C ASP B 723 -12.15 -42.39 -0.51
N THR B 724 -13.19 -42.12 -1.31
CA THR B 724 -14.49 -42.74 -1.17
C THR B 724 -14.99 -43.22 -2.53
N PRO B 725 -15.93 -44.19 -2.59
CA PRO B 725 -16.56 -44.59 -3.83
C PRO B 725 -17.28 -43.47 -4.54
N GLN B 726 -17.10 -43.43 -5.87
CA GLN B 726 -17.76 -42.45 -6.71
C GLN B 726 -18.22 -43.12 -7.99
N PHE B 727 -19.21 -42.48 -8.61
CA PHE B 727 -19.97 -43.04 -9.71
C PHE B 727 -19.44 -42.38 -10.98
N LYS B 728 -18.65 -43.14 -11.73
CA LYS B 728 -18.09 -42.66 -12.99
C LYS B 728 -19.05 -42.97 -14.13
N ILE B 729 -19.49 -41.92 -14.82
CA ILE B 729 -20.41 -42.09 -15.94
C ILE B 729 -19.72 -41.58 -17.21
N ASP B 730 -19.64 -42.43 -18.22
CA ASP B 730 -18.99 -42.13 -19.48
C ASP B 730 -20.04 -41.86 -20.57
N ILE B 731 -20.04 -40.65 -21.12
CA ILE B 731 -20.89 -40.36 -22.27
C ILE B 731 -20.26 -40.95 -23.52
N ASP B 732 -21.03 -41.73 -24.28
CA ASP B 732 -20.53 -42.27 -25.52
C ASP B 732 -20.76 -41.25 -26.64
N GLN B 733 -19.67 -40.67 -27.13
CA GLN B 733 -19.74 -39.58 -28.07
C GLN B 733 -20.33 -40.06 -29.40
N GLU B 734 -19.90 -41.24 -29.85
CA GLU B 734 -20.37 -41.79 -31.11
C GLU B 734 -21.88 -41.95 -31.13
N LYS B 735 -22.41 -42.62 -30.10
CA LYS B 735 -23.84 -42.88 -30.02
C LYS B 735 -24.62 -41.57 -29.95
N ALA B 736 -24.13 -40.61 -29.17
CA ALA B 736 -24.79 -39.31 -29.10
C ALA B 736 -24.91 -38.66 -30.47
N GLN B 737 -23.79 -38.63 -31.23
CA GLN B 737 -23.78 -38.06 -32.56
C GLN B 737 -24.73 -38.83 -33.48
N ALA B 738 -24.73 -40.16 -33.36
CA ALA B 738 -25.60 -40.98 -34.19
C ALA B 738 -27.07 -40.69 -33.89
N LEU B 739 -27.41 -40.39 -32.63
CA LEU B 739 -28.79 -40.14 -32.25
C LEU B 739 -29.17 -38.67 -32.47
N GLY B 740 -28.16 -37.82 -32.71
CA GLY B 740 -28.41 -36.39 -32.88
C GLY B 740 -28.68 -35.66 -31.57
N VAL B 741 -27.94 -36.07 -30.53
CA VAL B 741 -28.08 -35.52 -29.20
C VAL B 741 -26.79 -34.78 -28.91
N SER B 742 -26.90 -33.49 -28.55
CA SER B 742 -25.73 -32.67 -28.31
C SER B 742 -25.18 -32.89 -26.91
N ILE B 743 -23.84 -32.84 -26.84
CA ILE B 743 -23.11 -33.03 -25.61
C ILE B 743 -23.50 -31.98 -24.57
N ASN B 744 -23.80 -30.77 -25.03
CA ASN B 744 -24.11 -29.69 -24.11
C ASN B 744 -25.45 -29.95 -23.43
N ASP B 745 -26.42 -30.44 -24.19
CA ASP B 745 -27.71 -30.80 -23.63
C ASP B 745 -27.57 -31.95 -22.63
N ILE B 746 -26.74 -32.94 -22.95
CA ILE B 746 -26.53 -34.08 -22.08
C ILE B 746 -25.96 -33.56 -20.76
N ASN B 747 -24.87 -32.80 -20.85
CA ASN B 747 -24.20 -32.34 -19.65
C ASN B 747 -25.01 -31.35 -18.82
N THR B 748 -25.80 -30.49 -19.47
CA THR B 748 -26.66 -29.58 -18.74
C THR B 748 -27.75 -30.37 -18.03
N THR B 749 -28.35 -31.32 -18.75
CA THR B 749 -29.41 -32.14 -18.20
C THR B 749 -28.90 -32.89 -16.97
N LEU B 750 -27.70 -33.49 -17.09
CA LEU B 750 -27.14 -34.26 -16.00
C LEU B 750 -26.85 -33.32 -14.83
N GLY B 751 -26.15 -32.24 -15.11
CA GLY B 751 -25.68 -31.34 -14.07
C GLY B 751 -26.82 -30.55 -13.43
N ALA B 752 -27.77 -30.11 -14.24
CA ALA B 752 -28.85 -29.30 -13.71
C ALA B 752 -29.68 -30.18 -12.77
N ALA B 753 -29.99 -31.39 -13.23
CA ALA B 753 -30.85 -32.27 -12.47
C ALA B 753 -30.19 -32.77 -11.19
N TRP B 754 -28.97 -33.28 -11.30
CA TRP B 754 -28.35 -33.99 -10.20
C TRP B 754 -27.48 -33.07 -9.32
N GLY B 755 -27.00 -31.98 -9.91
CA GLY B 755 -26.10 -31.07 -9.21
C GLY B 755 -26.75 -29.74 -8.86
N GLY B 756 -27.80 -29.36 -9.60
CA GLY B 756 -28.41 -28.05 -9.47
C GLY B 756 -27.70 -27.01 -10.33
N SER B 757 -28.45 -25.98 -10.73
CA SER B 757 -27.92 -24.90 -11.55
C SER B 757 -28.50 -23.53 -11.15
N TYR B 758 -27.58 -22.60 -10.88
CA TYR B 758 -27.92 -21.21 -10.61
C TYR B 758 -28.27 -20.54 -11.93
N VAL B 759 -29.55 -20.23 -12.13
CA VAL B 759 -29.97 -19.68 -13.41
C VAL B 759 -29.78 -18.17 -13.50
N ASN B 760 -30.38 -17.44 -12.57
CA ASN B 760 -30.31 -15.98 -12.54
C ASN B 760 -30.96 -15.52 -11.24
N ASP B 761 -31.12 -14.21 -11.08
CA ASP B 761 -31.68 -13.65 -9.86
C ASP B 761 -33.13 -13.19 -10.04
N PHE B 762 -33.83 -13.03 -8.92
CA PHE B 762 -35.18 -12.48 -8.91
C PHE B 762 -35.27 -11.57 -7.69
N ILE B 763 -36.41 -10.90 -7.51
CA ILE B 763 -36.53 -9.94 -6.44
C ILE B 763 -37.65 -10.34 -5.51
N ASP B 764 -37.26 -10.72 -4.28
CA ASP B 764 -38.18 -11.22 -3.29
C ASP B 764 -38.37 -10.12 -2.26
N ARG B 765 -39.58 -9.55 -2.22
CA ARG B 765 -39.91 -8.44 -1.34
C ARG B 765 -38.80 -7.40 -1.27
N GLY B 766 -38.27 -6.97 -2.43
CA GLY B 766 -37.24 -5.92 -2.48
C GLY B 766 -35.77 -6.32 -2.25
N ARG B 767 -35.50 -7.62 -2.10
CA ARG B 767 -34.13 -8.09 -1.97
C ARG B 767 -33.81 -9.02 -3.13
N VAL B 768 -32.67 -8.81 -3.79
CA VAL B 768 -32.29 -9.68 -4.89
C VAL B 768 -31.87 -11.04 -4.31
N LYS B 769 -32.38 -12.12 -4.90
CA LYS B 769 -32.09 -13.48 -4.46
C LYS B 769 -31.94 -14.40 -5.67
N LYS B 770 -31.42 -15.60 -5.46
CA LYS B 770 -31.08 -16.50 -6.56
C LYS B 770 -32.22 -17.43 -6.95
N VAL B 771 -32.12 -17.93 -8.18
CA VAL B 771 -33.03 -18.93 -8.73
C VAL B 771 -32.20 -20.17 -9.05
N TYR B 772 -32.61 -21.31 -8.48
CA TYR B 772 -31.97 -22.59 -8.73
C TYR B 772 -32.96 -23.57 -9.35
N VAL B 773 -32.53 -24.27 -10.41
CA VAL B 773 -33.27 -25.41 -10.92
C VAL B 773 -32.49 -26.65 -10.54
N MET B 774 -33.21 -27.72 -10.21
CA MET B 774 -32.60 -28.97 -9.79
C MET B 774 -33.69 -30.04 -9.83
N SER B 775 -33.28 -31.31 -9.90
CA SER B 775 -34.25 -32.38 -9.79
C SER B 775 -34.88 -32.42 -8.39
N GLU B 776 -36.18 -32.70 -8.34
CA GLU B 776 -36.79 -33.12 -7.10
C GLU B 776 -36.03 -34.32 -6.55
N ALA B 777 -35.85 -34.37 -5.23
CA ALA B 777 -34.96 -35.35 -4.61
C ALA B 777 -35.18 -36.79 -5.07
N LYS B 778 -36.44 -37.23 -5.14
CA LYS B 778 -36.75 -38.61 -5.41
C LYS B 778 -36.29 -39.09 -6.79
N TYR B 779 -35.90 -38.16 -7.67
CA TYR B 779 -35.46 -38.51 -9.00
C TYR B 779 -33.96 -38.39 -9.20
N ARG B 780 -33.21 -38.18 -8.11
CA ARG B 780 -31.76 -38.05 -8.16
C ARG B 780 -31.07 -38.68 -6.96
N MET B 781 -31.56 -39.85 -6.54
CA MET B 781 -31.02 -40.54 -5.38
C MET B 781 -30.13 -41.73 -5.78
N LEU B 782 -30.59 -42.54 -6.75
CA LEU B 782 -29.95 -43.79 -7.08
C LEU B 782 -29.52 -43.96 -8.53
N PRO B 783 -28.54 -44.86 -8.81
CA PRO B 783 -28.10 -45.13 -10.17
C PRO B 783 -29.20 -45.41 -11.19
N ASP B 784 -30.24 -46.14 -10.80
CA ASP B 784 -31.34 -46.43 -11.72
C ASP B 784 -32.09 -45.17 -12.19
N ASP B 785 -31.95 -44.07 -11.45
CA ASP B 785 -32.69 -42.86 -11.77
C ASP B 785 -32.07 -42.17 -12.98
N ILE B 786 -30.79 -42.43 -13.23
CA ILE B 786 -30.10 -41.87 -14.38
C ILE B 786 -30.90 -42.09 -15.66
N GLY B 787 -31.49 -43.27 -15.80
CA GLY B 787 -32.16 -43.67 -17.03
C GLY B 787 -33.55 -43.05 -17.20
N ASP B 788 -34.06 -42.43 -16.13
CA ASP B 788 -35.34 -41.74 -16.19
C ASP B 788 -35.24 -40.33 -16.78
N TRP B 789 -34.01 -39.84 -16.96
CA TRP B 789 -33.77 -38.54 -17.57
C TRP B 789 -33.60 -38.65 -19.08
N TYR B 790 -34.41 -37.88 -19.81
CA TYR B 790 -34.42 -37.88 -21.27
C TYR B 790 -33.86 -36.57 -21.82
N VAL B 791 -33.18 -36.68 -22.96
CA VAL B 791 -32.63 -35.55 -23.67
C VAL B 791 -33.24 -35.55 -25.06
N ARG B 792 -33.50 -34.35 -25.60
CA ARG B 792 -34.18 -34.26 -26.89
C ARG B 792 -33.13 -34.21 -27.98
N ALA B 793 -33.31 -35.06 -29.00
CA ALA B 793 -32.42 -35.07 -30.15
C ALA B 793 -32.83 -34.00 -31.16
N ALA B 794 -31.95 -33.75 -32.13
CA ALA B 794 -32.22 -32.77 -33.17
C ALA B 794 -33.52 -33.07 -33.92
N ASP B 795 -33.82 -34.36 -34.11
CA ASP B 795 -35.02 -34.76 -34.80
C ASP B 795 -36.27 -34.81 -33.91
N GLY B 796 -36.16 -34.32 -32.68
CA GLY B 796 -37.32 -34.21 -31.80
C GLY B 796 -37.63 -35.42 -30.94
N GLN B 797 -36.87 -36.52 -31.11
CA GLN B 797 -37.07 -37.70 -30.29
C GLN B 797 -36.41 -37.57 -28.93
N MET B 798 -37.05 -38.15 -27.91
CA MET B 798 -36.54 -38.08 -26.55
C MET B 798 -35.70 -39.33 -26.34
N VAL B 799 -34.47 -39.14 -25.88
CA VAL B 799 -33.54 -40.25 -25.72
C VAL B 799 -33.18 -40.39 -24.25
N PRO B 800 -33.32 -41.58 -23.63
CA PRO B 800 -32.92 -41.76 -22.25
C PRO B 800 -31.41 -41.81 -22.09
N PHE B 801 -30.89 -41.33 -20.95
CA PHE B 801 -29.47 -41.37 -20.65
C PHE B 801 -28.80 -42.73 -20.82
N SER B 802 -29.58 -43.78 -20.50
CA SER B 802 -29.12 -45.15 -20.66
C SER B 802 -28.66 -45.48 -22.07
N ALA B 803 -29.21 -44.79 -23.07
CA ALA B 803 -28.92 -45.09 -24.46
C ALA B 803 -27.53 -44.63 -24.91
N PHE B 804 -26.94 -43.67 -24.21
CA PHE B 804 -25.67 -43.12 -24.66
C PHE B 804 -24.64 -42.99 -23.54
N SER B 805 -24.81 -43.78 -22.48
CA SER B 805 -23.86 -43.73 -21.38
C SER B 805 -23.61 -45.10 -20.78
N SER B 806 -22.54 -45.19 -19.98
CA SER B 806 -22.21 -46.38 -19.23
C SER B 806 -21.58 -45.91 -17.93
N SER B 807 -21.66 -46.75 -16.89
CA SER B 807 -21.21 -46.32 -15.57
C SER B 807 -20.50 -47.43 -14.80
N ARG B 808 -19.65 -47.03 -13.87
CA ARG B 808 -18.93 -47.97 -13.04
C ARG B 808 -18.57 -47.27 -11.73
N TRP B 809 -18.33 -48.05 -10.68
CA TRP B 809 -17.81 -47.52 -9.44
C TRP B 809 -16.30 -47.40 -9.51
N GLU B 810 -15.76 -46.34 -8.89
CA GLU B 810 -14.33 -46.18 -8.72
C GLU B 810 -14.11 -45.46 -7.40
N TYR B 811 -12.85 -45.29 -6.99
CA TYR B 811 -12.51 -44.48 -5.85
C TYR B 811 -11.87 -43.15 -6.27
N GLY B 812 -12.21 -42.08 -5.55
CA GLY B 812 -11.66 -40.75 -5.79
C GLY B 812 -11.67 -39.92 -4.51
N SER B 813 -10.97 -38.79 -4.51
CA SER B 813 -10.85 -37.99 -3.31
C SER B 813 -12.01 -37.02 -3.19
N PRO B 814 -12.65 -36.90 -2.00
CA PRO B 814 -13.61 -35.84 -1.75
C PRO B 814 -12.99 -34.54 -1.25
N ARG B 815 -11.69 -34.55 -0.98
CA ARG B 815 -11.01 -33.32 -0.57
C ARG B 815 -9.53 -33.41 -0.91
N LEU B 816 -9.16 -32.63 -1.93
CA LEU B 816 -7.80 -32.55 -2.44
C LEU B 816 -7.13 -31.31 -1.86
N GLU B 817 -5.92 -31.49 -1.35
CA GLU B 817 -5.20 -30.41 -0.68
C GLU B 817 -4.01 -29.97 -1.51
N ARG B 818 -3.57 -28.71 -1.31
CA ARG B 818 -2.40 -28.18 -2.00
C ARG B 818 -1.65 -27.24 -1.06
N TYR B 819 -0.33 -27.25 -1.17
CA TYR B 819 0.50 -26.39 -0.36
C TYR B 819 1.56 -25.77 -1.25
N ASN B 820 1.66 -24.43 -1.22
CA ASN B 820 2.49 -23.67 -2.12
C ASN B 820 2.44 -24.15 -3.57
N GLY B 821 1.22 -24.38 -4.06
CA GLY B 821 0.96 -24.60 -5.48
C GLY B 821 1.06 -26.06 -5.91
N LEU B 822 1.47 -26.93 -4.95
CA LEU B 822 1.73 -28.33 -5.22
C LEU B 822 0.80 -29.23 -4.42
N PRO B 823 0.44 -30.42 -4.96
CA PRO B 823 -0.43 -31.34 -4.22
C PRO B 823 0.19 -31.71 -2.89
N SER B 824 -0.66 -31.81 -1.86
CA SER B 824 -0.16 -31.99 -0.53
C SER B 824 -1.11 -32.81 0.33
N MET B 825 -0.56 -33.31 1.44
CA MET B 825 -1.38 -33.88 2.49
C MET B 825 -0.88 -33.37 3.83
N GLU B 826 -1.78 -32.71 4.56
CA GLU B 826 -1.46 -32.23 5.89
C GLU B 826 -1.48 -33.38 6.88
N ILE B 827 -0.45 -33.39 7.75
CA ILE B 827 -0.24 -34.44 8.74
C ILE B 827 -0.04 -33.75 10.08
N LEU B 828 -0.87 -34.12 11.05
CA LEU B 828 -0.74 -33.59 12.40
C LEU B 828 -0.08 -34.66 13.26
N GLY B 829 0.41 -34.22 14.44
CA GLY B 829 1.07 -35.10 15.39
C GLY B 829 1.71 -34.28 16.50
N GLN B 830 2.25 -34.96 17.51
CA GLN B 830 2.92 -34.31 18.63
C GLN B 830 4.11 -35.12 19.10
N ALA B 831 4.97 -34.45 19.89
CA ALA B 831 6.06 -35.10 20.59
C ALA B 831 5.49 -35.96 21.73
N ALA B 832 6.04 -37.18 21.84
CA ALA B 832 5.71 -38.10 22.91
C ALA B 832 5.98 -37.49 24.29
N PRO B 833 5.36 -38.01 25.38
CA PRO B 833 5.61 -37.46 26.71
C PRO B 833 7.10 -37.37 27.04
N GLY B 834 7.53 -36.17 27.46
CA GLY B 834 8.91 -35.94 27.88
C GLY B 834 9.91 -35.63 26.76
N LYS B 835 9.40 -35.43 25.54
CA LYS B 835 10.22 -35.08 24.39
C LYS B 835 9.86 -33.67 23.95
N SER B 836 10.82 -32.97 23.32
CA SER B 836 10.54 -31.65 22.77
C SER B 836 9.91 -31.77 21.39
N CYS B 837 9.14 -30.74 21.01
CA CYS B 837 8.59 -30.64 19.67
C CYS B 837 9.72 -30.62 18.65
N GLY B 838 10.86 -30.04 19.04
CA GLY B 838 12.07 -30.05 18.24
C GLY B 838 12.51 -31.45 17.78
N GLU B 839 12.65 -32.36 18.75
CA GLU B 839 13.11 -33.71 18.48
C GLU B 839 12.12 -34.48 17.61
N ALA B 840 10.83 -34.27 17.89
CA ALA B 840 9.76 -34.86 17.09
C ALA B 840 9.89 -34.37 15.65
N MET B 841 10.06 -33.06 15.46
CA MET B 841 10.23 -32.49 14.14
C MET B 841 11.43 -33.09 13.43
N GLU B 842 12.55 -33.16 14.17
CA GLU B 842 13.79 -33.73 13.65
C GLU B 842 13.58 -35.15 13.13
N LEU B 843 12.84 -35.96 13.89
CA LEU B 843 12.61 -37.35 13.51
C LEU B 843 11.70 -37.43 12.29
N MET B 844 10.62 -36.62 12.28
CA MET B 844 9.71 -36.55 11.15
C MET B 844 10.50 -36.30 9.86
N GLU B 845 11.49 -35.40 9.96
CA GLU B 845 12.34 -35.04 8.83
C GLU B 845 13.19 -36.22 8.35
N GLN B 846 13.73 -37.00 9.30
CA GLN B 846 14.55 -38.16 8.96
C GLN B 846 13.70 -39.20 8.25
N LEU B 847 12.54 -39.51 8.85
CA LEU B 847 11.60 -40.44 8.25
C LEU B 847 11.25 -40.01 6.83
N ALA B 848 11.00 -38.70 6.64
CA ALA B 848 10.56 -38.16 5.37
C ALA B 848 11.65 -38.29 4.30
N SER B 849 12.91 -38.15 4.72
CA SER B 849 14.05 -38.32 3.84
C SER B 849 14.12 -39.69 3.16
N LYS B 850 13.51 -40.71 3.77
CA LYS B 850 13.53 -42.06 3.23
C LYS B 850 12.33 -42.39 2.35
N LEU B 851 11.52 -41.38 2.00
CA LEU B 851 10.29 -41.62 1.25
C LEU B 851 10.60 -41.71 -0.25
N PRO B 852 9.65 -42.14 -1.11
CA PRO B 852 9.89 -42.25 -2.55
C PRO B 852 10.36 -40.96 -3.20
N THR B 853 11.07 -41.14 -4.31
CA THR B 853 11.65 -40.05 -5.08
C THR B 853 10.52 -39.16 -5.57
N GLY B 854 10.67 -37.83 -5.36
CA GLY B 854 9.66 -36.86 -5.79
C GLY B 854 8.70 -36.38 -4.69
N VAL B 855 8.83 -36.96 -3.49
CA VAL B 855 8.03 -36.61 -2.33
C VAL B 855 8.87 -35.76 -1.40
N GLY B 856 8.55 -34.46 -1.33
CA GLY B 856 9.15 -33.55 -0.37
C GLY B 856 8.25 -33.32 0.83
N TYR B 857 8.61 -32.33 1.65
CA TYR B 857 7.83 -31.94 2.82
C TYR B 857 8.11 -30.51 3.26
N ASP B 858 7.32 -30.01 4.22
CA ASP B 858 7.49 -28.66 4.74
C ASP B 858 6.73 -28.51 6.05
N TRP B 859 7.08 -27.49 6.84
CA TRP B 859 6.44 -27.21 8.10
C TRP B 859 5.55 -26.00 7.87
N THR B 860 4.37 -26.01 8.49
CA THR B 860 3.42 -24.91 8.36
C THR B 860 2.86 -24.56 9.72
N GLY B 861 2.04 -23.50 9.77
CA GLY B 861 1.43 -23.04 11.01
C GLY B 861 2.43 -22.91 12.15
N MET B 862 2.11 -23.46 13.32
CA MET B 862 2.95 -23.29 14.48
C MET B 862 4.34 -23.91 14.30
N SER B 863 4.44 -25.01 13.54
CA SER B 863 5.74 -25.59 13.22
C SER B 863 6.65 -24.64 12.45
N TYR B 864 6.07 -23.91 11.49
CA TYR B 864 6.79 -22.89 10.73
C TYR B 864 7.33 -21.78 11.62
N GLN B 865 6.47 -21.30 12.54
CA GLN B 865 6.83 -20.25 13.48
C GLN B 865 8.01 -20.71 14.32
N GLU B 866 7.86 -21.90 14.94
CA GLU B 866 8.87 -22.48 15.80
C GLU B 866 10.22 -22.54 15.09
N ARG B 867 10.23 -22.99 13.83
CA ARG B 867 11.47 -23.18 13.10
C ARG B 867 12.17 -21.85 12.82
N LEU B 868 11.38 -20.81 12.53
CA LEU B 868 11.94 -19.47 12.39
C LEU B 868 12.12 -18.83 13.77
N SER B 869 11.02 -18.74 14.52
CA SER B 869 10.97 -18.03 15.79
C SER B 869 11.78 -18.58 16.96
N GLY B 870 12.22 -19.82 16.86
CA GLY B 870 12.78 -20.54 18.01
C GLY B 870 14.29 -20.44 18.17
N ASN B 871 14.97 -20.10 17.06
CA ASN B 871 16.41 -19.95 17.07
C ASN B 871 16.90 -18.58 17.57
N GLN B 872 15.99 -17.73 18.06
CA GLN B 872 16.35 -16.39 18.50
C GLN B 872 16.49 -16.25 20.01
N ALA B 873 15.84 -17.14 20.77
CA ALA B 873 15.83 -17.00 22.23
C ALA B 873 17.22 -16.92 22.85
N PRO B 874 18.17 -17.79 22.46
CA PRO B 874 19.52 -17.74 23.02
C PRO B 874 20.19 -16.39 22.85
N SER B 875 20.11 -15.83 21.64
CA SER B 875 20.72 -14.54 21.36
C SER B 875 20.15 -13.46 22.30
N LEU B 876 18.83 -13.47 22.48
CA LEU B 876 18.16 -12.48 23.29
C LEU B 876 18.55 -12.55 24.78
N TYR B 877 18.59 -13.77 25.34
CA TYR B 877 19.07 -13.95 26.70
C TYR B 877 20.52 -13.50 26.88
N ALA B 878 21.36 -13.81 25.88
CA ALA B 878 22.76 -13.42 25.89
C ALA B 878 22.92 -11.90 25.93
N ILE B 879 22.23 -11.20 25.03
CA ILE B 879 22.23 -9.74 25.04
C ILE B 879 21.78 -9.19 26.39
N SER B 880 20.70 -9.78 26.91
CA SER B 880 20.14 -9.38 28.19
C SER B 880 21.16 -9.48 29.31
N LEU B 881 21.82 -10.63 29.41
CA LEU B 881 22.86 -10.84 30.41
C LEU B 881 23.98 -9.81 30.29
N ILE B 882 24.40 -9.54 29.05
CA ILE B 882 25.51 -8.62 28.81
C ILE B 882 25.14 -7.22 29.26
N VAL B 883 23.94 -6.76 28.91
CA VAL B 883 23.54 -5.41 29.25
C VAL B 883 23.39 -5.23 30.76
N VAL B 884 22.82 -6.23 31.43
CA VAL B 884 22.74 -6.22 32.89
C VAL B 884 24.13 -6.05 33.51
N PHE B 885 25.07 -6.89 33.07
CA PHE B 885 26.43 -6.83 33.55
C PHE B 885 27.05 -5.44 33.39
N LEU B 886 26.84 -4.85 32.20
CA LEU B 886 27.45 -3.58 31.85
C LEU B 886 26.88 -2.43 32.68
N CYS B 887 25.56 -2.44 32.86
CA CYS B 887 24.93 -1.43 33.70
C CYS B 887 25.43 -1.48 35.14
N LEU B 888 25.58 -2.69 35.66
CA LEU B 888 26.04 -2.89 37.02
C LEU B 888 27.49 -2.45 37.14
N ALA B 889 28.28 -2.76 36.11
CA ALA B 889 29.67 -2.32 36.05
C ALA B 889 29.76 -0.80 36.12
N ALA B 890 28.89 -0.12 35.37
CA ALA B 890 28.82 1.34 35.40
C ALA B 890 28.41 1.83 36.78
N LEU B 891 27.37 1.20 37.33
CA LEU B 891 26.85 1.55 38.65
C LEU B 891 27.91 1.43 39.75
N TYR B 892 28.63 0.33 39.77
CA TYR B 892 29.58 0.04 40.84
C TYR B 892 31.04 0.40 40.51
N GLU B 893 31.29 0.89 39.29
CA GLU B 893 32.64 1.18 38.84
C GLU B 893 33.55 -0.04 39.04
N SER B 894 33.06 -1.21 38.63
CA SER B 894 33.77 -2.46 38.81
C SER B 894 33.32 -3.50 37.81
N TRP B 895 34.26 -4.34 37.38
CA TRP B 895 33.99 -5.46 36.48
C TRP B 895 33.66 -6.73 37.27
N SER B 896 34.04 -6.78 38.56
CA SER B 896 33.82 -7.94 39.40
C SER B 896 32.51 -7.89 40.21
N ILE B 897 32.25 -6.75 40.84
CA ILE B 897 31.11 -6.61 41.74
C ILE B 897 29.75 -6.93 41.14
N PRO B 898 29.47 -6.63 39.84
CA PRO B 898 28.24 -7.05 39.19
C PRO B 898 27.89 -8.53 39.37
N PHE B 899 28.91 -9.37 39.54
CA PHE B 899 28.71 -10.80 39.73
C PHE B 899 27.96 -11.10 41.03
N SER B 900 28.22 -10.29 42.07
CA SER B 900 27.54 -10.45 43.36
C SER B 900 26.04 -10.22 43.27
N VAL B 901 25.60 -9.39 42.32
CA VAL B 901 24.18 -9.16 42.12
C VAL B 901 23.60 -10.30 41.28
N MET B 902 24.25 -10.60 40.15
CA MET B 902 23.72 -11.52 39.14
C MET B 902 23.55 -12.96 39.64
N LEU B 903 24.35 -13.34 40.65
CA LEU B 903 24.24 -14.66 41.23
C LEU B 903 22.88 -14.91 41.89
N VAL B 904 22.12 -13.84 42.14
CA VAL B 904 20.82 -13.95 42.79
C VAL B 904 19.73 -14.64 41.96
N VAL B 905 19.92 -14.68 40.62
CA VAL B 905 18.88 -15.11 39.71
C VAL B 905 18.25 -16.46 40.08
N PRO B 906 19.03 -17.52 40.33
CA PRO B 906 18.46 -18.82 40.70
C PRO B 906 17.58 -18.83 41.94
N LEU B 907 17.74 -17.85 42.85
CA LEU B 907 17.12 -17.93 44.17
C LEU B 907 15.60 -17.77 44.10
N GLY B 908 15.15 -16.88 43.20
CA GLY B 908 13.75 -16.71 42.89
C GLY B 908 13.21 -17.78 41.93
N VAL B 909 14.01 -18.17 40.93
CA VAL B 909 13.59 -19.15 39.94
C VAL B 909 13.26 -20.51 40.56
N ILE B 910 14.06 -20.96 41.54
CA ILE B 910 13.85 -22.25 42.18
C ILE B 910 12.47 -22.31 42.82
N GLY B 911 12.10 -21.25 43.55
CA GLY B 911 10.81 -21.18 44.22
C GLY B 911 9.65 -21.23 43.25
N ALA B 912 9.77 -20.46 42.15
CA ALA B 912 8.76 -20.48 41.10
C ALA B 912 8.58 -21.89 40.54
N LEU B 913 9.68 -22.60 40.32
CA LEU B 913 9.64 -23.94 39.75
C LEU B 913 9.03 -24.94 40.73
N LEU B 914 9.42 -24.84 42.01
CA LEU B 914 8.83 -25.67 43.03
C LEU B 914 7.30 -25.51 43.03
N ALA B 915 6.83 -24.26 43.15
CA ALA B 915 5.41 -23.98 43.23
C ALA B 915 4.66 -24.47 41.98
N ALA B 916 5.25 -24.28 40.81
CA ALA B 916 4.62 -24.70 39.57
C ALA B 916 4.57 -26.21 39.44
N THR B 917 5.66 -26.89 39.79
CA THR B 917 5.74 -28.35 39.70
C THR B 917 4.74 -28.99 40.68
N PHE B 918 4.74 -28.53 41.93
CA PHE B 918 3.85 -29.04 42.96
C PHE B 918 2.37 -28.85 42.61
N ARG B 919 2.02 -27.71 42.00
CA ARG B 919 0.65 -27.46 41.56
C ARG B 919 0.37 -27.99 40.15
N GLY B 920 1.38 -28.61 39.53
CA GLY B 920 1.22 -29.24 38.24
C GLY B 920 0.84 -28.30 37.10
N LEU B 921 1.39 -27.08 37.11
CA LEU B 921 1.20 -26.10 36.06
C LEU B 921 2.33 -26.23 35.03
N THR B 922 2.26 -25.39 33.99
CA THR B 922 3.19 -25.43 32.88
C THR B 922 4.16 -24.26 32.90
N ASN B 923 5.29 -24.43 32.20
CA ASN B 923 6.13 -23.33 31.80
C ASN B 923 5.41 -22.62 30.67
N ASP B 924 4.49 -21.71 31.02
CA ASP B 924 3.74 -20.93 30.06
C ASP B 924 4.16 -19.47 30.12
N VAL B 925 3.64 -18.66 29.19
CA VAL B 925 3.96 -17.25 29.07
C VAL B 925 3.80 -16.53 30.41
N TYR B 926 2.72 -16.86 31.12
CA TYR B 926 2.43 -16.17 32.37
C TYR B 926 3.48 -16.48 33.42
N PHE B 927 3.96 -17.74 33.42
CA PHE B 927 5.00 -18.20 34.33
C PHE B 927 6.34 -17.52 34.01
N GLN B 928 6.65 -17.42 32.72
CA GLN B 928 7.90 -16.82 32.27
C GLN B 928 7.95 -15.36 32.64
N VAL B 929 6.87 -14.62 32.39
CA VAL B 929 6.87 -13.19 32.66
C VAL B 929 6.93 -12.98 34.16
N GLY B 930 6.30 -13.87 34.93
CA GLY B 930 6.38 -13.86 36.38
C GLY B 930 7.78 -14.13 36.94
N LEU B 931 8.51 -15.05 36.29
CA LEU B 931 9.90 -15.30 36.61
C LEU B 931 10.75 -14.04 36.44
N LEU B 932 10.58 -13.39 35.28
CA LEU B 932 11.29 -12.17 34.99
C LEU B 932 11.00 -11.10 36.04
N THR B 933 9.75 -10.97 36.47
CA THR B 933 9.39 -10.03 37.53
C THR B 933 10.09 -10.39 38.84
N THR B 934 10.07 -11.67 39.21
CA THR B 934 10.71 -12.16 40.43
C THR B 934 12.23 -11.91 40.40
N ILE B 935 12.83 -12.20 39.25
CA ILE B 935 14.25 -11.98 39.03
C ILE B 935 14.55 -10.50 39.18
N GLY B 936 13.76 -9.65 38.54
CA GLY B 936 13.92 -8.21 38.62
C GLY B 936 13.88 -7.69 40.05
N LEU B 937 12.86 -8.12 40.80
CA LEU B 937 12.66 -7.66 42.16
C LEU B 937 13.80 -8.13 43.06
N SER B 938 14.22 -9.39 42.91
CA SER B 938 15.31 -9.92 43.71
C SER B 938 16.63 -9.24 43.32
N ALA B 939 16.83 -8.97 42.04
CA ALA B 939 17.99 -8.22 41.56
C ALA B 939 18.04 -6.83 42.19
N LYS B 940 16.87 -6.22 42.29
CA LYS B 940 16.74 -4.89 42.87
C LYS B 940 17.17 -4.89 44.34
N ASN B 941 16.69 -5.88 45.11
CA ASN B 941 17.08 -6.03 46.50
C ASN B 941 18.59 -6.22 46.65
N ALA B 942 19.16 -7.06 45.79
CA ALA B 942 20.58 -7.35 45.82
C ALA B 942 21.41 -6.11 45.48
N ILE B 943 21.00 -5.40 44.41
CA ILE B 943 21.70 -4.19 43.99
C ILE B 943 21.83 -3.19 45.15
N LEU B 944 20.74 -3.02 45.91
CA LEU B 944 20.70 -2.04 46.99
C LEU B 944 21.52 -2.49 48.20
N ILE B 945 21.57 -3.80 48.46
CA ILE B 945 22.42 -4.36 49.50
C ILE B 945 23.88 -4.11 49.16
N VAL B 946 24.24 -4.44 47.93
CA VAL B 946 25.61 -4.28 47.45
C VAL B 946 26.02 -2.82 47.36
N GLU B 947 25.14 -1.95 46.87
CA GLU B 947 25.41 -0.52 46.84
C GLU B 947 25.69 0.05 48.23
N PHE B 948 24.87 -0.32 49.22
CA PHE B 948 25.04 0.18 50.57
C PHE B 948 26.35 -0.31 51.19
N ALA B 949 26.68 -1.58 50.95
CA ALA B 949 27.88 -2.19 51.51
C ALA B 949 29.13 -1.56 50.91
N LYS B 950 29.15 -1.45 49.58
CA LYS B 950 30.24 -0.81 48.87
C LYS B 950 30.42 0.63 49.30
N ASP B 951 29.30 1.35 49.51
CA ASP B 951 29.35 2.74 49.93
C ASP B 951 29.98 2.88 51.32
N LEU B 952 29.61 1.97 52.24
CA LEU B 952 30.19 2.00 53.58
C LEU B 952 31.68 1.72 53.53
N MET B 953 32.11 0.83 52.62
CA MET B 953 33.52 0.55 52.42
C MET B 953 34.30 1.74 51.86
N ASP B 954 33.78 2.34 50.76
CA ASP B 954 34.41 3.48 50.10
C ASP B 954 34.35 4.80 50.86
N LYS B 955 33.19 5.13 51.43
CA LYS B 955 32.98 6.43 52.06
C LYS B 955 33.46 6.47 53.51
N GLU B 956 33.10 5.45 54.28
CA GLU B 956 33.35 5.43 55.72
C GLU B 956 34.52 4.52 56.11
N GLY B 957 35.16 3.88 55.13
CA GLY B 957 36.37 3.11 55.38
C GLY B 957 36.20 1.81 56.16
N LYS B 958 34.95 1.37 56.31
CA LYS B 958 34.63 0.14 57.02
C LYS B 958 35.18 -1.09 56.29
N GLY B 959 35.47 -2.13 57.08
CA GLY B 959 35.90 -3.42 56.57
C GLY B 959 34.78 -4.14 55.80
N LEU B 960 35.16 -5.18 55.06
CA LEU B 960 34.24 -5.91 54.19
C LEU B 960 33.04 -6.47 54.95
N ILE B 961 33.31 -7.26 55.98
CA ILE B 961 32.27 -7.92 56.75
C ILE B 961 31.44 -6.90 57.51
N GLU B 962 32.09 -5.91 58.14
CA GLU B 962 31.37 -4.88 58.88
C GLU B 962 30.34 -4.18 57.99
N ALA B 963 30.73 -3.86 56.76
CA ALA B 963 29.88 -3.16 55.82
C ALA B 963 28.74 -4.06 55.29
N THR B 964 29.08 -5.31 54.98
CA THR B 964 28.09 -6.28 54.53
C THR B 964 27.00 -6.42 55.59
N LEU B 965 27.40 -6.51 56.86
CA LEU B 965 26.48 -6.72 57.96
C LEU B 965 25.58 -5.51 58.17
N ASP B 966 26.17 -4.30 58.10
CA ASP B 966 25.41 -3.08 58.25
C ASP B 966 24.46 -2.91 57.07
N ALA B 967 24.95 -3.22 55.86
CA ALA B 967 24.11 -3.19 54.67
C ALA B 967 22.85 -4.04 54.86
N VAL B 968 23.01 -5.31 55.22
CA VAL B 968 21.88 -6.23 55.27
C VAL B 968 20.94 -5.86 56.42
N ARG B 969 21.49 -5.31 57.50
CA ARG B 969 20.68 -4.82 58.61
C ARG B 969 19.74 -3.73 58.13
N MET B 970 20.30 -2.72 57.48
CA MET B 970 19.54 -1.59 56.95
C MET B 970 18.48 -1.99 55.91
N ARG B 971 18.75 -3.03 55.11
CA ARG B 971 17.89 -3.42 53.99
C ARG B 971 16.89 -4.54 54.29
N LEU B 972 16.96 -5.09 55.49
CA LEU B 972 16.06 -6.15 55.89
C LEU B 972 14.61 -5.68 55.89
N ARG B 973 14.34 -4.57 56.58
CA ARG B 973 12.99 -4.04 56.72
C ARG B 973 12.31 -3.79 55.36
N PRO B 974 12.89 -2.97 54.44
CA PRO B 974 12.23 -2.72 53.17
C PRO B 974 11.96 -3.99 52.35
N ILE B 975 12.84 -5.00 52.50
CA ILE B 975 12.67 -6.23 51.76
C ILE B 975 11.49 -7.03 52.30
N LEU B 976 11.40 -7.15 53.64
CA LEU B 976 10.29 -7.86 54.26
C LEU B 976 8.98 -7.10 53.98
N MET B 977 9.04 -5.78 53.93
CA MET B 977 7.87 -4.97 53.64
C MET B 977 7.30 -5.26 52.24
N THR B 978 8.16 -5.10 51.21
CA THR B 978 7.75 -5.32 49.84
C THR B 978 7.29 -6.75 49.61
N SER B 979 8.04 -7.71 50.17
CA SER B 979 7.76 -9.12 49.96
C SER B 979 6.42 -9.52 50.57
N LEU B 980 6.18 -9.12 51.82
CA LEU B 980 4.92 -9.42 52.48
C LEU B 980 3.73 -8.77 51.75
N ALA B 981 3.92 -7.52 51.30
CA ALA B 981 2.86 -6.83 50.59
C ALA B 981 2.51 -7.53 49.28
N PHE B 982 3.55 -7.96 48.55
CA PHE B 982 3.37 -8.55 47.24
C PHE B 982 2.85 -9.98 47.35
N ILE B 983 3.38 -10.77 48.29
CA ILE B 983 3.01 -12.17 48.40
C ILE B 983 1.52 -12.30 48.73
N LEU B 984 1.05 -11.48 49.69
CA LEU B 984 -0.36 -11.40 50.02
C LEU B 984 -1.21 -10.87 48.86
N GLY B 985 -0.66 -9.88 48.14
CA GLY B 985 -1.34 -9.29 47.00
C GLY B 985 -1.64 -10.25 45.85
N VAL B 986 -0.84 -11.32 45.74
CA VAL B 986 -0.96 -12.30 44.68
C VAL B 986 -1.73 -13.54 45.14
N MET B 987 -1.92 -13.68 46.45
CA MET B 987 -2.65 -14.81 47.01
C MET B 987 -3.96 -15.04 46.26
N PRO B 988 -4.81 -13.98 46.08
CA PRO B 988 -6.09 -14.16 45.41
C PRO B 988 -5.98 -14.83 44.04
N LEU B 989 -4.95 -14.45 43.28
CA LEU B 989 -4.62 -15.10 42.02
C LEU B 989 -4.32 -16.58 42.17
N VAL B 990 -3.58 -16.94 43.23
CA VAL B 990 -3.15 -18.31 43.43
C VAL B 990 -4.35 -19.23 43.64
N ILE B 991 -5.25 -18.82 44.55
CA ILE B 991 -6.40 -19.62 44.94
C ILE B 991 -7.60 -19.50 44.00
N SER B 992 -7.51 -18.63 42.99
CA SER B 992 -8.63 -18.31 42.13
C SER B 992 -9.21 -19.54 41.43
N THR B 993 -10.53 -19.63 41.38
CA THR B 993 -11.24 -20.64 40.61
C THR B 993 -12.27 -19.96 39.72
N GLY B 994 -12.78 -20.68 38.71
CA GLY B 994 -13.78 -20.11 37.82
C GLY B 994 -13.17 -19.27 36.71
N ALA B 995 -13.89 -18.26 36.22
CA ALA B 995 -13.61 -17.70 34.91
C ALA B 995 -12.23 -17.05 34.86
N GLY B 996 -11.42 -17.44 33.88
CA GLY B 996 -10.07 -16.94 33.70
C GLY B 996 -9.02 -17.43 34.71
N SER B 997 -9.38 -18.39 35.56
CA SER B 997 -8.52 -18.78 36.66
C SER B 997 -7.29 -19.56 36.21
N GLY B 998 -7.33 -20.12 35.00
CA GLY B 998 -6.15 -20.75 34.43
C GLY B 998 -5.00 -19.74 34.41
N ALA B 999 -5.27 -18.58 33.78
CA ALA B 999 -4.33 -17.49 33.70
C ALA B 999 -3.93 -16.91 35.06
N GLN B 1000 -4.96 -16.57 35.87
CA GLN B 1000 -4.73 -16.04 37.20
C GLN B 1000 -3.78 -16.93 38.02
N ASN B 1001 -4.00 -18.25 37.96
CA ASN B 1001 -3.17 -19.20 38.69
C ASN B 1001 -1.75 -19.24 38.16
N ALA B 1002 -1.57 -19.17 36.84
CA ALA B 1002 -0.25 -19.24 36.25
C ALA B 1002 0.61 -18.04 36.66
N VAL B 1003 -0.01 -16.85 36.63
CA VAL B 1003 0.66 -15.62 37.02
C VAL B 1003 1.05 -15.68 38.50
N GLY B 1004 0.05 -15.99 39.34
CA GLY B 1004 0.18 -15.87 40.78
C GLY B 1004 1.06 -16.92 41.46
N THR B 1005 1.06 -18.14 40.93
CA THR B 1005 1.70 -19.27 41.59
C THR B 1005 3.21 -19.12 41.49
N GLY B 1006 3.69 -18.93 40.26
CA GLY B 1006 5.11 -18.75 40.03
C GLY B 1006 5.69 -17.59 40.83
N VAL B 1007 4.96 -16.47 40.85
CA VAL B 1007 5.38 -15.28 41.57
C VAL B 1007 5.41 -15.51 43.08
N MET B 1008 4.41 -16.21 43.62
CA MET B 1008 4.33 -16.41 45.06
C MET B 1008 5.48 -17.32 45.51
N GLY B 1009 5.65 -18.44 44.81
CA GLY B 1009 6.77 -19.34 45.07
C GLY B 1009 8.12 -18.64 44.90
N GLY B 1010 8.26 -17.92 43.80
CA GLY B 1010 9.46 -17.16 43.51
C GLY B 1010 9.82 -16.16 44.59
N MET B 1011 8.82 -15.41 45.08
CA MET B 1011 9.04 -14.34 46.03
C MET B 1011 9.38 -14.88 47.42
N VAL B 1012 8.86 -16.07 47.77
CA VAL B 1012 9.19 -16.71 49.02
C VAL B 1012 10.69 -17.04 49.05
N THR B 1013 11.18 -17.74 48.02
CA THR B 1013 12.57 -18.17 48.01
C THR B 1013 13.48 -16.98 47.74
N ALA B 1014 13.10 -16.09 46.82
CA ALA B 1014 13.88 -14.88 46.58
C ALA B 1014 14.09 -14.11 47.88
N THR B 1015 13.03 -14.02 48.70
CA THR B 1015 13.12 -13.28 49.96
C THR B 1015 13.95 -14.05 50.99
N VAL B 1016 13.53 -15.29 51.27
CA VAL B 1016 14.15 -16.09 52.31
C VAL B 1016 15.62 -16.37 51.99
N LEU B 1017 15.90 -16.74 50.73
CA LEU B 1017 17.26 -17.09 50.35
C LEU B 1017 18.15 -15.86 50.18
N ALA B 1018 17.67 -14.80 49.51
CA ALA B 1018 18.53 -13.66 49.19
C ALA B 1018 19.13 -12.93 50.40
N ILE B 1019 18.37 -12.85 51.49
CA ILE B 1019 18.82 -12.16 52.68
C ILE B 1019 19.98 -12.87 53.36
N PHE B 1020 20.14 -14.18 53.07
CA PHE B 1020 21.29 -14.93 53.54
C PHE B 1020 22.40 -15.04 52.51
N PHE B 1021 22.03 -15.21 51.23
CA PHE B 1021 22.98 -15.52 50.17
C PHE B 1021 23.69 -14.33 49.53
N VAL B 1022 22.99 -13.20 49.39
CA VAL B 1022 23.59 -12.02 48.80
C VAL B 1022 24.83 -11.52 49.56
N PRO B 1023 24.82 -11.51 50.92
CA PRO B 1023 26.03 -11.20 51.67
C PRO B 1023 27.20 -12.12 51.34
N VAL B 1024 26.89 -13.41 51.21
CA VAL B 1024 27.85 -14.41 50.80
C VAL B 1024 28.41 -14.04 49.43
N PHE B 1025 27.53 -13.80 48.46
CA PHE B 1025 27.95 -13.38 47.13
C PHE B 1025 28.90 -12.21 47.18
N PHE B 1026 28.54 -11.16 47.93
CA PHE B 1026 29.34 -9.95 47.94
C PHE B 1026 30.73 -10.23 48.54
N VAL B 1027 30.77 -10.93 49.68
CA VAL B 1027 32.02 -11.21 50.37
C VAL B 1027 32.93 -12.16 49.58
N VAL B 1028 32.36 -13.20 48.97
CA VAL B 1028 33.12 -14.12 48.15
C VAL B 1028 33.70 -13.41 46.93
N VAL B 1029 32.84 -12.71 46.18
CA VAL B 1029 33.25 -11.96 45.00
C VAL B 1029 34.33 -10.92 45.31
N ARG B 1030 34.17 -10.17 46.40
CA ARG B 1030 35.16 -9.18 46.79
C ARG B 1030 36.48 -9.83 47.19
N ARG B 1031 36.42 -10.94 47.93
CA ARG B 1031 37.61 -11.69 48.28
C ARG B 1031 38.32 -12.22 47.03
N ARG B 1032 37.55 -12.75 46.07
CA ARG B 1032 38.16 -13.32 44.88
C ARG B 1032 38.88 -12.25 44.04
N PHE B 1033 38.35 -11.02 44.00
CA PHE B 1033 38.96 -9.95 43.23
C PHE B 1033 39.41 -8.74 44.11
N MET C 1 22.99 33.24 30.50
CA MET C 1 22.86 33.36 29.04
C MET C 1 22.85 34.83 28.61
N PRO C 2 22.02 35.72 29.20
CA PRO C 2 22.14 37.15 28.90
C PRO C 2 23.55 37.70 29.11
N ASN C 3 24.18 37.34 30.24
CA ASN C 3 25.54 37.77 30.53
C ASN C 3 26.55 37.24 29.52
N PHE C 4 26.38 35.96 29.14
CA PHE C 4 27.19 35.37 28.10
C PHE C 4 27.20 36.24 26.84
N PHE C 5 25.99 36.61 26.39
CA PHE C 5 25.85 37.26 25.10
C PHE C 5 26.04 38.77 25.18
N ILE C 6 25.91 39.36 26.37
CA ILE C 6 26.21 40.78 26.55
C ILE C 6 27.68 41.04 26.21
N ASP C 7 28.56 40.09 26.57
CA ASP C 7 29.97 40.17 26.24
C ASP C 7 30.30 39.60 24.85
N ARG C 8 29.31 38.97 24.21
CA ARG C 8 29.52 38.33 22.93
C ARG C 8 28.44 38.74 21.92
N PRO C 9 28.34 40.05 21.60
CA PRO C 9 27.32 40.53 20.68
C PRO C 9 27.36 39.89 19.29
N ILE C 10 28.57 39.50 18.85
CA ILE C 10 28.74 38.90 17.54
C ILE C 10 28.08 37.53 17.53
N PHE C 11 28.40 36.71 18.54
CA PHE C 11 27.79 35.39 18.66
C PHE C 11 26.27 35.51 18.62
N ALA C 12 25.75 36.46 19.41
CA ALA C 12 24.33 36.76 19.44
C ALA C 12 23.79 37.05 18.03
N TRP C 13 24.44 37.99 17.34
CA TRP C 13 24.10 38.29 15.95
C TRP C 13 24.16 37.06 15.05
N VAL C 14 25.18 36.22 15.25
CA VAL C 14 25.37 35.04 14.43
C VAL C 14 24.17 34.12 14.57
N ILE C 15 23.70 33.93 15.82
CA ILE C 15 22.55 33.07 16.05
C ILE C 15 21.32 33.62 15.33
N ALA C 16 21.11 34.93 15.50
CA ALA C 16 19.98 35.61 14.87
C ALA C 16 20.03 35.45 13.34
N ILE C 17 21.22 35.66 12.76
CA ILE C 17 21.37 35.58 11.31
C ILE C 17 21.12 34.17 10.76
N ILE C 18 21.72 33.16 11.41
CA ILE C 18 21.49 31.79 10.99
C ILE C 18 19.99 31.47 10.96
N ILE C 19 19.27 31.92 11.99
CA ILE C 19 17.84 31.72 12.05
C ILE C 19 17.17 32.40 10.84
N MET C 20 17.57 33.64 10.56
CA MET C 20 16.99 34.37 9.44
C MET C 20 17.30 33.73 8.08
N LEU C 21 18.54 33.26 7.87
CA LEU C 21 18.91 32.48 6.70
C LEU C 21 17.99 31.26 6.54
N ALA C 22 17.91 30.44 7.59
CA ALA C 22 17.04 29.27 7.58
C ALA C 22 15.62 29.64 7.17
N GLY C 23 15.09 30.69 7.80
CA GLY C 23 13.76 31.17 7.45
C GLY C 23 13.60 31.66 6.01
N GLY C 24 14.56 32.46 5.54
CA GLY C 24 14.55 32.92 4.16
C GLY C 24 14.49 31.74 3.19
N LEU C 25 15.34 30.74 3.43
CA LEU C 25 15.38 29.56 2.58
C LEU C 25 14.05 28.80 2.62
N ALA C 26 13.47 28.72 3.82
CA ALA C 26 12.17 28.09 3.99
C ALA C 26 11.09 28.83 3.21
N ILE C 27 11.12 30.16 3.20
CA ILE C 27 10.11 30.91 2.46
C ILE C 27 10.17 30.55 0.97
N LEU C 28 11.39 30.34 0.46
CA LEU C 28 11.59 30.05 -0.95
C LEU C 28 11.02 28.70 -1.37
N LYS C 29 11.05 27.72 -0.45
CA LYS C 29 10.60 26.37 -0.72
C LYS C 29 9.19 26.00 -0.24
N LEU C 30 8.61 26.78 0.68
CA LEU C 30 7.35 26.39 1.30
C LEU C 30 6.20 26.42 0.31
N PRO C 31 5.28 25.43 0.34
CA PRO C 31 4.04 25.53 -0.41
C PRO C 31 3.17 26.67 0.10
N VAL C 32 2.38 27.23 -0.81
CA VAL C 32 1.41 28.27 -0.49
C VAL C 32 0.04 27.71 -0.80
N ALA C 33 -0.93 28.00 0.06
CA ALA C 33 -2.30 27.54 -0.15
C ALA C 33 -3.23 28.44 0.67
N GLN C 34 -4.53 28.37 0.36
CA GLN C 34 -5.50 29.10 1.15
C GLN C 34 -5.58 28.52 2.56
N TYR C 35 -5.73 27.20 2.62
CA TYR C 35 -5.89 26.50 3.88
C TYR C 35 -4.96 25.30 3.84
N PRO C 36 -4.69 24.65 4.99
CA PRO C 36 -4.20 23.28 4.99
C PRO C 36 -5.32 22.35 4.54
N THR C 37 -5.07 21.03 4.54
CA THR C 37 -6.15 20.09 4.33
C THR C 37 -7.00 20.13 5.59
N ILE C 38 -8.29 20.48 5.44
CA ILE C 38 -9.22 20.43 6.55
C ILE C 38 -10.48 19.61 6.22
N ALA C 39 -10.80 19.50 4.92
CA ALA C 39 -11.93 18.71 4.49
C ALA C 39 -11.71 17.24 4.82
N PRO C 40 -12.76 16.52 5.28
CA PRO C 40 -12.63 15.08 5.45
C PRO C 40 -12.48 14.38 4.11
N PRO C 41 -11.58 13.37 3.99
CA PRO C 41 -11.48 12.62 2.75
C PRO C 41 -12.75 11.82 2.48
N ALA C 42 -13.09 11.71 1.20
CA ALA C 42 -14.18 10.87 0.76
C ALA C 42 -13.75 9.89 -0.34
N VAL C 43 -14.39 8.71 -0.33
CA VAL C 43 -14.22 7.72 -1.36
C VAL C 43 -15.60 7.50 -1.96
N THR C 44 -15.69 7.43 -3.29
CA THR C 44 -16.95 7.22 -3.97
C THR C 44 -16.92 5.93 -4.76
N ILE C 45 -18.01 5.15 -4.65
CA ILE C 45 -18.23 3.94 -5.42
C ILE C 45 -19.22 4.33 -6.51
N SER C 46 -18.86 4.05 -7.76
CA SER C 46 -19.75 4.30 -8.88
C SER C 46 -20.01 3.01 -9.64
N ALA C 47 -21.29 2.73 -9.92
CA ALA C 47 -21.67 1.57 -10.70
C ALA C 47 -22.78 1.94 -11.67
N SER C 48 -22.99 1.09 -12.68
CA SER C 48 -23.94 1.36 -13.73
C SER C 48 -24.70 0.08 -14.09
N TYR C 49 -26.03 0.18 -14.18
CA TYR C 49 -26.89 -0.91 -14.58
C TYR C 49 -27.69 -0.36 -15.77
N PRO C 50 -27.15 -0.50 -17.00
CA PRO C 50 -27.72 0.21 -18.14
C PRO C 50 -29.18 -0.16 -18.34
N GLY C 51 -30.03 0.88 -18.40
CA GLY C 51 -31.45 0.71 -18.70
C GLY C 51 -32.35 0.50 -17.49
N ALA C 52 -31.75 0.35 -16.29
CA ALA C 52 -32.48 0.06 -15.06
C ALA C 52 -33.02 1.35 -14.43
N ASP C 53 -34.24 1.26 -13.91
CA ASP C 53 -34.81 2.37 -13.18
C ASP C 53 -34.14 2.48 -11.80
N ALA C 54 -34.39 3.61 -11.14
CA ALA C 54 -33.77 3.92 -9.87
C ALA C 54 -34.06 2.85 -8.80
N LYS C 55 -35.29 2.35 -8.75
CA LYS C 55 -35.66 1.41 -7.71
C LYS C 55 -34.92 0.09 -7.93
N THR C 56 -34.87 -0.31 -9.21
CA THR C 56 -34.19 -1.53 -9.58
C THR C 56 -32.71 -1.46 -9.23
N VAL C 57 -32.09 -0.31 -9.52
CA VAL C 57 -30.68 -0.19 -9.24
C VAL C 57 -30.46 -0.14 -7.73
N GLN C 58 -31.34 0.49 -6.97
CA GLN C 58 -31.19 0.49 -5.52
C GLN C 58 -31.28 -0.92 -4.95
N ASP C 59 -32.27 -1.70 -5.39
CA ASP C 59 -32.57 -2.99 -4.82
C ASP C 59 -31.63 -4.12 -5.24
N THR C 60 -30.95 -3.95 -6.37
CA THR C 60 -30.01 -4.93 -6.87
C THR C 60 -28.53 -4.53 -6.83
N VAL C 61 -28.26 -3.25 -6.57
CA VAL C 61 -26.89 -2.77 -6.49
C VAL C 61 -26.61 -2.04 -5.20
N THR C 62 -27.30 -0.91 -5.00
CA THR C 62 -26.98 0.04 -3.93
C THR C 62 -27.09 -0.66 -2.58
N GLN C 63 -28.21 -1.34 -2.35
CA GLN C 63 -28.43 -1.98 -1.05
C GLN C 63 -27.38 -3.07 -0.83
N VAL C 64 -27.04 -3.79 -1.90
CA VAL C 64 -26.08 -4.88 -1.80
C VAL C 64 -24.72 -4.34 -1.38
N ILE C 65 -24.29 -3.26 -2.05
CA ILE C 65 -23.02 -2.66 -1.70
C ILE C 65 -23.05 -2.07 -0.29
N GLU C 66 -24.08 -1.27 0.00
CA GLU C 66 -24.18 -0.59 1.28
C GLU C 66 -24.15 -1.54 2.46
N GLN C 67 -24.74 -2.74 2.30
CA GLN C 67 -24.80 -3.68 3.41
C GLN C 67 -23.43 -4.26 3.75
N ASN C 68 -22.51 -4.18 2.81
CA ASN C 68 -21.13 -4.57 3.06
C ASN C 68 -20.21 -3.44 3.53
N MET C 69 -20.74 -2.21 3.64
CA MET C 69 -19.91 -1.05 3.95
C MET C 69 -19.81 -0.70 5.43
N ASN C 70 -19.77 -1.71 6.31
CA ASN C 70 -19.69 -1.43 7.75
C ASN C 70 -18.34 -1.83 8.32
N GLY C 71 -18.00 -1.29 9.49
CA GLY C 71 -16.75 -1.65 10.15
C GLY C 71 -15.51 -1.34 9.31
N ILE C 72 -15.58 -0.17 8.67
CA ILE C 72 -14.47 0.45 7.96
C ILE C 72 -13.94 1.54 8.87
N ASP C 73 -12.61 1.64 9.03
CA ASP C 73 -12.05 2.59 9.96
C ASP C 73 -12.30 4.07 9.66
N ASN C 74 -12.60 4.82 10.74
CA ASN C 74 -12.75 6.26 10.68
C ASN C 74 -13.87 6.76 9.79
N LEU C 75 -14.88 5.93 9.55
CA LEU C 75 -16.02 6.31 8.73
C LEU C 75 -16.97 7.23 9.51
N MET C 76 -17.24 8.42 8.97
CA MET C 76 -18.14 9.35 9.63
C MET C 76 -19.56 9.09 9.16
N TYR C 77 -19.77 9.05 7.85
CA TYR C 77 -21.10 8.86 7.30
C TYR C 77 -20.99 8.44 5.84
N MET C 78 -22.10 7.90 5.34
CA MET C 78 -22.15 7.31 4.02
C MET C 78 -23.45 7.80 3.39
N SER C 79 -23.37 8.29 2.16
CA SER C 79 -24.59 8.69 1.47
C SER C 79 -24.56 8.13 0.07
N SER C 80 -25.75 7.99 -0.53
CA SER C 80 -25.85 7.41 -1.86
C SER C 80 -27.08 7.87 -2.64
N ASN C 81 -26.99 7.80 -3.96
CA ASN C 81 -28.16 7.93 -4.81
C ASN C 81 -28.14 6.91 -5.94
N SER C 82 -29.36 6.56 -6.36
CA SER C 82 -29.61 5.52 -7.33
C SER C 82 -30.57 6.17 -8.30
N ASP C 83 -30.24 6.19 -9.59
CA ASP C 83 -31.06 7.01 -10.47
C ASP C 83 -31.54 6.29 -11.71
N SER C 84 -32.44 6.93 -12.43
CA SER C 84 -33.15 6.38 -13.56
C SER C 84 -32.30 6.12 -14.80
N THR C 85 -31.09 6.66 -14.80
CA THR C 85 -30.12 6.32 -15.84
C THR C 85 -29.39 5.02 -15.54
N GLY C 86 -29.68 4.42 -14.36
CA GLY C 86 -29.07 3.19 -13.92
C GLY C 86 -27.78 3.36 -13.13
N THR C 87 -27.54 4.59 -12.65
CA THR C 87 -26.27 4.90 -12.02
C THR C 87 -26.40 4.88 -10.50
N VAL C 88 -25.34 4.41 -9.84
CA VAL C 88 -25.26 4.46 -8.39
C VAL C 88 -23.99 5.19 -8.04
N GLN C 89 -24.11 6.11 -7.07
CA GLN C 89 -22.92 6.67 -6.46
C GLN C 89 -23.05 6.59 -4.94
N ILE C 90 -22.09 5.91 -4.32
CA ILE C 90 -22.06 5.78 -2.88
C ILE C 90 -20.81 6.51 -2.41
N THR C 91 -20.98 7.50 -1.54
CA THR C 91 -19.87 8.28 -1.05
C THR C 91 -19.68 8.00 0.44
N LEU C 92 -18.46 7.64 0.81
CA LEU C 92 -18.11 7.42 2.19
C LEU C 92 -17.15 8.54 2.58
N THR C 93 -17.51 9.25 3.65
CA THR C 93 -16.69 10.33 4.18
C THR C 93 -16.03 9.89 5.47
N PHE C 94 -14.73 10.21 5.62
CA PHE C 94 -13.95 9.76 6.77
C PHE C 94 -13.47 10.91 7.66
N GLU C 95 -13.10 10.59 8.91
CA GLU C 95 -12.58 11.62 9.80
C GLU C 95 -11.38 12.33 9.19
N SER C 96 -11.33 13.65 9.34
CA SER C 96 -10.18 14.45 8.95
C SER C 96 -8.96 13.81 9.58
N GLY C 97 -7.87 13.75 8.82
CA GLY C 97 -6.68 13.04 9.27
C GLY C 97 -6.57 11.61 8.78
N THR C 98 -7.68 10.99 8.35
CA THR C 98 -7.61 9.65 7.79
C THR C 98 -6.74 9.65 6.52
N ASP C 99 -5.88 8.63 6.41
CA ASP C 99 -5.15 8.37 5.17
C ASP C 99 -6.16 7.90 4.12
N ALA C 100 -6.39 8.75 3.11
CA ALA C 100 -7.43 8.46 2.14
C ALA C 100 -7.11 7.24 1.28
N ASP C 101 -5.82 6.94 1.09
CA ASP C 101 -5.43 5.77 0.32
C ASP C 101 -5.79 4.48 1.06
N ILE C 102 -5.55 4.45 2.38
CA ILE C 102 -6.01 3.35 3.19
C ILE C 102 -7.54 3.25 3.20
N ALA C 103 -8.23 4.40 3.28
CA ALA C 103 -9.68 4.37 3.26
C ALA C 103 -10.16 3.75 1.94
N GLN C 104 -9.54 4.13 0.83
CA GLN C 104 -9.92 3.58 -0.47
C GLN C 104 -9.72 2.07 -0.50
N VAL C 105 -8.57 1.60 -0.01
CA VAL C 105 -8.28 0.17 0.00
C VAL C 105 -9.30 -0.60 0.84
N GLN C 106 -9.58 -0.10 2.05
CA GLN C 106 -10.56 -0.72 2.91
C GLN C 106 -11.95 -0.76 2.24
N VAL C 107 -12.32 0.30 1.51
CA VAL C 107 -13.61 0.35 0.85
C VAL C 107 -13.63 -0.70 -0.24
N GLN C 108 -12.56 -0.76 -1.03
CA GLN C 108 -12.48 -1.74 -2.10
C GLN C 108 -12.56 -3.18 -1.58
N ASN C 109 -11.91 -3.44 -0.46
CA ASN C 109 -11.96 -4.77 0.12
C ASN C 109 -13.37 -5.20 0.55
N LYS C 110 -14.17 -4.27 1.09
CA LYS C 110 -15.56 -4.57 1.44
C LYS C 110 -16.41 -4.70 0.18
N LEU C 111 -16.11 -3.87 -0.82
CA LEU C 111 -16.85 -3.91 -2.07
C LEU C 111 -16.72 -5.25 -2.75
N GLN C 112 -15.52 -5.86 -2.65
CA GLN C 112 -15.22 -7.17 -3.22
C GLN C 112 -16.24 -8.23 -2.81
N LEU C 113 -16.68 -8.16 -1.57
CA LEU C 113 -17.71 -9.05 -1.06
C LEU C 113 -19.10 -8.85 -1.67
N ALA C 114 -19.39 -7.63 -2.11
CA ALA C 114 -20.67 -7.39 -2.78
C ALA C 114 -20.64 -7.75 -4.26
N MET C 115 -19.45 -7.71 -4.88
CA MET C 115 -19.32 -7.84 -6.33
C MET C 115 -20.03 -9.07 -6.89
N PRO C 116 -19.84 -10.27 -6.29
CA PRO C 116 -20.47 -11.49 -6.78
C PRO C 116 -22.00 -11.45 -6.80
N LEU C 117 -22.58 -10.58 -5.94
CA LEU C 117 -24.01 -10.51 -5.74
C LEU C 117 -24.68 -9.51 -6.66
N LEU C 118 -23.88 -8.82 -7.48
CA LEU C 118 -24.38 -7.76 -8.33
C LEU C 118 -24.79 -8.40 -9.64
N PRO C 119 -25.74 -7.81 -10.39
CA PRO C 119 -26.08 -8.32 -11.71
C PRO C 119 -24.87 -8.41 -12.61
N GLN C 120 -24.85 -9.42 -13.49
CA GLN C 120 -23.76 -9.55 -14.45
C GLN C 120 -23.55 -8.25 -15.24
N GLU C 121 -24.65 -7.60 -15.65
CA GLU C 121 -24.54 -6.40 -16.47
C GLU C 121 -23.81 -5.28 -15.71
N VAL C 122 -23.92 -5.28 -14.38
CA VAL C 122 -23.26 -4.27 -13.58
C VAL C 122 -21.78 -4.60 -13.44
N GLN C 123 -21.49 -5.89 -13.23
CA GLN C 123 -20.11 -6.34 -13.14
C GLN C 123 -19.38 -6.01 -14.45
N GLN C 124 -20.07 -6.19 -15.58
CA GLN C 124 -19.50 -5.96 -16.89
C GLN C 124 -19.27 -4.49 -17.21
N GLN C 125 -20.05 -3.57 -16.63
CA GLN C 125 -19.75 -2.16 -16.79
C GLN C 125 -18.55 -1.70 -15.96
N GLY C 126 -18.04 -2.57 -15.06
CA GLY C 126 -17.07 -2.13 -14.07
C GLY C 126 -17.63 -1.26 -12.94
N VAL C 127 -17.07 -1.47 -11.75
CA VAL C 127 -17.39 -0.69 -10.57
C VAL C 127 -16.13 0.03 -10.12
N SER C 128 -16.25 1.37 -10.00
CA SER C 128 -15.12 2.20 -9.61
C SER C 128 -15.12 2.60 -8.13
N VAL C 129 -13.94 2.56 -7.51
CA VAL C 129 -13.77 2.94 -6.13
C VAL C 129 -12.61 3.94 -6.09
N GLU C 130 -12.93 5.19 -5.76
CA GLU C 130 -12.03 6.30 -6.05
C GLU C 130 -12.18 7.34 -4.95
N LYS C 131 -11.06 7.93 -4.55
CA LYS C 131 -11.11 9.18 -3.80
C LYS C 131 -11.84 10.24 -4.60
N SER C 132 -12.62 11.07 -3.91
CA SER C 132 -13.56 11.95 -4.59
C SER C 132 -13.79 13.25 -3.83
N SER C 133 -14.20 14.28 -4.58
CA SER C 133 -14.57 15.55 -4.01
C SER C 133 -15.76 16.13 -4.78
N SER C 134 -16.52 17.00 -4.12
CA SER C 134 -17.83 17.36 -4.62
C SER C 134 -17.74 18.55 -5.57
N SER C 135 -16.75 19.42 -5.36
CA SER C 135 -16.74 20.73 -6.01
C SER C 135 -15.66 20.84 -7.09
N PHE C 136 -15.88 21.79 -8.00
CA PHE C 136 -14.94 22.07 -9.06
C PHE C 136 -13.91 23.08 -8.61
N LEU C 137 -12.64 22.76 -8.89
CA LEU C 137 -11.54 23.70 -8.74
C LEU C 137 -11.74 24.86 -9.71
N MET C 138 -11.99 24.51 -10.98
CA MET C 138 -12.22 25.48 -12.03
C MET C 138 -13.04 24.81 -13.12
N VAL C 139 -13.53 25.65 -14.04
CA VAL C 139 -14.10 25.22 -15.31
C VAL C 139 -13.27 25.89 -16.39
N VAL C 140 -12.74 25.08 -17.31
CA VAL C 140 -12.00 25.59 -18.44
C VAL C 140 -12.96 25.56 -19.63
N GLY C 141 -13.23 26.75 -20.19
CA GLY C 141 -14.14 26.86 -21.29
C GLY C 141 -13.38 26.85 -22.61
N VAL C 142 -14.06 26.40 -23.66
CA VAL C 142 -13.48 26.36 -24.99
C VAL C 142 -14.55 26.86 -25.96
N ILE C 143 -14.19 27.86 -26.76
CA ILE C 143 -15.04 28.37 -27.81
C ILE C 143 -14.29 28.44 -29.13
N ASN C 144 -15.03 28.74 -30.20
CA ASN C 144 -14.44 28.98 -31.51
C ASN C 144 -14.88 30.38 -31.97
N THR C 145 -13.90 31.21 -32.34
CA THR C 145 -14.14 32.61 -32.64
C THR C 145 -14.29 32.91 -34.12
N ASP C 146 -13.93 31.99 -35.00
CA ASP C 146 -13.86 32.29 -36.42
C ASP C 146 -14.89 31.50 -37.24
N GLY C 147 -15.97 31.05 -36.60
CA GLY C 147 -17.09 30.45 -37.33
C GLY C 147 -16.83 29.13 -38.04
N THR C 148 -15.72 28.44 -37.74
CA THR C 148 -15.36 27.23 -38.45
C THR C 148 -15.75 25.96 -37.71
N MET C 149 -16.24 26.08 -36.46
CA MET C 149 -16.45 24.94 -35.58
C MET C 149 -17.73 25.11 -34.79
N THR C 150 -18.62 24.12 -34.85
CA THR C 150 -19.82 24.13 -34.03
C THR C 150 -19.47 23.70 -32.61
N GLN C 151 -20.44 23.85 -31.71
CA GLN C 151 -20.33 23.40 -30.34
C GLN C 151 -19.95 21.93 -30.25
N GLU C 152 -20.60 21.13 -31.11
CA GLU C 152 -20.38 19.68 -31.15
C GLU C 152 -18.94 19.42 -31.58
N ASP C 153 -18.46 20.17 -32.61
CA ASP C 153 -17.08 20.07 -33.04
C ASP C 153 -16.10 20.36 -31.92
N ILE C 154 -16.34 21.46 -31.19
CA ILE C 154 -15.48 21.84 -30.09
C ILE C 154 -15.43 20.74 -29.03
N SER C 155 -16.61 20.19 -28.70
CA SER C 155 -16.69 19.23 -27.61
C SER C 155 -15.89 17.99 -28.00
N ASP C 156 -16.01 17.56 -29.25
CA ASP C 156 -15.24 16.45 -29.76
C ASP C 156 -13.75 16.76 -29.71
N TYR C 157 -13.36 17.97 -30.12
CA TYR C 157 -11.95 18.31 -30.13
C TYR C 157 -11.41 18.19 -28.73
N VAL C 158 -12.15 18.71 -27.74
CA VAL C 158 -11.71 18.66 -26.37
C VAL C 158 -11.61 17.24 -25.85
N ALA C 159 -12.66 16.44 -26.08
CA ALA C 159 -12.68 15.07 -25.64
C ALA C 159 -11.50 14.28 -26.20
N ALA C 160 -11.17 14.54 -27.47
CA ALA C 160 -10.26 13.68 -28.20
C ALA C 160 -8.82 14.15 -28.14
N ASN C 161 -8.58 15.42 -27.78
CA ASN C 161 -7.24 15.97 -27.87
C ASN C 161 -6.72 16.71 -26.66
N MET C 162 -7.56 16.89 -25.63
CA MET C 162 -7.24 17.69 -24.45
C MET C 162 -7.58 16.95 -23.14
N LYS C 163 -8.75 16.33 -23.08
CA LYS C 163 -9.29 15.86 -21.83
C LYS C 163 -8.36 14.83 -21.15
N ASP C 164 -7.92 13.82 -21.88
CA ASP C 164 -7.12 12.75 -21.29
C ASP C 164 -5.83 13.27 -20.67
N ALA C 165 -5.18 14.22 -21.33
CA ALA C 165 -3.95 14.79 -20.82
C ALA C 165 -4.21 15.66 -19.59
N ILE C 166 -5.32 16.42 -19.59
CA ILE C 166 -5.73 17.16 -18.41
C ILE C 166 -5.97 16.18 -17.27
N SER C 167 -6.68 15.09 -17.55
CA SER C 167 -7.01 14.14 -16.50
C SER C 167 -5.79 13.45 -15.89
N ARG C 168 -4.67 13.42 -16.61
CA ARG C 168 -3.42 12.88 -16.10
C ARG C 168 -2.49 13.94 -15.49
N THR C 169 -2.88 15.21 -15.58
CA THR C 169 -2.08 16.31 -15.07
C THR C 169 -2.00 16.26 -13.54
N SER C 170 -0.83 16.61 -13.00
CA SER C 170 -0.57 16.67 -11.58
C SER C 170 -1.65 17.36 -10.75
N GLY C 171 -2.24 16.63 -9.80
CA GLY C 171 -3.21 17.19 -8.88
C GLY C 171 -4.65 17.22 -9.37
N VAL C 172 -4.88 16.71 -10.58
CA VAL C 172 -6.20 16.71 -11.17
C VAL C 172 -6.89 15.42 -10.75
N GLY C 173 -7.99 15.56 -10.04
CA GLY C 173 -8.68 14.42 -9.48
C GLY C 173 -9.66 13.77 -10.44
N ASP C 174 -10.43 14.59 -11.12
CA ASP C 174 -11.53 14.12 -11.96
C ASP C 174 -11.93 15.23 -12.92
N VAL C 175 -12.39 14.84 -14.11
CA VAL C 175 -12.66 15.81 -15.17
C VAL C 175 -14.00 15.52 -15.85
N GLN C 176 -14.90 16.50 -15.81
CA GLN C 176 -16.19 16.40 -16.46
C GLN C 176 -16.15 17.13 -17.81
N LEU C 177 -16.50 16.43 -18.89
CA LEU C 177 -16.67 17.11 -20.17
C LEU C 177 -18.06 17.72 -20.24
N PHE C 178 -18.14 19.03 -20.51
CA PHE C 178 -19.42 19.68 -20.66
C PHE C 178 -19.81 19.66 -22.15
N GLY C 179 -20.27 18.49 -22.57
CA GLY C 179 -20.43 18.15 -23.97
C GLY C 179 -20.13 16.66 -24.16
N SER C 180 -19.98 16.21 -25.41
CA SER C 180 -19.79 14.79 -25.67
C SER C 180 -18.78 14.58 -26.78
N GLN C 181 -17.96 13.53 -26.67
CA GLN C 181 -17.08 13.13 -27.76
C GLN C 181 -17.93 12.61 -28.92
N TYR C 182 -17.44 12.78 -30.16
CA TYR C 182 -18.12 12.18 -31.28
C TYR C 182 -18.09 10.66 -31.24
N ALA C 183 -19.14 10.08 -31.79
CA ALA C 183 -19.22 8.66 -32.07
C ALA C 183 -19.79 8.55 -33.49
N MET C 184 -19.67 7.36 -34.08
CA MET C 184 -20.26 7.10 -35.37
C MET C 184 -21.72 6.82 -35.05
N ARG C 185 -22.62 7.67 -35.56
CA ARG C 185 -24.04 7.56 -35.31
C ARG C 185 -24.75 7.00 -36.54
N ILE C 186 -25.38 5.84 -36.36
CA ILE C 186 -26.28 5.24 -37.33
C ILE C 186 -27.68 5.60 -36.82
N TRP C 187 -28.39 6.45 -37.57
CA TRP C 187 -29.75 6.87 -37.24
C TRP C 187 -30.72 6.11 -38.12
N MET C 188 -31.41 5.13 -37.51
CA MET C 188 -32.15 4.15 -38.28
C MET C 188 -33.51 4.72 -38.64
N ASN C 189 -34.04 4.25 -39.78
CA ASN C 189 -35.36 4.64 -40.23
C ASN C 189 -36.21 3.38 -40.29
N PRO C 190 -37.27 3.26 -39.46
CA PRO C 190 -38.05 2.03 -39.42
C PRO C 190 -38.86 1.77 -40.70
N ASN C 191 -39.24 2.83 -41.42
CA ASN C 191 -39.91 2.67 -42.71
C ASN C 191 -38.99 1.95 -43.68
N GLU C 192 -37.74 2.45 -43.82
CA GLU C 192 -36.78 1.87 -44.73
C GLU C 192 -36.42 0.44 -44.33
N LEU C 193 -36.22 0.24 -43.02
CA LEU C 193 -35.92 -1.10 -42.52
C LEU C 193 -37.02 -2.08 -42.89
N ASN C 194 -38.29 -1.67 -42.72
CA ASN C 194 -39.41 -2.57 -42.97
C ASN C 194 -39.56 -2.85 -44.46
N LYS C 195 -39.36 -1.81 -45.28
CA LYS C 195 -39.33 -1.95 -46.74
C LYS C 195 -38.41 -3.08 -47.23
N PHE C 196 -37.25 -3.27 -46.57
CA PHE C 196 -36.32 -4.33 -46.94
C PHE C 196 -36.34 -5.55 -46.01
N GLN C 197 -37.34 -5.60 -45.12
CA GLN C 197 -37.53 -6.73 -44.22
C GLN C 197 -36.32 -6.94 -43.32
N LEU C 198 -35.86 -5.84 -42.72
CA LEU C 198 -34.72 -5.80 -41.82
C LEU C 198 -35.09 -5.15 -40.49
N THR C 199 -34.27 -5.42 -39.46
CA THR C 199 -34.46 -4.87 -38.14
C THR C 199 -33.14 -4.31 -37.63
N PRO C 200 -33.14 -3.54 -36.52
CA PRO C 200 -31.90 -3.15 -35.87
C PRO C 200 -30.97 -4.32 -35.59
N VAL C 201 -31.53 -5.54 -35.41
CA VAL C 201 -30.69 -6.70 -35.16
C VAL C 201 -29.82 -6.99 -36.38
N ASP C 202 -30.41 -6.91 -37.58
CA ASP C 202 -29.63 -7.07 -38.81
C ASP C 202 -28.56 -5.99 -38.94
N VAL C 203 -28.88 -4.78 -38.53
CA VAL C 203 -27.92 -3.69 -38.60
C VAL C 203 -26.75 -3.97 -37.66
N ILE C 204 -27.04 -4.35 -36.42
CA ILE C 204 -26.01 -4.60 -35.43
C ILE C 204 -25.10 -5.76 -35.85
N THR C 205 -25.69 -6.82 -36.40
CA THR C 205 -24.91 -7.96 -36.86
C THR C 205 -23.94 -7.52 -37.94
N ALA C 206 -24.47 -6.78 -38.93
CA ALA C 206 -23.67 -6.30 -40.03
C ALA C 206 -22.50 -5.43 -39.59
N ILE C 207 -22.75 -4.54 -38.63
CA ILE C 207 -21.71 -3.63 -38.14
C ILE C 207 -20.62 -4.42 -37.42
N LYS C 208 -21.00 -5.37 -36.57
CA LYS C 208 -20.00 -6.18 -35.88
C LYS C 208 -19.18 -7.00 -36.88
N ALA C 209 -19.82 -7.43 -37.97
CA ALA C 209 -19.13 -8.21 -38.97
C ALA C 209 -18.20 -7.36 -39.84
N GLN C 210 -18.63 -6.15 -40.21
CA GLN C 210 -17.93 -5.38 -41.22
C GLN C 210 -17.13 -4.20 -40.66
N ASN C 211 -17.29 -3.93 -39.36
CA ASN C 211 -16.46 -2.96 -38.67
C ASN C 211 -15.71 -3.72 -37.57
N ALA C 212 -14.67 -4.44 -38.01
CA ALA C 212 -14.04 -5.49 -37.23
C ALA C 212 -12.52 -5.37 -37.35
N GLN C 213 -11.79 -5.78 -36.31
CA GLN C 213 -10.34 -5.72 -36.33
C GLN C 213 -9.88 -7.13 -36.01
N VAL C 214 -9.42 -7.83 -37.04
CA VAL C 214 -9.16 -9.27 -36.99
C VAL C 214 -7.68 -9.59 -36.81
N ALA C 215 -7.39 -10.40 -35.79
CA ALA C 215 -6.08 -11.02 -35.67
C ALA C 215 -6.02 -12.15 -36.66
N ALA C 216 -5.11 -12.06 -37.63
CA ALA C 216 -5.06 -13.01 -38.72
C ALA C 216 -3.76 -13.80 -38.79
N GLY C 217 -2.82 -13.52 -37.89
CA GLY C 217 -1.61 -14.32 -37.83
C GLY C 217 -0.53 -13.83 -38.79
N GLN C 218 0.34 -14.75 -39.19
CA GLN C 218 1.54 -14.43 -39.95
C GLN C 218 1.82 -15.49 -41.01
N LEU C 219 2.49 -15.06 -42.08
CA LEU C 219 3.19 -15.95 -42.98
C LEU C 219 4.57 -16.16 -42.38
N GLY C 220 5.00 -17.42 -42.34
CA GLY C 220 6.33 -17.74 -41.84
C GLY C 220 6.46 -17.48 -40.35
N GLY C 221 5.33 -17.58 -39.64
CA GLY C 221 5.34 -17.49 -38.18
C GLY C 221 5.97 -18.70 -37.50
N THR C 222 6.42 -18.49 -36.24
CA THR C 222 6.99 -19.57 -35.46
C THR C 222 5.90 -20.55 -35.01
N PRO C 223 6.19 -21.86 -34.95
CA PRO C 223 7.41 -22.44 -35.48
C PRO C 223 7.36 -22.61 -37.00
N PRO C 224 8.42 -22.23 -37.73
CA PRO C 224 8.41 -22.29 -39.18
C PRO C 224 8.92 -23.60 -39.74
N VAL C 225 8.73 -23.83 -41.04
CA VAL C 225 9.57 -24.75 -41.76
C VAL C 225 10.95 -24.10 -41.90
N LYS C 226 11.99 -24.77 -41.41
CA LYS C 226 13.34 -24.26 -41.56
C LYS C 226 13.61 -23.99 -43.04
N GLY C 227 14.35 -22.91 -43.32
CA GLY C 227 14.61 -22.46 -44.67
C GLY C 227 13.70 -21.32 -45.12
N GLN C 228 12.64 -21.06 -44.36
CA GLN C 228 11.73 -19.96 -44.60
C GLN C 228 12.43 -18.62 -44.76
N GLN C 229 12.08 -17.90 -45.82
CA GLN C 229 12.70 -16.63 -46.13
C GLN C 229 11.84 -15.47 -45.68
N LEU C 230 10.53 -15.66 -45.68
CA LEU C 230 9.60 -14.58 -45.44
C LEU C 230 8.90 -14.69 -44.09
N ASN C 231 8.87 -13.57 -43.37
CA ASN C 231 8.04 -13.43 -42.19
C ASN C 231 7.27 -12.12 -42.34
N ALA C 232 5.95 -12.22 -42.38
CA ALA C 232 5.11 -11.04 -42.56
C ALA C 232 3.76 -11.24 -41.89
N SER C 233 3.28 -10.17 -41.26
CA SER C 233 1.97 -10.18 -40.62
C SER C 233 0.91 -10.24 -41.72
N ILE C 234 -0.19 -10.95 -41.43
CA ILE C 234 -1.35 -10.94 -42.27
C ILE C 234 -2.30 -9.90 -41.70
N ILE C 235 -2.65 -8.89 -42.53
CA ILE C 235 -3.65 -7.89 -42.17
C ILE C 235 -4.96 -8.19 -42.90
N ALA C 236 -6.03 -8.38 -42.14
CA ALA C 236 -7.34 -8.68 -42.68
C ALA C 236 -8.21 -7.45 -42.39
N GLN C 237 -9.47 -7.64 -41.98
CA GLN C 237 -10.31 -6.48 -41.68
C GLN C 237 -9.71 -5.57 -40.61
N THR C 238 -9.78 -4.26 -40.86
CA THR C 238 -9.49 -3.23 -39.88
C THR C 238 -10.74 -2.40 -39.62
N ARG C 239 -10.72 -1.69 -38.49
CA ARG C 239 -11.85 -0.87 -38.10
C ARG C 239 -12.10 0.16 -39.20
N LEU C 240 -13.38 0.47 -39.43
CA LEU C 240 -13.75 1.52 -40.37
C LEU C 240 -13.40 2.86 -39.75
N THR C 241 -13.24 3.88 -40.61
CA THR C 241 -12.70 5.17 -40.19
C THR C 241 -13.55 6.39 -40.55
N SER C 242 -14.69 6.17 -41.21
CA SER C 242 -15.42 7.25 -41.83
C SER C 242 -16.90 6.94 -42.02
N THR C 243 -17.71 7.99 -42.19
CA THR C 243 -19.12 7.77 -42.46
C THR C 243 -19.33 7.03 -43.79
N GLU C 244 -18.48 7.31 -44.77
CA GLU C 244 -18.56 6.72 -46.10
C GLU C 244 -18.45 5.21 -45.99
N GLU C 245 -17.46 4.73 -45.20
CA GLU C 245 -17.27 3.31 -45.03
C GLU C 245 -18.44 2.65 -44.31
N PHE C 246 -18.98 3.31 -43.28
CA PHE C 246 -20.15 2.78 -42.56
C PHE C 246 -21.37 2.73 -43.48
N GLY C 247 -21.49 3.74 -44.34
CA GLY C 247 -22.59 3.84 -45.26
C GLY C 247 -22.69 2.71 -46.26
N LYS C 248 -21.53 2.18 -46.69
CA LYS C 248 -21.53 1.08 -47.64
C LYS C 248 -21.49 -0.32 -47.02
N ILE C 249 -21.61 -0.41 -45.69
CA ILE C 249 -21.80 -1.70 -45.05
C ILE C 249 -22.94 -2.42 -45.77
N LEU C 250 -22.70 -3.68 -46.14
CA LEU C 250 -23.67 -4.42 -46.92
C LEU C 250 -24.62 -5.19 -46.01
N LEU C 251 -25.89 -4.79 -45.99
CA LEU C 251 -26.87 -5.45 -45.15
C LEU C 251 -27.40 -6.70 -45.83
N LYS C 252 -27.74 -6.59 -47.12
CA LYS C 252 -28.09 -7.77 -47.89
C LYS C 252 -28.10 -7.55 -49.39
N VAL C 253 -28.08 -8.68 -50.11
CA VAL C 253 -28.32 -8.69 -51.54
C VAL C 253 -29.70 -9.30 -51.79
N ASN C 254 -30.56 -8.57 -52.51
CA ASN C 254 -31.89 -9.05 -52.84
C ASN C 254 -31.78 -10.11 -53.93
N GLN C 255 -32.88 -10.86 -54.13
CA GLN C 255 -32.90 -11.95 -55.08
C GLN C 255 -32.48 -11.49 -56.48
N ASP C 256 -32.98 -10.31 -56.90
CA ASP C 256 -32.64 -9.76 -58.19
C ASP C 256 -31.23 -9.16 -58.28
N GLY C 257 -30.40 -9.41 -57.25
CA GLY C 257 -29.02 -8.97 -57.25
C GLY C 257 -28.72 -7.54 -56.80
N SER C 258 -29.77 -6.75 -56.53
CA SER C 258 -29.59 -5.42 -55.98
C SER C 258 -29.12 -5.48 -54.53
N ARG C 259 -28.39 -4.44 -54.13
CA ARG C 259 -27.73 -4.39 -52.83
C ARG C 259 -28.46 -3.43 -51.89
N VAL C 260 -28.65 -3.89 -50.64
CA VAL C 260 -29.16 -3.02 -49.59
C VAL C 260 -27.98 -2.63 -48.70
N LEU C 261 -27.61 -1.34 -48.74
CA LEU C 261 -26.52 -0.83 -47.95
C LEU C 261 -27.08 -0.14 -46.70
N LEU C 262 -26.20 0.04 -45.70
CA LEU C 262 -26.62 0.63 -44.43
C LEU C 262 -27.17 2.04 -44.65
N ARG C 263 -26.58 2.79 -45.58
CA ARG C 263 -27.02 4.15 -45.87
C ARG C 263 -28.40 4.19 -46.51
N ASP C 264 -28.86 3.04 -47.02
CA ASP C 264 -30.22 2.91 -47.52
C ASP C 264 -31.30 2.71 -46.46
N VAL C 265 -30.90 2.49 -45.20
CA VAL C 265 -31.86 2.39 -44.10
C VAL C 265 -31.54 3.31 -42.93
N ALA C 266 -30.53 4.17 -43.08
CA ALA C 266 -30.12 5.00 -41.97
C ALA C 266 -29.31 6.21 -42.44
N LYS C 267 -29.32 7.27 -41.62
CA LYS C 267 -28.45 8.40 -41.82
C LYS C 267 -27.18 8.12 -41.03
N ILE C 268 -26.04 8.49 -41.61
CA ILE C 268 -24.76 8.15 -41.04
C ILE C 268 -24.00 9.45 -40.79
N GLU C 269 -23.62 9.71 -39.52
CA GLU C 269 -22.86 10.91 -39.23
C GLU C 269 -22.08 10.77 -37.93
N LEU C 270 -20.98 11.53 -37.86
CA LEU C 270 -20.30 11.78 -36.61
C LEU C 270 -21.20 12.63 -35.73
N GLY C 271 -21.57 12.10 -34.58
CA GLY C 271 -22.36 12.85 -33.62
C GLY C 271 -22.01 12.38 -32.22
N GLY C 272 -22.55 13.05 -31.20
CA GLY C 272 -22.15 12.77 -29.84
C GLY C 272 -22.53 11.38 -29.36
N GLU C 273 -21.74 10.88 -28.39
CA GLU C 273 -22.06 9.65 -27.69
C GLU C 273 -23.39 9.84 -26.98
N ASN C 274 -23.58 11.04 -26.42
CA ASN C 274 -24.92 11.43 -25.98
C ASN C 274 -25.12 12.91 -26.30
N TYR C 275 -26.38 13.35 -26.23
CA TYR C 275 -26.75 14.70 -26.62
C TYR C 275 -27.38 15.50 -25.49
N ASP C 276 -27.09 15.10 -24.24
CA ASP C 276 -27.75 15.64 -23.07
C ASP C 276 -27.16 16.96 -22.57
N ILE C 277 -25.86 17.18 -22.79
CA ILE C 277 -25.17 18.30 -22.18
C ILE C 277 -24.81 19.36 -23.22
N ILE C 278 -25.34 20.58 -23.06
CA ILE C 278 -25.09 21.67 -23.99
C ILE C 278 -24.68 22.86 -23.14
N ALA C 279 -23.48 23.41 -23.39
CA ALA C 279 -22.94 24.50 -22.60
C ALA C 279 -22.88 25.79 -23.42
N GLU C 280 -23.02 26.91 -22.71
CA GLU C 280 -22.82 28.23 -23.29
C GLU C 280 -21.88 29.07 -22.42
N PHE C 281 -21.11 29.94 -23.08
CA PHE C 281 -20.25 30.91 -22.43
C PHE C 281 -20.69 32.32 -22.79
N ASN C 282 -21.29 33.03 -21.83
CA ASN C 282 -21.84 34.33 -22.07
C ASN C 282 -22.76 34.30 -23.28
N GLY C 283 -23.58 33.25 -23.37
CA GLY C 283 -24.59 33.19 -24.40
C GLY C 283 -24.14 32.55 -25.71
N GLN C 284 -22.83 32.33 -25.87
CA GLN C 284 -22.33 31.74 -27.10
C GLN C 284 -21.99 30.26 -26.93
N PRO C 285 -22.19 29.45 -27.98
CA PRO C 285 -21.92 28.02 -27.90
C PRO C 285 -20.51 27.72 -27.42
N ALA C 286 -20.38 26.75 -26.51
CA ALA C 286 -19.11 26.47 -25.86
C ALA C 286 -19.03 25.00 -25.49
N SER C 287 -17.81 24.53 -25.25
CA SER C 287 -17.61 23.32 -24.49
C SER C 287 -16.76 23.66 -23.27
N GLY C 288 -16.39 22.65 -22.50
CA GLY C 288 -15.49 22.88 -21.38
C GLY C 288 -15.22 21.63 -20.55
N LEU C 289 -14.24 21.79 -19.65
CA LEU C 289 -13.85 20.77 -18.71
C LEU C 289 -14.11 21.32 -17.31
N GLY C 290 -14.88 20.59 -16.51
CA GLY C 290 -14.99 20.82 -15.08
C GLY C 290 -13.92 20.01 -14.36
N ILE C 291 -13.01 20.70 -13.68
CA ILE C 291 -11.84 20.05 -13.11
C ILE C 291 -11.94 20.06 -11.60
N LYS C 292 -11.79 18.86 -11.03
CA LYS C 292 -11.79 18.69 -9.59
C LYS C 292 -10.37 18.45 -9.14
N LEU C 293 -10.05 19.04 -7.98
CA LEU C 293 -8.75 18.89 -7.32
C LEU C 293 -8.64 17.54 -6.63
N ALA C 294 -7.57 16.80 -6.92
CA ALA C 294 -7.30 15.55 -6.23
C ALA C 294 -7.13 15.77 -4.72
N THR C 295 -7.66 14.84 -3.93
CA THR C 295 -7.50 14.90 -2.48
C THR C 295 -6.06 15.15 -2.08
N GLY C 296 -5.82 16.15 -1.24
CA GLY C 296 -4.47 16.44 -0.79
C GLY C 296 -3.55 17.18 -1.75
N ALA C 297 -4.05 17.59 -2.91
CA ALA C 297 -3.20 18.32 -3.83
C ALA C 297 -3.25 19.81 -3.53
N ASN C 298 -2.17 20.50 -3.89
CA ASN C 298 -2.07 21.94 -3.79
C ASN C 298 -2.80 22.60 -4.96
N ALA C 299 -3.78 23.43 -4.60
CA ALA C 299 -4.65 24.05 -5.57
C ALA C 299 -3.86 24.91 -6.55
N LEU C 300 -2.96 25.75 -6.02
CA LEU C 300 -2.20 26.67 -6.86
C LEU C 300 -1.28 25.92 -7.81
N ASP C 301 -0.62 24.87 -7.33
CA ASP C 301 0.27 24.09 -8.17
C ASP C 301 -0.52 23.39 -9.28
N THR C 302 -1.69 22.85 -8.93
CA THR C 302 -2.55 22.17 -9.88
C THR C 302 -3.05 23.15 -10.96
N ALA C 303 -3.55 24.31 -10.54
CA ALA C 303 -3.95 25.34 -11.48
C ALA C 303 -2.81 25.69 -12.44
N ALA C 304 -1.60 25.81 -11.89
CA ALA C 304 -0.42 26.13 -12.68
C ALA C 304 -0.11 25.00 -13.66
N ALA C 305 -0.24 23.76 -13.20
CA ALA C 305 0.02 22.60 -14.04
C ALA C 305 -1.03 22.51 -15.16
N ILE C 306 -2.29 22.81 -14.83
CA ILE C 306 -3.35 22.82 -15.82
C ILE C 306 -3.05 23.86 -16.90
N ARG C 307 -2.65 25.07 -16.48
CA ARG C 307 -2.24 26.09 -17.43
C ARG C 307 -1.07 25.66 -18.31
N ALA C 308 -0.05 25.02 -17.72
CA ALA C 308 1.12 24.62 -18.46
C ALA C 308 0.76 23.60 -19.54
N GLU C 309 -0.17 22.69 -19.19
CA GLU C 309 -0.58 21.67 -20.13
C GLU C 309 -1.36 22.29 -21.28
N LEU C 310 -2.23 23.25 -20.96
CA LEU C 310 -3.00 23.94 -21.98
C LEU C 310 -2.07 24.70 -22.92
N ALA C 311 -1.03 25.34 -22.38
CA ALA C 311 -0.05 26.07 -23.17
C ALA C 311 0.64 25.16 -24.19
N LYS C 312 0.97 23.93 -23.78
CA LYS C 312 1.57 22.98 -24.70
C LYS C 312 0.64 22.60 -25.85
N MET C 313 -0.68 22.63 -25.58
CA MET C 313 -1.68 22.27 -26.56
C MET C 313 -1.99 23.38 -27.55
N GLU C 314 -1.87 24.65 -27.12
CA GLU C 314 -2.37 25.80 -27.88
C GLU C 314 -1.83 25.86 -29.29
N PRO C 315 -0.52 25.65 -29.52
CA PRO C 315 0.05 25.76 -30.86
C PRO C 315 -0.55 24.82 -31.89
N PHE C 316 -1.21 23.75 -31.44
CA PHE C 316 -1.75 22.77 -32.38
C PHE C 316 -3.28 22.81 -32.43
N PHE C 317 -3.87 23.85 -31.85
CA PHE C 317 -5.30 24.05 -31.93
C PHE C 317 -5.71 24.31 -33.37
N PRO C 318 -6.92 23.87 -33.79
CA PRO C 318 -7.48 24.34 -35.04
C PRO C 318 -7.74 25.84 -35.01
N SER C 319 -7.91 26.44 -36.19
CA SER C 319 -8.04 27.88 -36.27
C SER C 319 -9.25 28.33 -35.44
N GLY C 320 -9.07 29.44 -34.73
CA GLY C 320 -10.17 30.04 -34.01
C GLY C 320 -10.57 29.45 -32.66
N LEU C 321 -9.97 28.32 -32.28
CA LEU C 321 -10.26 27.70 -31.00
C LEU C 321 -9.61 28.54 -29.91
N LYS C 322 -10.36 28.84 -28.85
CA LYS C 322 -9.85 29.70 -27.82
C LYS C 322 -10.25 29.17 -26.44
N ILE C 323 -9.27 29.16 -25.54
CA ILE C 323 -9.52 28.82 -24.16
C ILE C 323 -10.02 30.07 -23.44
N VAL C 324 -11.08 29.90 -22.64
CA VAL C 324 -11.61 30.96 -21.80
C VAL C 324 -11.72 30.38 -20.41
N TYR C 325 -11.79 31.29 -19.43
CA TYR C 325 -11.65 30.93 -18.03
C TYR C 325 -12.87 31.45 -17.25
N PRO C 326 -14.05 30.82 -17.43
CA PRO C 326 -15.28 31.34 -16.88
C PRO C 326 -15.47 31.20 -15.37
N TYR C 327 -14.66 30.35 -14.70
CA TYR C 327 -14.93 30.03 -13.31
C TYR C 327 -13.74 29.33 -12.66
N ASP C 328 -13.13 29.97 -11.66
CA ASP C 328 -11.86 29.53 -11.09
C ASP C 328 -11.78 30.04 -9.66
N THR C 329 -11.57 29.14 -8.71
CA THR C 329 -11.41 29.48 -7.31
C THR C 329 -10.02 30.00 -6.93
N THR C 330 -9.03 29.79 -7.80
CA THR C 330 -7.66 30.07 -7.42
C THR C 330 -7.30 31.56 -7.38
N PRO C 331 -7.86 32.45 -8.24
CA PRO C 331 -7.64 33.88 -8.06
C PRO C 331 -7.93 34.38 -6.65
N PHE C 332 -9.02 33.86 -6.04
CA PHE C 332 -9.32 34.19 -4.66
C PHE C 332 -8.21 33.77 -3.69
N VAL C 333 -7.66 32.56 -3.89
CA VAL C 333 -6.57 32.10 -3.06
C VAL C 333 -5.40 33.07 -3.17
N LYS C 334 -5.01 33.42 -4.40
CA LYS C 334 -3.90 34.33 -4.61
C LYS C 334 -4.15 35.67 -3.91
N ILE C 335 -5.31 36.29 -4.19
CA ILE C 335 -5.60 37.60 -3.65
C ILE C 335 -5.76 37.55 -2.12
N SER C 336 -6.44 36.52 -1.59
CA SER C 336 -6.59 36.43 -0.15
C SER C 336 -5.24 36.31 0.58
N ILE C 337 -4.29 35.52 0.04
CA ILE C 337 -2.94 35.46 0.58
C ILE C 337 -2.23 36.81 0.53
N HIS C 338 -2.25 37.46 -0.64
CA HIS C 338 -1.66 38.79 -0.78
C HIS C 338 -2.21 39.76 0.27
N GLU C 339 -3.51 39.68 0.55
CA GLU C 339 -4.14 40.59 1.48
C GLU C 339 -3.71 40.35 2.93
N VAL C 340 -3.42 39.09 3.28
CA VAL C 340 -2.92 38.79 4.61
C VAL C 340 -1.47 39.26 4.76
N VAL C 341 -0.66 39.11 3.71
CA VAL C 341 0.71 39.61 3.73
C VAL C 341 0.75 41.12 3.91
N LYS C 342 -0.08 41.84 3.15
CA LYS C 342 -0.23 43.28 3.31
C LYS C 342 -0.61 43.65 4.76
N THR C 343 -1.55 42.91 5.34
CA THR C 343 -1.92 43.08 6.74
C THR C 343 -0.73 42.91 7.69
N LEU C 344 0.08 41.86 7.43
CA LEU C 344 1.26 41.56 8.23
C LEU C 344 2.24 42.72 8.20
N VAL C 345 2.53 43.23 7.01
CA VAL C 345 3.43 44.36 6.83
C VAL C 345 2.91 45.61 7.55
N GLU C 346 1.61 45.89 7.41
CA GLU C 346 1.00 46.99 8.13
C GLU C 346 1.15 46.82 9.64
N ALA C 347 0.90 45.61 10.13
CA ALA C 347 1.08 45.31 11.55
C ALA C 347 2.48 45.67 12.03
N ILE C 348 3.49 45.26 11.26
CA ILE C 348 4.88 45.54 11.59
C ILE C 348 5.13 47.06 11.64
N ILE C 349 4.59 47.80 10.66
CA ILE C 349 4.72 49.24 10.61
C ILE C 349 4.07 49.85 11.86
N LEU C 350 2.84 49.40 12.17
CA LEU C 350 2.10 49.94 13.31
C LEU C 350 2.79 49.62 14.64
N VAL C 351 3.36 48.42 14.76
CA VAL C 351 4.06 48.05 15.97
C VAL C 351 5.31 48.91 16.14
N PHE C 352 6.06 49.06 15.03
CA PHE C 352 7.21 49.94 15.00
C PHE C 352 6.89 51.36 15.49
N LEU C 353 5.75 51.91 15.02
CA LEU C 353 5.31 53.23 15.42
C LEU C 353 4.94 53.31 16.89
N VAL C 354 4.25 52.30 17.43
CA VAL C 354 3.96 52.27 18.85
C VAL C 354 5.27 52.28 19.66
N MET C 355 6.23 51.43 19.26
CA MET C 355 7.49 51.39 19.97
C MET C 355 8.20 52.75 19.89
N TYR C 356 8.18 53.36 18.72
CA TYR C 356 8.79 54.67 18.51
C TYR C 356 8.11 55.76 19.34
N LEU C 357 6.80 55.66 19.54
CA LEU C 357 6.06 56.61 20.35
C LEU C 357 6.61 56.64 21.78
N PHE C 358 6.93 55.46 22.32
CA PHE C 358 7.36 55.33 23.70
C PHE C 358 8.87 55.47 23.90
N LEU C 359 9.66 54.82 23.04
CA LEU C 359 11.10 54.82 23.16
C LEU C 359 11.77 56.03 22.48
N GLN C 360 11.09 56.62 21.49
CA GLN C 360 11.42 57.92 20.95
C GLN C 360 12.79 58.04 20.29
N ASN C 361 13.81 57.43 20.90
CA ASN C 361 15.12 57.33 20.27
C ASN C 361 15.03 56.25 19.18
N PHE C 362 15.70 56.50 18.06
CA PHE C 362 15.63 55.60 16.91
C PHE C 362 16.44 54.33 17.18
N ARG C 363 17.64 54.49 17.75
CA ARG C 363 18.48 53.37 18.12
C ARG C 363 17.77 52.40 19.07
N ALA C 364 17.06 52.94 20.07
CA ALA C 364 16.33 52.15 21.04
C ALA C 364 15.14 51.43 20.41
N THR C 365 14.44 52.12 19.51
CA THR C 365 13.27 51.55 18.85
C THR C 365 13.62 50.39 17.93
N LEU C 366 14.86 50.40 17.43
CA LEU C 366 15.30 49.38 16.50
C LEU C 366 15.56 48.05 17.20
N ILE C 367 15.87 48.07 18.49
CA ILE C 367 16.25 46.84 19.17
C ILE C 367 15.10 45.83 19.19
N PRO C 368 13.89 46.18 19.66
CA PRO C 368 12.74 45.29 19.54
C PRO C 368 12.32 44.98 18.10
N THR C 369 12.52 45.94 17.19
CA THR C 369 12.15 45.76 15.80
C THR C 369 12.98 44.67 15.12
N ILE C 370 14.25 44.52 15.52
CA ILE C 370 15.12 43.45 15.04
C ILE C 370 14.54 42.07 15.33
N ALA C 371 13.87 41.96 16.48
CA ALA C 371 13.18 40.74 16.87
C ALA C 371 12.12 40.31 15.85
N VAL C 372 11.41 41.24 15.21
CA VAL C 372 10.37 40.85 14.28
C VAL C 372 10.89 39.94 13.17
N PRO C 373 11.86 40.37 12.33
CA PRO C 373 12.46 39.49 11.32
C PRO C 373 13.01 38.19 11.89
N VAL C 374 13.72 38.28 13.04
CA VAL C 374 14.36 37.11 13.60
C VAL C 374 13.32 36.05 13.96
N VAL C 375 12.26 36.47 14.64
CA VAL C 375 11.27 35.55 15.14
C VAL C 375 10.46 35.00 13.97
N LEU C 376 10.03 35.90 13.08
CA LEU C 376 9.12 35.50 12.02
C LEU C 376 9.82 34.57 11.03
N LEU C 377 11.01 34.94 10.59
CA LEU C 377 11.81 34.07 9.72
C LEU C 377 12.10 32.74 10.41
N GLY C 378 12.46 32.75 11.69
CA GLY C 378 12.61 31.51 12.42
C GLY C 378 11.35 30.65 12.37
N THR C 379 10.20 31.30 12.56
CA THR C 379 8.93 30.59 12.58
C THR C 379 8.68 29.90 11.24
N PHE C 380 9.06 30.56 10.14
CA PHE C 380 8.91 29.95 8.83
C PHE C 380 9.76 28.68 8.74
N ALA C 381 10.98 28.73 9.27
CA ALA C 381 11.85 27.57 9.28
C ALA C 381 11.22 26.42 10.06
N VAL C 382 10.57 26.74 11.18
CA VAL C 382 9.87 25.72 11.96
C VAL C 382 8.68 25.13 11.20
N LEU C 383 7.91 25.98 10.51
CA LEU C 383 6.84 25.51 9.66
C LEU C 383 7.35 24.50 8.63
N ALA C 384 8.45 24.86 7.96
CA ALA C 384 9.04 24.01 6.95
C ALA C 384 9.49 22.68 7.53
N ALA C 385 10.07 22.72 8.74
CA ALA C 385 10.54 21.50 9.39
C ALA C 385 9.41 20.50 9.62
N PHE C 386 8.26 21.01 10.08
CA PHE C 386 7.14 20.16 10.43
C PHE C 386 6.14 19.99 9.29
N GLY C 387 6.51 20.46 8.09
CA GLY C 387 5.68 20.25 6.90
C GLY C 387 4.43 21.10 6.73
N PHE C 388 4.34 22.23 7.45
CA PHE C 388 3.22 23.14 7.28
C PHE C 388 3.47 24.03 6.07
N SER C 389 2.39 24.62 5.56
CA SER C 389 2.45 25.51 4.42
C SER C 389 2.21 26.96 4.85
N ILE C 390 2.56 27.88 3.95
CA ILE C 390 2.17 29.26 4.10
C ILE C 390 0.72 29.30 3.66
N ASN C 391 -0.18 29.63 4.59
CA ASN C 391 -1.60 29.68 4.29
C ASN C 391 -2.25 30.76 5.13
N THR C 392 -3.53 31.02 4.90
CA THR C 392 -4.21 32.10 5.59
C THR C 392 -4.13 31.93 7.11
N LEU C 393 -4.28 30.70 7.60
CA LEU C 393 -4.26 30.46 9.04
C LEU C 393 -2.86 30.61 9.64
N THR C 394 -1.82 30.05 9.00
CA THR C 394 -0.47 30.24 9.51
C THR C 394 -0.06 31.71 9.47
N MET C 395 -0.52 32.43 8.43
CA MET C 395 -0.20 33.84 8.27
C MET C 395 -0.94 34.71 9.27
N PHE C 396 -2.16 34.34 9.65
CA PHE C 396 -2.89 35.01 10.71
C PHE C 396 -2.15 34.81 12.04
N GLY C 397 -1.65 33.58 12.22
CA GLY C 397 -0.80 33.29 13.36
C GLY C 397 0.33 34.30 13.49
N MET C 398 0.96 34.60 12.36
CA MET C 398 2.08 35.54 12.32
C MET C 398 1.63 36.98 12.56
N VAL C 399 0.46 37.38 12.05
CA VAL C 399 -0.09 38.70 12.34
C VAL C 399 -0.37 38.84 13.83
N LEU C 400 -1.04 37.84 14.42
CA LEU C 400 -1.28 37.84 15.85
C LEU C 400 0.03 37.85 16.65
N ALA C 401 1.04 37.14 16.15
CA ALA C 401 2.32 37.04 16.84
C ALA C 401 3.06 38.37 16.95
N ILE C 402 2.87 39.28 15.98
CA ILE C 402 3.74 40.44 15.86
C ILE C 402 3.74 41.26 17.14
N GLY C 403 2.52 41.54 17.63
CA GLY C 403 2.36 42.25 18.88
C GLY C 403 2.94 41.52 20.08
N LEU C 404 2.96 40.18 20.00
CA LEU C 404 3.36 39.34 21.10
C LEU C 404 4.87 39.08 21.14
N LEU C 405 5.48 38.90 19.95
CA LEU C 405 6.88 38.50 19.85
C LEU C 405 7.82 39.62 20.31
N VAL C 406 7.46 40.87 20.04
CA VAL C 406 8.17 42.02 20.56
C VAL C 406 8.09 42.25 22.07
N ASP C 407 7.13 41.65 22.78
CA ASP C 407 6.90 42.02 24.17
C ASP C 407 8.14 41.78 25.02
N ASP C 408 8.73 40.58 24.92
CA ASP C 408 9.87 40.26 25.75
C ASP C 408 11.04 41.19 25.45
N ALA C 409 11.24 41.59 24.19
CA ALA C 409 12.26 42.58 23.84
C ALA C 409 11.94 43.97 24.39
N ILE C 410 10.68 44.42 24.23
CA ILE C 410 10.24 45.68 24.81
C ILE C 410 10.46 45.70 26.32
N VAL C 411 10.06 44.62 27.01
CA VAL C 411 10.24 44.54 28.45
C VAL C 411 11.72 44.73 28.81
N VAL C 412 12.62 44.05 28.08
CA VAL C 412 14.04 44.22 28.30
C VAL C 412 14.52 45.65 28.08
N VAL C 413 14.26 46.20 26.89
CA VAL C 413 14.72 47.55 26.54
C VAL C 413 14.16 48.58 27.52
N GLU C 414 12.83 48.55 27.73
CA GLU C 414 12.17 49.50 28.60
C GLU C 414 12.81 49.47 29.98
N ASN C 415 13.09 48.26 30.49
CA ASN C 415 13.58 48.13 31.85
C ASN C 415 15.00 48.66 31.98
N VAL C 416 15.81 48.51 30.93
CA VAL C 416 17.15 49.07 30.92
C VAL C 416 17.06 50.60 30.97
N GLU C 417 16.18 51.17 30.14
CA GLU C 417 15.98 52.61 30.11
C GLU C 417 15.51 53.17 31.45
N ARG C 418 14.68 52.40 32.17
CA ARG C 418 14.24 52.78 33.50
C ARG C 418 15.44 52.81 34.46
N VAL C 419 16.24 51.74 34.47
CA VAL C 419 17.39 51.66 35.35
C VAL C 419 18.37 52.81 35.09
N MET C 420 18.53 53.20 33.82
CA MET C 420 19.43 54.30 33.47
C MET C 420 18.90 55.63 33.99
N ALA C 421 17.58 55.82 33.93
CA ALA C 421 16.95 57.05 34.41
C ALA C 421 16.97 57.16 35.94
N GLU C 422 16.75 56.05 36.64
CA GLU C 422 16.69 56.05 38.10
C GLU C 422 18.08 56.13 38.74
N GLU C 423 19.04 55.38 38.17
CA GLU C 423 20.33 55.19 38.81
C GLU C 423 21.50 55.86 38.09
N GLY C 424 21.30 56.22 36.81
CA GLY C 424 22.35 56.84 36.01
C GLY C 424 23.43 55.86 35.52
N LEU C 425 23.18 54.55 35.67
CA LEU C 425 24.13 53.54 35.26
C LEU C 425 24.38 53.60 33.76
N PRO C 426 25.59 53.23 33.30
CA PRO C 426 25.84 53.12 31.86
C PRO C 426 25.06 51.96 31.22
N PRO C 427 24.88 51.98 29.88
CA PRO C 427 24.01 51.00 29.22
C PRO C 427 24.31 49.55 29.58
N LYS C 428 25.59 49.19 29.63
CA LYS C 428 26.02 47.83 29.84
C LYS C 428 25.70 47.32 31.25
N GLU C 429 25.92 48.16 32.26
CA GLU C 429 25.66 47.80 33.65
C GLU C 429 24.16 47.72 33.92
N ALA C 430 23.44 48.70 33.35
CA ALA C 430 21.99 48.74 33.40
C ALA C 430 21.39 47.46 32.81
N THR C 431 21.94 47.02 31.68
CA THR C 431 21.46 45.82 31.02
C THR C 431 21.68 44.60 31.90
N ARG C 432 22.88 44.47 32.48
CA ARG C 432 23.17 43.35 33.35
C ARG C 432 22.19 43.31 34.52
N LYS C 433 22.01 44.47 35.17
CA LYS C 433 21.11 44.56 36.31
C LYS C 433 19.66 44.28 35.89
N SER C 434 19.26 44.88 34.76
CA SER C 434 17.94 44.74 34.19
C SER C 434 17.57 43.28 33.94
N MET C 435 18.50 42.52 33.34
CA MET C 435 18.26 41.13 33.02
C MET C 435 18.02 40.34 34.31
N GLY C 436 18.83 40.66 35.32
CA GLY C 436 18.60 40.12 36.66
C GLY C 436 17.14 40.27 37.09
N GLN C 437 16.58 41.44 36.84
CA GLN C 437 15.26 41.77 37.36
C GLN C 437 14.10 41.08 36.63
N ILE C 438 14.28 40.72 35.35
CA ILE C 438 13.12 40.50 34.48
C ILE C 438 12.99 39.13 33.83
N GLN C 439 14.00 38.27 34.05
CA GLN C 439 14.03 36.94 33.48
C GLN C 439 12.77 36.14 33.77
N GLY C 440 12.25 36.22 35.00
CA GLY C 440 11.01 35.53 35.34
C GLY C 440 9.84 35.93 34.45
N ALA C 441 9.69 37.25 34.26
CA ALA C 441 8.61 37.80 33.44
C ALA C 441 8.79 37.41 31.97
N LEU C 442 10.04 37.44 31.49
CA LEU C 442 10.33 37.11 30.12
C LEU C 442 9.88 35.67 29.84
N VAL C 443 10.18 34.77 30.79
CA VAL C 443 9.82 33.38 30.62
C VAL C 443 8.31 33.22 30.78
N GLY C 444 7.77 33.80 31.84
CA GLY C 444 6.34 33.80 32.09
C GLY C 444 5.50 34.23 30.90
N ILE C 445 5.90 35.34 30.25
CA ILE C 445 5.16 35.85 29.10
C ILE C 445 5.21 34.83 27.98
N ALA C 446 6.42 34.33 27.70
CA ALA C 446 6.56 33.34 26.62
C ALA C 446 5.79 32.08 27.02
N MET C 447 5.81 31.75 28.31
CA MET C 447 5.20 30.53 28.82
C MET C 447 3.69 30.51 28.65
N VAL C 448 2.99 31.55 29.13
CA VAL C 448 1.53 31.55 29.08
C VAL C 448 1.04 31.56 27.64
N LEU C 449 1.69 32.36 26.78
CA LEU C 449 1.30 32.42 25.38
C LEU C 449 1.66 31.16 24.59
N SER C 450 2.68 30.43 25.00
CA SER C 450 2.93 29.11 24.42
C SER C 450 1.85 28.12 24.86
N ALA C 451 1.66 28.02 26.19
CA ALA C 451 0.97 26.88 26.78
C ALA C 451 -0.51 26.86 26.43
N VAL C 452 -1.10 28.06 26.26
CA VAL C 452 -2.51 28.17 25.97
C VAL C 452 -2.84 27.71 24.55
N PHE C 453 -1.83 27.62 23.70
CA PHE C 453 -2.03 27.05 22.36
C PHE C 453 -1.53 25.62 22.19
N VAL C 454 -1.06 24.94 23.26
CA VAL C 454 -0.67 23.55 23.11
C VAL C 454 -1.88 22.63 23.01
N PRO C 455 -2.81 22.60 24.00
CA PRO C 455 -3.89 21.62 23.97
C PRO C 455 -4.70 21.60 22.67
N MET C 456 -4.91 22.78 22.09
CA MET C 456 -5.69 22.87 20.86
C MET C 456 -5.06 22.07 19.71
N ALA C 457 -3.74 21.90 19.75
CA ALA C 457 -3.03 21.13 18.73
C ALA C 457 -3.42 19.66 18.71
N PHE C 458 -3.98 19.17 19.81
CA PHE C 458 -4.34 17.76 19.94
C PHE C 458 -5.77 17.42 19.54
N PHE C 459 -6.58 18.44 19.26
CA PHE C 459 -7.95 18.20 18.85
C PHE C 459 -7.89 17.70 17.42
N GLY C 460 -8.99 17.07 17.01
CA GLY C 460 -9.06 16.45 15.70
C GLY C 460 -10.25 16.99 14.91
N GLY C 461 -10.49 16.34 13.76
CA GLY C 461 -11.47 16.84 12.81
C GLY C 461 -10.96 18.11 12.13
N SER C 462 -11.90 18.81 11.50
CA SER C 462 -11.57 20.01 10.74
C SER C 462 -11.10 21.13 11.65
N THR C 463 -11.73 21.21 12.82
CA THR C 463 -11.38 22.22 13.81
C THR C 463 -9.93 22.05 14.23
N GLY C 464 -9.53 20.82 14.53
CA GLY C 464 -8.14 20.55 14.89
C GLY C 464 -7.14 20.97 13.81
N ALA C 465 -7.49 20.73 12.55
CA ALA C 465 -6.63 21.12 11.46
C ALA C 465 -6.39 22.62 11.45
N ILE C 466 -7.46 23.39 11.74
CA ILE C 466 -7.38 24.83 11.77
C ILE C 466 -6.56 25.27 12.98
N TYR C 467 -6.97 24.84 14.17
CA TYR C 467 -6.27 25.13 15.41
C TYR C 467 -4.76 24.89 15.31
N ARG C 468 -4.36 23.80 14.64
CA ARG C 468 -2.97 23.38 14.65
C ARG C 468 -2.08 24.40 13.91
N GLN C 469 -2.65 25.07 12.91
CA GLN C 469 -1.93 26.09 12.16
C GLN C 469 -1.55 27.28 13.03
N PHE C 470 -2.50 27.69 13.90
CA PHE C 470 -2.27 28.79 14.83
C PHE C 470 -1.30 28.35 15.91
N SER C 471 -1.48 27.12 16.40
CA SER C 471 -0.69 26.54 17.48
C SER C 471 0.80 26.45 17.17
N ILE C 472 1.15 25.85 16.03
CA ILE C 472 2.55 25.75 15.66
C ILE C 472 3.17 27.14 15.48
N THR C 473 2.40 28.03 14.86
CA THR C 473 2.96 29.32 14.48
C THR C 473 3.26 30.15 15.72
N ILE C 474 2.24 30.26 16.59
CA ILE C 474 2.31 31.13 17.76
C ILE C 474 3.29 30.56 18.78
N VAL C 475 3.23 29.25 19.04
CA VAL C 475 4.14 28.65 20.02
C VAL C 475 5.59 28.84 19.59
N SER C 476 5.87 28.57 18.31
CA SER C 476 7.20 28.81 17.75
C SER C 476 7.66 30.25 17.94
N ALA C 477 6.80 31.19 17.53
CA ALA C 477 7.12 32.60 17.63
C ALA C 477 7.44 32.98 19.08
N MET C 478 6.64 32.49 20.02
CA MET C 478 6.77 32.89 21.42
C MET C 478 8.05 32.36 22.04
N ALA C 479 8.38 31.09 21.72
CA ALA C 479 9.63 30.49 22.15
C ALA C 479 10.83 31.25 21.58
N LEU C 480 10.77 31.56 20.28
CA LEU C 480 11.84 32.30 19.64
C LEU C 480 11.94 33.70 20.24
N SER C 481 10.80 34.29 20.61
CA SER C 481 10.77 35.64 21.16
C SER C 481 11.53 35.73 22.50
N VAL C 482 11.36 34.69 23.34
CA VAL C 482 12.07 34.62 24.61
C VAL C 482 13.57 34.38 24.38
N LEU C 483 13.90 33.47 23.45
CA LEU C 483 15.30 33.21 23.11
C LEU C 483 15.99 34.47 22.61
N VAL C 484 15.35 35.20 21.69
CA VAL C 484 15.88 36.46 21.19
C VAL C 484 16.12 37.46 22.33
N ALA C 485 15.18 37.48 23.29
CA ALA C 485 15.23 38.42 24.41
C ALA C 485 16.28 38.05 25.46
N LEU C 486 16.68 36.77 25.47
CA LEU C 486 17.73 36.32 26.37
C LEU C 486 19.11 36.32 25.72
N ILE C 487 19.16 36.47 24.39
CA ILE C 487 20.40 36.35 23.63
C ILE C 487 20.73 37.63 22.88
N LEU C 488 19.87 38.02 21.94
CA LEU C 488 20.17 39.16 21.08
C LEU C 488 19.91 40.51 21.76
N THR C 489 18.68 40.72 22.24
CA THR C 489 18.25 41.99 22.78
C THR C 489 19.16 42.53 23.88
N PRO C 490 19.60 41.72 24.88
CA PRO C 490 20.55 42.19 25.89
C PRO C 490 21.85 42.68 25.27
N ALA C 491 22.38 41.92 24.31
CA ALA C 491 23.61 42.29 23.62
C ALA C 491 23.45 43.64 22.92
N LEU C 492 22.32 43.81 22.22
CA LEU C 492 22.05 45.06 21.51
C LEU C 492 21.83 46.21 22.49
N CYS C 493 21.13 45.94 23.59
CA CYS C 493 20.91 46.93 24.62
C CYS C 493 22.25 47.51 25.10
N ALA C 494 23.14 46.60 25.52
CA ALA C 494 24.41 46.99 26.11
C ALA C 494 25.31 47.79 25.17
N THR C 495 25.16 47.55 23.85
CA THR C 495 26.04 48.15 22.86
C THR C 495 25.41 49.30 22.09
N MET C 496 24.07 49.36 22.03
CA MET C 496 23.40 50.29 21.12
C MET C 496 22.60 51.40 21.80
N LEU C 497 22.22 51.21 23.08
CA LEU C 497 21.49 52.24 23.79
C LEU C 497 22.46 53.33 24.22
N LYS C 498 22.06 54.60 24.02
CA LYS C 498 22.88 55.72 24.46
C LYS C 498 22.63 55.94 25.96
N PRO C 499 23.60 56.45 26.73
CA PRO C 499 23.40 56.75 28.14
C PRO C 499 22.25 57.73 28.41
N ILE C 500 21.64 57.60 29.59
CA ILE C 500 20.62 58.52 30.05
C ILE C 500 21.03 58.98 31.44
N ALA C 501 21.06 60.30 31.65
CA ALA C 501 21.50 60.87 32.91
C ALA C 501 20.48 60.55 34.01
N LYS C 502 20.98 60.30 35.22
CA LYS C 502 20.12 60.08 36.37
C LYS C 502 19.09 61.20 36.46
N GLY C 503 17.80 60.84 36.52
CA GLY C 503 16.72 61.80 36.68
C GLY C 503 16.03 62.21 35.39
N ASP C 504 16.74 62.10 34.25
CA ASP C 504 16.17 62.43 32.96
C ASP C 504 15.17 61.36 32.51
N HIS C 505 13.88 61.70 32.56
CA HIS C 505 12.81 60.85 32.05
C HIS C 505 12.17 61.49 30.80
N GLY C 506 12.97 62.29 30.07
CA GLY C 506 12.54 62.88 28.82
C GLY C 506 11.47 63.96 28.91
N GLU C 507 11.20 64.46 30.13
CA GLU C 507 10.22 65.52 30.32
C GLU C 507 10.74 66.84 29.74
N GLY C 508 12.07 67.01 29.72
CA GLY C 508 12.69 68.19 29.17
C GLY C 508 12.93 68.14 27.66
N LYS C 509 12.29 67.19 26.96
CA LYS C 509 12.34 67.17 25.51
C LYS C 509 11.42 68.25 24.93
N LYS C 510 11.62 68.51 23.64
CA LYS C 510 10.89 69.53 22.91
C LYS C 510 9.78 68.89 22.06
N GLY C 511 8.74 69.67 21.78
CA GLY C 511 7.68 69.24 20.88
C GLY C 511 6.82 68.10 21.44
N PHE C 512 6.30 67.26 20.54
CA PHE C 512 5.34 66.24 20.89
C PHE C 512 5.84 65.28 21.96
N PHE C 513 7.05 64.73 21.75
CA PHE C 513 7.65 63.79 22.68
C PHE C 513 7.74 64.37 24.09
N GLY C 514 8.25 65.61 24.19
CA GLY C 514 8.32 66.31 25.47
C GLY C 514 6.96 66.32 26.17
N TRP C 515 5.91 66.68 25.42
CA TRP C 515 4.54 66.70 25.91
C TRP C 515 4.04 65.32 26.35
N PHE C 516 4.28 64.31 25.51
CA PHE C 516 3.89 62.94 25.79
C PHE C 516 4.54 62.43 27.07
N ASN C 517 5.83 62.72 27.24
CA ASN C 517 6.57 62.24 28.40
C ASN C 517 6.06 62.90 29.66
N ARG C 518 5.81 64.21 29.61
CA ARG C 518 5.23 64.92 30.74
C ARG C 518 3.83 64.40 31.03
N MET C 519 3.07 64.09 29.95
CA MET C 519 1.72 63.59 30.13
C MET C 519 1.77 62.23 30.84
N PHE C 520 2.70 61.36 30.39
CA PHE C 520 2.76 59.99 30.87
C PHE C 520 3.32 59.86 32.29
N GLU C 521 4.35 60.66 32.61
CA GLU C 521 4.89 60.69 33.97
C GLU C 521 3.81 61.14 34.94
N LYS C 522 3.02 62.15 34.56
CA LYS C 522 1.94 62.65 35.39
C LYS C 522 0.84 61.60 35.53
N SER C 523 0.53 60.92 34.42
CA SER C 523 -0.51 59.91 34.43
C SER C 523 -0.15 58.70 35.29
N THR C 524 1.16 58.43 35.42
CA THR C 524 1.64 57.34 36.26
C THR C 524 1.38 57.66 37.74
N HIS C 525 1.73 58.88 38.15
CA HIS C 525 1.44 59.35 39.49
C HIS C 525 -0.06 59.24 39.83
N HIS C 526 -0.92 59.62 38.87
CA HIS C 526 -2.35 59.52 39.05
C HIS C 526 -2.76 58.06 39.20
N TYR C 527 -2.23 57.23 38.30
CA TYR C 527 -2.46 55.79 38.32
C TYR C 527 -2.07 55.15 39.65
N THR C 528 -0.85 55.42 40.13
CA THR C 528 -0.35 54.77 41.33
C THR C 528 -1.15 55.22 42.56
N ASP C 529 -1.44 56.52 42.65
CA ASP C 529 -2.37 57.02 43.67
C ASP C 529 -3.67 56.23 43.64
N SER C 530 -4.27 56.11 42.45
CA SER C 530 -5.53 55.42 42.29
C SER C 530 -5.46 53.99 42.82
N VAL C 531 -4.41 53.26 42.46
CA VAL C 531 -4.29 51.87 42.86
C VAL C 531 -4.21 51.80 44.38
N GLY C 532 -3.40 52.69 44.98
CA GLY C 532 -3.33 52.82 46.42
C GLY C 532 -4.70 52.89 47.10
N GLY C 533 -5.58 53.75 46.56
CA GLY C 533 -6.93 53.89 47.07
C GLY C 533 -7.78 52.66 46.83
N ILE C 534 -7.56 52.00 45.69
CA ILE C 534 -8.22 50.74 45.37
C ILE C 534 -7.87 49.69 46.42
N LEU C 535 -6.62 49.66 46.86
CA LEU C 535 -6.16 48.62 47.77
C LEU C 535 -6.58 48.85 49.22
N ARG C 536 -6.99 50.07 49.56
CA ARG C 536 -7.62 50.32 50.84
C ARG C 536 -9.10 49.91 50.88
N SER C 537 -9.66 49.49 49.73
CA SER C 537 -11.08 49.23 49.60
C SER C 537 -11.36 48.10 48.60
N THR C 538 -10.73 46.95 48.81
CA THR C 538 -10.77 45.86 47.84
C THR C 538 -12.13 45.16 47.71
N GLY C 539 -12.97 45.28 48.75
CA GLY C 539 -14.29 44.68 48.77
C GLY C 539 -15.22 45.03 47.61
N ARG C 540 -15.26 46.30 47.19
CA ARG C 540 -16.17 46.75 46.15
C ARG C 540 -15.67 46.31 44.77
N TYR C 541 -14.37 46.06 44.66
CA TYR C 541 -13.82 45.60 43.40
C TYR C 541 -14.12 44.11 43.20
N LEU C 542 -14.22 43.35 44.30
CA LEU C 542 -14.69 41.97 44.26
C LEU C 542 -16.13 41.86 43.77
N VAL C 543 -16.94 42.87 44.08
CA VAL C 543 -18.32 42.88 43.62
C VAL C 543 -18.37 43.17 42.14
N LEU C 544 -17.61 44.18 41.70
CA LEU C 544 -17.50 44.54 40.31
C LEU C 544 -16.95 43.38 39.47
N TYR C 545 -16.01 42.62 40.03
CA TYR C 545 -15.48 41.44 39.35
C TYR C 545 -16.57 40.43 39.07
N LEU C 546 -17.46 40.21 40.05
CA LEU C 546 -18.54 39.24 39.92
C LEU C 546 -19.54 39.67 38.84
N ILE C 547 -19.80 40.99 38.76
CA ILE C 547 -20.69 41.52 37.74
C ILE C 547 -20.10 41.28 36.36
N ILE C 548 -18.79 41.51 36.21
CA ILE C 548 -18.09 41.24 34.98
C ILE C 548 -18.21 39.77 34.59
N VAL C 549 -18.00 38.84 35.55
CA VAL C 549 -18.06 37.42 35.27
C VAL C 549 -19.45 36.99 34.81
N VAL C 550 -20.48 37.51 35.50
CA VAL C 550 -21.86 37.26 35.12
C VAL C 550 -22.15 37.84 33.74
N GLY C 551 -21.80 39.12 33.55
CA GLY C 551 -21.92 39.78 32.25
C GLY C 551 -21.19 39.04 31.13
N MET C 552 -20.02 38.48 31.44
CA MET C 552 -19.27 37.69 30.47
C MET C 552 -20.10 36.47 30.07
N ALA C 553 -20.53 35.71 31.09
CA ALA C 553 -21.38 34.54 30.89
C ALA C 553 -22.62 34.86 30.08
N TYR C 554 -23.30 35.96 30.41
CA TYR C 554 -24.48 36.38 29.68
C TYR C 554 -24.19 36.56 28.18
N LEU C 555 -23.20 37.41 27.86
CA LEU C 555 -22.87 37.71 26.47
C LEU C 555 -22.45 36.46 25.70
N PHE C 556 -21.76 35.55 26.38
CA PHE C 556 -21.28 34.32 25.75
C PHE C 556 -22.43 33.46 25.23
N VAL C 557 -23.38 33.14 26.13
CA VAL C 557 -24.48 32.25 25.82
C VAL C 557 -25.36 32.79 24.70
N ARG C 558 -25.46 34.13 24.60
CA ARG C 558 -26.37 34.74 23.64
C ARG C 558 -25.71 35.03 22.30
N LEU C 559 -24.39 34.85 22.21
CA LEU C 559 -23.68 35.08 20.95
C LEU C 559 -23.98 33.92 20.00
N PRO C 560 -24.60 34.19 18.83
CA PRO C 560 -24.89 33.11 17.89
C PRO C 560 -23.64 32.44 17.35
N SER C 561 -23.73 31.13 17.11
CA SER C 561 -22.60 30.36 16.60
C SER C 561 -22.68 29.93 15.13
N CYS C 562 -21.53 30.00 14.44
CA CYS C 562 -21.33 29.36 13.16
C CYS C 562 -19.94 28.72 13.14
N PHE C 563 -19.63 27.97 12.08
CA PHE C 563 -18.33 27.36 11.92
C PHE C 563 -17.32 28.36 11.36
N LEU C 564 -17.45 28.70 10.08
CA LEU C 564 -16.53 29.61 9.41
C LEU C 564 -17.36 30.66 8.67
N PRO C 565 -16.91 31.93 8.62
CA PRO C 565 -17.61 32.93 7.81
C PRO C 565 -17.56 32.62 6.31
N ASP C 566 -18.60 33.05 5.59
CA ASP C 566 -18.59 33.02 4.15
C ASP C 566 -17.71 34.15 3.62
N GLU C 567 -17.07 33.88 2.49
CA GLU C 567 -16.25 34.88 1.84
C GLU C 567 -16.83 35.18 0.47
N ASP C 568 -16.59 36.38 -0.04
CA ASP C 568 -16.79 36.66 -1.45
C ASP C 568 -15.56 36.12 -2.16
N GLN C 569 -15.68 34.94 -2.78
CA GLN C 569 -14.58 34.34 -3.52
C GLN C 569 -14.54 34.72 -4.99
N GLY C 570 -15.42 35.65 -5.39
CA GLY C 570 -15.46 36.18 -6.75
C GLY C 570 -16.19 35.26 -7.74
N VAL C 571 -16.81 34.21 -7.21
CA VAL C 571 -17.54 33.25 -8.03
C VAL C 571 -18.70 32.71 -7.22
N PHE C 572 -19.69 32.16 -7.92
CA PHE C 572 -20.79 31.47 -7.28
C PHE C 572 -21.53 30.66 -8.34
N MET C 573 -22.53 29.90 -7.87
CA MET C 573 -23.27 29.01 -8.73
C MET C 573 -24.77 29.23 -8.65
N THR C 574 -25.44 28.87 -9.75
CA THR C 574 -26.89 28.91 -9.82
C THR C 574 -27.35 27.51 -10.19
N MET C 575 -28.30 26.94 -9.44
CA MET C 575 -28.80 25.61 -9.77
C MET C 575 -30.15 25.81 -10.45
N VAL C 576 -30.45 24.92 -11.40
CA VAL C 576 -31.71 24.96 -12.12
C VAL C 576 -32.29 23.56 -12.11
N GLN C 577 -33.52 23.42 -11.63
CA GLN C 577 -34.21 22.14 -11.62
C GLN C 577 -35.63 22.35 -12.11
N LEU C 578 -36.01 21.61 -13.15
CA LEU C 578 -37.36 21.72 -13.68
C LEU C 578 -38.18 20.51 -13.26
N PRO C 579 -39.51 20.59 -13.39
CA PRO C 579 -40.38 19.49 -13.00
C PRO C 579 -40.05 18.17 -13.68
N ALA C 580 -40.70 17.13 -13.19
CA ALA C 580 -40.63 15.80 -13.77
C ALA C 580 -41.06 15.84 -15.23
N GLY C 581 -40.25 15.24 -16.10
CA GLY C 581 -40.62 15.04 -17.49
C GLY C 581 -40.30 16.21 -18.43
N ALA C 582 -39.76 17.31 -17.87
CA ALA C 582 -39.42 18.50 -18.63
C ALA C 582 -38.27 18.25 -19.59
N THR C 583 -38.33 18.92 -20.74
CA THR C 583 -37.38 18.70 -21.81
C THR C 583 -36.16 19.62 -21.77
N GLN C 584 -35.15 19.24 -22.55
CA GLN C 584 -33.99 20.06 -22.78
C GLN C 584 -34.37 21.46 -23.26
N GLU C 585 -35.37 21.54 -24.13
CA GLU C 585 -35.78 22.81 -24.71
C GLU C 585 -36.29 23.76 -23.63
N ARG C 586 -37.13 23.24 -22.72
CA ARG C 586 -37.66 24.01 -21.62
C ARG C 586 -36.58 24.43 -20.63
N THR C 587 -35.64 23.52 -20.33
CA THR C 587 -34.56 23.86 -19.43
C THR C 587 -33.76 25.01 -20.02
N GLN C 588 -33.54 24.97 -21.32
CA GLN C 588 -32.85 26.04 -22.04
C GLN C 588 -33.60 27.38 -21.94
N LYS C 589 -34.91 27.35 -22.01
CA LYS C 589 -35.66 28.56 -21.77
C LYS C 589 -35.30 29.18 -20.42
N VAL C 590 -35.24 28.32 -19.37
CA VAL C 590 -34.99 28.81 -18.03
C VAL C 590 -33.56 29.34 -17.92
N LEU C 591 -32.60 28.55 -18.41
CA LEU C 591 -31.21 28.95 -18.44
C LEU C 591 -30.98 30.28 -19.16
N ASN C 592 -31.72 30.53 -20.25
CA ASN C 592 -31.70 31.82 -20.91
C ASN C 592 -32.13 32.94 -20.00
N GLU C 593 -33.22 32.74 -19.28
CA GLU C 593 -33.68 33.72 -18.29
C GLU C 593 -32.61 34.00 -17.24
N VAL C 594 -31.95 32.92 -16.76
CA VAL C 594 -30.92 33.05 -15.75
C VAL C 594 -29.74 33.82 -16.32
N THR C 595 -29.30 33.43 -17.51
CA THR C 595 -28.15 34.06 -18.13
C THR C 595 -28.45 35.52 -18.43
N HIS C 596 -29.69 35.79 -18.88
CA HIS C 596 -30.15 37.13 -19.19
C HIS C 596 -30.02 38.05 -17.99
N TYR C 597 -30.48 37.55 -16.84
CA TYR C 597 -30.46 38.32 -15.61
C TYR C 597 -29.04 38.81 -15.32
N TYR C 598 -28.08 37.87 -15.36
CA TYR C 598 -26.70 38.19 -15.05
C TYR C 598 -26.04 39.11 -16.09
N LEU C 599 -26.40 38.96 -17.36
CA LEU C 599 -25.78 39.77 -18.40
C LEU C 599 -26.39 41.16 -18.49
N THR C 600 -27.64 41.34 -18.01
CA THR C 600 -28.29 42.64 -18.07
C THR C 600 -28.40 43.34 -16.72
N LYS C 601 -29.05 42.72 -15.72
CA LYS C 601 -29.17 43.30 -14.40
C LYS C 601 -27.86 43.34 -13.62
N GLU C 602 -26.93 42.40 -13.83
CA GLU C 602 -25.70 42.41 -13.06
C GLU C 602 -24.47 42.68 -13.92
N LYS C 603 -24.63 43.51 -14.96
CA LYS C 603 -23.53 43.79 -15.85
C LYS C 603 -22.33 44.47 -15.22
N ASN C 604 -22.50 45.24 -14.13
CA ASN C 604 -21.37 45.87 -13.46
C ASN C 604 -20.63 44.95 -12.50
N ASN C 605 -21.24 43.83 -12.14
CA ASN C 605 -20.66 42.89 -11.20
C ASN C 605 -20.23 41.55 -11.81
N VAL C 606 -20.97 41.08 -12.82
CA VAL C 606 -20.69 39.78 -13.43
C VAL C 606 -19.79 39.93 -14.65
N GLU C 607 -18.70 39.17 -14.65
CA GLU C 607 -17.78 39.10 -15.78
C GLU C 607 -18.28 38.05 -16.74
N SER C 608 -18.57 36.84 -16.26
CA SER C 608 -19.01 35.78 -17.15
C SER C 608 -20.01 34.80 -16.55
N VAL C 609 -20.77 34.14 -17.42
CA VAL C 609 -21.68 33.08 -17.07
C VAL C 609 -21.35 31.87 -17.93
N PHE C 610 -21.00 30.75 -17.30
CA PHE C 610 -20.86 29.50 -18.05
C PHE C 610 -22.05 28.62 -17.67
N ALA C 611 -23.04 28.52 -18.56
CA ALA C 611 -24.26 27.79 -18.26
C ALA C 611 -24.25 26.43 -18.93
N VAL C 612 -24.67 25.39 -18.20
CA VAL C 612 -24.76 24.07 -18.77
C VAL C 612 -26.16 23.49 -18.65
N ASN C 613 -26.76 23.12 -19.78
CA ASN C 613 -28.03 22.41 -19.82
C ASN C 613 -27.75 20.91 -19.75
N GLY C 614 -28.46 20.20 -18.86
CA GLY C 614 -28.37 18.75 -18.77
C GLY C 614 -27.46 18.20 -17.67
N PHE C 615 -26.86 19.11 -16.90
CA PHE C 615 -25.95 18.78 -15.81
C PHE C 615 -26.36 19.59 -14.59
N GLY C 616 -26.39 18.95 -13.42
CA GLY C 616 -26.65 19.65 -12.17
C GLY C 616 -26.03 18.85 -11.05
N PHE C 617 -26.26 19.29 -9.80
CA PHE C 617 -25.76 18.52 -8.66
C PHE C 617 -26.86 17.74 -7.96
N ALA C 618 -28.11 18.15 -8.16
CA ALA C 618 -29.27 17.49 -7.55
C ALA C 618 -29.79 16.29 -8.34
N GLY C 619 -28.98 15.77 -9.27
CA GLY C 619 -29.42 14.74 -10.21
C GLY C 619 -28.79 15.02 -11.57
N ARG C 620 -29.47 14.56 -12.64
CA ARG C 620 -29.00 14.77 -14.01
C ARG C 620 -30.18 14.52 -14.95
N GLY C 621 -29.99 14.88 -16.24
CA GLY C 621 -31.01 14.68 -17.25
C GLY C 621 -31.55 15.97 -17.88
N GLN C 622 -32.52 15.84 -18.78
CA GLN C 622 -33.00 16.96 -19.59
C GLN C 622 -33.55 18.13 -18.78
N ASN C 623 -33.97 17.85 -17.54
CA ASN C 623 -34.70 18.83 -16.76
C ASN C 623 -33.85 19.52 -15.69
N THR C 624 -32.53 19.55 -15.91
CA THR C 624 -31.63 20.12 -14.92
C THR C 624 -30.58 20.95 -15.64
N GLY C 625 -30.02 21.92 -14.92
CA GLY C 625 -28.92 22.70 -15.45
C GLY C 625 -28.23 23.47 -14.33
N ILE C 626 -27.12 24.10 -14.68
CA ILE C 626 -26.34 24.83 -13.70
C ILE C 626 -25.63 25.98 -14.40
N ALA C 627 -25.46 27.10 -13.70
CA ALA C 627 -24.67 28.20 -14.21
C ALA C 627 -23.54 28.54 -13.26
N PHE C 628 -22.32 28.59 -13.81
CA PHE C 628 -21.14 29.04 -13.09
C PHE C 628 -20.95 30.52 -13.41
N VAL C 629 -20.91 31.34 -12.37
CA VAL C 629 -20.81 32.77 -12.53
C VAL C 629 -19.48 33.26 -11.96
N SER C 630 -18.79 34.10 -12.71
CA SER C 630 -17.56 34.71 -12.24
C SER C 630 -17.77 36.22 -12.18
N LEU C 631 -17.28 36.85 -11.11
CA LEU C 631 -17.50 38.27 -10.90
C LEU C 631 -16.31 39.10 -11.39
N LYS C 632 -16.55 40.39 -11.60
CA LYS C 632 -15.49 41.33 -11.88
C LYS C 632 -14.66 41.43 -10.61
N ASP C 633 -13.48 42.04 -10.73
CA ASP C 633 -12.54 42.06 -9.63
C ASP C 633 -13.17 42.81 -8.46
N TRP C 634 -12.91 42.27 -7.26
CA TRP C 634 -13.31 42.85 -5.99
C TRP C 634 -13.22 44.38 -5.98
N ALA C 635 -12.11 44.88 -6.54
CA ALA C 635 -11.83 46.30 -6.59
C ALA C 635 -12.91 47.08 -7.32
N ASP C 636 -13.48 46.50 -8.37
CA ASP C 636 -14.50 47.17 -9.17
C ASP C 636 -15.90 46.87 -8.65
N ARG C 637 -15.99 46.25 -7.46
CA ARG C 637 -17.27 45.93 -6.85
C ARG C 637 -17.36 46.50 -5.43
N PRO C 638 -17.22 47.83 -5.27
CA PRO C 638 -17.29 48.45 -3.95
C PRO C 638 -18.68 48.34 -3.33
N GLY C 639 -18.71 48.09 -2.01
CA GLY C 639 -19.94 48.15 -1.26
C GLY C 639 -20.60 46.78 -1.10
N GLU C 640 -21.34 46.62 -0.01
CA GLU C 640 -21.92 45.34 0.36
C GLU C 640 -22.91 44.83 -0.69
N GLU C 641 -23.61 45.78 -1.34
CA GLU C 641 -24.59 45.43 -2.35
C GLU C 641 -24.00 44.83 -3.63
N ASN C 642 -22.69 44.99 -3.82
CA ASN C 642 -21.99 44.39 -4.95
C ASN C 642 -21.13 43.17 -4.56
N LYS C 643 -21.45 42.57 -3.41
CA LYS C 643 -20.75 41.39 -2.95
C LYS C 643 -21.65 40.16 -3.12
N VAL C 644 -21.02 39.00 -3.15
CA VAL C 644 -21.70 37.76 -3.52
C VAL C 644 -22.98 37.51 -2.74
N GLU C 645 -22.99 37.89 -1.44
CA GLU C 645 -24.15 37.61 -0.60
C GLU C 645 -25.37 38.36 -1.11
N ALA C 646 -25.20 39.67 -1.33
CA ALA C 646 -26.28 40.51 -1.85
C ALA C 646 -26.70 40.05 -3.25
N ILE C 647 -25.69 39.74 -4.08
CA ILE C 647 -25.93 39.42 -5.48
C ILE C 647 -26.75 38.15 -5.57
N THR C 648 -26.36 37.14 -4.80
CA THR C 648 -27.06 35.86 -4.82
C THR C 648 -28.46 36.05 -4.26
N MET C 649 -28.62 36.94 -3.29
CA MET C 649 -29.92 37.16 -2.68
C MET C 649 -30.85 37.82 -3.71
N ARG C 650 -30.39 38.89 -4.37
CA ARG C 650 -31.17 39.51 -5.43
C ARG C 650 -31.44 38.54 -6.58
N ALA C 651 -30.41 37.81 -7.01
CA ALA C 651 -30.62 36.83 -8.06
C ALA C 651 -31.72 35.84 -7.68
N THR C 652 -31.62 35.26 -6.50
CA THR C 652 -32.57 34.24 -6.07
C THR C 652 -33.98 34.80 -6.00
N ARG C 653 -34.10 36.04 -5.47
CA ARG C 653 -35.38 36.71 -5.36
C ARG C 653 -35.98 36.85 -6.76
N ALA C 654 -35.21 37.43 -7.68
CA ALA C 654 -35.62 37.54 -9.07
C ALA C 654 -36.09 36.22 -9.65
N PHE C 655 -35.30 35.16 -9.48
CA PHE C 655 -35.58 33.89 -10.15
C PHE C 655 -36.81 33.16 -9.62
N SER C 656 -37.34 33.60 -8.48
CA SER C 656 -38.57 33.02 -7.95
C SER C 656 -39.75 33.34 -8.87
N GLN C 657 -39.64 34.43 -9.63
CA GLN C 657 -40.64 34.78 -10.62
C GLN C 657 -40.62 33.88 -11.86
N ILE C 658 -39.61 33.00 -11.97
CA ILE C 658 -39.52 32.10 -13.11
C ILE C 658 -40.50 30.95 -12.94
N LYS C 659 -41.27 30.67 -13.99
CA LYS C 659 -42.40 29.76 -13.94
C LYS C 659 -41.96 28.30 -14.07
N ASP C 660 -42.49 27.47 -13.15
CA ASP C 660 -42.33 26.02 -13.19
C ASP C 660 -40.86 25.62 -13.28
N ALA C 661 -40.09 26.10 -12.30
CA ALA C 661 -38.71 25.71 -12.11
C ALA C 661 -38.23 26.10 -10.72
N MET C 662 -37.30 25.33 -10.18
CA MET C 662 -36.60 25.70 -8.97
C MET C 662 -35.28 26.32 -9.42
N VAL C 663 -35.06 27.60 -9.11
CA VAL C 663 -33.80 28.25 -9.44
C VAL C 663 -33.24 28.98 -8.24
N PHE C 664 -31.97 28.71 -7.89
CA PHE C 664 -31.36 29.27 -6.70
C PHE C 664 -29.91 29.63 -6.98
N ALA C 665 -29.53 30.88 -6.70
CA ALA C 665 -28.12 31.25 -6.70
C ALA C 665 -27.60 31.18 -5.26
N PHE C 666 -26.41 30.63 -5.07
CA PHE C 666 -25.88 30.46 -3.74
C PHE C 666 -24.39 30.69 -3.75
N ASN C 667 -23.88 31.24 -2.64
CA ASN C 667 -22.45 31.34 -2.44
C ASN C 667 -21.90 29.94 -2.14
N LEU C 668 -20.59 29.78 -2.31
CA LEU C 668 -19.91 28.55 -1.93
C LEU C 668 -19.77 28.57 -0.41
N PRO C 669 -19.61 27.41 0.23
CA PRO C 669 -19.06 27.37 1.59
C PRO C 669 -17.59 27.82 1.63
N ALA C 670 -17.13 28.26 2.81
CA ALA C 670 -15.73 28.62 2.98
C ALA C 670 -14.81 27.44 2.65
N ILE C 671 -15.20 26.22 3.08
CA ILE C 671 -14.48 25.01 2.72
C ILE C 671 -15.25 24.22 1.66
N VAL C 672 -14.83 24.45 0.41
CA VAL C 672 -15.57 24.06 -0.77
C VAL C 672 -15.76 22.55 -0.93
N GLU C 673 -14.89 21.76 -0.27
CA GLU C 673 -14.93 20.31 -0.43
C GLU C 673 -16.15 19.63 0.22
N LEU C 674 -16.77 20.29 1.20
CA LEU C 674 -17.91 19.63 1.87
C LEU C 674 -19.20 19.67 1.07
N GLY C 675 -19.86 20.83 1.04
CA GLY C 675 -21.07 21.00 0.26
C GLY C 675 -20.82 21.89 -0.96
N THR C 676 -21.68 21.77 -1.97
CA THR C 676 -21.65 22.70 -3.08
C THR C 676 -22.08 24.10 -2.61
N ALA C 677 -22.98 24.16 -1.63
CA ALA C 677 -23.63 25.40 -1.26
C ALA C 677 -23.35 25.81 0.18
N THR C 678 -23.25 27.12 0.40
CA THR C 678 -23.30 27.72 1.72
C THR C 678 -24.62 27.39 2.39
N GLY C 679 -24.69 27.56 3.71
CA GLY C 679 -25.86 27.23 4.49
C GLY C 679 -25.77 25.87 5.17
N PHE C 680 -26.94 25.26 5.45
CA PHE C 680 -27.01 24.03 6.18
C PHE C 680 -27.34 22.88 5.25
N ASP C 681 -27.05 21.66 5.72
CA ASP C 681 -27.14 20.44 4.92
C ASP C 681 -27.78 19.34 5.77
N PHE C 682 -29.10 19.21 5.59
CA PHE C 682 -29.95 18.42 6.45
C PHE C 682 -30.35 17.15 5.72
N GLU C 683 -30.55 16.07 6.49
CA GLU C 683 -30.94 14.80 5.90
C GLU C 683 -32.18 14.32 6.63
N LEU C 684 -33.22 14.02 5.87
CA LEU C 684 -34.45 13.50 6.43
C LEU C 684 -34.44 11.99 6.22
N ILE C 685 -34.75 11.22 7.27
CA ILE C 685 -34.48 9.80 7.22
C ILE C 685 -35.68 8.95 7.61
N ASP C 686 -35.99 7.99 6.75
CA ASP C 686 -36.97 6.96 7.03
C ASP C 686 -36.36 5.89 7.92
N GLN C 687 -36.70 5.92 9.22
CA GLN C 687 -36.11 5.04 10.21
C GLN C 687 -36.96 3.81 10.57
N ALA C 688 -38.10 3.67 9.90
CA ALA C 688 -39.11 2.71 10.30
C ALA C 688 -39.77 1.98 9.13
N GLY C 689 -39.07 1.86 8.00
CA GLY C 689 -39.63 1.25 6.80
C GLY C 689 -40.94 1.88 6.35
N LEU C 690 -41.09 3.18 6.58
CA LEU C 690 -42.27 3.94 6.17
C LEU C 690 -42.51 3.93 4.67
N GLY C 691 -41.42 4.04 3.88
CA GLY C 691 -41.47 3.99 2.42
C GLY C 691 -41.33 5.35 1.72
N HIS C 692 -41.10 5.30 0.40
CA HIS C 692 -40.84 6.49 -0.40
C HIS C 692 -41.96 7.54 -0.36
N GLU C 693 -43.21 7.08 -0.50
CA GLU C 693 -44.34 7.98 -0.48
C GLU C 693 -44.45 8.71 0.86
N LYS C 694 -44.39 7.97 1.98
CA LYS C 694 -44.53 8.57 3.30
C LYS C 694 -43.36 9.50 3.60
N LEU C 695 -42.21 9.23 3.02
CA LEU C 695 -41.05 10.08 3.25
C LEU C 695 -41.19 11.40 2.48
N THR C 696 -41.73 11.33 1.25
CA THR C 696 -42.03 12.53 0.47
C THR C 696 -43.02 13.44 1.19
N GLN C 697 -44.08 12.85 1.75
CA GLN C 697 -45.10 13.60 2.47
C GLN C 697 -44.49 14.35 3.66
N ALA C 698 -43.61 13.66 4.39
CA ALA C 698 -42.96 14.22 5.56
C ALA C 698 -42.02 15.34 5.15
N ARG C 699 -41.41 15.19 3.99
CA ARG C 699 -40.54 16.23 3.47
C ARG C 699 -41.35 17.49 3.18
N ASN C 700 -42.50 17.30 2.53
CA ASN C 700 -43.38 18.40 2.19
C ASN C 700 -43.84 19.12 3.47
N GLN C 701 -44.16 18.31 4.50
CA GLN C 701 -44.58 18.82 5.78
C GLN C 701 -43.54 19.78 6.35
N LEU C 702 -42.27 19.36 6.31
CA LEU C 702 -41.19 20.15 6.86
C LEU C 702 -40.89 21.38 6.01
N LEU C 703 -40.90 21.23 4.68
CA LEU C 703 -40.64 22.36 3.79
C LEU C 703 -41.72 23.43 3.93
N ALA C 704 -42.97 22.99 4.11
CA ALA C 704 -44.10 23.89 4.32
C ALA C 704 -44.01 24.65 5.64
N GLU C 705 -43.60 23.94 6.70
CA GLU C 705 -43.35 24.56 7.99
C GLU C 705 -42.13 25.49 7.95
N ALA C 706 -41.13 25.16 7.13
CA ALA C 706 -39.94 25.99 7.03
C ALA C 706 -40.27 27.31 6.37
N ALA C 707 -41.16 27.26 5.37
CA ALA C 707 -41.56 28.44 4.63
C ALA C 707 -42.32 29.46 5.51
N LYS C 708 -42.92 28.97 6.61
CA LYS C 708 -43.60 29.85 7.56
C LYS C 708 -42.66 30.60 8.50
N HIS C 709 -41.35 30.38 8.36
CA HIS C 709 -40.37 31.11 9.16
C HIS C 709 -39.33 31.83 8.30
N PRO C 710 -39.73 32.77 7.43
CA PRO C 710 -38.79 33.46 6.54
C PRO C 710 -37.81 34.39 7.26
N ASP C 711 -38.10 34.69 8.53
CA ASP C 711 -37.21 35.45 9.39
C ASP C 711 -35.96 34.67 9.81
N MET C 712 -36.02 33.33 9.70
CA MET C 712 -34.95 32.46 10.14
C MET C 712 -34.37 31.60 9.01
N LEU C 713 -35.25 31.12 8.12
CA LEU C 713 -34.85 30.18 7.07
C LEU C 713 -35.13 30.79 5.70
N THR C 714 -34.11 30.74 4.83
CA THR C 714 -34.22 31.18 3.44
C THR C 714 -33.74 30.08 2.50
N SER C 715 -34.34 30.01 1.30
CA SER C 715 -33.97 29.07 0.24
C SER C 715 -33.99 27.59 0.65
N VAL C 716 -34.94 27.22 1.53
CA VAL C 716 -35.08 25.85 2.00
C VAL C 716 -35.67 24.99 0.88
N ARG C 717 -34.87 24.05 0.39
CA ARG C 717 -35.17 23.34 -0.84
C ARG C 717 -34.69 21.89 -0.76
N PRO C 718 -35.39 20.95 -1.43
CA PRO C 718 -34.86 19.60 -1.58
C PRO C 718 -33.73 19.55 -2.58
N ASN C 719 -32.74 18.68 -2.33
CA ASN C 719 -31.61 18.51 -3.21
C ASN C 719 -31.78 17.14 -3.83
N GLY C 720 -32.88 17.01 -4.56
CA GLY C 720 -33.38 15.76 -5.09
C GLY C 720 -34.42 16.06 -6.16
N LEU C 721 -35.05 15.00 -6.67
CA LEU C 721 -35.93 15.07 -7.81
C LEU C 721 -37.28 14.54 -7.37
N GLU C 722 -38.32 15.03 -8.04
CA GLU C 722 -39.68 14.58 -7.82
C GLU C 722 -39.94 13.36 -8.68
N ASP C 723 -40.95 12.59 -8.27
CA ASP C 723 -41.41 11.44 -9.02
C ASP C 723 -41.81 11.84 -10.45
N THR C 724 -41.58 10.92 -11.38
CA THR C 724 -41.77 11.15 -12.78
C THR C 724 -42.69 10.08 -13.35
N PRO C 725 -43.51 10.44 -14.36
CA PRO C 725 -44.16 9.45 -15.20
C PRO C 725 -43.17 8.52 -15.89
N GLN C 726 -43.53 7.25 -15.96
CA GLN C 726 -42.78 6.26 -16.69
C GLN C 726 -43.74 5.53 -17.63
N PHE C 727 -43.25 5.17 -18.80
CA PHE C 727 -44.07 4.55 -19.82
C PHE C 727 -43.70 3.08 -19.82
N LYS C 728 -44.60 2.26 -19.24
CA LYS C 728 -44.41 0.83 -19.14
C LYS C 728 -44.95 0.15 -20.39
N ILE C 729 -44.08 -0.60 -21.06
CA ILE C 729 -44.49 -1.43 -22.19
C ILE C 729 -44.37 -2.91 -21.82
N ASP C 730 -45.46 -3.64 -22.03
CA ASP C 730 -45.50 -5.07 -21.77
C ASP C 730 -45.43 -5.85 -23.09
N ILE C 731 -44.35 -6.63 -23.26
CA ILE C 731 -44.28 -7.57 -24.38
C ILE C 731 -45.11 -8.79 -24.01
N ASP C 732 -46.04 -9.18 -24.87
CA ASP C 732 -46.75 -10.42 -24.65
C ASP C 732 -45.95 -11.56 -25.29
N GLN C 733 -45.33 -12.39 -24.45
CA GLN C 733 -44.42 -13.40 -24.94
C GLN C 733 -45.18 -14.47 -25.72
N GLU C 734 -46.37 -14.84 -25.24
CA GLU C 734 -47.16 -15.84 -25.92
C GLU C 734 -47.53 -15.45 -27.35
N LYS C 735 -48.04 -14.23 -27.53
CA LYS C 735 -48.40 -13.74 -28.85
C LYS C 735 -47.18 -13.66 -29.77
N ALA C 736 -46.05 -13.21 -29.22
CA ALA C 736 -44.82 -13.17 -30.00
C ALA C 736 -44.46 -14.57 -30.52
N GLN C 737 -44.48 -15.57 -29.64
CA GLN C 737 -44.16 -16.94 -30.00
C GLN C 737 -45.16 -17.45 -31.03
N ALA C 738 -46.45 -17.11 -30.86
CA ALA C 738 -47.46 -17.52 -31.82
C ALA C 738 -47.22 -16.92 -33.20
N LEU C 739 -46.68 -15.70 -33.27
CA LEU C 739 -46.39 -15.06 -34.54
C LEU C 739 -44.99 -15.41 -35.08
N GLY C 740 -44.20 -16.12 -34.26
CA GLY C 740 -42.91 -16.63 -34.67
C GLY C 740 -41.79 -15.61 -34.54
N VAL C 741 -41.89 -14.77 -33.51
CA VAL C 741 -41.03 -13.61 -33.33
C VAL C 741 -40.28 -13.84 -32.04
N SER C 742 -38.96 -13.74 -32.09
CA SER C 742 -38.14 -14.03 -30.93
C SER C 742 -38.05 -12.85 -29.97
N ILE C 743 -38.03 -13.16 -28.66
CA ILE C 743 -38.03 -12.16 -27.63
C ILE C 743 -36.75 -11.33 -27.69
N ASN C 744 -35.64 -11.94 -28.10
CA ASN C 744 -34.38 -11.20 -28.16
C ASN C 744 -34.43 -10.14 -29.24
N ASP C 745 -35.01 -10.48 -30.38
CA ASP C 745 -35.19 -9.53 -31.46
C ASP C 745 -36.10 -8.38 -31.04
N ILE C 746 -37.17 -8.70 -30.31
CA ILE C 746 -38.10 -7.69 -29.83
C ILE C 746 -37.35 -6.72 -28.92
N ASN C 747 -36.66 -7.27 -27.92
CA ASN C 747 -35.95 -6.46 -26.95
C ASN C 747 -34.84 -5.60 -27.56
N THR C 748 -34.10 -6.18 -28.49
CA THR C 748 -33.00 -5.46 -29.14
C THR C 748 -33.58 -4.34 -29.99
N THR C 749 -34.63 -4.67 -30.75
CA THR C 749 -35.27 -3.70 -31.61
C THR C 749 -35.78 -2.52 -30.80
N LEU C 750 -36.43 -2.82 -29.66
CA LEU C 750 -36.98 -1.76 -28.84
C LEU C 750 -35.85 -0.93 -28.27
N GLY C 751 -34.87 -1.61 -27.68
CA GLY C 751 -33.80 -0.93 -26.97
C GLY C 751 -32.88 -0.15 -27.90
N ALA C 752 -32.56 -0.77 -29.05
CA ALA C 752 -31.65 -0.15 -29.99
C ALA C 752 -32.32 1.12 -30.53
N ALA C 753 -33.59 1.03 -30.91
CA ALA C 753 -34.28 2.14 -31.55
C ALA C 753 -34.52 3.28 -30.58
N TRP C 754 -35.07 2.97 -29.40
CA TRP C 754 -35.51 4.01 -28.51
C TRP C 754 -34.47 4.47 -27.50
N GLY C 755 -33.52 3.57 -27.19
CA GLY C 755 -32.53 3.83 -26.17
C GLY C 755 -31.13 4.03 -26.75
N GLY C 756 -30.90 3.49 -27.95
CA GLY C 756 -29.57 3.46 -28.54
C GLY C 756 -28.78 2.26 -28.03
N SER C 757 -27.90 1.76 -28.89
CA SER C 757 -27.04 0.65 -28.58
C SER C 757 -25.61 0.91 -29.05
N TYR C 758 -24.70 0.80 -28.09
CA TYR C 758 -23.27 0.85 -28.31
C TYR C 758 -22.86 -0.48 -28.94
N VAL C 759 -22.55 -0.46 -30.23
CA VAL C 759 -22.29 -1.69 -30.96
C VAL C 759 -20.86 -2.16 -30.82
N ASN C 760 -19.90 -1.28 -31.15
CA ASN C 760 -18.49 -1.58 -31.05
C ASN C 760 -17.74 -0.28 -31.33
N ASP C 761 -16.42 -0.36 -31.46
CA ASP C 761 -15.59 0.81 -31.66
C ASP C 761 -15.11 0.98 -33.09
N PHE C 762 -14.69 2.20 -33.44
CA PHE C 762 -14.10 2.47 -34.75
C PHE C 762 -12.96 3.45 -34.51
N ILE C 763 -12.26 3.83 -35.58
CA ILE C 763 -11.10 4.68 -35.44
C ILE C 763 -11.32 5.98 -36.22
N ASP C 764 -11.44 7.07 -35.46
CA ASP C 764 -11.68 8.38 -36.00
C ASP C 764 -10.37 9.15 -35.92
N ARG C 765 -9.78 9.41 -37.09
CA ARG C 765 -8.51 10.11 -37.22
C ARG C 765 -7.52 9.61 -36.18
N GLY C 766 -7.37 8.29 -36.06
CA GLY C 766 -6.35 7.71 -35.20
C GLY C 766 -6.75 7.37 -33.77
N ARG C 767 -7.94 7.79 -33.34
CA ARG C 767 -8.38 7.55 -31.97
C ARG C 767 -9.60 6.64 -31.95
N VAL C 768 -9.57 5.62 -31.08
CA VAL C 768 -10.70 4.75 -30.84
C VAL C 768 -11.88 5.56 -30.30
N LYS C 769 -13.06 5.34 -30.90
CA LYS C 769 -14.29 5.97 -30.49
C LYS C 769 -15.44 4.99 -30.71
N LYS C 770 -16.65 5.36 -30.30
CA LYS C 770 -17.74 4.40 -30.24
C LYS C 770 -18.64 4.49 -31.48
N VAL C 771 -19.38 3.39 -31.70
CA VAL C 771 -20.40 3.31 -32.72
C VAL C 771 -21.73 3.08 -32.03
N TYR C 772 -22.72 3.96 -32.31
CA TYR C 772 -24.06 3.84 -31.78
C TYR C 772 -25.07 3.68 -32.91
N VAL C 773 -26.00 2.72 -32.77
CA VAL C 773 -27.17 2.68 -33.62
C VAL C 773 -28.35 3.11 -32.75
N MET C 774 -29.26 3.86 -33.35
CA MET C 774 -30.42 4.37 -32.65
C MET C 774 -31.42 4.84 -33.71
N SER C 775 -32.69 4.92 -33.31
CA SER C 775 -33.68 5.50 -34.20
C SER C 775 -33.40 6.97 -34.48
N GLU C 776 -33.61 7.38 -35.73
CA GLU C 776 -33.71 8.80 -36.02
C GLU C 776 -34.79 9.41 -35.13
N ALA C 777 -34.55 10.64 -34.67
CA ALA C 777 -35.39 11.27 -33.65
C ALA C 777 -36.89 11.18 -33.92
N LYS C 778 -37.31 11.48 -35.16
CA LYS C 778 -38.73 11.62 -35.43
C LYS C 778 -39.51 10.32 -35.27
N TYR C 779 -38.81 9.19 -35.15
CA TYR C 779 -39.45 7.90 -35.00
C TYR C 779 -39.40 7.34 -33.57
N ARG C 780 -38.97 8.18 -32.62
CA ARG C 780 -38.87 7.78 -31.21
C ARG C 780 -39.22 8.93 -30.26
N MET C 781 -40.26 9.69 -30.64
CA MET C 781 -40.72 10.83 -29.88
C MET C 781 -42.06 10.60 -29.17
N LEU C 782 -42.96 9.84 -29.80
CA LEU C 782 -44.32 9.68 -29.30
C LEU C 782 -44.67 8.22 -29.04
N PRO C 783 -45.54 7.94 -28.04
CA PRO C 783 -45.98 6.58 -27.74
C PRO C 783 -46.46 5.77 -28.95
N ASP C 784 -47.23 6.41 -29.84
CA ASP C 784 -47.74 5.73 -31.01
C ASP C 784 -46.65 5.27 -31.99
N ASP C 785 -45.44 5.82 -31.86
CA ASP C 785 -44.37 5.44 -32.76
C ASP C 785 -43.88 4.02 -32.48
N ILE C 786 -44.10 3.53 -31.26
CA ILE C 786 -43.77 2.17 -30.89
C ILE C 786 -44.22 1.16 -31.95
N GLY C 787 -45.43 1.35 -32.45
CA GLY C 787 -46.06 0.38 -33.34
C GLY C 787 -45.55 0.45 -34.77
N ASP C 788 -44.77 1.48 -35.09
CA ASP C 788 -44.19 1.63 -36.41
C ASP C 788 -42.89 0.84 -36.59
N TRP C 789 -42.41 0.25 -35.47
CA TRP C 789 -41.25 -0.64 -35.51
C TRP C 789 -41.64 -2.09 -35.78
N TYR C 790 -41.00 -2.69 -36.79
CA TYR C 790 -41.30 -4.06 -37.19
C TYR C 790 -40.17 -5.00 -36.81
N VAL C 791 -40.55 -6.24 -36.49
CA VAL C 791 -39.60 -7.31 -36.21
C VAL C 791 -39.88 -8.44 -37.20
N ARG C 792 -38.85 -9.15 -37.63
CA ARG C 792 -39.02 -10.20 -38.62
C ARG C 792 -39.27 -11.52 -37.91
N ALA C 793 -40.33 -12.21 -38.34
CA ALA C 793 -40.68 -13.51 -37.80
C ALA C 793 -39.87 -14.60 -38.48
N ALA C 794 -39.91 -15.81 -37.90
CA ALA C 794 -39.16 -16.93 -38.44
C ALA C 794 -39.50 -17.21 -39.90
N ASP C 795 -40.76 -17.02 -40.28
CA ASP C 795 -41.18 -17.26 -41.66
C ASP C 795 -40.94 -16.07 -42.59
N GLY C 796 -40.19 -15.06 -42.15
CA GLY C 796 -39.83 -13.94 -43.00
C GLY C 796 -40.81 -12.76 -43.06
N GLN C 797 -41.96 -12.88 -42.39
CA GLN C 797 -42.93 -11.80 -42.34
C GLN C 797 -42.56 -10.75 -41.30
N MET C 798 -42.87 -9.49 -41.62
CA MET C 798 -42.54 -8.38 -40.74
C MET C 798 -43.75 -8.16 -39.84
N VAL C 799 -43.52 -8.11 -38.53
CA VAL C 799 -44.60 -8.00 -37.57
C VAL C 799 -44.44 -6.69 -36.80
N PRO C 800 -45.48 -5.83 -36.75
CA PRO C 800 -45.40 -4.59 -36.00
C PRO C 800 -45.49 -4.85 -34.49
N PHE C 801 -44.81 -3.99 -33.72
CA PHE C 801 -44.84 -4.06 -32.26
C PHE C 801 -46.25 -4.05 -31.68
N SER C 802 -47.17 -3.36 -32.35
CA SER C 802 -48.56 -3.33 -31.93
C SER C 802 -49.20 -4.72 -31.81
N ALA C 803 -48.69 -5.71 -32.57
CA ALA C 803 -49.26 -7.03 -32.56
C ALA C 803 -48.96 -7.85 -31.30
N PHE C 804 -47.91 -7.48 -30.56
CA PHE C 804 -47.52 -8.28 -29.42
C PHE C 804 -47.16 -7.44 -28.19
N SER C 805 -47.65 -6.19 -28.12
CA SER C 805 -47.30 -5.35 -26.99
C SER C 805 -48.44 -4.40 -26.60
N SER C 806 -48.36 -3.87 -25.39
CA SER C 806 -49.36 -2.96 -24.84
C SER C 806 -48.63 -2.06 -23.85
N SER C 807 -49.24 -0.93 -23.48
CA SER C 807 -48.56 0.06 -22.64
C SER C 807 -49.48 0.71 -21.62
N ARG C 808 -48.89 1.31 -20.58
CA ARG C 808 -49.62 2.07 -19.58
C ARG C 808 -48.64 3.02 -18.89
N TRP C 809 -49.17 4.12 -18.32
CA TRP C 809 -48.35 5.03 -17.54
C TRP C 809 -48.28 4.53 -16.09
N GLU C 810 -47.13 4.77 -15.47
CA GLU C 810 -46.91 4.47 -14.06
C GLU C 810 -46.01 5.57 -13.51
N TYR C 811 -45.89 5.66 -12.19
CA TYR C 811 -45.09 6.72 -11.57
C TYR C 811 -43.99 6.04 -10.77
N GLY C 812 -42.76 6.57 -10.86
CA GLY C 812 -41.63 6.08 -10.10
C GLY C 812 -40.68 7.22 -9.72
N SER C 813 -39.73 6.97 -8.82
CA SER C 813 -38.71 7.97 -8.53
C SER C 813 -37.58 7.85 -9.53
N PRO C 814 -37.09 8.98 -10.08
CA PRO C 814 -35.87 8.98 -10.88
C PRO C 814 -34.60 9.11 -10.07
N ARG C 815 -34.72 9.38 -8.76
CA ARG C 815 -33.52 9.46 -7.94
C ARG C 815 -33.89 9.19 -6.49
N LEU C 816 -33.48 8.01 -6.03
CA LEU C 816 -33.67 7.54 -4.67
C LEU C 816 -32.39 7.76 -3.89
N GLU C 817 -32.51 8.38 -2.72
CA GLU C 817 -31.35 8.73 -1.91
C GLU C 817 -31.30 7.87 -0.66
N ARG C 818 -30.09 7.71 -0.11
CA ARG C 818 -29.89 6.98 1.13
C ARG C 818 -28.80 7.64 1.97
N TYR C 819 -28.99 7.62 3.29
CA TYR C 819 -28.03 8.21 4.20
C TYR C 819 -27.83 7.21 5.34
N ASN C 820 -26.56 6.84 5.58
CA ASN C 820 -26.18 5.76 6.48
C ASN C 820 -27.04 4.50 6.34
N GLY C 821 -27.29 4.11 5.10
CA GLY C 821 -27.90 2.83 4.79
C GLY C 821 -29.41 2.85 4.76
N LEU C 822 -30.01 4.01 5.11
CA LEU C 822 -31.45 4.18 5.20
C LEU C 822 -31.99 5.18 4.18
N PRO C 823 -33.24 5.01 3.68
CA PRO C 823 -33.81 5.97 2.73
C PRO C 823 -33.82 7.39 3.28
N SER C 824 -33.50 8.35 2.42
CA SER C 824 -33.29 9.70 2.87
C SER C 824 -33.69 10.72 1.81
N MET C 825 -33.86 11.97 2.26
CA MET C 825 -34.02 13.09 1.36
C MET C 825 -33.19 14.26 1.88
N GLU C 826 -32.25 14.72 1.06
CA GLU C 826 -31.42 15.86 1.42
C GLU C 826 -32.22 17.16 1.26
N ILE C 827 -32.03 18.07 2.23
CA ILE C 827 -32.67 19.36 2.26
C ILE C 827 -31.59 20.41 2.50
N LEU C 828 -31.51 21.38 1.58
CA LEU C 828 -30.57 22.47 1.73
C LEU C 828 -31.33 23.71 2.18
N GLY C 829 -30.58 24.71 2.61
CA GLY C 829 -31.15 25.96 3.08
C GLY C 829 -30.08 26.83 3.73
N GLN C 830 -30.50 28.04 4.11
CA GLN C 830 -29.61 29.07 4.62
C GLN C 830 -30.30 29.80 5.77
N ALA C 831 -29.47 30.36 6.65
CA ALA C 831 -29.95 31.28 7.67
C ALA C 831 -30.32 32.60 7.01
N ALA C 832 -31.49 33.14 7.39
CA ALA C 832 -31.98 34.42 6.90
C ALA C 832 -30.98 35.52 7.23
N PRO C 833 -30.99 36.67 6.50
CA PRO C 833 -30.06 37.76 6.79
C PRO C 833 -30.03 38.16 8.27
N GLY C 834 -28.81 38.19 8.82
CA GLY C 834 -28.61 38.61 10.21
C GLY C 834 -28.72 37.49 11.25
N LYS C 835 -28.87 36.25 10.79
CA LYS C 835 -28.98 35.10 11.68
C LYS C 835 -27.78 34.20 11.43
N SER C 836 -27.37 33.43 12.44
CA SER C 836 -26.29 32.46 12.30
C SER C 836 -26.84 31.15 11.76
N CYS C 837 -25.96 30.35 11.13
CA CYS C 837 -26.36 29.02 10.69
C CYS C 837 -26.71 28.16 11.90
N GLY C 838 -26.13 28.45 13.06
CA GLY C 838 -26.53 27.84 14.32
C GLY C 838 -28.02 27.95 14.63
N GLU C 839 -28.55 29.18 14.58
CA GLU C 839 -29.95 29.43 14.89
C GLU C 839 -30.88 28.76 13.88
N ALA C 840 -30.47 28.81 12.60
CA ALA C 840 -31.19 28.13 11.54
C ALA C 840 -31.23 26.62 11.82
N MET C 841 -30.08 26.04 12.19
CA MET C 841 -30.01 24.64 12.54
C MET C 841 -30.94 24.31 13.70
N GLU C 842 -30.88 25.16 14.74
CA GLU C 842 -31.72 24.99 15.91
C GLU C 842 -33.21 24.90 15.53
N LEU C 843 -33.64 25.81 14.63
CA LEU C 843 -35.03 25.83 14.21
C LEU C 843 -35.38 24.59 13.40
N MET C 844 -34.52 24.23 12.45
CA MET C 844 -34.74 23.06 11.62
C MET C 844 -34.95 21.82 12.49
N GLU C 845 -34.17 21.73 13.58
CA GLU C 845 -34.30 20.65 14.55
C GLU C 845 -35.67 20.62 15.24
N GLN C 846 -36.16 21.81 15.63
CA GLN C 846 -37.46 21.92 16.29
C GLN C 846 -38.58 21.50 15.35
N LEU C 847 -38.53 22.03 14.13
CA LEU C 847 -39.50 21.68 13.10
C LEU C 847 -39.51 20.17 12.87
N ALA C 848 -38.30 19.57 12.80
CA ALA C 848 -38.17 18.16 12.49
C ALA C 848 -38.74 17.28 13.60
N SER C 849 -38.60 17.74 14.85
CA SER C 849 -39.18 17.05 15.99
C SER C 849 -40.69 16.84 15.92
N LYS C 850 -41.39 17.69 15.17
CA LYS C 850 -42.83 17.57 15.03
C LYS C 850 -43.28 16.70 13.86
N LEU C 851 -42.35 16.00 13.19
CA LEU C 851 -42.69 15.17 12.05
C LEU C 851 -43.21 13.81 12.51
N PRO C 852 -43.86 13.00 11.63
CA PRO C 852 -44.40 11.70 12.04
C PRO C 852 -43.36 10.75 12.64
N THR C 853 -43.83 9.85 13.50
CA THR C 853 -42.96 8.86 14.11
C THR C 853 -42.49 7.94 13.00
N GLY C 854 -41.20 7.59 13.08
CA GLY C 854 -40.50 6.85 12.03
C GLY C 854 -39.55 7.72 11.21
N VAL C 855 -39.73 9.05 11.27
CA VAL C 855 -38.95 9.98 10.48
C VAL C 855 -37.94 10.67 11.37
N GLY C 856 -36.65 10.29 11.20
CA GLY C 856 -35.55 10.94 11.88
C GLY C 856 -34.87 11.97 10.98
N TYR C 857 -33.77 12.52 11.50
CA TYR C 857 -32.92 13.40 10.71
C TYR C 857 -31.45 13.34 11.12
N ASP C 858 -30.60 13.95 10.30
CA ASP C 858 -29.19 14.09 10.64
C ASP C 858 -28.61 15.32 9.95
N TRP C 859 -27.52 15.84 10.52
CA TRP C 859 -26.74 16.89 9.87
C TRP C 859 -25.56 16.25 9.14
N THR C 860 -25.23 16.79 7.97
CA THR C 860 -24.13 16.28 7.18
C THR C 860 -23.30 17.45 6.67
N GLY C 861 -22.18 17.13 6.01
CA GLY C 861 -21.28 18.13 5.48
C GLY C 861 -20.94 19.24 6.49
N MET C 862 -21.05 20.50 6.04
CA MET C 862 -20.70 21.64 6.87
C MET C 862 -21.49 21.71 8.18
N SER C 863 -22.75 21.29 8.14
CA SER C 863 -23.61 21.24 9.31
C SER C 863 -23.08 20.27 10.36
N TYR C 864 -22.58 19.12 9.91
CA TYR C 864 -21.97 18.12 10.78
C TYR C 864 -20.75 18.70 11.50
N GLN C 865 -19.89 19.38 10.73
CA GLN C 865 -18.70 20.00 11.27
C GLN C 865 -19.06 21.04 12.32
N GLU C 866 -19.99 21.92 12.00
CA GLU C 866 -20.46 22.95 12.91
C GLU C 866 -20.91 22.36 14.25
N ARG C 867 -21.67 21.26 14.20
CA ARG C 867 -22.19 20.63 15.40
C ARG C 867 -21.05 20.05 16.25
N LEU C 868 -20.03 19.48 15.61
CA LEU C 868 -18.83 19.03 16.29
C LEU C 868 -18.05 20.16 16.96
N SER C 869 -17.73 21.18 16.15
CA SER C 869 -16.94 22.33 16.58
C SER C 869 -17.48 23.00 17.84
N GLY C 870 -18.81 23.16 17.89
CA GLY C 870 -19.47 23.79 19.01
C GLY C 870 -19.55 22.89 20.23
N ASN C 871 -19.68 21.58 20.01
CA ASN C 871 -19.79 20.62 21.10
C ASN C 871 -18.46 20.32 21.81
N GLN C 872 -17.33 20.74 21.22
CA GLN C 872 -16.03 20.47 21.81
C GLN C 872 -15.44 21.72 22.47
N ALA C 873 -15.98 22.90 22.17
CA ALA C 873 -15.42 24.16 22.65
C ALA C 873 -15.24 24.21 24.16
N PRO C 874 -16.23 23.78 24.97
CA PRO C 874 -16.08 23.80 26.43
C PRO C 874 -14.86 23.02 26.91
N SER C 875 -14.68 21.80 26.39
CA SER C 875 -13.54 20.96 26.75
C SER C 875 -12.23 21.67 26.46
N LEU C 876 -12.14 22.30 25.28
CA LEU C 876 -10.93 22.96 24.84
C LEU C 876 -10.54 24.14 25.74
N TYR C 877 -11.53 24.99 26.07
CA TYR C 877 -11.29 26.11 26.96
C TYR C 877 -10.88 25.64 28.36
N ALA C 878 -11.57 24.59 28.85
CA ALA C 878 -11.27 24.00 30.14
C ALA C 878 -9.82 23.50 30.21
N ILE C 879 -9.42 22.66 29.26
CA ILE C 879 -8.09 22.08 29.34
C ILE C 879 -7.07 23.19 29.14
N SER C 880 -7.35 24.18 28.27
CA SER C 880 -6.39 25.25 28.04
C SER C 880 -6.15 26.06 29.32
N LEU C 881 -7.24 26.41 30.02
CA LEU C 881 -7.11 27.12 31.28
C LEU C 881 -6.32 26.32 32.32
N ILE C 882 -6.58 25.01 32.39
CA ILE C 882 -5.91 24.14 33.33
C ILE C 882 -4.42 24.06 33.04
N VAL C 883 -4.04 23.90 31.78
CA VAL C 883 -2.64 23.78 31.44
C VAL C 883 -1.87 25.07 31.73
N VAL C 884 -2.49 26.23 31.43
CA VAL C 884 -1.87 27.50 31.75
C VAL C 884 -1.60 27.61 33.25
N PHE C 885 -2.63 27.30 34.05
CA PHE C 885 -2.51 27.32 35.50
C PHE C 885 -1.36 26.44 36.00
N LEU C 886 -1.26 25.22 35.44
CA LEU C 886 -0.29 24.24 35.89
C LEU C 886 1.12 24.67 35.51
N CYS C 887 1.29 25.19 34.30
CA CYS C 887 2.58 25.69 33.87
C CYS C 887 3.06 26.82 34.76
N LEU C 888 2.16 27.74 35.12
CA LEU C 888 2.50 28.87 35.96
C LEU C 888 2.88 28.37 37.35
N ALA C 889 2.10 27.40 37.85
CA ALA C 889 2.40 26.80 39.14
C ALA C 889 3.81 26.22 39.17
N ALA C 890 4.15 25.49 38.10
CA ALA C 890 5.47 24.89 37.96
C ALA C 890 6.54 25.96 37.86
N LEU C 891 6.27 26.96 37.02
CA LEU C 891 7.20 28.04 36.74
C LEU C 891 7.54 28.83 38.00
N TYR C 892 6.51 29.21 38.76
CA TYR C 892 6.68 30.10 39.90
C TYR C 892 6.67 29.37 41.23
N GLU C 893 6.56 28.04 41.22
CA GLU C 893 6.58 27.25 42.44
C GLU C 893 5.54 27.75 43.44
N SER C 894 4.31 27.93 42.94
CA SER C 894 3.22 28.47 43.73
C SER C 894 1.85 27.98 43.29
N TRP C 895 0.91 27.86 44.23
CA TRP C 895 -0.50 27.67 43.89
C TRP C 895 -1.28 28.99 43.90
N SER C 896 -0.74 30.01 44.59
CA SER C 896 -1.45 31.26 44.83
C SER C 896 -1.19 32.33 43.78
N ILE C 897 0.08 32.49 43.38
CA ILE C 897 0.44 33.37 42.28
C ILE C 897 -0.30 33.01 40.99
N PRO C 898 -0.33 31.72 40.59
CA PRO C 898 -1.11 31.30 39.44
C PRO C 898 -2.59 31.61 39.58
N PHE C 899 -3.17 31.51 40.79
CA PHE C 899 -4.60 31.80 40.94
C PHE C 899 -4.85 33.30 40.74
N SER C 900 -3.92 34.12 41.26
CA SER C 900 -3.95 35.57 41.09
C SER C 900 -3.93 36.03 39.64
N VAL C 901 -3.20 35.26 38.81
CA VAL C 901 -3.04 35.53 37.40
C VAL C 901 -4.28 35.06 36.66
N MET C 902 -4.74 33.82 36.90
CA MET C 902 -5.87 33.26 36.16
C MET C 902 -7.19 33.99 36.41
N LEU C 903 -7.31 34.71 37.52
CA LEU C 903 -8.48 35.54 37.76
C LEU C 903 -8.67 36.65 36.73
N VAL C 904 -7.60 36.98 35.99
CA VAL C 904 -7.64 38.02 34.97
C VAL C 904 -8.44 37.62 33.73
N VAL C 905 -8.63 36.31 33.51
CA VAL C 905 -9.15 35.81 32.25
C VAL C 905 -10.49 36.45 31.89
N PRO C 906 -11.49 36.54 32.80
CA PRO C 906 -12.75 37.20 32.45
C PRO C 906 -12.65 38.66 32.02
N LEU C 907 -11.61 39.38 32.46
CA LEU C 907 -11.42 40.77 32.09
C LEU C 907 -11.07 40.91 30.60
N GLY C 908 -10.31 39.95 30.06
CA GLY C 908 -10.08 39.85 28.63
C GLY C 908 -11.25 39.24 27.85
N VAL C 909 -11.91 38.22 28.40
CA VAL C 909 -12.98 37.54 27.69
C VAL C 909 -14.19 38.45 27.44
N ILE C 910 -14.50 39.32 28.41
CA ILE C 910 -15.60 40.25 28.29
C ILE C 910 -15.39 41.15 27.08
N GLY C 911 -14.17 41.68 26.93
CA GLY C 911 -13.82 42.55 25.82
C GLY C 911 -13.98 41.85 24.46
N ALA C 912 -13.51 40.62 24.37
CA ALA C 912 -13.69 39.84 23.16
C ALA C 912 -15.17 39.69 22.78
N LEU C 913 -16.01 39.42 23.78
CA LEU C 913 -17.43 39.24 23.56
C LEU C 913 -18.12 40.56 23.18
N LEU C 914 -17.75 41.64 23.87
CA LEU C 914 -18.29 42.95 23.56
C LEU C 914 -17.99 43.28 22.10
N ALA C 915 -16.73 43.18 21.70
CA ALA C 915 -16.33 43.53 20.35
C ALA C 915 -17.06 42.70 19.30
N ALA C 916 -17.19 41.39 19.57
CA ALA C 916 -17.87 40.51 18.63
C ALA C 916 -19.37 40.79 18.56
N THR C 917 -20.02 41.01 19.72
CA THR C 917 -21.44 41.30 19.77
C THR C 917 -21.75 42.61 19.04
N PHE C 918 -21.02 43.68 19.38
CA PHE C 918 -21.24 45.00 18.82
C PHE C 918 -21.01 45.02 17.32
N ARG C 919 -20.01 44.28 16.85
CA ARG C 919 -19.71 44.19 15.43
C ARG C 919 -20.48 43.08 14.73
N GLY C 920 -21.35 42.39 15.48
CA GLY C 920 -22.26 41.41 14.91
C GLY C 920 -21.59 40.22 14.24
N LEU C 921 -20.48 39.75 14.84
CA LEU C 921 -19.82 38.53 14.41
C LEU C 921 -20.39 37.36 15.23
N THR C 922 -20.00 36.15 14.84
CA THR C 922 -20.47 34.93 15.48
C THR C 922 -19.38 34.28 16.32
N ASN C 923 -19.82 33.37 17.20
CA ASN C 923 -18.92 32.46 17.86
C ASN C 923 -18.52 31.40 16.84
N ASP C 924 -17.49 31.72 16.04
CA ASP C 924 -16.92 30.80 15.07
C ASP C 924 -15.53 30.30 15.47
N VAL C 925 -14.93 29.42 14.67
CA VAL C 925 -13.60 28.90 14.93
C VAL C 925 -12.59 30.02 15.15
N TYR C 926 -12.69 31.09 14.36
CA TYR C 926 -11.75 32.19 14.52
C TYR C 926 -11.90 32.87 15.87
N PHE C 927 -13.13 32.96 16.37
CA PHE C 927 -13.41 33.55 17.67
C PHE C 927 -12.93 32.65 18.80
N GLN C 928 -13.10 31.33 18.65
CA GLN C 928 -12.56 30.34 19.58
C GLN C 928 -11.06 30.47 19.78
N VAL C 929 -10.35 30.51 18.65
CA VAL C 929 -8.93 30.76 18.64
C VAL C 929 -8.64 32.11 19.29
N GLY C 930 -9.52 33.10 19.07
CA GLY C 930 -9.37 34.42 19.67
C GLY C 930 -9.54 34.44 21.18
N LEU C 931 -10.46 33.62 21.70
CA LEU C 931 -10.64 33.45 23.13
C LEU C 931 -9.38 32.86 23.76
N LEU C 932 -8.85 31.82 23.12
CA LEU C 932 -7.61 31.20 23.58
C LEU C 932 -6.48 32.22 23.64
N THR C 933 -6.35 33.05 22.60
CA THR C 933 -5.37 34.13 22.59
C THR C 933 -5.60 35.09 23.75
N THR C 934 -6.86 35.48 23.99
CA THR C 934 -7.23 36.40 25.05
C THR C 934 -6.82 35.89 26.43
N ILE C 935 -6.95 34.59 26.72
CA ILE C 935 -6.42 34.05 27.96
C ILE C 935 -4.93 34.38 28.15
N GLY C 936 -4.15 34.04 27.11
CA GLY C 936 -2.73 34.28 27.12
C GLY C 936 -2.37 35.76 27.27
N LEU C 937 -3.04 36.62 26.50
CA LEU C 937 -2.81 38.06 26.51
C LEU C 937 -3.07 38.66 27.89
N SER C 938 -4.21 38.25 28.47
CA SER C 938 -4.59 38.77 29.77
C SER C 938 -3.66 38.22 30.85
N ALA C 939 -3.27 36.95 30.73
CA ALA C 939 -2.31 36.34 31.63
C ALA C 939 -0.96 37.06 31.57
N LYS C 940 -0.57 37.48 30.36
CA LYS C 940 0.67 38.20 30.15
C LYS C 940 0.67 39.53 30.91
N ASN C 941 -0.42 40.29 30.78
CA ASN C 941 -0.58 41.54 31.52
C ASN C 941 -0.51 41.32 33.03
N ALA C 942 -1.19 40.28 33.51
CA ALA C 942 -1.23 39.97 34.92
C ALA C 942 0.14 39.58 35.46
N ILE C 943 0.84 38.70 34.71
CA ILE C 943 2.16 38.25 35.10
C ILE C 943 3.11 39.42 35.35
N LEU C 944 3.04 40.42 34.46
CA LEU C 944 3.90 41.59 34.54
C LEU C 944 3.74 42.43 35.81
N ILE C 945 2.57 42.34 36.45
CA ILE C 945 2.40 42.93 37.77
C ILE C 945 2.81 41.94 38.84
N VAL C 946 2.21 40.75 38.80
CA VAL C 946 2.25 39.80 39.91
C VAL C 946 3.65 39.25 40.17
N GLU C 947 4.37 38.87 39.09
CA GLU C 947 5.71 38.33 39.24
C GLU C 947 6.64 39.36 39.87
N PHE C 948 6.54 40.61 39.39
CA PHE C 948 7.39 41.67 39.90
C PHE C 948 7.08 42.01 41.35
N ALA C 949 5.80 42.01 41.73
CA ALA C 949 5.39 42.30 43.10
C ALA C 949 5.87 41.22 44.07
N LYS C 950 5.64 39.95 43.70
CA LYS C 950 6.16 38.84 44.49
C LYS C 950 7.68 38.90 44.64
N ASP C 951 8.38 39.27 43.56
CA ASP C 951 9.83 39.35 43.59
C ASP C 951 10.31 40.47 44.52
N LEU C 952 9.62 41.61 44.54
CA LEU C 952 9.95 42.71 45.44
C LEU C 952 9.74 42.30 46.89
N MET C 953 8.71 41.49 47.14
CA MET C 953 8.46 40.94 48.47
C MET C 953 9.57 39.97 48.91
N ASP C 954 9.91 39.00 48.06
CA ASP C 954 10.91 37.99 48.37
C ASP C 954 12.35 38.49 48.39
N LYS C 955 12.73 39.29 47.38
CA LYS C 955 14.11 39.71 47.20
C LYS C 955 14.48 40.96 48.00
N GLU C 956 13.61 41.97 47.99
CA GLU C 956 13.88 43.21 48.69
C GLU C 956 13.16 43.39 50.02
N GLY C 957 12.36 42.38 50.42
CA GLY C 957 11.77 42.37 51.74
C GLY C 957 10.64 43.37 51.98
N LYS C 958 10.14 43.98 50.90
CA LYS C 958 9.02 44.89 50.99
C LYS C 958 7.72 44.20 51.45
N GLY C 959 6.85 44.96 52.13
CA GLY C 959 5.51 44.48 52.47
C GLY C 959 4.62 44.30 51.24
N LEU C 960 3.47 43.65 51.44
CA LEU C 960 2.55 43.32 50.35
C LEU C 960 2.12 44.54 49.53
N ILE C 961 1.56 45.55 50.22
CA ILE C 961 1.03 46.71 49.54
C ILE C 961 2.16 47.52 48.91
N GLU C 962 3.25 47.71 49.67
CA GLU C 962 4.39 48.45 49.16
C GLU C 962 4.90 47.87 47.85
N ALA C 963 5.01 46.54 47.77
CA ALA C 963 5.50 45.85 46.59
C ALA C 963 4.53 45.91 45.42
N THR C 964 3.24 45.71 45.71
CA THR C 964 2.21 45.81 44.68
C THR C 964 2.25 47.19 44.03
N LEU C 965 2.39 48.23 44.87
CA LEU C 965 2.37 49.60 44.39
C LEU C 965 3.62 49.93 43.57
N ASP C 966 4.79 49.47 44.01
CA ASP C 966 6.04 49.65 43.28
C ASP C 966 6.00 48.87 41.97
N ALA C 967 5.46 47.65 42.03
CA ALA C 967 5.29 46.83 40.84
C ALA C 967 4.52 47.60 39.77
N VAL C 968 3.32 48.08 40.12
CA VAL C 968 2.43 48.67 39.15
C VAL C 968 3.01 49.98 38.62
N ARG C 969 3.74 50.71 39.48
CA ARG C 969 4.37 51.96 39.06
C ARG C 969 5.38 51.68 37.96
N MET C 970 6.31 50.76 38.25
CA MET C 970 7.41 50.48 37.35
C MET C 970 6.91 49.81 36.06
N ARG C 971 5.82 49.05 36.18
CA ARG C 971 5.34 48.17 35.11
C ARG C 971 4.20 48.73 34.27
N LEU C 972 3.71 49.94 34.58
CA LEU C 972 2.65 50.53 33.78
C LEU C 972 3.09 50.75 32.34
N ARG C 973 4.22 51.43 32.16
CA ARG C 973 4.73 51.75 30.83
C ARG C 973 4.92 50.50 29.95
N PRO C 974 5.70 49.48 30.36
CA PRO C 974 5.87 48.28 29.54
C PRO C 974 4.56 47.58 29.19
N ILE C 975 3.56 47.64 30.09
CA ILE C 975 2.28 47.00 29.84
C ILE C 975 1.52 47.74 28.75
N LEU C 976 1.48 49.08 28.85
CA LEU C 976 0.78 49.87 27.85
C LEU C 976 1.51 49.78 26.51
N MET C 977 2.84 49.68 26.55
CA MET C 977 3.64 49.51 25.35
C MET C 977 3.28 48.22 24.61
N THR C 978 3.38 47.09 25.30
CA THR C 978 3.15 45.79 24.68
C THR C 978 1.70 45.63 24.24
N SER C 979 0.77 46.13 25.05
CA SER C 979 -0.65 46.02 24.74
C SER C 979 -1.03 46.85 23.52
N LEU C 980 -0.56 48.10 23.46
CA LEU C 980 -0.82 48.95 22.32
C LEU C 980 -0.12 48.43 21.07
N ALA C 981 1.05 47.81 21.21
CA ALA C 981 1.72 47.15 20.09
C ALA C 981 0.87 46.03 19.51
N PHE C 982 0.26 45.20 20.38
CA PHE C 982 -0.65 44.15 19.93
C PHE C 982 -1.93 44.68 19.30
N ILE C 983 -2.57 45.63 20.01
CA ILE C 983 -3.85 46.20 19.62
C ILE C 983 -3.76 46.82 18.23
N LEU C 984 -2.71 47.63 18.00
CA LEU C 984 -2.52 48.27 16.71
C LEU C 984 -2.07 47.26 15.67
N GLY C 985 -1.32 46.25 16.09
CA GLY C 985 -0.87 45.20 15.18
C GLY C 985 -2.00 44.34 14.60
N VAL C 986 -3.13 44.26 15.31
CA VAL C 986 -4.27 43.49 14.83
C VAL C 986 -5.33 44.39 14.18
N MET C 987 -5.20 45.71 14.39
CA MET C 987 -6.14 46.65 13.81
C MET C 987 -6.27 46.41 12.32
N PRO C 988 -5.18 46.25 11.52
CA PRO C 988 -5.31 46.03 10.09
C PRO C 988 -6.27 44.89 9.73
N LEU C 989 -6.23 43.80 10.51
CA LEU C 989 -7.21 42.72 10.40
C LEU C 989 -8.64 43.21 10.66
N VAL C 990 -8.80 44.03 11.71
CA VAL C 990 -10.13 44.47 12.13
C VAL C 990 -10.80 45.31 11.04
N ILE C 991 -10.06 46.29 10.49
CA ILE C 991 -10.62 47.22 9.50
C ILE C 991 -10.47 46.75 8.06
N SER C 992 -9.96 45.54 7.86
CA SER C 992 -9.77 45.00 6.52
C SER C 992 -11.08 44.92 5.74
N THR C 993 -11.02 45.29 4.44
CA THR C 993 -12.21 45.20 3.60
C THR C 993 -12.04 44.47 2.27
N GLY C 994 -10.83 44.02 1.95
CA GLY C 994 -10.59 43.34 0.69
C GLY C 994 -10.98 41.86 0.68
N ALA C 995 -10.48 41.15 -0.34
CA ALA C 995 -10.72 39.74 -0.45
C ALA C 995 -10.20 39.00 0.79
N GLY C 996 -11.01 38.11 1.34
CA GLY C 996 -10.65 37.38 2.54
C GLY C 996 -10.90 38.13 3.85
N SER C 997 -11.50 39.32 3.77
CA SER C 997 -11.71 40.16 4.93
C SER C 997 -12.73 39.60 5.93
N GLY C 998 -13.55 38.65 5.49
CA GLY C 998 -14.47 37.97 6.39
C GLY C 998 -13.67 37.34 7.52
N ALA C 999 -12.70 36.51 7.11
CA ALA C 999 -11.79 35.82 8.01
C ALA C 999 -10.92 36.79 8.80
N GLN C 1000 -10.25 37.73 8.11
CA GLN C 1000 -9.43 38.72 8.76
C GLN C 1000 -10.17 39.42 9.91
N ASN C 1001 -11.41 39.82 9.66
CA ASN C 1001 -12.21 40.52 10.66
C ASN C 1001 -12.55 39.62 11.86
N ALA C 1002 -12.87 38.36 11.58
CA ALA C 1002 -13.25 37.43 12.63
C ALA C 1002 -12.08 37.18 13.59
N VAL C 1003 -10.90 36.99 13.02
CA VAL C 1003 -9.69 36.75 13.79
C VAL C 1003 -9.35 37.97 14.64
N GLY C 1004 -9.33 39.14 13.99
CA GLY C 1004 -8.84 40.35 14.61
C GLY C 1004 -9.72 40.98 15.70
N THR C 1005 -11.05 40.85 15.56
CA THR C 1005 -11.97 41.69 16.30
C THR C 1005 -12.02 41.26 17.77
N GLY C 1006 -12.28 39.97 17.98
CA GLY C 1006 -12.34 39.44 19.34
C GLY C 1006 -11.03 39.67 20.11
N VAL C 1007 -9.88 39.48 19.46
CA VAL C 1007 -8.61 39.65 20.14
C VAL C 1007 -8.32 41.11 20.44
N MET C 1008 -8.72 42.03 19.53
CA MET C 1008 -8.51 43.45 19.78
C MET C 1008 -9.33 43.93 20.98
N GLY C 1009 -10.63 43.59 20.96
CA GLY C 1009 -11.51 43.79 22.09
C GLY C 1009 -11.00 43.17 23.39
N GLY C 1010 -10.55 41.91 23.33
CA GLY C 1010 -9.95 41.24 24.48
C GLY C 1010 -8.78 42.01 25.12
N MET C 1011 -7.87 42.49 24.26
CA MET C 1011 -6.66 43.15 24.75
C MET C 1011 -6.95 44.54 25.33
N VAL C 1012 -7.98 45.20 24.81
CA VAL C 1012 -8.41 46.49 25.33
C VAL C 1012 -8.85 46.34 26.79
N THR C 1013 -9.78 45.41 27.05
CA THR C 1013 -10.33 45.26 28.38
C THR C 1013 -9.30 44.58 29.30
N ALA C 1014 -8.59 43.57 28.79
CA ALA C 1014 -7.53 42.97 29.57
C ALA C 1014 -6.53 44.02 30.06
N THR C 1015 -6.19 44.99 29.21
CA THR C 1015 -5.24 46.04 29.57
C THR C 1015 -5.87 47.05 30.51
N VAL C 1016 -6.99 47.65 30.08
CA VAL C 1016 -7.64 48.72 30.83
C VAL C 1016 -8.11 48.25 32.20
N LEU C 1017 -8.72 47.06 32.25
CA LEU C 1017 -9.25 46.55 33.50
C LEU C 1017 -8.14 45.99 34.41
N ALA C 1018 -7.22 45.21 33.83
CA ALA C 1018 -6.23 44.49 34.61
C ALA C 1018 -5.28 45.38 35.40
N ILE C 1019 -4.96 46.58 34.92
CA ILE C 1019 -4.06 47.47 35.64
C ILE C 1019 -4.65 47.96 36.96
N PHE C 1020 -5.98 47.87 37.10
CA PHE C 1020 -6.64 48.15 38.36
C PHE C 1020 -6.98 46.90 39.17
N PHE C 1021 -7.40 45.83 38.47
CA PHE C 1021 -7.92 44.62 39.11
C PHE C 1021 -6.88 43.59 39.58
N VAL C 1022 -5.79 43.46 38.82
CA VAL C 1022 -4.75 42.50 39.13
C VAL C 1022 -4.09 42.79 40.49
N PRO C 1023 -3.82 44.06 40.86
CA PRO C 1023 -3.33 44.36 42.20
C PRO C 1023 -4.28 43.87 43.28
N VAL C 1024 -5.59 44.09 43.05
CA VAL C 1024 -6.62 43.57 43.93
C VAL C 1024 -6.52 42.07 44.06
N PHE C 1025 -6.49 41.37 42.91
CA PHE C 1025 -6.34 39.93 42.90
C PHE C 1025 -5.16 39.46 43.76
N PHE C 1026 -4.01 40.09 43.53
CA PHE C 1026 -2.78 39.65 44.17
C PHE C 1026 -2.88 39.87 45.69
N VAL C 1027 -3.32 41.06 46.10
CA VAL C 1027 -3.37 41.42 47.51
C VAL C 1027 -4.41 40.60 48.27
N VAL C 1028 -5.59 40.40 47.66
CA VAL C 1028 -6.64 39.60 48.28
C VAL C 1028 -6.18 38.16 48.43
N VAL C 1029 -5.71 37.57 47.33
CA VAL C 1029 -5.24 36.20 47.33
C VAL C 1029 -4.10 35.96 48.32
N ARG C 1030 -3.12 36.86 48.37
CA ARG C 1030 -2.00 36.73 49.30
C ARG C 1030 -2.48 36.84 50.74
N ARG C 1031 -3.38 37.78 51.01
CA ARG C 1031 -3.96 37.90 52.35
C ARG C 1031 -4.76 36.65 52.72
N ARG C 1032 -5.54 36.12 51.79
CA ARG C 1032 -6.36 34.95 52.09
C ARG C 1032 -5.52 33.71 52.40
N PHE C 1033 -4.37 33.57 51.72
CA PHE C 1033 -3.50 32.41 51.91
C PHE C 1033 -2.09 32.84 52.38
N SER D 12 -22.18 -56.19 9.86
CA SER D 12 -21.15 -56.97 10.55
C SER D 12 -20.01 -56.10 11.05
N ASP D 13 -19.76 -56.13 12.37
CA ASP D 13 -18.64 -55.46 13.00
C ASP D 13 -17.31 -55.82 12.34
N LEU D 14 -17.05 -57.14 12.24
CA LEU D 14 -15.80 -57.64 11.71
C LEU D 14 -15.76 -57.63 10.19
N GLY D 15 -16.92 -57.77 9.54
CA GLY D 15 -17.02 -57.55 8.11
C GLY D 15 -16.54 -56.18 7.64
N LYS D 16 -16.97 -55.14 8.36
CA LYS D 16 -16.52 -53.78 8.09
C LYS D 16 -15.00 -53.68 8.28
N LYS D 17 -14.52 -54.18 9.43
CA LYS D 17 -13.09 -54.15 9.71
C LYS D 17 -12.31 -54.82 8.60
N LEU D 18 -12.89 -55.91 8.06
CA LEU D 18 -12.26 -56.66 6.98
C LEU D 18 -12.25 -55.88 5.69
N LEU D 19 -13.38 -55.23 5.35
CA LEU D 19 -13.43 -54.32 4.22
C LEU D 19 -12.33 -53.26 4.32
N GLU D 20 -12.20 -52.63 5.50
CA GLU D 20 -11.20 -51.60 5.70
C GLU D 20 -9.79 -52.16 5.56
N ALA D 21 -9.54 -53.33 6.15
CA ALA D 21 -8.22 -53.96 6.11
C ALA D 21 -7.80 -54.46 4.72
N ALA D 22 -8.76 -54.99 3.95
CA ALA D 22 -8.50 -55.44 2.60
C ALA D 22 -8.11 -54.26 1.71
N ARG D 23 -8.87 -53.18 1.83
CA ARG D 23 -8.56 -51.95 1.13
C ARG D 23 -7.18 -51.42 1.50
N ALA D 24 -6.91 -51.37 2.81
CA ALA D 24 -5.66 -50.81 3.32
C ALA D 24 -4.45 -51.66 2.99
N GLY D 25 -4.67 -52.93 2.63
CA GLY D 25 -3.57 -53.88 2.48
C GLY D 25 -2.90 -54.30 3.80
N ARG D 26 -3.59 -54.12 4.94
CA ARG D 26 -3.04 -54.54 6.22
C ARG D 26 -3.06 -56.06 6.30
N ASP D 27 -1.96 -56.69 5.88
CA ASP D 27 -1.90 -58.13 5.71
C ASP D 27 -2.13 -58.88 7.01
N ASP D 28 -1.39 -58.51 8.06
CA ASP D 28 -1.49 -59.20 9.33
C ASP D 28 -2.88 -59.02 9.97
N GLU D 29 -3.51 -57.86 9.72
CA GLU D 29 -4.83 -57.63 10.27
C GLU D 29 -5.87 -58.48 9.54
N VAL D 30 -5.66 -58.75 8.26
CA VAL D 30 -6.57 -59.62 7.53
C VAL D 30 -6.46 -61.03 8.09
N ARG D 31 -5.25 -61.46 8.44
CA ARG D 31 -5.03 -62.82 8.93
C ARG D 31 -5.84 -63.08 10.20
N ILE D 32 -5.66 -62.22 11.20
CA ILE D 32 -6.38 -62.32 12.45
C ILE D 32 -7.90 -62.36 12.24
N LEU D 33 -8.37 -61.52 11.31
CA LEU D 33 -9.78 -61.44 10.99
C LEU D 33 -10.28 -62.74 10.38
N MET D 34 -9.45 -63.38 9.55
CA MET D 34 -9.75 -64.70 9.01
C MET D 34 -9.81 -65.75 10.11
N ALA D 35 -8.89 -65.65 11.09
CA ALA D 35 -8.89 -66.55 12.23
C ALA D 35 -10.18 -66.41 13.02
N ASN D 36 -10.75 -65.20 13.06
CA ASN D 36 -11.88 -64.91 13.92
C ASN D 36 -13.21 -64.99 13.18
N GLY D 37 -13.19 -65.42 11.92
CA GLY D 37 -14.42 -65.59 11.16
C GLY D 37 -15.09 -64.31 10.63
N ALA D 38 -14.29 -63.28 10.33
CA ALA D 38 -14.83 -62.07 9.73
C ALA D 38 -15.40 -62.41 8.35
N ASP D 39 -16.58 -61.87 8.03
CA ASP D 39 -17.34 -62.31 6.87
C ASP D 39 -16.64 -61.91 5.57
N VAL D 40 -16.12 -62.91 4.83
CA VAL D 40 -15.46 -62.66 3.56
C VAL D 40 -16.40 -62.15 2.47
N ASN D 41 -17.71 -62.32 2.69
CA ASN D 41 -18.71 -61.91 1.72
C ASN D 41 -19.45 -60.65 2.16
N ALA D 42 -18.89 -59.96 3.16
CA ALA D 42 -19.29 -58.60 3.50
C ALA D 42 -19.27 -57.72 2.25
N ALA D 43 -20.25 -56.82 2.17
CA ALA D 43 -20.36 -55.90 1.05
C ALA D 43 -20.62 -54.49 1.58
N ASP D 44 -19.95 -53.50 1.00
CA ASP D 44 -20.25 -52.11 1.31
C ASP D 44 -21.45 -51.65 0.48
N VAL D 45 -21.75 -50.36 0.57
CA VAL D 45 -22.99 -49.83 0.02
C VAL D 45 -23.02 -49.92 -1.50
N VAL D 46 -21.86 -49.99 -2.16
CA VAL D 46 -21.83 -50.12 -3.61
C VAL D 46 -21.60 -51.56 -4.06
N GLY D 47 -21.64 -52.49 -3.10
CA GLY D 47 -21.61 -53.92 -3.41
C GLY D 47 -20.20 -54.49 -3.58
N TRP D 48 -19.20 -53.80 -3.02
CA TRP D 48 -17.83 -54.29 -3.08
C TRP D 48 -17.60 -55.19 -1.87
N THR D 49 -17.01 -56.35 -2.15
CA THR D 49 -16.54 -57.30 -1.17
C THR D 49 -15.09 -56.99 -0.85
N PRO D 50 -14.51 -57.56 0.21
CA PRO D 50 -13.07 -57.43 0.44
C PRO D 50 -12.23 -57.80 -0.78
N LEU D 51 -12.70 -58.79 -1.54
CA LEU D 51 -11.99 -59.24 -2.70
C LEU D 51 -11.99 -58.16 -3.76
N HIS D 52 -13.16 -57.53 -3.99
CA HIS D 52 -13.23 -56.32 -4.82
C HIS D 52 -12.19 -55.29 -4.39
N LEU D 53 -12.18 -54.93 -3.10
CA LEU D 53 -11.29 -53.91 -2.60
C LEU D 53 -9.83 -54.28 -2.87
N ALA D 54 -9.43 -55.49 -2.48
CA ALA D 54 -8.05 -55.89 -2.61
C ALA D 54 -7.65 -55.96 -4.08
N ALA D 55 -8.58 -56.39 -4.94
CA ALA D 55 -8.32 -56.42 -6.37
C ALA D 55 -8.09 -55.02 -6.96
N TYR D 56 -8.95 -54.07 -6.59
CA TYR D 56 -8.85 -52.69 -7.06
C TYR D 56 -7.51 -52.11 -6.65
N TRP D 57 -7.20 -52.19 -5.35
CA TRP D 57 -6.02 -51.54 -4.82
C TRP D 57 -4.73 -52.37 -4.98
N GLY D 58 -4.82 -53.50 -5.67
CA GLY D 58 -3.65 -54.30 -6.02
C GLY D 58 -2.94 -55.05 -4.89
N HIS D 59 -3.70 -55.53 -3.89
CA HIS D 59 -3.11 -56.23 -2.76
C HIS D 59 -3.16 -57.75 -2.97
N LEU D 60 -2.08 -58.32 -3.51
CA LEU D 60 -2.07 -59.70 -3.99
C LEU D 60 -2.22 -60.74 -2.87
N GLU D 61 -1.36 -60.64 -1.84
CA GLU D 61 -1.42 -61.60 -0.75
C GLU D 61 -2.84 -61.65 -0.18
N ILE D 62 -3.47 -60.48 0.02
CA ILE D 62 -4.82 -60.45 0.58
C ILE D 62 -5.83 -61.13 -0.33
N VAL D 63 -5.66 -61.00 -1.65
CA VAL D 63 -6.53 -61.70 -2.59
C VAL D 63 -6.45 -63.19 -2.29
N GLU D 64 -5.22 -63.69 -2.20
CA GLU D 64 -4.98 -65.11 -2.04
C GLU D 64 -5.61 -65.65 -0.75
N VAL D 65 -5.40 -64.91 0.36
CA VAL D 65 -5.94 -65.26 1.66
C VAL D 65 -7.46 -65.34 1.62
N LEU D 66 -8.10 -64.36 0.98
CA LEU D 66 -9.55 -64.32 0.88
C LEU D 66 -10.09 -65.50 0.07
N LEU D 67 -9.38 -65.87 -0.99
CA LEU D 67 -9.79 -67.01 -1.82
C LEU D 67 -9.65 -68.33 -1.07
N LYS D 68 -8.56 -68.48 -0.31
CA LYS D 68 -8.37 -69.62 0.57
C LYS D 68 -9.50 -69.74 1.57
N ASN D 69 -10.06 -68.60 2.00
CA ASN D 69 -11.14 -68.58 2.98
C ASN D 69 -12.52 -68.39 2.37
N GLY D 70 -12.68 -68.89 1.13
CA GLY D 70 -13.99 -69.06 0.54
C GLY D 70 -14.67 -67.77 0.13
N ALA D 71 -13.88 -66.80 -0.32
CA ALA D 71 -14.43 -65.60 -0.94
C ALA D 71 -15.10 -66.00 -2.26
N ASP D 72 -16.23 -65.35 -2.57
CA ASP D 72 -16.86 -65.51 -3.88
C ASP D 72 -15.99 -64.80 -4.91
N VAL D 73 -15.37 -65.58 -5.79
CA VAL D 73 -14.45 -65.08 -6.80
C VAL D 73 -15.21 -64.28 -7.86
N ASN D 74 -16.49 -64.60 -8.05
CA ASN D 74 -17.32 -63.86 -9.00
C ASN D 74 -18.39 -63.00 -8.36
N ALA D 75 -18.13 -62.52 -7.15
CA ALA D 75 -18.99 -61.51 -6.54
C ALA D 75 -19.10 -60.34 -7.50
N TYR D 76 -20.30 -59.75 -7.60
CA TYR D 76 -20.48 -58.57 -8.44
C TYR D 76 -21.11 -57.41 -7.67
N ASP D 77 -20.77 -56.19 -8.09
CA ASP D 77 -21.19 -54.99 -7.39
C ASP D 77 -22.56 -54.54 -7.91
N THR D 78 -23.04 -53.40 -7.44
CA THR D 78 -24.39 -52.95 -7.78
C THR D 78 -24.54 -52.56 -9.24
N LEU D 79 -23.44 -52.47 -9.99
CA LEU D 79 -23.47 -52.28 -11.43
C LEU D 79 -22.92 -53.48 -12.22
N GLY D 80 -22.74 -54.62 -11.54
CA GLY D 80 -22.42 -55.87 -12.21
C GLY D 80 -20.95 -56.15 -12.47
N SER D 81 -20.07 -55.35 -11.84
CA SER D 81 -18.64 -55.51 -11.98
C SER D 81 -18.10 -56.50 -10.94
N THR D 82 -17.03 -57.21 -11.32
CA THR D 82 -16.44 -58.28 -10.53
C THR D 82 -15.00 -57.95 -10.17
N PRO D 83 -14.35 -58.67 -9.24
CA PRO D 83 -12.95 -58.43 -8.95
C PRO D 83 -12.04 -58.51 -10.17
N LEU D 84 -12.36 -59.44 -11.09
CA LEU D 84 -11.55 -59.60 -12.29
C LEU D 84 -11.63 -58.34 -13.15
N HIS D 85 -12.84 -57.77 -13.26
CA HIS D 85 -12.99 -56.48 -13.93
C HIS D 85 -12.00 -55.45 -13.39
N LEU D 86 -11.92 -55.34 -12.05
CA LEU D 86 -11.10 -54.32 -11.42
C LEU D 86 -9.61 -54.61 -11.59
N ALA D 87 -9.21 -55.87 -11.36
CA ALA D 87 -7.82 -56.23 -11.50
C ALA D 87 -7.34 -56.03 -12.93
N ALA D 88 -8.17 -56.41 -13.91
CA ALA D 88 -7.82 -56.23 -15.32
C ALA D 88 -7.69 -54.75 -15.70
N HIS D 89 -8.67 -53.95 -15.29
CA HIS D 89 -8.71 -52.52 -15.57
C HIS D 89 -7.49 -51.79 -15.03
N PHE D 90 -7.10 -52.10 -13.78
CA PHE D 90 -6.03 -51.39 -13.13
C PHE D 90 -4.66 -52.07 -13.20
N GLY D 91 -4.50 -53.01 -14.15
CA GLY D 91 -3.18 -53.50 -14.52
C GLY D 91 -2.50 -54.40 -13.51
N HIS D 92 -3.28 -55.16 -12.76
CA HIS D 92 -2.76 -56.01 -11.70
C HIS D 92 -2.62 -57.47 -12.17
N LEU D 93 -1.53 -57.72 -12.89
CA LEU D 93 -1.35 -58.95 -13.62
C LEU D 93 -1.45 -60.17 -12.70
N GLU D 94 -0.71 -60.15 -11.60
CA GLU D 94 -0.62 -61.33 -10.75
C GLU D 94 -2.02 -61.65 -10.24
N ILE D 95 -2.73 -60.62 -9.76
CA ILE D 95 -4.07 -60.79 -9.22
C ILE D 95 -5.02 -61.31 -10.29
N VAL D 96 -4.84 -60.85 -11.54
CA VAL D 96 -5.65 -61.34 -12.64
C VAL D 96 -5.47 -62.85 -12.74
N GLU D 97 -4.20 -63.28 -12.65
CA GLU D 97 -3.85 -64.69 -12.80
C GLU D 97 -4.45 -65.51 -11.67
N VAL D 98 -4.25 -65.04 -10.42
CA VAL D 98 -4.77 -65.72 -9.25
C VAL D 98 -6.28 -65.89 -9.35
N LEU D 99 -6.99 -64.79 -9.63
CA LEU D 99 -8.43 -64.83 -9.79
C LEU D 99 -8.88 -65.89 -10.80
N LEU D 100 -8.21 -65.92 -11.96
CA LEU D 100 -8.57 -66.86 -13.01
C LEU D 100 -8.30 -68.30 -12.58
N LYS D 101 -7.13 -68.54 -11.95
CA LYS D 101 -6.81 -69.84 -11.40
C LYS D 101 -7.93 -70.31 -10.45
N ASN D 102 -8.54 -69.36 -9.75
CA ASN D 102 -9.59 -69.68 -8.79
C ASN D 102 -10.99 -69.60 -9.37
N GLY D 103 -11.11 -69.66 -10.70
CA GLY D 103 -12.40 -69.85 -11.35
C GLY D 103 -13.16 -68.58 -11.71
N ALA D 104 -12.52 -67.42 -11.58
CA ALA D 104 -13.11 -66.18 -12.07
C ALA D 104 -13.69 -66.34 -13.48
N ASP D 105 -14.90 -65.82 -13.68
CA ASP D 105 -15.56 -65.83 -14.98
C ASP D 105 -14.86 -64.83 -15.90
N VAL D 106 -14.09 -65.36 -16.85
CA VAL D 106 -13.22 -64.56 -17.70
C VAL D 106 -14.04 -63.70 -18.68
N ASN D 107 -15.29 -64.10 -18.91
CA ASN D 107 -16.21 -63.36 -19.77
C ASN D 107 -17.33 -62.63 -19.04
N ALA D 108 -17.19 -62.44 -17.73
CA ALA D 108 -18.18 -61.71 -16.97
C ALA D 108 -18.49 -60.36 -17.60
N LYS D 109 -19.76 -60.11 -17.94
CA LYS D 109 -20.23 -58.80 -18.36
C LYS D 109 -20.82 -57.99 -17.20
N ASP D 110 -20.41 -56.72 -17.08
CA ASP D 110 -21.09 -55.81 -16.18
C ASP D 110 -22.38 -55.35 -16.84
N ASP D 111 -23.14 -54.50 -16.15
CA ASP D 111 -24.43 -54.04 -16.66
C ASP D 111 -24.35 -53.27 -17.97
N ASN D 112 -23.17 -52.79 -18.35
CA ASN D 112 -22.98 -52.16 -19.65
C ASN D 112 -22.53 -53.10 -20.77
N GLY D 113 -22.36 -54.39 -20.44
CA GLY D 113 -21.84 -55.37 -21.38
C GLY D 113 -20.33 -55.30 -21.53
N ILE D 114 -19.67 -54.70 -20.54
CA ILE D 114 -18.23 -54.53 -20.55
C ILE D 114 -17.63 -55.74 -19.85
N THR D 115 -16.50 -56.21 -20.39
CA THR D 115 -15.84 -57.42 -19.94
C THR D 115 -14.44 -57.03 -19.48
N PRO D 116 -13.76 -57.92 -18.70
CA PRO D 116 -12.37 -57.72 -18.35
C PRO D 116 -11.45 -57.46 -19.55
N LEU D 117 -11.72 -58.16 -20.67
CA LEU D 117 -10.96 -57.93 -21.89
C LEU D 117 -11.13 -56.50 -22.40
N HIS D 118 -12.39 -56.03 -22.45
CA HIS D 118 -12.66 -54.64 -22.81
C HIS D 118 -11.83 -53.69 -21.97
N LEU D 119 -11.85 -53.87 -20.64
CA LEU D 119 -11.16 -52.97 -19.73
C LEU D 119 -9.65 -53.00 -19.87
N ALA D 120 -9.07 -54.22 -19.95
CA ALA D 120 -7.64 -54.35 -20.12
C ALA D 120 -7.19 -53.73 -21.45
N ALA D 121 -7.98 -53.98 -22.48
CA ALA D 121 -7.73 -53.41 -23.80
C ALA D 121 -7.73 -51.88 -23.75
N ASN D 122 -8.78 -51.32 -23.15
CA ASN D 122 -8.90 -49.88 -23.06
C ASN D 122 -7.69 -49.21 -22.41
N ARG D 123 -7.10 -49.83 -21.38
CA ARG D 123 -5.93 -49.25 -20.73
C ARG D 123 -4.62 -49.77 -21.32
N GLY D 124 -4.70 -50.60 -22.35
CA GLY D 124 -3.52 -51.07 -23.05
C GLY D 124 -2.64 -52.03 -22.25
N HIS D 125 -3.26 -52.82 -21.36
CA HIS D 125 -2.52 -53.76 -20.54
C HIS D 125 -2.26 -55.07 -21.28
N LEU D 126 -1.16 -55.09 -22.07
CA LEU D 126 -0.87 -56.17 -23.00
C LEU D 126 -0.85 -57.55 -22.36
N GLU D 127 0.02 -57.71 -21.34
CA GLU D 127 0.17 -58.97 -20.64
C GLU D 127 -1.17 -59.47 -20.10
N ILE D 128 -1.97 -58.58 -19.51
CA ILE D 128 -3.26 -58.97 -18.97
C ILE D 128 -4.19 -59.46 -20.07
N VAL D 129 -4.15 -58.83 -21.24
CA VAL D 129 -5.01 -59.24 -22.35
C VAL D 129 -4.65 -60.65 -22.78
N GLU D 130 -3.35 -60.94 -22.85
CA GLU D 130 -2.90 -62.26 -23.25
C GLU D 130 -3.34 -63.33 -22.25
N VAL D 131 -3.23 -63.01 -20.95
CA VAL D 131 -3.66 -63.92 -19.91
C VAL D 131 -5.15 -64.18 -20.06
N LEU D 132 -5.93 -63.11 -20.24
CA LEU D 132 -7.36 -63.27 -20.39
C LEU D 132 -7.67 -64.15 -21.60
N LEU D 133 -6.95 -63.93 -22.70
CA LEU D 133 -7.18 -64.67 -23.93
C LEU D 133 -6.85 -66.13 -23.68
N LYS D 134 -5.74 -66.37 -23.00
CA LYS D 134 -5.25 -67.70 -22.69
C LYS D 134 -6.28 -68.53 -21.91
N TYR D 135 -7.11 -67.84 -21.09
CA TYR D 135 -8.15 -68.46 -20.31
C TYR D 135 -9.54 -68.37 -20.94
N GLY D 136 -9.60 -68.09 -22.24
CA GLY D 136 -10.84 -68.21 -22.98
C GLY D 136 -11.70 -66.95 -23.09
N ALA D 137 -11.09 -65.78 -22.84
CA ALA D 137 -11.75 -64.52 -23.12
C ALA D 137 -12.33 -64.53 -24.54
N ASP D 138 -13.62 -64.19 -24.64
CA ASP D 138 -14.29 -64.08 -25.92
C ASP D 138 -13.88 -62.78 -26.60
N VAL D 139 -13.06 -62.90 -27.64
CA VAL D 139 -12.49 -61.74 -28.32
C VAL D 139 -13.57 -60.98 -29.10
N ASN D 140 -14.70 -61.65 -29.37
CA ASN D 140 -15.77 -61.07 -30.17
C ASN D 140 -16.91 -60.51 -29.34
N ALA D 141 -16.78 -60.59 -28.02
CA ALA D 141 -17.81 -60.09 -27.13
C ALA D 141 -17.97 -58.58 -27.31
N GLN D 142 -19.24 -58.15 -27.45
CA GLN D 142 -19.60 -56.76 -27.62
C GLN D 142 -20.21 -56.14 -26.38
N ASP D 143 -19.88 -54.88 -26.11
CA ASP D 143 -20.53 -54.13 -25.04
C ASP D 143 -21.85 -53.62 -25.58
N LYS D 144 -22.54 -52.78 -24.78
CA LYS D 144 -23.84 -52.25 -25.14
C LYS D 144 -23.82 -51.37 -26.39
N PHE D 145 -22.65 -50.88 -26.80
CA PHE D 145 -22.52 -50.08 -28.01
C PHE D 145 -22.03 -50.88 -29.19
N GLY D 146 -21.96 -52.22 -29.04
CA GLY D 146 -21.54 -53.11 -30.11
C GLY D 146 -20.03 -53.18 -30.32
N LYS D 147 -19.26 -52.67 -29.35
CA LYS D 147 -17.82 -52.55 -29.48
C LYS D 147 -17.11 -53.77 -28.89
N THR D 148 -16.04 -54.18 -29.56
CA THR D 148 -15.15 -55.23 -29.12
C THR D 148 -13.83 -54.65 -28.64
N ALA D 149 -13.06 -55.45 -27.90
CA ALA D 149 -11.71 -55.06 -27.52
C ALA D 149 -10.91 -54.62 -28.74
N PHE D 150 -11.15 -55.23 -29.89
CA PHE D 150 -10.47 -54.84 -31.12
C PHE D 150 -10.85 -53.41 -31.53
N ASP D 151 -12.14 -53.12 -31.50
CA ASP D 151 -12.64 -51.79 -31.78
C ASP D 151 -11.99 -50.74 -30.87
N ILE D 152 -11.87 -51.09 -29.59
CA ILE D 152 -11.23 -50.22 -28.61
C ILE D 152 -9.79 -49.95 -29.01
N SER D 153 -9.04 -51.03 -29.29
CA SER D 153 -7.65 -50.91 -29.67
C SER D 153 -7.47 -49.99 -30.88
N ILE D 154 -8.37 -50.09 -31.86
CA ILE D 154 -8.29 -49.28 -33.06
C ILE D 154 -8.55 -47.81 -32.75
N ASN D 155 -9.68 -47.53 -32.09
CA ASN D 155 -10.02 -46.18 -31.68
C ASN D 155 -8.91 -45.53 -30.85
N ASN D 156 -8.28 -46.32 -29.97
CA ASN D 156 -7.20 -45.79 -29.13
C ASN D 156 -5.86 -45.69 -29.86
N GLY D 157 -5.77 -46.34 -31.02
CA GLY D 157 -4.55 -46.32 -31.81
C GLY D 157 -3.43 -47.17 -31.20
N ASN D 158 -3.82 -48.17 -30.40
CA ASN D 158 -2.85 -49.11 -29.86
C ASN D 158 -2.53 -50.18 -30.90
N GLU D 159 -1.45 -49.99 -31.66
CA GLU D 159 -1.09 -50.92 -32.72
C GLU D 159 -0.73 -52.30 -32.18
N ASP D 160 0.08 -52.34 -31.12
CA ASP D 160 0.50 -53.61 -30.53
C ASP D 160 -0.70 -54.41 -30.05
N LEU D 161 -1.61 -53.76 -29.34
CA LEU D 161 -2.82 -54.44 -28.88
C LEU D 161 -3.74 -54.88 -30.04
N ALA D 162 -3.78 -54.10 -31.12
CA ALA D 162 -4.56 -54.47 -32.29
C ALA D 162 -4.05 -55.75 -32.95
N GLU D 163 -2.71 -55.87 -33.05
CA GLU D 163 -2.09 -57.04 -33.64
C GLU D 163 -2.35 -58.30 -32.82
N ILE D 164 -2.31 -58.19 -31.49
CA ILE D 164 -2.63 -59.32 -30.64
C ILE D 164 -4.05 -59.82 -30.92
N LEU D 165 -5.00 -58.89 -31.14
CA LEU D 165 -6.40 -59.25 -31.30
C LEU D 165 -6.73 -59.53 -32.77
N GLN D 166 -5.69 -59.89 -33.56
CA GLN D 166 -5.77 -60.12 -35.00
C GLN D 166 -6.73 -59.13 -35.70
N LEU E 14 24.04 -6.62 -53.39
CA LEU E 14 24.48 -5.30 -53.87
C LEU E 14 23.35 -4.47 -54.46
N GLY E 15 22.44 -5.12 -55.20
CA GLY E 15 21.17 -4.52 -55.54
C GLY E 15 20.26 -4.44 -54.31
N LYS E 16 20.63 -5.17 -53.25
CA LYS E 16 20.02 -4.97 -51.95
C LYS E 16 20.22 -3.53 -51.50
N LYS E 17 21.46 -3.01 -51.59
CA LYS E 17 21.71 -1.63 -51.20
C LYS E 17 20.81 -0.68 -51.97
N LEU E 18 20.56 -1.00 -53.24
CA LEU E 18 19.71 -0.18 -54.10
C LEU E 18 18.25 -0.25 -53.67
N LEU E 19 17.78 -1.46 -53.36
CA LEU E 19 16.45 -1.62 -52.78
C LEU E 19 16.29 -0.78 -51.50
N GLU E 20 17.28 -0.84 -50.61
CA GLU E 20 17.24 -0.08 -49.38
C GLU E 20 17.26 1.43 -49.65
N ALA E 21 18.11 1.87 -50.59
CA ALA E 21 18.18 3.28 -50.95
C ALA E 21 16.95 3.84 -51.66
N ALA E 22 16.31 3.02 -52.50
CA ALA E 22 15.08 3.41 -53.16
C ALA E 22 13.96 3.61 -52.13
N ARG E 23 13.86 2.67 -51.19
CA ARG E 23 12.92 2.78 -50.09
C ARG E 23 13.18 4.03 -49.26
N ALA E 24 14.44 4.24 -48.89
CA ALA E 24 14.84 5.36 -48.05
C ALA E 24 14.69 6.72 -48.74
N GLY E 25 14.58 6.71 -50.07
CA GLY E 25 14.54 7.94 -50.85
C GLY E 25 15.88 8.67 -50.98
N ARG E 26 16.99 7.97 -50.67
CA ARG E 26 18.29 8.59 -50.69
C ARG E 26 18.72 8.78 -52.15
N ASP E 27 18.45 9.98 -52.68
CA ASP E 27 18.69 10.29 -54.08
C ASP E 27 20.14 10.07 -54.52
N ASP E 28 21.06 10.72 -53.80
CA ASP E 28 22.48 10.65 -54.13
C ASP E 28 23.03 9.24 -54.03
N GLU E 29 22.51 8.46 -53.07
CA GLU E 29 22.98 7.10 -52.89
C GLU E 29 22.49 6.22 -54.04
N VAL E 30 21.30 6.51 -54.59
CA VAL E 30 20.83 5.74 -55.72
C VAL E 30 21.72 6.01 -56.93
N ARG E 31 22.14 7.27 -57.10
CA ARG E 31 22.96 7.66 -58.25
C ARG E 31 24.25 6.86 -58.28
N ILE E 32 25.00 6.90 -57.17
CA ILE E 32 26.26 6.19 -57.04
C ILE E 32 26.11 4.71 -57.33
N LEU E 33 25.01 4.12 -56.85
CA LEU E 33 24.75 2.70 -57.05
C LEU E 33 24.49 2.38 -58.53
N MET E 34 23.84 3.32 -59.23
CA MET E 34 23.64 3.21 -60.67
C MET E 34 24.99 3.33 -61.40
N ALA E 35 25.86 4.23 -60.92
CA ALA E 35 27.19 4.39 -61.48
C ALA E 35 28.00 3.10 -61.35
N ASN E 36 27.75 2.35 -60.27
CA ASN E 36 28.54 1.16 -59.97
C ASN E 36 27.88 -0.13 -60.43
N GLY E 37 26.80 0.01 -61.20
CA GLY E 37 26.18 -1.10 -61.91
C GLY E 37 25.26 -1.98 -61.07
N ALA E 38 24.64 -1.42 -60.04
CA ALA E 38 23.69 -2.17 -59.25
C ALA E 38 22.51 -2.55 -60.15
N ASP E 39 22.01 -3.78 -60.01
CA ASP E 39 20.88 -4.27 -60.78
C ASP E 39 19.63 -3.46 -60.47
N VAL E 40 19.17 -2.66 -61.45
CA VAL E 40 17.97 -1.85 -61.31
C VAL E 40 16.69 -2.64 -61.14
N ASN E 41 16.73 -3.93 -61.49
CA ASN E 41 15.55 -4.78 -61.39
C ASN E 41 15.68 -5.81 -60.28
N ALA E 42 16.62 -5.55 -59.36
CA ALA E 42 16.69 -6.27 -58.09
C ALA E 42 15.32 -6.37 -57.42
N ALA E 43 15.06 -7.52 -56.78
CA ALA E 43 13.78 -7.78 -56.16
C ALA E 43 13.96 -8.29 -54.72
N ASP E 44 13.13 -7.76 -53.81
CA ASP E 44 13.11 -8.21 -52.43
C ASP E 44 12.21 -9.44 -52.33
N VAL E 45 12.01 -9.90 -51.09
CA VAL E 45 11.38 -11.19 -50.85
C VAL E 45 9.93 -11.23 -51.33
N VAL E 46 9.26 -10.06 -51.44
CA VAL E 46 7.89 -10.02 -51.92
C VAL E 46 7.80 -9.58 -53.37
N GLY E 47 8.95 -9.51 -54.04
CA GLY E 47 9.02 -9.20 -55.45
C GLY E 47 8.99 -7.72 -55.81
N TRP E 48 9.31 -6.85 -54.85
CA TRP E 48 9.35 -5.43 -55.12
C TRP E 48 10.73 -5.06 -55.67
N THR E 49 10.69 -4.26 -56.75
CA THR E 49 11.86 -3.66 -57.35
C THR E 49 12.04 -2.29 -56.73
N PRO E 50 13.21 -1.64 -56.90
CA PRO E 50 13.38 -0.27 -56.45
C PRO E 50 12.28 0.66 -56.98
N LEU E 51 11.80 0.37 -58.18
CA LEU E 51 10.74 1.16 -58.78
C LEU E 51 9.44 1.01 -58.00
N HIS E 52 9.10 -0.24 -57.65
CA HIS E 52 8.01 -0.49 -56.70
C HIS E 52 8.14 0.34 -55.41
N LEU E 53 9.32 0.27 -54.79
CA LEU E 53 9.54 0.97 -53.53
C LEU E 53 9.35 2.48 -53.69
N ALA E 54 10.02 3.05 -54.69
CA ALA E 54 9.94 4.48 -54.90
C ALA E 54 8.51 4.91 -55.25
N ALA E 55 7.80 4.06 -56.00
CA ALA E 55 6.41 4.34 -56.32
C ALA E 55 5.51 4.38 -55.08
N TYR E 56 5.65 3.37 -54.21
CA TYR E 56 4.86 3.28 -52.98
C TYR E 56 5.10 4.50 -52.11
N TRP E 57 6.37 4.79 -51.83
CA TRP E 57 6.73 5.85 -50.91
C TRP E 57 6.72 7.24 -51.53
N GLY E 58 6.31 7.35 -52.80
CA GLY E 58 6.18 8.63 -53.47
C GLY E 58 7.47 9.41 -53.79
N HIS E 59 8.56 8.73 -54.11
CA HIS E 59 9.82 9.37 -54.45
C HIS E 59 9.98 9.57 -55.95
N LEU E 60 9.60 10.76 -56.45
CA LEU E 60 9.50 11.00 -57.89
C LEU E 60 10.84 10.99 -58.62
N GLU E 61 11.79 11.80 -58.13
CA GLU E 61 13.14 11.84 -58.68
C GLU E 61 13.70 10.43 -58.81
N ILE E 62 13.57 9.61 -57.76
CA ILE E 62 14.12 8.26 -57.79
C ILE E 62 13.48 7.41 -58.89
N VAL E 63 12.17 7.58 -59.10
CA VAL E 63 11.47 6.88 -60.16
C VAL E 63 12.16 7.22 -61.47
N GLU E 64 12.35 8.52 -61.71
CA GLU E 64 12.89 9.01 -62.95
C GLU E 64 14.29 8.44 -63.22
N VAL E 65 15.15 8.48 -62.22
CA VAL E 65 16.52 8.01 -62.34
C VAL E 65 16.54 6.52 -62.69
N LEU E 66 15.68 5.74 -62.02
CA LEU E 66 15.58 4.32 -62.28
C LEU E 66 15.14 4.00 -63.72
N LEU E 67 14.17 4.77 -64.20
CA LEU E 67 13.68 4.61 -65.55
C LEU E 67 14.74 5.02 -66.59
N LYS E 68 15.48 6.10 -66.33
CA LYS E 68 16.60 6.50 -67.16
C LYS E 68 17.63 5.38 -67.27
N ASN E 69 17.77 4.58 -66.20
CA ASN E 69 18.74 3.50 -66.19
C ASN E 69 18.10 2.13 -66.47
N GLY E 70 17.00 2.15 -67.23
CA GLY E 70 16.44 0.95 -67.82
C GLY E 70 15.77 0.01 -66.83
N ALA E 71 15.16 0.57 -65.78
CA ALA E 71 14.33 -0.21 -64.88
C ALA E 71 13.08 -0.67 -65.63
N ASP E 72 12.66 -1.91 -65.36
CA ASP E 72 11.48 -2.50 -66.00
C ASP E 72 10.27 -1.82 -65.39
N VAL E 73 9.57 -1.06 -66.25
CA VAL E 73 8.46 -0.21 -65.84
C VAL E 73 7.26 -1.09 -65.48
N ASN E 74 7.20 -2.30 -66.05
CA ASN E 74 6.11 -3.22 -65.74
C ASN E 74 6.51 -4.42 -64.89
N ALA E 75 7.58 -4.28 -64.10
CA ALA E 75 7.91 -5.28 -63.11
C ALA E 75 6.70 -5.56 -62.22
N TYR E 76 6.49 -6.83 -61.88
CA TYR E 76 5.38 -7.20 -61.01
C TYR E 76 5.83 -8.04 -59.81
N ASP E 77 5.08 -7.93 -58.71
CA ASP E 77 5.47 -8.53 -57.45
C ASP E 77 4.89 -9.94 -57.37
N THR E 78 5.06 -10.62 -56.24
CA THR E 78 4.64 -12.01 -56.12
C THR E 78 3.12 -12.19 -56.13
N LEU E 79 2.37 -11.09 -56.09
CA LEU E 79 0.92 -11.14 -56.29
C LEU E 79 0.48 -10.43 -57.57
N GLY E 80 1.43 -10.09 -58.45
CA GLY E 80 1.11 -9.52 -59.76
C GLY E 80 0.90 -8.01 -59.83
N SER E 81 1.28 -7.30 -58.76
CA SER E 81 1.13 -5.85 -58.71
C SER E 81 2.36 -5.16 -59.28
N THR E 82 2.11 -3.99 -59.90
CA THR E 82 3.11 -3.22 -60.62
C THR E 82 3.33 -1.86 -59.98
N PRO E 83 4.41 -1.13 -60.32
CA PRO E 83 4.59 0.20 -59.76
C PRO E 83 3.41 1.15 -60.03
N LEU E 84 2.78 1.00 -61.20
CA LEU E 84 1.64 1.85 -61.54
C LEU E 84 0.50 1.56 -60.56
N HIS E 85 0.27 0.29 -60.23
CA HIS E 85 -0.70 -0.07 -59.21
C HIS E 85 -0.46 0.72 -57.92
N LEU E 86 0.79 0.77 -57.47
CA LEU E 86 1.13 1.43 -56.21
C LEU E 86 0.99 2.94 -56.30
N ALA E 87 1.51 3.54 -57.36
CA ALA E 87 1.43 4.98 -57.55
C ALA E 87 -0.03 5.43 -57.65
N ALA E 88 -0.85 4.67 -58.37
CA ALA E 88 -2.26 5.00 -58.54
C ALA E 88 -3.02 4.91 -57.21
N HIS E 89 -2.80 3.78 -56.50
CA HIS E 89 -3.45 3.51 -55.23
C HIS E 89 -3.14 4.58 -54.18
N PHE E 90 -1.88 5.02 -54.11
CA PHE E 90 -1.45 5.95 -53.07
C PHE E 90 -1.40 7.40 -53.51
N GLY E 91 -2.10 7.74 -54.62
CA GLY E 91 -2.35 9.12 -54.98
C GLY E 91 -1.12 9.91 -55.43
N HIS E 92 -0.17 9.23 -56.08
CA HIS E 92 1.07 9.86 -56.53
C HIS E 92 0.99 10.26 -58.01
N LEU E 93 0.33 11.39 -58.26
CA LEU E 93 -0.05 11.80 -59.61
C LEU E 93 1.16 11.86 -60.54
N GLU E 94 2.20 12.57 -60.10
CA GLU E 94 3.34 12.84 -60.98
C GLU E 94 3.96 11.50 -61.35
N ILE E 95 4.16 10.63 -60.36
CA ILE E 95 4.75 9.32 -60.60
C ILE E 95 3.88 8.49 -61.54
N VAL E 96 2.55 8.62 -61.41
CA VAL E 96 1.65 7.92 -62.31
C VAL E 96 1.95 8.37 -63.73
N GLU E 97 2.12 9.68 -63.91
CA GLU E 97 2.34 10.27 -65.21
C GLU E 97 3.67 9.79 -65.79
N VAL E 98 4.74 9.90 -64.98
CA VAL E 98 6.06 9.48 -65.42
C VAL E 98 6.04 8.01 -65.85
N LEU E 99 5.49 7.14 -65.00
CA LEU E 99 5.40 5.73 -65.33
C LEU E 99 4.72 5.47 -66.67
N LEU E 100 3.58 6.15 -66.89
CA LEU E 100 2.82 5.97 -68.12
C LEU E 100 3.60 6.48 -69.33
N LYS E 101 4.24 7.65 -69.19
CA LYS E 101 5.09 8.19 -70.24
C LYS E 101 6.16 7.17 -70.63
N ASN E 102 6.61 6.39 -69.66
CA ASN E 102 7.64 5.39 -69.91
C ASN E 102 7.08 4.00 -70.23
N GLY E 103 5.81 3.92 -70.62
CA GLY E 103 5.25 2.70 -71.19
C GLY E 103 4.59 1.74 -70.21
N ALA E 104 4.42 2.16 -68.94
CA ALA E 104 3.69 1.37 -67.97
C ALA E 104 2.36 0.86 -68.55
N ASP E 105 2.06 -0.41 -68.30
CA ASP E 105 0.83 -1.02 -68.80
C ASP E 105 -0.35 -0.49 -67.98
N VAL E 106 -1.13 0.37 -68.61
CA VAL E 106 -2.21 1.10 -67.96
C VAL E 106 -3.34 0.16 -67.53
N ASN E 107 -3.42 -1.01 -68.18
CA ASN E 107 -4.41 -2.02 -67.86
C ASN E 107 -3.88 -3.27 -67.15
N ALA E 108 -2.67 -3.17 -66.60
CA ALA E 108 -2.08 -4.28 -65.87
C ALA E 108 -3.05 -4.83 -64.80
N LYS E 109 -3.36 -6.12 -64.87
CA LYS E 109 -4.07 -6.82 -63.82
C LYS E 109 -3.15 -7.53 -62.83
N ASP E 110 -3.41 -7.36 -61.52
CA ASP E 110 -2.75 -8.18 -60.52
C ASP E 110 -3.48 -9.53 -60.48
N ASP E 111 -3.04 -10.43 -59.61
CA ASP E 111 -3.62 -11.76 -59.51
C ASP E 111 -5.10 -11.79 -59.14
N ASN E 112 -5.60 -10.68 -58.61
CA ASN E 112 -7.03 -10.57 -58.32
C ASN E 112 -7.85 -9.93 -59.42
N GLY E 113 -7.19 -9.56 -60.52
CA GLY E 113 -7.84 -8.87 -61.62
C GLY E 113 -8.07 -7.39 -61.32
N ILE E 114 -7.29 -6.87 -60.39
CA ILE E 114 -7.38 -5.46 -60.02
C ILE E 114 -6.41 -4.69 -60.89
N THR E 115 -6.85 -3.49 -61.28
CA THR E 115 -6.12 -2.64 -62.21
C THR E 115 -5.83 -1.33 -61.50
N PRO E 116 -4.87 -0.54 -62.01
CA PRO E 116 -4.62 0.79 -61.49
C PRO E 116 -5.87 1.66 -61.40
N LEU E 117 -6.74 1.55 -62.40
CA LEU E 117 -8.00 2.27 -62.41
C LEU E 117 -8.89 1.87 -61.23
N HIS E 118 -9.01 0.55 -61.01
CA HIS E 118 -9.73 0.05 -59.84
C HIS E 118 -9.23 0.69 -58.55
N LEU E 119 -7.90 0.68 -58.36
CA LEU E 119 -7.30 1.22 -57.15
C LEU E 119 -7.49 2.73 -56.99
N ALA E 120 -7.25 3.50 -58.06
CA ALA E 120 -7.41 4.95 -58.02
C ALA E 120 -8.87 5.31 -57.74
N ALA E 121 -9.78 4.56 -58.39
CA ALA E 121 -11.20 4.75 -58.19
C ALA E 121 -11.58 4.52 -56.74
N ASN E 122 -11.14 3.38 -56.19
CA ASN E 122 -11.47 3.02 -54.83
C ASN E 122 -11.07 4.09 -53.82
N ARG E 123 -9.92 4.74 -54.02
CA ARG E 123 -9.47 5.78 -53.10
C ARG E 123 -9.92 7.17 -53.51
N GLY E 124 -10.68 7.27 -54.62
CA GLY E 124 -11.24 8.53 -55.08
C GLY E 124 -10.20 9.54 -55.56
N HIS E 125 -9.11 9.04 -56.16
CA HIS E 125 -8.07 9.91 -56.70
C HIS E 125 -8.44 10.43 -58.10
N LEU E 126 -9.22 11.52 -58.15
CA LEU E 126 -9.89 11.91 -59.38
C LEU E 126 -8.95 12.23 -60.54
N GLU E 127 -7.98 13.12 -60.27
CA GLU E 127 -6.93 13.47 -61.22
C GLU E 127 -6.21 12.23 -61.77
N ILE E 128 -5.87 11.28 -60.90
CA ILE E 128 -5.19 10.07 -61.35
C ILE E 128 -6.07 9.23 -62.27
N VAL E 129 -7.38 9.19 -61.99
CA VAL E 129 -8.29 8.41 -62.81
C VAL E 129 -8.33 9.00 -64.22
N GLU E 130 -8.38 10.33 -64.29
CA GLU E 130 -8.42 11.01 -65.57
C GLU E 130 -7.15 10.73 -66.37
N VAL E 131 -5.99 10.77 -65.71
CA VAL E 131 -4.74 10.48 -66.38
C VAL E 131 -4.78 9.05 -66.91
N LEU E 132 -5.21 8.10 -66.08
CA LEU E 132 -5.28 6.72 -66.52
C LEU E 132 -6.21 6.59 -67.72
N LEU E 133 -7.35 7.28 -67.69
CA LEU E 133 -8.32 7.21 -68.77
C LEU E 133 -7.71 7.79 -70.04
N LYS E 134 -7.00 8.91 -69.89
CA LYS E 134 -6.37 9.62 -71.00
C LYS E 134 -5.36 8.73 -71.72
N TYR E 135 -4.76 7.78 -70.99
CA TYR E 135 -3.81 6.82 -71.55
C TYR E 135 -4.42 5.46 -71.88
N GLY E 136 -5.75 5.40 -72.00
CA GLY E 136 -6.44 4.23 -72.50
C GLY E 136 -6.84 3.16 -71.49
N ALA E 137 -6.90 3.54 -70.21
CA ALA E 137 -7.47 2.66 -69.20
C ALA E 137 -8.83 2.13 -69.66
N ASP E 138 -8.99 0.81 -69.62
CA ASP E 138 -10.24 0.15 -69.97
C ASP E 138 -11.24 0.30 -68.83
N VAL E 139 -12.26 1.14 -69.05
CA VAL E 139 -13.24 1.42 -68.03
C VAL E 139 -14.14 0.22 -67.77
N ASN E 140 -14.17 -0.77 -68.66
CA ASN E 140 -15.04 -1.92 -68.50
C ASN E 140 -14.34 -3.14 -67.92
N ALA E 141 -13.05 -2.99 -67.63
CA ALA E 141 -12.27 -4.07 -67.07
C ALA E 141 -12.84 -4.47 -65.69
N GLN E 142 -13.01 -5.79 -65.53
CA GLN E 142 -13.54 -6.38 -64.32
C GLN E 142 -12.47 -7.09 -63.49
N ASP E 143 -12.58 -6.98 -62.16
CA ASP E 143 -11.73 -7.74 -61.28
C ASP E 143 -12.33 -9.14 -61.14
N LYS E 144 -11.77 -9.96 -60.23
CA LYS E 144 -12.22 -11.34 -60.04
C LYS E 144 -13.65 -11.45 -59.50
N PHE E 145 -14.18 -10.35 -58.95
CA PHE E 145 -15.54 -10.31 -58.45
C PHE E 145 -16.51 -9.66 -59.44
N GLY E 146 -16.03 -9.40 -60.67
CA GLY E 146 -16.85 -8.84 -61.74
C GLY E 146 -17.10 -7.35 -61.62
N LYS E 147 -16.29 -6.66 -60.82
CA LYS E 147 -16.52 -5.26 -60.51
C LYS E 147 -15.66 -4.39 -61.42
N THR E 148 -16.24 -3.24 -61.82
CA THR E 148 -15.55 -2.21 -62.57
C THR E 148 -15.30 -1.00 -61.70
N ALA E 149 -14.41 -0.10 -62.15
CA ALA E 149 -14.20 1.16 -61.46
C ALA E 149 -15.53 1.90 -61.24
N PHE E 150 -16.46 1.76 -62.19
CA PHE E 150 -17.76 2.36 -62.06
C PHE E 150 -18.54 1.78 -60.88
N ASP E 151 -18.53 0.45 -60.79
CA ASP E 151 -19.18 -0.27 -59.69
C ASP E 151 -18.63 0.20 -58.34
N ILE E 152 -17.31 0.37 -58.29
CA ILE E 152 -16.64 0.85 -57.10
C ILE E 152 -17.18 2.22 -56.71
N SER E 153 -17.18 3.14 -57.68
CA SER E 153 -17.63 4.50 -57.43
C SER E 153 -19.06 4.53 -56.91
N ILE E 154 -19.92 3.65 -57.42
CA ILE E 154 -21.31 3.61 -56.99
C ILE E 154 -21.41 3.11 -55.55
N ASN E 155 -20.81 1.94 -55.29
CA ASN E 155 -20.78 1.39 -53.95
C ASN E 155 -20.21 2.37 -52.92
N ASN E 156 -19.18 3.13 -53.31
CA ASN E 156 -18.56 4.11 -52.43
C ASN E 156 -19.37 5.39 -52.29
N GLY E 157 -20.34 5.59 -53.20
CA GLY E 157 -21.13 6.80 -53.22
C GLY E 157 -20.36 8.03 -53.68
N ASN E 158 -19.30 7.81 -54.46
CA ASN E 158 -18.55 8.91 -55.04
C ASN E 158 -19.24 9.42 -56.31
N GLU E 159 -20.07 10.45 -56.16
CA GLU E 159 -20.82 11.02 -57.27
C GLU E 159 -19.92 11.55 -58.39
N ASP E 160 -18.94 12.36 -57.99
CA ASP E 160 -17.97 12.97 -58.89
C ASP E 160 -17.30 11.92 -59.75
N LEU E 161 -16.74 10.90 -59.10
CA LEU E 161 -16.05 9.83 -59.80
C LEU E 161 -16.98 9.01 -60.69
N ALA E 162 -18.23 8.83 -60.28
CA ALA E 162 -19.22 8.11 -61.08
C ALA E 162 -19.52 8.83 -62.38
N GLU E 163 -19.65 10.15 -62.33
CA GLU E 163 -20.00 10.92 -63.51
C GLU E 163 -18.82 10.98 -64.49
N ILE E 164 -17.58 11.00 -63.98
CA ILE E 164 -16.43 10.92 -64.85
C ILE E 164 -16.44 9.61 -65.65
N LEU E 165 -16.85 8.50 -65.02
CA LEU E 165 -16.77 7.19 -65.65
C LEU E 165 -17.99 6.83 -66.51
N GLN E 166 -18.50 7.81 -67.26
CA GLN E 166 -19.57 7.58 -68.24
C GLN E 166 -19.05 7.72 -69.68
#